data_5KAJ
#
_entry.id   5KAJ
#
_cell.length_a   139.723
_cell.length_b   170.658
_cell.length_c   155.765
_cell.angle_alpha   90.00
_cell.angle_beta   89.89
_cell.angle_gamma   90.00
#
_symmetry.space_group_name_H-M   'P 1 21 1'
#
loop_
_entity.id
_entity.type
_entity.pdbx_description
1 polymer '(3,5-dihydroxyphenyl)acetyl-CoA 1,2-dioxygenase'
2 non-polymer '[[(2~{R},3~{S},4~{R},5~{R})-5-(6-aminopurin-9-yl)-4-oxidanyl-3-phosphonooxy-oxolan-2-yl]methoxy-oxidanyl-phosphoryl] [(3~{R})-4-[[3-[2-[(~{E})-2-[3,5-bis(oxidanyl)phenyl]-1-oxidanyl-ethenyl]sulfanylethylamino]-3-oxidanylidene-propyl]amino]-2,2-dimethyl-3-oxidanyl-4-oxidanylidene-butyl] hydrogen phosphate'
3 water water
#
_entity_poly.entity_id   1
_entity_poly.type   'polypeptide(L)'
_entity_poly.pdbx_seq_one_letter_code
;MTTVLPPLEDTDGLWAALTEAAASVEKLLATLPEHGARSSAERAEIAAAHDAARALRVRFLDTHADAVYDRLTDHRRVHL
RLAELVEAAATAFPGLVPTQQQLAVERSLPQAAKEGHEIDQGIFLRAVLRSPLAGPHLLDAMLRPTPRALELLPEFVRTG
EVEMEAVHLERRDGVARLTMCRDDRLNAEDGQQVDDMETAVDLALLDPGVRVGLLRGGVMSHPRYRGKRVFSAGINLKYL
SQGGISLVDFLMRRELGYIHKLVRGVLTNDDRPGWWHSPRIEKPWVAAVDGFAIGGGAQLLLVFDRVLASSDAYFSLPCA
KEGIIPGAANLRLGRFAGPRVSRQVILEGRRIWAKEPEARLLVDEVVEPDELDAAIERSLTRLDGDAVLANRRMLNLADE
SPDGFRAYMAEFALMQALRLYGHDVIDKVGRFGGRPPA
;
_entity_poly.pdbx_strand_id   A,B,C,D,E,F,G,H,I,J,K,L
#
# COMPACT_ATOMS: atom_id res chain seq x y z
N THR A 11 23.69 -60.95 6.81
CA THR A 11 23.18 -61.78 5.73
C THR A 11 24.31 -62.54 5.05
N ASP A 12 25.34 -61.81 4.65
CA ASP A 12 26.55 -62.43 4.14
C ASP A 12 27.80 -61.75 4.66
N GLY A 13 27.75 -61.22 5.89
CA GLY A 13 28.90 -60.91 6.69
C GLY A 13 29.25 -59.44 6.78
N LEU A 14 28.81 -58.62 5.83
CA LEU A 14 29.32 -57.25 5.73
C LEU A 14 28.79 -56.37 6.84
N TRP A 15 27.49 -56.48 7.17
CA TRP A 15 26.95 -55.64 8.24
C TRP A 15 27.57 -56.00 9.59
N ALA A 16 27.81 -57.29 9.84
CA ALA A 16 28.41 -57.67 11.10
C ALA A 16 29.86 -57.20 11.19
N ALA A 17 30.63 -57.37 10.10
CA ALA A 17 32.03 -56.97 10.11
C ALA A 17 32.16 -55.46 10.25
N LEU A 18 31.25 -54.71 9.63
CA LEU A 18 31.21 -53.26 9.82
C LEU A 18 30.88 -52.89 11.26
N THR A 19 29.86 -53.54 11.83
CA THR A 19 29.52 -53.30 13.24
C THR A 19 30.71 -53.53 14.14
N GLU A 20 31.52 -54.55 13.84
CA GLU A 20 32.72 -54.82 14.61
C GLU A 20 33.77 -53.73 14.43
N ALA A 21 34.05 -53.36 13.17
CA ALA A 21 35.06 -52.35 12.88
C ALA A 21 34.70 -51.01 13.51
N ALA A 22 33.41 -50.68 13.52
CA ALA A 22 32.97 -49.45 14.20
C ALA A 22 33.14 -49.58 15.72
N ALA A 23 32.90 -50.78 16.27
CA ALA A 23 33.11 -50.99 17.70
C ALA A 23 34.56 -50.78 18.11
N SER A 24 35.50 -51.29 17.30
CA SER A 24 36.91 -51.06 17.61
C SER A 24 37.24 -49.58 17.56
N VAL A 25 36.59 -48.82 16.68
CA VAL A 25 36.78 -47.38 16.64
C VAL A 25 36.27 -46.73 17.94
N GLU A 26 35.04 -47.06 18.35
CA GLU A 26 34.50 -46.43 19.54
C GLU A 26 35.33 -46.80 20.76
N LYS A 27 35.76 -48.07 20.85
CA LYS A 27 36.65 -48.49 21.94
C LYS A 27 37.94 -47.66 22.01
N LEU A 28 38.67 -47.56 20.90
CA LEU A 28 39.89 -46.73 20.90
C LEU A 28 39.61 -45.27 21.23
N LEU A 29 38.52 -44.72 20.69
CA LEU A 29 38.24 -43.32 21.00
C LEU A 29 37.90 -43.16 22.48
N ALA A 30 37.32 -44.20 23.09
CA ALA A 30 37.05 -44.15 24.52
C ALA A 30 38.31 -44.29 25.36
N THR A 31 39.27 -45.11 24.94
CA THR A 31 40.41 -45.38 25.80
C THR A 31 41.66 -44.58 25.46
N LEU A 32 41.73 -43.96 24.30
CA LEU A 32 42.98 -43.27 23.96
C LEU A 32 42.97 -41.84 24.48
N PRO A 33 44.13 -41.18 24.54
CA PRO A 33 44.13 -39.75 24.91
C PRO A 33 43.42 -38.92 23.86
N GLU A 34 43.11 -37.69 24.25
CA GLU A 34 42.55 -36.74 23.31
C GLU A 34 43.52 -36.54 22.15
N HIS A 35 43.01 -35.96 21.07
CA HIS A 35 43.72 -35.95 19.79
C HIS A 35 45.13 -35.39 19.88
N GLY A 36 45.27 -34.18 20.42
CA GLY A 36 46.58 -33.55 20.49
C GLY A 36 47.55 -34.19 21.46
N ALA A 37 47.13 -35.16 22.26
CA ALA A 37 48.02 -35.84 23.19
C ALA A 37 48.38 -37.28 22.79
N ARG A 38 47.96 -37.74 21.63
CA ARG A 38 48.25 -39.11 21.24
C ARG A 38 49.68 -39.27 20.73
N SER A 39 50.27 -40.44 21.01
CA SER A 39 51.61 -40.75 20.55
C SER A 39 51.59 -41.23 19.10
N SER A 40 52.79 -41.34 18.51
CA SER A 40 52.90 -41.83 17.13
C SER A 40 52.23 -43.18 16.95
N ALA A 41 52.53 -44.12 17.86
CA ALA A 41 51.90 -45.44 17.77
C ALA A 41 50.38 -45.35 17.91
N GLU A 42 49.90 -44.49 18.82
CA GLU A 42 48.47 -44.33 19.01
C GLU A 42 47.80 -43.73 17.77
N ARG A 43 48.44 -42.77 17.11
CA ARG A 43 47.84 -42.16 15.92
C ARG A 43 47.68 -43.20 14.82
N ALA A 44 48.67 -44.06 14.63
CA ALA A 44 48.58 -45.09 13.60
C ALA A 44 47.50 -46.11 13.96
N GLU A 45 47.29 -46.36 15.25
CA GLU A 45 46.32 -47.36 15.67
C GLU A 45 44.89 -46.90 15.36
N ILE A 46 44.55 -45.65 15.69
CA ILE A 46 43.22 -45.16 15.37
C ILE A 46 43.04 -44.96 13.86
N ALA A 47 44.04 -44.39 13.18
CA ALA A 47 43.98 -44.24 11.73
C ALA A 47 43.68 -45.55 11.03
N ALA A 48 44.32 -46.64 11.47
CA ALA A 48 44.06 -47.94 10.87
C ALA A 48 42.65 -48.41 11.16
N ALA A 49 42.13 -48.13 12.36
CA ALA A 49 40.78 -48.55 12.71
C ALA A 49 39.75 -47.80 11.88
N HIS A 50 39.88 -46.47 11.78
CA HIS A 50 39.03 -45.70 10.87
C HIS A 50 39.06 -46.27 9.45
N ASP A 51 40.26 -46.55 8.93
CA ASP A 51 40.39 -47.05 7.57
C ASP A 51 39.67 -48.38 7.38
N ALA A 52 39.77 -49.28 8.36
CA ALA A 52 39.11 -50.57 8.22
C ALA A 52 37.59 -50.41 8.26
N ALA A 53 37.09 -49.52 9.11
CA ALA A 53 35.65 -49.30 9.17
C ALA A 53 35.13 -48.65 7.88
N ARG A 54 35.84 -47.64 7.39
CA ARG A 54 35.38 -46.94 6.20
C ARG A 54 35.42 -47.85 4.97
N ALA A 55 36.46 -48.67 4.85
CA ALA A 55 36.51 -49.65 3.77
C ALA A 55 35.29 -50.58 3.81
N LEU A 56 34.85 -50.96 5.01
CA LEU A 56 33.66 -51.80 5.13
C LEU A 56 32.37 -51.03 4.89
N ARG A 57 32.32 -49.74 5.25
CA ARG A 57 31.19 -48.91 4.85
C ARG A 57 31.02 -48.90 3.34
N VAL A 58 32.12 -48.79 2.61
CA VAL A 58 32.06 -48.83 1.14
C VAL A 58 31.58 -50.19 0.65
N ARG A 59 32.15 -51.27 1.19
CA ARG A 59 31.82 -52.60 0.69
C ARG A 59 30.39 -53.00 1.05
N PHE A 60 29.97 -52.70 2.28
CA PHE A 60 28.57 -52.93 2.65
C PHE A 60 27.62 -52.28 1.65
N LEU A 61 27.84 -51.00 1.34
CA LEU A 61 26.93 -50.25 0.50
C LEU A 61 27.05 -50.58 -0.98
N ASP A 62 28.19 -51.10 -1.44
CA ASP A 62 28.28 -51.52 -2.83
C ASP A 62 27.19 -52.52 -3.19
N THR A 63 26.83 -53.41 -2.26
CA THR A 63 25.77 -54.37 -2.51
C THR A 63 24.44 -54.06 -1.82
N HIS A 64 24.46 -53.31 -0.72
CA HIS A 64 23.25 -53.11 0.07
C HIS A 64 22.66 -51.70 0.03
N ALA A 65 23.19 -50.80 -0.80
CA ALA A 65 22.72 -49.41 -0.78
C ALA A 65 21.22 -49.29 -1.05
N ASP A 66 20.73 -49.94 -2.11
CA ASP A 66 19.32 -49.87 -2.44
C ASP A 66 18.44 -50.39 -1.30
N ALA A 67 18.84 -51.48 -0.66
CA ALA A 67 18.05 -52.00 0.46
C ALA A 67 18.03 -51.01 1.61
N VAL A 68 19.18 -50.38 1.89
CA VAL A 68 19.24 -49.37 2.94
C VAL A 68 18.34 -48.19 2.58
N TYR A 69 18.48 -47.67 1.37
CA TYR A 69 17.67 -46.52 0.96
C TYR A 69 16.18 -46.87 1.00
N ASP A 70 15.82 -48.08 0.59
CA ASP A 70 14.42 -48.50 0.64
C ASP A 70 13.86 -48.52 2.06
N ARG A 71 14.62 -49.00 3.04
CA ARG A 71 14.13 -48.92 4.42
C ARG A 71 13.90 -47.48 4.85
N LEU A 72 14.76 -46.56 4.44
CA LEU A 72 14.67 -45.20 4.91
C LEU A 72 13.56 -44.42 4.19
N THR A 73 13.26 -44.79 2.95
CA THR A 73 12.29 -44.05 2.16
C THR A 73 11.03 -44.85 1.84
N ASP A 74 10.82 -45.97 2.53
CA ASP A 74 9.66 -46.82 2.31
C ASP A 74 9.55 -47.21 0.83
N HIS A 75 10.65 -47.78 0.32
CA HIS A 75 10.77 -48.14 -1.10
C HIS A 75 10.48 -46.96 -2.03
N ARG A 76 11.16 -45.85 -1.77
CA ARG A 76 11.16 -44.67 -2.64
C ARG A 76 9.77 -44.06 -2.81
N ARG A 77 8.93 -44.13 -1.76
CA ARG A 77 7.67 -43.41 -1.74
C ARG A 77 7.70 -42.16 -0.87
N VAL A 78 8.72 -41.98 -0.04
CA VAL A 78 8.88 -40.79 0.79
C VAL A 78 10.14 -40.07 0.32
N HIS A 79 9.97 -38.81 -0.10
CA HIS A 79 11.09 -37.96 -0.47
C HIS A 79 11.72 -37.38 0.81
N LEU A 80 12.95 -37.78 1.11
CA LEU A 80 13.71 -37.19 2.20
C LEU A 80 14.86 -36.35 1.67
N ARG A 81 14.97 -35.13 2.18
CA ARG A 81 16.13 -34.27 1.93
C ARG A 81 17.39 -34.83 2.61
N LEU A 82 18.53 -34.24 2.26
CA LEU A 82 19.83 -34.74 2.69
C LEU A 82 19.93 -34.83 4.21
N ALA A 83 19.61 -33.72 4.90
CA ALA A 83 19.71 -33.71 6.36
C ALA A 83 18.87 -34.81 6.98
N GLU A 84 17.61 -34.91 6.55
CA GLU A 84 16.73 -35.93 7.12
C GLU A 84 17.22 -37.33 6.75
N LEU A 85 17.75 -37.51 5.54
CA LEU A 85 18.21 -38.82 5.09
C LEU A 85 19.37 -39.34 5.96
N VAL A 86 20.39 -38.52 6.17
CA VAL A 86 21.57 -39.01 6.89
C VAL A 86 21.26 -39.16 8.38
N GLU A 87 20.32 -38.36 8.90
CA GLU A 87 19.88 -38.55 10.28
C GLU A 87 19.16 -39.88 10.44
N ALA A 88 18.18 -40.15 9.58
CA ALA A 88 17.46 -41.42 9.63
C ALA A 88 18.37 -42.61 9.42
N ALA A 89 19.38 -42.46 8.54
CA ALA A 89 20.32 -43.55 8.32
C ALA A 89 21.10 -43.88 9.59
N ALA A 90 21.48 -42.85 10.35
CA ALA A 90 22.26 -43.08 11.56
C ALA A 90 21.46 -43.84 12.61
N THR A 91 20.20 -43.50 12.80
CA THR A 91 19.41 -44.20 13.80
C THR A 91 19.03 -45.61 13.35
N ALA A 92 18.68 -45.76 12.07
CA ALA A 92 18.27 -47.07 11.56
C ALA A 92 19.45 -48.01 11.35
N PHE A 93 20.65 -47.48 11.12
CA PHE A 93 21.84 -48.29 10.86
C PHE A 93 23.03 -47.77 11.66
N PRO A 94 23.04 -48.00 12.98
CA PRO A 94 24.12 -47.49 13.82
C PRO A 94 25.50 -47.89 13.28
N GLY A 95 26.42 -46.93 13.29
CA GLY A 95 27.77 -47.13 12.81
C GLY A 95 27.97 -46.91 11.32
N LEU A 96 26.90 -46.86 10.53
CA LEU A 96 27.03 -46.55 9.11
C LEU A 96 27.38 -45.08 8.91
N VAL A 97 26.66 -44.19 9.58
CA VAL A 97 26.93 -42.75 9.52
C VAL A 97 26.75 -42.18 10.91
N PRO A 98 27.44 -41.06 11.20
CA PRO A 98 27.41 -40.53 12.57
C PRO A 98 26.04 -40.03 13.00
N THR A 99 25.79 -40.13 14.30
CA THR A 99 24.58 -39.59 14.89
C THR A 99 24.66 -38.07 15.02
N GLN A 100 23.52 -37.46 15.29
CA GLN A 100 23.48 -36.02 15.55
C GLN A 100 24.48 -35.64 16.65
N GLN A 101 24.54 -36.45 17.72
CA GLN A 101 25.44 -36.17 18.82
C GLN A 101 26.90 -36.20 18.37
N GLN A 102 27.32 -37.30 17.74
CA GLN A 102 28.71 -37.42 17.32
C GLN A 102 29.11 -36.25 16.43
N LEU A 103 28.19 -35.79 15.58
CA LEU A 103 28.45 -34.60 14.79
C LEU A 103 28.53 -33.36 15.67
N ALA A 104 27.65 -33.25 16.67
CA ALA A 104 27.75 -32.16 17.65
C ALA A 104 29.13 -32.10 18.28
N VAL A 105 29.69 -33.26 18.66
CA VAL A 105 31.02 -33.29 19.24
C VAL A 105 32.06 -32.85 18.22
N GLU A 106 31.96 -33.37 16.99
CA GLU A 106 32.87 -32.96 15.93
C GLU A 106 32.82 -31.46 15.69
N ARG A 107 31.62 -30.88 15.70
CA ARG A 107 31.48 -29.48 15.32
C ARG A 107 32.14 -28.54 16.34
N SER A 108 32.15 -28.94 17.62
CA SER A 108 32.78 -28.12 18.65
C SER A 108 34.30 -28.14 18.58
N LEU A 109 34.90 -28.99 17.77
CA LEU A 109 36.35 -29.07 17.73
C LEU A 109 36.89 -28.25 16.58
N PRO A 110 38.17 -27.88 16.60
CA PRO A 110 38.77 -27.34 15.38
C PRO A 110 38.96 -28.48 14.40
N GLN A 111 38.84 -28.16 13.09
CA GLN A 111 38.90 -29.18 12.02
C GLN A 111 40.05 -30.15 12.21
N ALA A 112 41.22 -29.64 12.62
CA ALA A 112 42.40 -30.48 12.75
C ALA A 112 42.22 -31.60 13.78
N ALA A 113 41.39 -31.39 14.80
CA ALA A 113 41.23 -32.37 15.88
C ALA A 113 40.09 -33.34 15.63
N LYS A 114 39.36 -33.17 14.52
CA LYS A 114 38.22 -34.01 14.22
C LYS A 114 38.64 -35.42 13.81
N GLU A 115 37.79 -36.39 14.16
CA GLU A 115 38.00 -37.77 13.75
C GLU A 115 37.62 -38.01 12.29
N GLY A 116 36.81 -37.11 11.71
CA GLY A 116 36.44 -37.22 10.31
C GLY A 116 35.18 -38.01 10.03
N HIS A 117 34.21 -37.98 10.95
CA HIS A 117 32.99 -38.77 10.80
C HIS A 117 32.17 -38.35 9.57
N GLU A 118 32.24 -37.07 9.18
CA GLU A 118 31.58 -36.64 7.94
C GLU A 118 31.97 -37.48 6.74
N ILE A 119 33.19 -38.03 6.72
CA ILE A 119 33.61 -38.90 5.63
C ILE A 119 32.65 -40.07 5.48
N ASP A 120 32.12 -40.58 6.59
CA ASP A 120 31.15 -41.67 6.52
C ASP A 120 29.89 -41.23 5.79
N GLN A 121 29.50 -39.97 5.95
CA GLN A 121 28.37 -39.44 5.18
C GLN A 121 28.74 -39.33 3.71
N GLY A 122 29.99 -38.94 3.41
CA GLY A 122 30.46 -38.98 2.03
C GLY A 122 30.34 -40.36 1.41
N ILE A 123 30.72 -41.39 2.15
CA ILE A 123 30.65 -42.76 1.65
C ILE A 123 29.19 -43.12 1.37
N PHE A 124 28.30 -42.74 2.28
CA PHE A 124 26.88 -43.05 2.17
C PHE A 124 26.25 -42.37 0.97
N LEU A 125 26.41 -41.04 0.87
CA LEU A 125 25.81 -40.30 -0.24
C LEU A 125 26.40 -40.70 -1.58
N ARG A 126 27.67 -41.09 -1.62
CA ARG A 126 28.24 -41.60 -2.87
C ARG A 126 27.50 -42.85 -3.30
N ALA A 127 27.29 -43.79 -2.38
CA ALA A 127 26.63 -45.04 -2.73
C ALA A 127 25.19 -44.82 -3.13
N VAL A 128 24.48 -43.93 -2.43
CA VAL A 128 23.09 -43.63 -2.78
C VAL A 128 23.01 -43.04 -4.18
N LEU A 129 23.79 -41.99 -4.45
CA LEU A 129 23.75 -41.34 -5.75
C LEU A 129 24.20 -42.25 -6.89
N ARG A 130 25.13 -43.19 -6.63
CA ARG A 130 25.52 -44.14 -7.67
C ARG A 130 24.36 -45.05 -8.09
N SER A 131 23.41 -45.33 -7.21
CA SER A 131 22.29 -46.19 -7.56
C SER A 131 21.41 -45.55 -8.63
N PRO A 132 21.10 -46.26 -9.72
CA PRO A 132 20.15 -45.72 -10.72
C PRO A 132 18.73 -45.61 -10.20
N LEU A 133 18.41 -46.21 -9.06
CA LEU A 133 17.08 -46.10 -8.45
C LEU A 133 17.05 -45.08 -7.33
N ALA A 134 17.99 -45.18 -6.39
CA ALA A 134 18.00 -44.27 -5.24
C ALA A 134 18.49 -42.88 -5.64
N GLY A 135 19.49 -42.81 -6.51
CA GLY A 135 20.08 -41.55 -6.91
C GLY A 135 19.12 -40.53 -7.46
N PRO A 136 18.40 -40.87 -8.54
CA PRO A 136 17.44 -39.91 -9.09
C PRO A 136 16.35 -39.53 -8.11
N HIS A 137 16.02 -40.43 -7.18
CA HIS A 137 14.95 -40.17 -6.23
C HIS A 137 15.40 -39.17 -5.18
N LEU A 138 16.62 -39.33 -4.66
CA LEU A 138 17.19 -38.33 -3.77
C LEU A 138 17.32 -36.97 -4.44
N LEU A 139 17.72 -36.95 -5.71
CA LEU A 139 17.87 -35.67 -6.41
C LEU A 139 16.52 -34.99 -6.60
N ASP A 140 15.46 -35.77 -6.84
CA ASP A 140 14.11 -35.20 -6.90
C ASP A 140 13.71 -34.62 -5.54
N ALA A 141 13.99 -35.36 -4.46
CA ALA A 141 13.65 -34.86 -3.13
C ALA A 141 14.27 -33.50 -2.87
N MET A 142 15.52 -33.29 -3.31
CA MET A 142 16.18 -32.01 -3.10
C MET A 142 15.66 -30.92 -4.03
N LEU A 143 15.01 -31.27 -5.14
CA LEU A 143 14.37 -30.26 -5.97
C LEU A 143 13.01 -29.82 -5.46
N ARG A 144 12.43 -30.52 -4.49
CA ARG A 144 11.15 -30.10 -3.94
C ARG A 144 11.31 -28.82 -3.11
N PRO A 145 10.27 -28.01 -3.02
CA PRO A 145 10.36 -26.76 -2.25
C PRO A 145 10.71 -27.03 -0.79
N THR A 146 11.50 -26.13 -0.22
CA THR A 146 11.81 -26.22 1.20
C THR A 146 10.57 -25.84 2.01
N PRO A 147 10.40 -26.43 3.20
CA PRO A 147 9.29 -26.01 4.07
C PRO A 147 9.29 -24.52 4.38
N ARG A 148 10.47 -23.94 4.64
CA ARG A 148 10.57 -22.51 4.90
C ARG A 148 9.94 -21.68 3.79
N ALA A 149 10.19 -22.06 2.53
CA ALA A 149 9.67 -21.29 1.41
C ALA A 149 8.16 -21.42 1.27
N LEU A 150 7.63 -22.63 1.50
CA LEU A 150 6.18 -22.81 1.50
C LEU A 150 5.54 -21.95 2.58
N GLU A 151 6.24 -21.83 3.69
CA GLU A 151 5.78 -21.08 4.85
C GLU A 151 5.73 -19.58 4.57
N LEU A 152 6.75 -19.05 3.87
CA LEU A 152 6.85 -17.64 3.53
C LEU A 152 6.11 -17.26 2.25
N LEU A 153 5.65 -18.23 1.45
CA LEU A 153 5.12 -17.91 0.13
C LEU A 153 3.93 -16.97 0.15
N PRO A 154 2.88 -17.19 0.97
CA PRO A 154 1.74 -16.26 0.93
C PRO A 154 2.11 -14.81 1.22
N GLU A 155 2.91 -14.55 2.26
CA GLU A 155 3.29 -13.17 2.54
C GLU A 155 4.16 -12.60 1.43
N PHE A 156 4.98 -13.42 0.78
CA PHE A 156 5.75 -12.92 -0.36
C PHE A 156 4.83 -12.54 -1.51
N VAL A 157 3.80 -13.35 -1.78
CA VAL A 157 2.84 -13.02 -2.82
C VAL A 157 2.11 -11.72 -2.51
N ARG A 158 1.71 -11.53 -1.24
CA ARG A 158 1.03 -10.32 -0.85
C ARG A 158 1.96 -9.10 -0.90
N THR A 159 3.16 -9.25 -0.35
CA THR A 159 4.04 -8.12 -0.06
C THR A 159 5.06 -7.83 -1.17
N GLY A 160 5.43 -8.84 -1.95
CA GLY A 160 6.50 -8.68 -2.92
C GLY A 160 7.90 -8.48 -2.36
N GLU A 161 8.14 -8.87 -1.10
CA GLU A 161 9.36 -8.46 -0.43
C GLU A 161 9.63 -9.37 0.76
N VAL A 162 10.86 -9.85 0.88
CA VAL A 162 11.29 -10.67 2.01
C VAL A 162 12.73 -10.31 2.34
N GLU A 163 13.00 -10.07 3.61
CA GLU A 163 14.34 -9.78 4.09
C GLU A 163 14.83 -10.97 4.87
N MET A 164 15.99 -11.50 4.46
CA MET A 164 16.63 -12.61 5.14
C MET A 164 18.04 -12.17 5.51
N GLU A 165 18.74 -12.99 6.29
CA GLU A 165 20.04 -12.58 6.79
C GLU A 165 21.01 -12.31 5.66
N ALA A 166 21.07 -13.21 4.67
CA ALA A 166 22.05 -13.09 3.60
C ALA A 166 21.45 -12.73 2.24
N VAL A 167 20.13 -12.71 2.09
CA VAL A 167 19.50 -12.42 0.81
C VAL A 167 18.31 -11.50 1.00
N HIS A 168 18.21 -10.46 0.18
CA HIS A 168 17.02 -9.62 0.08
C HIS A 168 16.29 -9.98 -1.21
N LEU A 169 15.02 -10.35 -1.09
CA LEU A 169 14.23 -10.71 -2.26
C LEU A 169 13.13 -9.71 -2.52
N GLU A 170 12.96 -9.32 -3.78
CA GLU A 170 11.94 -8.36 -4.16
C GLU A 170 11.37 -8.64 -5.55
N ARG A 171 10.05 -8.54 -5.68
CA ARG A 171 9.39 -8.78 -6.95
C ARG A 171 9.01 -7.45 -7.59
N ARG A 172 9.66 -7.12 -8.69
CA ARG A 172 9.39 -5.87 -9.40
C ARG A 172 9.32 -6.08 -10.90
N ASP A 173 8.15 -5.81 -11.48
CA ASP A 173 7.98 -5.96 -12.93
C ASP A 173 8.18 -7.42 -13.38
N GLY A 174 7.59 -8.34 -12.62
CA GLY A 174 7.72 -9.75 -12.95
C GLY A 174 9.11 -10.31 -12.79
N VAL A 175 10.00 -9.62 -12.09
CA VAL A 175 11.35 -10.08 -11.84
C VAL A 175 11.50 -10.39 -10.36
N ALA A 176 12.06 -11.56 -10.05
CA ALA A 176 12.48 -11.88 -8.70
C ALA A 176 13.91 -11.37 -8.55
N ARG A 177 14.08 -10.31 -7.78
CA ARG A 177 15.38 -9.67 -7.59
C ARG A 177 16.03 -10.19 -6.31
N LEU A 178 16.98 -11.10 -6.46
CA LEU A 178 17.74 -11.60 -5.33
C LEU A 178 19.00 -10.77 -5.19
N THR A 179 19.14 -10.09 -4.04
CA THR A 179 20.30 -9.28 -3.75
C THR A 179 21.04 -9.95 -2.59
N MET A 180 22.27 -10.37 -2.83
CA MET A 180 23.10 -10.95 -1.78
C MET A 180 23.65 -9.79 -0.96
N CYS A 181 23.31 -9.77 0.32
CA CYS A 181 23.43 -8.54 1.10
C CYS A 181 24.18 -8.76 2.40
N ARG A 182 25.28 -9.52 2.35
CA ARG A 182 26.15 -9.67 3.51
C ARG A 182 27.25 -8.62 3.40
N ASP A 183 26.87 -7.38 3.76
CA ASP A 183 27.70 -6.21 3.50
C ASP A 183 28.99 -6.17 4.31
N ASP A 184 29.07 -6.91 5.41
CA ASP A 184 30.29 -6.91 6.21
C ASP A 184 31.38 -7.83 5.66
N ARG A 185 31.04 -8.82 4.85
CA ARG A 185 32.01 -9.84 4.50
C ARG A 185 32.03 -10.21 3.01
N LEU A 186 31.60 -9.31 2.14
CA LEU A 186 31.67 -9.49 0.68
C LEU A 186 30.92 -10.75 0.24
N ASN A 187 29.75 -10.97 0.83
CA ASN A 187 28.86 -12.10 0.50
C ASN A 187 29.56 -13.46 0.57
N ALA A 188 30.51 -13.61 1.49
CA ALA A 188 31.11 -14.91 1.76
C ALA A 188 30.03 -15.92 2.17
N GLU A 189 30.17 -17.16 1.69
CA GLU A 189 29.13 -18.17 1.84
C GLU A 189 29.27 -18.96 3.14
N ASP A 190 28.13 -19.27 3.76
CA ASP A 190 28.06 -20.13 4.92
C ASP A 190 26.75 -20.90 4.89
N GLY A 191 26.48 -21.68 5.94
CA GLY A 191 25.28 -22.49 5.96
C GLY A 191 24.00 -21.66 5.90
N GLN A 192 24.04 -20.46 6.48
CA GLN A 192 22.87 -19.59 6.47
C GLN A 192 22.61 -19.04 5.08
N GLN A 193 23.67 -18.68 4.35
CA GLN A 193 23.48 -18.15 3.00
C GLN A 193 22.86 -19.18 2.07
N VAL A 194 23.24 -20.45 2.22
CA VAL A 194 22.65 -21.52 1.42
C VAL A 194 21.16 -21.63 1.71
N ASP A 195 20.79 -21.57 2.99
CA ASP A 195 19.38 -21.65 3.37
C ASP A 195 18.59 -20.47 2.80
N ASP A 196 19.15 -19.26 2.89
CA ASP A 196 18.46 -18.08 2.36
C ASP A 196 18.37 -18.13 0.84
N MET A 197 19.44 -18.56 0.17
CA MET A 197 19.41 -18.66 -1.29
C MET A 197 18.38 -19.68 -1.76
N GLU A 198 18.36 -20.87 -1.16
CA GLU A 198 17.39 -21.88 -1.58
C GLU A 198 15.97 -21.41 -1.32
N THR A 199 15.76 -20.75 -0.17
CA THR A 199 14.44 -20.22 0.15
C THR A 199 14.02 -19.18 -0.88
N ALA A 200 14.94 -18.28 -1.24
CA ALA A 200 14.61 -17.24 -2.21
C ALA A 200 14.39 -17.82 -3.60
N VAL A 201 15.20 -18.80 -3.99
CA VAL A 201 15.02 -19.44 -5.30
C VAL A 201 13.68 -20.15 -5.35
N ASP A 202 13.31 -20.83 -4.26
CA ASP A 202 12.01 -21.49 -4.20
C ASP A 202 10.87 -20.49 -4.37
N LEU A 203 10.96 -19.36 -3.68
CA LEU A 203 9.89 -18.35 -3.76
C LEU A 203 9.81 -17.75 -5.16
N ALA A 204 10.97 -17.53 -5.80
CA ALA A 204 10.96 -16.98 -7.14
C ALA A 204 10.25 -17.92 -8.11
N LEU A 205 10.47 -19.23 -7.97
CA LEU A 205 9.89 -20.20 -8.89
C LEU A 205 8.42 -20.44 -8.61
N LEU A 206 8.01 -20.43 -7.34
CA LEU A 206 6.62 -20.69 -7.01
C LEU A 206 5.72 -19.47 -7.16
N ASP A 207 6.28 -18.26 -7.15
CA ASP A 207 5.49 -17.04 -7.23
C ASP A 207 4.96 -16.85 -8.65
N PRO A 208 3.65 -16.88 -8.87
CA PRO A 208 3.12 -16.77 -10.23
C PRO A 208 3.33 -15.40 -10.85
N GLY A 209 3.64 -14.39 -10.07
CA GLY A 209 3.95 -13.07 -10.59
C GLY A 209 5.40 -12.89 -10.95
N VAL A 210 6.20 -13.96 -10.87
CA VAL A 210 7.62 -13.91 -11.21
C VAL A 210 7.81 -14.64 -12.53
N ARG A 211 8.42 -13.96 -13.49
CA ARG A 211 8.70 -14.52 -14.81
C ARG A 211 10.18 -14.78 -15.02
N VAL A 212 11.04 -13.96 -14.45
CA VAL A 212 12.49 -14.05 -14.60
C VAL A 212 13.13 -13.80 -13.24
N GLY A 213 14.28 -14.46 -13.00
CA GLY A 213 15.05 -14.22 -11.80
C GLY A 213 16.29 -13.40 -12.07
N LEU A 214 16.74 -12.70 -11.03
CA LEU A 214 17.93 -11.87 -11.11
C LEU A 214 18.75 -12.08 -9.84
N LEU A 215 20.04 -12.37 -10.00
CA LEU A 215 20.95 -12.48 -8.87
C LEU A 215 22.02 -11.41 -9.00
N ARG A 216 22.20 -10.64 -7.93
CA ARG A 216 23.17 -9.56 -7.91
C ARG A 216 23.64 -9.34 -6.48
N GLY A 217 24.86 -8.84 -6.34
CA GLY A 217 25.37 -8.46 -5.04
C GLY A 217 24.97 -7.05 -4.65
N GLY A 218 24.72 -6.86 -3.36
CA GLY A 218 24.31 -5.57 -2.85
C GLY A 218 25.49 -4.67 -2.50
N VAL A 219 25.15 -3.43 -2.13
CA VAL A 219 26.17 -2.48 -1.69
C VAL A 219 26.84 -3.00 -0.42
N MET A 220 28.18 -2.92 -0.40
CA MET A 220 28.98 -3.36 0.74
C MET A 220 29.20 -2.22 1.73
N SER A 221 29.42 -2.59 3.00
CA SER A 221 29.69 -1.63 4.06
C SER A 221 31.11 -1.69 4.60
N HIS A 222 31.77 -2.84 4.51
CA HIS A 222 33.18 -2.95 4.88
C HIS A 222 34.00 -1.83 4.24
N PRO A 223 34.92 -1.22 4.99
CA PRO A 223 35.56 0.03 4.55
C PRO A 223 36.32 -0.05 3.23
N ARG A 224 36.92 -1.20 2.91
CA ARG A 224 37.61 -1.35 1.63
C ARG A 224 36.68 -1.26 0.44
N TYR A 225 35.37 -1.49 0.64
CA TYR A 225 34.40 -1.52 -0.44
C TYR A 225 33.15 -0.70 -0.16
N ARG A 226 33.24 0.31 0.70
CA ARG A 226 32.05 1.04 1.11
C ARG A 226 31.43 1.78 -0.08
N GLY A 227 30.12 1.58 -0.27
CA GLY A 227 29.42 2.14 -1.41
C GLY A 227 29.49 1.29 -2.66
N LYS A 228 30.25 0.19 -2.65
CA LYS A 228 30.53 -0.63 -3.81
C LYS A 228 29.70 -1.92 -3.74
N ARG A 229 29.14 -2.33 -4.87
CA ARG A 229 28.53 -3.66 -4.95
C ARG A 229 29.62 -4.72 -5.17
N VAL A 230 29.43 -5.88 -4.55
CA VAL A 230 30.31 -7.02 -4.74
C VAL A 230 29.47 -8.28 -4.85
N PHE A 231 29.76 -9.11 -5.86
CA PHE A 231 28.95 -10.30 -6.12
C PHE A 231 29.21 -11.38 -5.07
N SER A 232 30.43 -11.92 -5.02
CA SER A 232 30.72 -12.97 -4.06
C SER A 232 32.21 -13.20 -3.92
N ALA A 233 32.68 -13.29 -2.68
CA ALA A 233 34.05 -13.68 -2.34
C ALA A 233 34.18 -15.17 -2.02
N GLY A 234 33.17 -15.98 -2.30
CA GLY A 234 33.26 -17.41 -2.12
C GLY A 234 33.12 -17.87 -0.69
N ILE A 235 33.52 -19.13 -0.46
CA ILE A 235 33.34 -19.77 0.84
C ILE A 235 34.01 -18.98 1.95
N ASN A 236 33.36 -18.96 3.11
CA ASN A 236 33.88 -18.33 4.33
C ASN A 236 35.07 -19.13 4.82
N LEU A 237 36.27 -18.62 4.58
CA LEU A 237 37.49 -19.36 4.94
C LEU A 237 37.69 -19.44 6.44
N LYS A 238 37.25 -18.43 7.19
CA LYS A 238 37.28 -18.51 8.65
C LYS A 238 36.46 -19.70 9.14
N TYR A 239 35.21 -19.81 8.68
CA TYR A 239 34.35 -20.90 9.13
C TYR A 239 34.89 -22.26 8.69
N LEU A 240 35.51 -22.32 7.51
CA LEU A 240 36.14 -23.55 7.04
C LEU A 240 37.22 -24.02 8.01
N SER A 241 38.11 -23.10 8.38
CA SER A 241 39.18 -23.42 9.32
C SER A 241 38.65 -23.84 10.69
N GLN A 242 37.62 -23.15 11.19
CA GLN A 242 37.02 -23.45 12.48
C GLN A 242 36.16 -24.71 12.51
N GLY A 243 35.88 -25.33 11.36
CA GLY A 243 35.02 -26.49 11.32
C GLY A 243 33.54 -26.20 11.19
N GLY A 244 33.16 -24.99 10.77
CA GLY A 244 31.78 -24.61 10.53
C GLY A 244 31.22 -24.85 9.15
N ILE A 245 31.97 -25.47 8.24
CA ILE A 245 31.48 -25.79 6.90
C ILE A 245 31.05 -27.24 6.89
N SER A 246 29.75 -27.47 6.74
CA SER A 246 29.15 -28.79 6.80
C SER A 246 29.19 -29.44 5.42
N LEU A 247 29.67 -30.68 5.36
CA LEU A 247 29.63 -31.45 4.11
C LEU A 247 28.20 -31.56 3.60
N VAL A 248 27.26 -31.94 4.46
CA VAL A 248 25.89 -32.19 4.03
C VAL A 248 25.10 -30.90 3.93
N ASP A 249 25.08 -30.11 5.01
CA ASP A 249 24.21 -28.94 5.05
C ASP A 249 24.74 -27.75 4.26
N PHE A 250 26.00 -27.75 3.86
CA PHE A 250 26.52 -26.68 3.02
C PHE A 250 26.96 -27.19 1.65
N LEU A 251 28.00 -28.01 1.58
CA LEU A 251 28.62 -28.32 0.29
C LEU A 251 27.69 -29.14 -0.60
N MET A 252 26.97 -30.10 -0.03
CA MET A 252 26.07 -30.91 -0.85
C MET A 252 24.73 -30.22 -1.01
N ARG A 253 24.24 -29.58 0.05
CA ARG A 253 22.94 -28.92 0.00
C ARG A 253 22.88 -27.88 -1.12
N ARG A 254 23.91 -27.04 -1.25
CA ARG A 254 23.88 -26.00 -2.28
C ARG A 254 23.89 -26.59 -3.69
N GLU A 255 24.62 -27.69 -3.90
CA GLU A 255 24.71 -28.26 -5.24
C GLU A 255 23.42 -28.96 -5.64
N LEU A 256 22.80 -29.71 -4.71
CA LEU A 256 21.59 -30.45 -5.02
C LEU A 256 20.33 -29.63 -4.80
N GLY A 257 20.41 -28.57 -4.00
CA GLY A 257 19.28 -27.70 -3.76
C GLY A 257 19.20 -26.54 -4.72
N TYR A 258 19.59 -25.35 -4.29
CA TYR A 258 19.26 -24.15 -5.08
C TYR A 258 20.02 -24.10 -6.40
N ILE A 259 21.26 -24.59 -6.46
CA ILE A 259 21.99 -24.50 -7.72
C ILE A 259 21.37 -25.44 -8.75
N HIS A 260 20.94 -26.62 -8.30
CA HIS A 260 20.28 -27.54 -9.22
C HIS A 260 18.89 -27.04 -9.60
N LYS A 261 18.24 -26.31 -8.68
CA LYS A 261 16.93 -25.73 -8.98
C LYS A 261 17.04 -24.63 -10.03
N LEU A 262 18.15 -23.88 -10.04
CA LEU A 262 18.35 -22.91 -11.11
C LEU A 262 18.37 -23.61 -12.46
N VAL A 263 18.92 -24.82 -12.52
CA VAL A 263 18.98 -25.55 -13.78
C VAL A 263 17.61 -26.14 -14.10
N ARG A 264 17.04 -26.89 -13.16
CA ARG A 264 15.92 -27.76 -13.51
C ARG A 264 14.60 -27.35 -12.87
N GLY A 265 14.57 -26.34 -12.03
CA GLY A 265 13.33 -25.89 -11.42
C GLY A 265 13.02 -26.62 -10.14
N VAL A 266 11.86 -26.30 -9.55
CA VAL A 266 11.37 -26.99 -8.37
C VAL A 266 10.35 -28.04 -8.79
N LEU A 267 10.48 -29.24 -8.23
CA LEU A 267 9.54 -30.32 -8.43
C LEU A 267 8.34 -30.12 -7.52
N THR A 268 7.15 -30.03 -8.09
CA THR A 268 5.95 -29.85 -7.29
C THR A 268 5.16 -31.16 -7.19
N ASN A 269 4.11 -31.11 -6.39
CA ASN A 269 3.14 -32.19 -6.38
C ASN A 269 2.27 -32.09 -7.64
N ASP A 270 1.57 -33.18 -7.94
CA ASP A 270 0.59 -33.21 -9.03
C ASP A 270 -0.59 -32.31 -8.62
N ASP A 271 -0.39 -31.00 -8.77
CA ASP A 271 -1.28 -29.96 -8.26
C ASP A 271 -2.00 -29.15 -9.32
N ARG A 272 -1.58 -29.26 -10.57
CA ARG A 272 -1.89 -28.19 -11.50
C ARG A 272 -2.00 -28.78 -12.89
N PRO A 273 -2.66 -28.09 -13.81
CA PRO A 273 -2.71 -28.57 -15.20
C PRO A 273 -1.31 -28.58 -15.80
N GLY A 274 -1.09 -29.54 -16.69
CA GLY A 274 0.19 -29.64 -17.35
C GLY A 274 1.30 -30.30 -16.56
N TRP A 275 1.03 -30.73 -15.32
CA TRP A 275 2.06 -31.40 -14.54
C TRP A 275 2.57 -32.65 -15.26
N TRP A 276 1.68 -33.33 -16.00
CA TRP A 276 2.09 -34.51 -16.75
C TRP A 276 3.20 -34.22 -17.75
N HIS A 277 3.30 -32.98 -18.26
CA HIS A 277 4.43 -32.65 -19.12
C HIS A 277 5.50 -31.80 -18.45
N SER A 278 5.16 -31.06 -17.40
CA SER A 278 6.10 -30.17 -16.73
C SER A 278 5.95 -30.35 -15.23
N PRO A 279 6.49 -31.43 -14.67
CA PRO A 279 6.40 -31.63 -13.21
C PRO A 279 7.17 -30.60 -12.42
N ARG A 280 8.11 -29.89 -13.04
CA ARG A 280 8.94 -28.89 -12.39
C ARG A 280 8.65 -27.52 -12.96
N ILE A 281 8.67 -26.51 -12.10
CA ILE A 281 8.55 -25.12 -12.51
C ILE A 281 9.95 -24.54 -12.59
N GLU A 282 10.41 -24.27 -13.81
CA GLU A 282 11.68 -23.60 -14.03
C GLU A 282 11.44 -22.24 -14.68
N LYS A 283 12.37 -21.32 -14.43
CA LYS A 283 12.33 -19.98 -14.98
C LYS A 283 13.73 -19.56 -15.38
N PRO A 284 13.87 -18.59 -16.28
CA PRO A 284 15.21 -18.11 -16.66
C PRO A 284 15.84 -17.24 -15.59
N TRP A 285 17.17 -17.26 -15.53
CA TRP A 285 17.91 -16.51 -14.53
C TRP A 285 18.97 -15.63 -15.16
N VAL A 286 19.08 -14.41 -14.65
CA VAL A 286 20.11 -13.44 -15.03
C VAL A 286 21.00 -13.20 -13.82
N ALA A 287 22.32 -13.15 -14.05
CA ALA A 287 23.30 -12.80 -13.03
C ALA A 287 24.04 -11.55 -13.46
N ALA A 288 24.27 -10.64 -12.50
CA ALA A 288 25.02 -9.41 -12.72
C ALA A 288 26.17 -9.37 -11.72
N VAL A 289 27.40 -9.31 -12.22
CA VAL A 289 28.58 -9.44 -11.39
C VAL A 289 29.22 -8.06 -11.22
N ASP A 290 29.25 -7.58 -9.97
CA ASP A 290 29.98 -6.38 -9.59
C ASP A 290 31.22 -6.78 -8.80
N GLY A 291 32.33 -6.08 -9.05
CA GLY A 291 33.54 -6.35 -8.29
C GLY A 291 34.26 -7.62 -8.70
N PHE A 292 33.72 -8.77 -8.29
CA PHE A 292 34.32 -10.05 -8.64
C PHE A 292 33.36 -11.17 -8.25
N ALA A 293 33.57 -12.33 -8.87
CA ALA A 293 32.93 -13.58 -8.49
C ALA A 293 34.04 -14.56 -8.20
N ILE A 294 34.22 -14.93 -6.93
CA ILE A 294 35.30 -15.80 -6.50
C ILE A 294 34.71 -17.08 -5.93
N GLY A 295 35.32 -18.21 -6.28
CA GLY A 295 34.95 -19.48 -5.67
C GLY A 295 33.52 -19.86 -5.96
N GLY A 296 32.75 -20.10 -4.89
CA GLY A 296 31.36 -20.47 -5.03
C GLY A 296 30.56 -19.47 -5.85
N GLY A 297 30.91 -18.18 -5.73
CA GLY A 297 30.25 -17.18 -6.55
C GLY A 297 30.47 -17.41 -8.04
N ALA A 298 31.71 -17.69 -8.43
CA ALA A 298 31.99 -17.97 -9.84
C ALA A 298 31.33 -19.27 -10.29
N GLN A 299 31.26 -20.26 -9.41
CA GLN A 299 30.55 -21.50 -9.72
C GLN A 299 29.11 -21.25 -10.15
N LEU A 300 28.46 -20.25 -9.55
CA LEU A 300 27.07 -19.96 -9.87
C LEU A 300 26.89 -19.51 -11.32
N LEU A 301 27.86 -18.78 -11.88
CA LEU A 301 27.74 -18.22 -13.23
C LEU A 301 27.59 -19.30 -14.30
N LEU A 302 28.01 -20.52 -14.01
CA LEU A 302 27.98 -21.61 -14.99
C LEU A 302 26.59 -22.19 -15.16
N VAL A 303 25.59 -21.57 -14.53
CA VAL A 303 24.25 -22.12 -14.46
C VAL A 303 23.17 -21.12 -14.88
N PHE A 304 23.55 -19.89 -15.20
CA PHE A 304 22.60 -18.84 -15.55
C PHE A 304 22.35 -18.78 -17.05
N ASP A 305 21.19 -18.21 -17.40
CA ASP A 305 20.81 -18.04 -18.79
C ASP A 305 21.42 -16.80 -19.44
N ARG A 306 21.75 -15.79 -18.63
CA ARG A 306 22.43 -14.60 -19.11
C ARG A 306 23.31 -14.10 -17.99
N VAL A 307 24.51 -13.64 -18.33
CA VAL A 307 25.47 -13.14 -17.34
C VAL A 307 26.00 -11.79 -17.80
N LEU A 308 25.91 -10.80 -16.92
CA LEU A 308 26.46 -9.47 -17.16
C LEU A 308 27.51 -9.18 -16.10
N ALA A 309 28.50 -8.36 -16.46
CA ALA A 309 29.55 -8.03 -15.52
C ALA A 309 30.04 -6.62 -15.78
N SER A 310 30.47 -5.95 -14.71
CA SER A 310 31.11 -4.66 -14.83
C SER A 310 32.50 -4.81 -15.44
N SER A 311 32.92 -3.79 -16.18
CA SER A 311 34.24 -3.78 -16.81
C SER A 311 35.38 -4.12 -15.85
N ASP A 312 35.25 -3.83 -14.56
CA ASP A 312 36.34 -3.99 -13.61
C ASP A 312 36.30 -5.31 -12.85
N ALA A 313 35.39 -6.21 -13.18
CA ALA A 313 35.23 -7.44 -12.42
C ALA A 313 36.23 -8.51 -12.89
N TYR A 314 36.43 -9.51 -12.04
CA TYR A 314 37.20 -10.69 -12.41
C TYR A 314 36.54 -11.93 -11.82
N PHE A 315 36.95 -13.09 -12.34
CA PHE A 315 36.39 -14.38 -11.97
C PHE A 315 37.53 -15.33 -11.67
N SER A 316 37.44 -16.03 -10.54
CA SER A 316 38.50 -16.98 -10.20
C SER A 316 37.93 -18.11 -9.35
N LEU A 317 38.64 -19.23 -9.37
CA LEU A 317 38.34 -20.39 -8.54
C LEU A 317 39.62 -20.74 -7.81
N PRO A 318 39.94 -20.01 -6.74
CA PRO A 318 41.10 -20.36 -5.91
C PRO A 318 40.84 -21.53 -4.96
N CYS A 319 39.77 -22.28 -5.20
CA CYS A 319 39.42 -23.41 -4.36
C CYS A 319 40.55 -24.44 -4.31
N ALA A 320 41.35 -24.48 -5.37
CA ALA A 320 42.46 -25.42 -5.46
C ALA A 320 43.43 -25.25 -4.29
N LYS A 321 44.40 -24.36 -4.47
CA LYS A 321 45.41 -24.11 -3.44
C LYS A 321 44.79 -24.01 -2.05
N GLU A 322 43.49 -23.74 -2.00
CA GLU A 322 42.80 -23.63 -0.72
C GLU A 322 42.58 -25.02 -0.12
N GLY A 323 42.65 -26.04 -0.96
CA GLY A 323 42.47 -27.41 -0.52
C GLY A 323 41.27 -28.18 -1.04
N ILE A 324 40.22 -27.51 -1.54
CA ILE A 324 38.98 -28.20 -1.84
C ILE A 324 38.59 -28.03 -3.31
N ILE A 325 37.58 -28.80 -3.72
CA ILE A 325 37.03 -28.84 -5.06
C ILE A 325 35.99 -27.72 -5.20
N PRO A 326 35.99 -26.98 -6.30
CA PRO A 326 34.99 -25.91 -6.49
C PRO A 326 33.63 -26.43 -6.94
N GLY A 327 32.96 -27.14 -6.04
CA GLY A 327 31.62 -27.64 -6.33
C GLY A 327 31.55 -28.39 -7.64
N ALA A 328 30.58 -28.03 -8.48
CA ALA A 328 30.39 -28.63 -9.79
C ALA A 328 31.08 -27.85 -10.92
N ALA A 329 32.00 -26.93 -10.59
CA ALA A 329 32.81 -26.30 -11.62
C ALA A 329 33.60 -27.31 -12.41
N ASN A 330 34.09 -28.38 -11.76
CA ASN A 330 34.83 -29.39 -12.49
C ASN A 330 33.93 -30.13 -13.47
N LEU A 331 32.63 -30.17 -13.20
CA LEU A 331 31.66 -30.77 -14.11
C LEU A 331 31.35 -29.85 -15.27
N ARG A 332 31.16 -28.56 -15.00
CA ARG A 332 30.54 -27.64 -15.94
C ARG A 332 31.53 -26.79 -16.72
N LEU A 333 32.68 -26.44 -16.14
CA LEU A 333 33.56 -25.43 -16.73
C LEU A 333 34.10 -25.86 -18.10
N GLY A 334 34.50 -27.13 -18.24
CA GLY A 334 35.02 -27.61 -19.51
C GLY A 334 34.10 -27.31 -20.67
N ARG A 335 32.79 -27.36 -20.42
CA ARG A 335 31.79 -27.11 -21.44
C ARG A 335 31.79 -25.65 -21.88
N PHE A 336 32.18 -24.74 -20.98
CA PHE A 336 32.27 -23.30 -21.27
C PHE A 336 33.60 -22.94 -21.92
N ALA A 337 34.71 -23.48 -21.40
CA ALA A 337 36.03 -22.96 -21.73
C ALA A 337 36.98 -24.00 -22.30
N GLY A 338 36.59 -25.26 -22.36
CA GLY A 338 37.46 -26.31 -22.82
C GLY A 338 38.41 -26.77 -21.75
N PRO A 339 39.13 -27.87 -21.99
CA PRO A 339 39.92 -28.48 -20.93
C PRO A 339 41.23 -27.78 -20.62
N ARG A 340 41.79 -26.99 -21.54
CA ARG A 340 43.00 -26.25 -21.21
C ARG A 340 42.69 -25.13 -20.22
N VAL A 341 41.76 -24.26 -20.60
CA VAL A 341 41.42 -23.11 -19.75
C VAL A 341 40.82 -23.56 -18.43
N SER A 342 40.00 -24.63 -18.45
CA SER A 342 39.37 -25.07 -17.21
C SER A 342 40.41 -25.61 -16.22
N ARG A 343 41.47 -26.23 -16.71
CA ARG A 343 42.58 -26.59 -15.82
C ARG A 343 43.40 -25.38 -15.41
N GLN A 344 43.55 -24.39 -16.29
CA GLN A 344 44.26 -23.18 -15.90
C GLN A 344 43.55 -22.50 -14.72
N VAL A 345 42.22 -22.47 -14.76
CA VAL A 345 41.45 -21.81 -13.73
C VAL A 345 41.41 -22.64 -12.45
N ILE A 346 41.13 -23.95 -12.58
CA ILE A 346 40.87 -24.78 -11.41
C ILE A 346 42.16 -25.33 -10.81
N LEU A 347 43.06 -25.88 -11.62
CA LEU A 347 44.28 -26.45 -11.07
C LEU A 347 45.32 -25.40 -10.72
N GLU A 348 45.42 -24.31 -11.48
CA GLU A 348 46.50 -23.37 -11.33
C GLU A 348 46.03 -21.96 -10.98
N GLY A 349 44.75 -21.80 -10.65
CA GLY A 349 44.29 -20.57 -10.06
C GLY A 349 44.27 -19.39 -11.00
N ARG A 350 44.17 -19.63 -12.30
CA ARG A 350 44.10 -18.52 -13.25
C ARG A 350 42.86 -17.66 -12.97
N ARG A 351 43.03 -16.35 -13.10
CA ARG A 351 42.00 -15.37 -12.82
C ARG A 351 41.67 -14.66 -14.13
N ILE A 352 40.39 -14.61 -14.48
CA ILE A 352 39.95 -14.10 -15.76
C ILE A 352 39.30 -12.74 -15.53
N TRP A 353 39.76 -11.74 -16.27
CA TRP A 353 39.26 -10.38 -16.12
C TRP A 353 38.14 -10.13 -17.12
N ALA A 354 37.18 -9.30 -16.70
CA ALA A 354 35.96 -9.10 -17.50
C ALA A 354 36.27 -8.58 -18.89
N LYS A 355 37.36 -7.81 -19.05
CA LYS A 355 37.67 -7.21 -20.34
C LYS A 355 38.62 -8.03 -21.21
N GLU A 356 39.18 -9.15 -20.72
CA GLU A 356 40.00 -9.91 -21.63
C GLU A 356 39.13 -10.80 -22.51
N PRO A 357 39.57 -11.11 -23.73
CA PRO A 357 38.72 -11.87 -24.67
C PRO A 357 38.07 -13.13 -24.10
N GLU A 358 38.81 -13.95 -23.37
CA GLU A 358 38.25 -15.19 -22.85
C GLU A 358 37.18 -14.99 -21.78
N ALA A 359 36.97 -13.77 -21.28
CA ALA A 359 35.81 -13.53 -20.43
C ALA A 359 34.50 -13.85 -21.14
N ARG A 360 34.48 -13.77 -22.47
CA ARG A 360 33.27 -14.06 -23.24
C ARG A 360 32.85 -15.52 -23.12
N LEU A 361 33.73 -16.39 -22.61
CA LEU A 361 33.37 -17.78 -22.38
C LEU A 361 32.44 -17.92 -21.18
N LEU A 362 32.48 -16.96 -20.25
CA LEU A 362 31.68 -16.97 -19.03
C LEU A 362 30.63 -15.88 -18.98
N VAL A 363 30.77 -14.81 -19.75
CA VAL A 363 29.99 -13.59 -19.57
C VAL A 363 29.43 -13.16 -20.92
N ASP A 364 28.16 -12.78 -20.95
CA ASP A 364 27.52 -12.37 -22.20
C ASP A 364 27.74 -10.89 -22.49
N GLU A 365 27.79 -10.05 -21.46
CA GLU A 365 27.92 -8.61 -21.63
C GLU A 365 28.84 -8.05 -20.56
N VAL A 366 29.76 -7.21 -21.00
CA VAL A 366 30.67 -6.50 -20.10
C VAL A 366 30.48 -5.02 -20.39
N VAL A 367 30.00 -4.29 -19.39
CA VAL A 367 29.56 -2.92 -19.60
C VAL A 367 30.18 -2.03 -18.52
N GLU A 368 30.45 -0.79 -18.89
CA GLU A 368 31.01 0.16 -17.95
C GLU A 368 30.04 0.40 -16.79
N PRO A 369 30.55 0.58 -15.57
CA PRO A 369 29.69 0.87 -14.41
C PRO A 369 28.55 1.86 -14.62
N ASP A 370 28.75 2.93 -15.40
CA ASP A 370 27.68 3.90 -15.61
C ASP A 370 26.54 3.40 -16.52
N GLU A 371 26.76 2.36 -17.31
CA GLU A 371 25.70 1.80 -18.16
C GLU A 371 25.18 0.46 -17.65
N LEU A 372 25.67 -0.02 -16.51
CA LEU A 372 25.39 -1.39 -16.08
C LEU A 372 23.93 -1.58 -15.63
N ASP A 373 23.42 -0.69 -14.78
CA ASP A 373 22.04 -0.82 -14.32
C ASP A 373 21.06 -0.92 -15.49
N ALA A 374 21.23 -0.05 -16.50
CA ALA A 374 20.30 -0.03 -17.62
C ALA A 374 20.44 -1.28 -18.49
N ALA A 375 21.65 -1.80 -18.63
CA ALA A 375 21.83 -3.02 -19.41
C ALA A 375 21.24 -4.23 -18.71
N ILE A 376 21.33 -4.26 -17.38
CA ILE A 376 20.65 -5.30 -16.61
C ILE A 376 19.15 -5.27 -16.87
N GLU A 377 18.54 -4.09 -16.76
CA GLU A 377 17.10 -3.97 -16.97
C GLU A 377 16.68 -4.43 -18.36
N ARG A 378 17.42 -4.01 -19.40
CA ARG A 378 17.06 -4.45 -20.75
C ARG A 378 17.11 -5.97 -20.87
N SER A 379 18.10 -6.61 -20.24
CA SER A 379 18.25 -8.04 -20.37
C SER A 379 17.12 -8.80 -19.67
N LEU A 380 16.54 -8.19 -18.64
CA LEU A 380 15.41 -8.81 -17.96
C LEU A 380 14.16 -8.87 -18.83
N THR A 381 14.02 -7.95 -19.79
CA THR A 381 12.87 -7.98 -20.70
C THR A 381 12.98 -9.01 -21.82
N ARG A 382 14.15 -9.57 -22.07
CA ARG A 382 14.35 -10.40 -23.26
C ARG A 382 14.12 -11.90 -23.05
N LEU A 383 13.70 -12.36 -21.88
CA LEU A 383 13.58 -13.79 -21.59
C LEU A 383 12.17 -14.22 -21.16
N ASP A 384 11.13 -13.55 -21.67
CA ASP A 384 9.81 -13.65 -21.05
C ASP A 384 9.00 -14.91 -21.38
N GLY A 385 9.01 -15.40 -22.62
CA GLY A 385 7.94 -16.29 -23.05
C GLY A 385 8.02 -17.74 -22.60
N ASP A 386 7.00 -18.51 -23.03
CA ASP A 386 7.02 -19.97 -22.92
C ASP A 386 8.01 -20.61 -23.88
N ALA A 387 8.36 -19.91 -24.96
CA ALA A 387 9.33 -20.46 -25.90
C ALA A 387 10.72 -20.48 -25.30
N VAL A 388 11.09 -19.42 -24.58
CA VAL A 388 12.33 -19.41 -23.82
C VAL A 388 12.39 -20.56 -22.83
N LEU A 389 11.29 -20.83 -22.11
CA LEU A 389 11.27 -21.94 -21.17
C LEU A 389 11.54 -23.27 -21.86
N ALA A 390 10.83 -23.55 -22.96
CA ALA A 390 11.02 -24.82 -23.63
C ALA A 390 12.44 -24.96 -24.15
N ASN A 391 12.97 -23.88 -24.73
CA ASN A 391 14.32 -23.93 -25.29
C ASN A 391 15.39 -24.06 -24.22
N ARG A 392 15.24 -23.38 -23.07
CA ARG A 392 16.27 -23.50 -22.03
C ARG A 392 16.21 -24.88 -21.40
N ARG A 393 15.03 -25.50 -21.40
CA ARG A 393 14.89 -26.85 -20.88
C ARG A 393 15.59 -27.85 -21.78
N MET A 394 15.41 -27.73 -23.10
CA MET A 394 16.08 -28.63 -24.03
C MET A 394 17.59 -28.40 -24.00
N LEU A 395 18.01 -27.14 -23.88
CA LEU A 395 19.44 -26.82 -23.80
C LEU A 395 20.07 -27.46 -22.56
N ASN A 396 19.44 -27.32 -21.41
CA ASN A 396 20.01 -27.87 -20.18
C ASN A 396 20.03 -29.39 -20.20
N LEU A 397 19.00 -29.99 -20.80
CA LEU A 397 18.97 -31.44 -20.97
C LEU A 397 20.14 -31.90 -21.84
N ALA A 398 20.43 -31.17 -22.91
CA ALA A 398 21.55 -31.52 -23.77
C ALA A 398 22.88 -31.26 -23.09
N ASP A 399 23.02 -30.11 -22.42
CA ASP A 399 24.30 -29.70 -21.87
C ASP A 399 24.74 -30.60 -20.72
N GLU A 400 23.79 -31.00 -19.88
CA GLU A 400 24.09 -31.72 -18.64
C GLU A 400 23.01 -32.78 -18.44
N SER A 401 23.33 -34.04 -18.74
CA SER A 401 22.36 -35.09 -18.61
C SER A 401 22.12 -35.39 -17.12
N PRO A 402 20.95 -35.92 -16.78
CA PRO A 402 20.73 -36.37 -15.40
C PRO A 402 21.76 -37.36 -14.93
N ASP A 403 22.12 -38.35 -15.76
CA ASP A 403 23.18 -39.29 -15.40
C ASP A 403 24.51 -38.57 -15.22
N GLY A 404 24.84 -37.64 -16.11
CA GLY A 404 26.10 -36.91 -15.98
C GLY A 404 26.23 -36.22 -14.64
N PHE A 405 25.19 -35.46 -14.26
CA PHE A 405 25.20 -34.75 -13.00
C PHE A 405 25.19 -35.71 -11.82
N ARG A 406 24.35 -36.74 -11.88
CA ARG A 406 24.26 -37.72 -10.79
C ARG A 406 25.60 -38.42 -10.55
N ALA A 407 26.26 -38.85 -11.63
CA ALA A 407 27.53 -39.55 -11.48
C ALA A 407 28.59 -38.64 -10.88
N TYR A 408 28.61 -37.37 -11.31
CA TYR A 408 29.60 -36.43 -10.78
C TYR A 408 29.38 -36.20 -9.29
N MET A 409 28.15 -35.89 -8.90
CA MET A 409 27.86 -35.59 -7.50
C MET A 409 28.12 -36.79 -6.60
N ALA A 410 27.94 -38.00 -7.13
CA ALA A 410 28.23 -39.22 -6.37
C ALA A 410 29.69 -39.27 -5.95
N GLU A 411 30.61 -39.22 -6.92
CA GLU A 411 32.04 -39.17 -6.60
C GLU A 411 32.38 -37.94 -5.79
N PHE A 412 31.76 -36.80 -6.10
CA PHE A 412 32.07 -35.54 -5.42
C PHE A 412 31.80 -35.66 -3.93
N ALA A 413 30.69 -36.31 -3.57
CA ALA A 413 30.31 -36.48 -2.16
C ALA A 413 31.46 -37.04 -1.34
N LEU A 414 32.20 -38.00 -1.88
CA LEU A 414 33.30 -38.60 -1.13
C LEU A 414 34.63 -37.86 -1.35
N MET A 415 34.94 -37.51 -2.61
CA MET A 415 36.17 -36.78 -2.88
C MET A 415 36.23 -35.49 -2.08
N GLN A 416 35.11 -34.77 -2.00
CA GLN A 416 35.10 -33.51 -1.27
C GLN A 416 35.12 -33.74 0.24
N ALA A 417 34.45 -34.79 0.71
CA ALA A 417 34.55 -35.19 2.11
C ALA A 417 36.00 -35.40 2.52
N LEU A 418 36.78 -36.10 1.69
CA LEU A 418 38.19 -36.32 1.99
C LEU A 418 39.00 -35.03 1.97
N ARG A 419 38.67 -34.12 1.04
CA ARG A 419 39.41 -32.86 1.00
C ARG A 419 39.12 -32.01 2.23
N LEU A 420 37.90 -32.15 2.76
CA LEU A 420 37.51 -31.41 3.96
C LEU A 420 38.39 -31.78 5.16
N TYR A 421 39.00 -32.96 5.15
CA TYR A 421 39.85 -33.43 6.24
C TYR A 421 41.30 -33.70 5.82
N GLY A 422 41.72 -33.22 4.64
CA GLY A 422 43.10 -33.37 4.25
C GLY A 422 44.01 -32.42 5.01
N HIS A 423 45.31 -32.72 5.02
CA HIS A 423 46.23 -31.91 5.82
C HIS A 423 46.37 -30.50 5.25
N ASP A 424 46.07 -30.32 3.97
CA ASP A 424 46.20 -29.04 3.29
C ASP A 424 45.55 -27.91 4.06
N THR B 11 25.11 -74.53 -29.95
CA THR B 11 24.01 -74.44 -29.00
C THR B 11 22.86 -73.68 -29.65
N ASP B 12 23.20 -72.66 -30.42
CA ASP B 12 22.22 -72.02 -31.28
C ASP B 12 22.63 -72.06 -32.75
N GLY B 13 23.66 -72.84 -33.10
CA GLY B 13 24.14 -72.95 -34.45
C GLY B 13 25.32 -72.05 -34.80
N LEU B 14 25.56 -70.99 -34.02
CA LEU B 14 26.52 -69.97 -34.45
C LEU B 14 27.96 -70.46 -34.36
N TRP B 15 28.32 -71.18 -33.30
CA TRP B 15 29.69 -71.67 -33.20
C TRP B 15 29.99 -72.69 -34.29
N ALA B 16 29.02 -73.55 -34.60
CA ALA B 16 29.23 -74.54 -35.64
C ALA B 16 29.36 -73.88 -37.01
N ALA B 17 28.49 -72.91 -37.31
CA ALA B 17 28.55 -72.24 -38.60
C ALA B 17 29.86 -71.48 -38.76
N LEU B 18 30.33 -70.86 -37.68
CA LEU B 18 31.64 -70.21 -37.68
C LEU B 18 32.76 -71.22 -37.93
N THR B 19 32.72 -72.34 -37.21
CA THR B 19 33.71 -73.39 -37.42
C THR B 19 33.74 -73.83 -38.88
N GLU B 20 32.57 -73.91 -39.51
CA GLU B 20 32.50 -74.27 -40.92
C GLU B 20 33.10 -73.18 -41.81
N ALA B 21 32.71 -71.93 -41.56
CA ALA B 21 33.21 -70.82 -42.36
C ALA B 21 34.72 -70.67 -42.26
N ALA B 22 35.27 -70.91 -41.06
CA ALA B 22 36.72 -70.89 -40.91
C ALA B 22 37.37 -72.06 -41.63
N ALA B 23 36.71 -73.22 -41.65
CA ALA B 23 37.23 -74.37 -42.38
C ALA B 23 37.31 -74.11 -43.88
N SER B 24 36.29 -73.50 -44.47
CA SER B 24 36.35 -73.17 -45.89
C SER B 24 37.45 -72.18 -46.19
N VAL B 25 37.73 -71.26 -45.25
CA VAL B 25 38.87 -70.37 -45.41
C VAL B 25 40.16 -71.19 -45.45
N GLU B 26 40.31 -72.13 -44.52
CA GLU B 26 41.56 -72.88 -44.43
C GLU B 26 41.75 -73.78 -45.65
N LYS B 27 40.68 -74.47 -46.09
CA LYS B 27 40.76 -75.23 -47.34
C LYS B 27 41.24 -74.36 -48.49
N LEU B 28 40.61 -73.20 -48.69
CA LEU B 28 41.03 -72.29 -49.76
C LEU B 28 42.45 -71.78 -49.59
N LEU B 29 42.87 -71.45 -48.37
CA LEU B 29 44.25 -70.98 -48.21
C LEU B 29 45.24 -72.11 -48.45
N ALA B 30 44.87 -73.34 -48.13
CA ALA B 30 45.76 -74.48 -48.37
C ALA B 30 45.87 -74.82 -49.86
N THR B 31 44.77 -74.68 -50.62
CA THR B 31 44.77 -75.13 -52.00
C THR B 31 44.99 -74.02 -53.03
N LEU B 32 44.88 -72.77 -52.65
CA LEU B 32 45.03 -71.71 -53.65
C LEU B 32 46.50 -71.31 -53.78
N PRO B 33 46.86 -70.63 -54.86
CA PRO B 33 48.22 -70.08 -54.97
C PRO B 33 48.49 -69.01 -53.93
N GLU B 34 49.78 -68.70 -53.76
CA GLU B 34 50.17 -67.62 -52.88
C GLU B 34 49.55 -66.32 -53.38
N HIS B 35 49.53 -65.32 -52.48
CA HIS B 35 48.72 -64.12 -52.68
C HIS B 35 48.93 -63.44 -54.02
N GLY B 36 50.19 -63.13 -54.34
CA GLY B 36 50.48 -62.43 -55.59
C GLY B 36 50.26 -63.25 -56.85
N ALA B 37 49.98 -64.54 -56.74
CA ALA B 37 49.74 -65.37 -57.92
C ALA B 37 48.29 -65.77 -58.13
N ARG B 38 47.35 -65.29 -57.31
CA ARG B 38 45.96 -65.67 -57.45
C ARG B 38 45.27 -64.94 -58.60
N SER B 39 44.35 -65.64 -59.25
CA SER B 39 43.57 -65.05 -60.35
C SER B 39 42.42 -64.21 -59.80
N SER B 40 41.76 -63.49 -60.70
CA SER B 40 40.60 -62.67 -60.33
C SER B 40 39.52 -63.50 -59.66
N ALA B 41 39.15 -64.63 -60.27
CA ALA B 41 38.14 -65.51 -59.68
C ALA B 41 38.58 -66.03 -58.33
N GLU B 42 39.86 -66.40 -58.21
CA GLU B 42 40.37 -66.90 -56.92
C GLU B 42 40.36 -65.82 -55.84
N ARG B 43 40.70 -64.58 -56.20
CA ARG B 43 40.72 -63.53 -55.19
C ARG B 43 39.32 -63.22 -54.67
N ALA B 44 38.32 -63.25 -55.56
CA ALA B 44 36.94 -63.03 -55.14
C ALA B 44 36.45 -64.15 -54.22
N GLU B 45 36.89 -65.38 -54.46
CA GLU B 45 36.42 -66.50 -53.66
C GLU B 45 36.94 -66.45 -52.23
N ILE B 46 38.24 -66.21 -52.06
CA ILE B 46 38.79 -66.11 -50.70
C ILE B 46 38.23 -64.89 -49.98
N ALA B 47 38.15 -63.75 -50.67
CA ALA B 47 37.52 -62.57 -50.09
C ALA B 47 36.12 -62.88 -49.57
N ALA B 48 35.35 -63.65 -50.35
CA ALA B 48 34.00 -64.03 -49.92
C ALA B 48 34.05 -64.96 -48.71
N ALA B 49 35.02 -65.88 -48.68
CA ALA B 49 35.11 -66.80 -47.55
C ALA B 49 35.49 -66.07 -46.28
N HIS B 50 36.50 -65.20 -46.36
CA HIS B 50 36.85 -64.33 -45.23
C HIS B 50 35.64 -63.54 -44.74
N ASP B 51 34.89 -62.94 -45.65
CA ASP B 51 33.75 -62.12 -45.27
C ASP B 51 32.69 -62.94 -44.54
N ALA B 52 32.44 -64.16 -45.01
CA ALA B 52 31.44 -65.00 -44.35
C ALA B 52 31.90 -65.40 -42.96
N ALA B 53 33.18 -65.72 -42.80
CA ALA B 53 33.70 -66.09 -41.49
C ALA B 53 33.66 -64.92 -40.52
N ARG B 54 34.07 -63.74 -40.99
CA ARG B 54 34.11 -62.57 -40.12
C ARG B 54 32.70 -62.14 -39.72
N ALA B 55 31.75 -62.19 -40.65
CA ALA B 55 30.36 -61.93 -40.30
C ALA B 55 29.86 -62.86 -39.20
N LEU B 56 30.26 -64.12 -39.25
CA LEU B 56 29.87 -65.05 -38.19
C LEU B 56 30.64 -64.84 -36.90
N ARG B 57 31.90 -64.41 -36.97
CA ARG B 57 32.59 -64.00 -35.75
C ARG B 57 31.84 -62.90 -35.02
N VAL B 58 31.30 -61.93 -35.76
CA VAL B 58 30.51 -60.86 -35.17
C VAL B 58 29.22 -61.41 -34.56
N ARG B 59 28.50 -62.25 -35.31
CA ARG B 59 27.21 -62.72 -34.82
C ARG B 59 27.36 -63.66 -33.64
N PHE B 60 28.35 -64.55 -33.69
CA PHE B 60 28.63 -65.40 -32.53
C PHE B 60 28.83 -64.56 -31.27
N LEU B 61 29.66 -63.53 -31.36
CA LEU B 61 30.03 -62.75 -30.18
C LEU B 61 28.94 -61.78 -29.75
N ASP B 62 28.04 -61.38 -30.65
CA ASP B 62 26.93 -60.52 -30.23
C ASP B 62 26.13 -61.18 -29.10
N THR B 63 25.97 -62.51 -29.14
CA THR B 63 25.25 -63.19 -28.07
C THR B 63 26.14 -63.94 -27.09
N HIS B 64 27.34 -64.34 -27.48
CA HIS B 64 28.18 -65.20 -26.65
C HIS B 64 29.42 -64.54 -26.05
N ALA B 65 29.61 -63.23 -26.23
CA ALA B 65 30.86 -62.59 -25.78
C ALA B 65 31.11 -62.78 -24.29
N ASP B 66 30.11 -62.49 -23.46
CA ASP B 66 30.28 -62.65 -22.01
C ASP B 66 30.63 -64.08 -21.64
N ALA B 67 29.99 -65.07 -22.24
CA ALA B 67 30.32 -66.46 -21.93
C ALA B 67 31.75 -66.77 -22.33
N VAL B 68 32.19 -66.26 -23.48
CA VAL B 68 33.57 -66.46 -23.90
C VAL B 68 34.53 -65.81 -22.93
N TYR B 69 34.28 -64.54 -22.60
CA TYR B 69 35.17 -63.83 -21.68
C TYR B 69 35.21 -64.52 -20.32
N ASP B 70 34.06 -65.00 -19.85
CA ASP B 70 34.01 -65.71 -18.58
C ASP B 70 34.87 -66.97 -18.57
N ARG B 71 34.85 -67.76 -19.65
CA ARG B 71 35.76 -68.91 -19.69
C ARG B 71 37.22 -68.48 -19.62
N LEU B 72 37.58 -67.38 -20.28
CA LEU B 72 38.98 -66.98 -20.34
C LEU B 72 39.44 -66.34 -19.03
N THR B 73 38.53 -65.69 -18.30
CA THR B 73 38.91 -64.98 -17.09
C THR B 73 38.33 -65.58 -15.81
N ASP B 74 37.81 -66.80 -15.87
CA ASP B 74 37.24 -67.46 -14.70
C ASP B 74 36.17 -66.57 -14.06
N HIS B 75 35.19 -66.21 -14.89
CA HIS B 75 34.11 -65.29 -14.52
C HIS B 75 34.63 -63.99 -13.92
N ARG B 76 35.51 -63.31 -14.66
CA ARG B 76 35.98 -61.97 -14.30
C ARG B 76 36.69 -61.93 -12.95
N ARG B 77 37.38 -63.00 -12.61
CA ARG B 77 38.19 -63.03 -11.39
C ARG B 77 39.68 -63.07 -11.68
N VAL B 78 40.10 -63.20 -12.93
CA VAL B 78 41.49 -63.10 -13.34
C VAL B 78 41.60 -61.95 -14.34
N HIS B 79 42.43 -60.96 -14.03
CA HIS B 79 42.73 -59.85 -14.93
C HIS B 79 43.76 -60.29 -15.96
N LEU B 80 43.36 -60.37 -17.23
CA LEU B 80 44.29 -60.63 -18.33
C LEU B 80 44.45 -59.38 -19.20
N ARG B 81 45.70 -59.02 -19.48
CA ARG B 81 46.05 -57.99 -20.45
C ARG B 81 45.70 -58.46 -21.88
N LEU B 82 45.78 -57.51 -22.81
CA LEU B 82 45.34 -57.73 -24.19
C LEU B 82 46.06 -58.91 -24.84
N ALA B 83 47.40 -58.91 -24.79
CA ALA B 83 48.17 -59.99 -25.41
C ALA B 83 47.76 -61.34 -24.86
N GLU B 84 47.70 -61.46 -23.53
CA GLU B 84 47.32 -62.74 -22.92
C GLU B 84 45.89 -63.11 -23.25
N LEU B 85 44.99 -62.13 -23.31
CA LEU B 85 43.58 -62.40 -23.61
C LEU B 85 43.38 -63.02 -25.00
N VAL B 86 43.97 -62.40 -26.03
CA VAL B 86 43.74 -62.88 -27.39
C VAL B 86 44.46 -64.20 -27.63
N GLU B 87 45.59 -64.42 -26.96
CA GLU B 87 46.25 -65.71 -27.05
C GLU B 87 45.38 -66.82 -26.46
N ALA B 88 44.90 -66.61 -25.24
CA ALA B 88 44.03 -67.60 -24.60
C ALA B 88 42.75 -67.83 -25.40
N ALA B 89 42.21 -66.77 -26.01
CA ALA B 89 41.01 -66.92 -26.83
C ALA B 89 41.26 -67.81 -28.04
N ALA B 90 42.43 -67.68 -28.67
CA ALA B 90 42.74 -68.50 -29.83
C ALA B 90 42.81 -69.98 -29.46
N THR B 91 43.41 -70.29 -28.32
CA THR B 91 43.54 -71.69 -27.91
C THR B 91 42.20 -72.28 -27.48
N ALA B 92 41.43 -71.52 -26.68
CA ALA B 92 40.14 -72.00 -26.16
C ALA B 92 39.04 -72.02 -27.21
N PHE B 93 39.13 -71.19 -28.24
CA PHE B 93 38.10 -71.10 -29.28
C PHE B 93 38.76 -71.05 -30.65
N PRO B 94 39.26 -72.19 -31.14
CA PRO B 94 39.92 -72.21 -32.44
C PRO B 94 39.03 -71.62 -33.53
N GLY B 95 39.63 -70.79 -34.39
CA GLY B 95 38.93 -70.12 -35.47
C GLY B 95 38.29 -68.79 -35.10
N LEU B 96 38.13 -68.50 -33.81
CA LEU B 96 37.62 -67.19 -33.40
C LEU B 96 38.65 -66.10 -33.64
N VAL B 97 39.88 -66.32 -33.20
CA VAL B 97 40.98 -65.37 -33.41
C VAL B 97 42.24 -66.15 -33.75
N PRO B 98 43.17 -65.53 -34.48
CA PRO B 98 44.35 -66.27 -34.94
C PRO B 98 45.25 -66.74 -33.81
N THR B 99 45.90 -67.87 -34.05
CA THR B 99 46.91 -68.39 -33.13
C THR B 99 48.20 -67.60 -33.24
N GLN B 100 49.06 -67.77 -32.25
CA GLN B 100 50.42 -67.24 -32.36
C GLN B 100 51.10 -67.76 -33.61
N GLN B 101 50.82 -69.01 -33.98
CA GLN B 101 51.37 -69.60 -35.20
C GLN B 101 50.98 -68.76 -36.43
N GLN B 102 49.67 -68.58 -36.63
CA GLN B 102 49.15 -67.85 -37.79
C GLN B 102 49.62 -66.40 -37.83
N LEU B 103 49.70 -65.73 -36.67
CA LEU B 103 50.18 -64.36 -36.65
C LEU B 103 51.65 -64.27 -37.04
N ALA B 104 52.46 -65.24 -36.59
CA ALA B 104 53.84 -65.32 -37.04
C ALA B 104 53.95 -65.33 -38.56
N VAL B 105 53.11 -66.11 -39.23
CA VAL B 105 53.12 -66.15 -40.68
C VAL B 105 52.71 -64.79 -41.26
N GLU B 106 51.64 -64.21 -40.72
CA GLU B 106 51.22 -62.89 -41.18
C GLU B 106 52.35 -61.86 -41.01
N ARG B 107 53.05 -61.89 -39.88
CA ARG B 107 54.07 -60.88 -39.63
C ARG B 107 55.24 -61.00 -40.59
N SER B 108 55.46 -62.19 -41.14
CA SER B 108 56.55 -62.40 -42.08
C SER B 108 56.26 -61.86 -43.47
N LEU B 109 55.03 -61.44 -43.74
CA LEU B 109 54.61 -60.94 -45.05
C LEU B 109 54.55 -59.43 -45.06
N PRO B 110 54.57 -58.81 -46.25
CA PRO B 110 54.21 -57.40 -46.33
C PRO B 110 52.70 -57.24 -46.19
N GLN B 111 52.29 -56.07 -45.69
CA GLN B 111 50.88 -55.81 -45.41
C GLN B 111 49.96 -56.23 -46.55
N ALA B 112 50.37 -55.92 -47.80
CA ALA B 112 49.54 -56.21 -48.97
C ALA B 112 49.25 -57.69 -49.16
N ALA B 113 50.16 -58.57 -48.73
CA ALA B 113 49.98 -60.00 -48.95
C ALA B 113 49.30 -60.69 -47.78
N LYS B 114 49.00 -59.97 -46.71
CA LYS B 114 48.38 -60.57 -45.53
C LYS B 114 46.92 -60.92 -45.79
N GLU B 115 46.49 -61.99 -45.13
CA GLU B 115 45.09 -62.40 -45.19
C GLU B 115 44.20 -61.55 -44.29
N GLY B 116 44.79 -60.85 -43.34
CA GLY B 116 44.05 -59.94 -42.48
C GLY B 116 43.52 -60.56 -41.20
N HIS B 117 44.23 -61.54 -40.64
CA HIS B 117 43.73 -62.23 -39.45
C HIS B 117 43.60 -61.32 -38.25
N GLU B 118 44.42 -60.27 -38.15
CA GLU B 118 44.25 -59.28 -37.09
C GLU B 118 42.83 -58.70 -37.02
N ILE B 119 42.13 -58.64 -38.16
CA ILE B 119 40.75 -58.16 -38.15
C ILE B 119 39.90 -58.99 -37.20
N ASP B 120 40.17 -60.30 -37.13
CA ASP B 120 39.42 -61.15 -36.21
C ASP B 120 39.66 -60.74 -34.76
N GLN B 121 40.86 -60.27 -34.44
CA GLN B 121 41.10 -59.71 -33.11
C GLN B 121 40.34 -58.41 -32.91
N GLY B 122 40.25 -57.58 -33.96
CA GLY B 122 39.39 -56.41 -33.90
C GLY B 122 37.95 -56.75 -33.59
N ILE B 123 37.43 -57.80 -34.23
CA ILE B 123 36.05 -58.21 -33.98
C ILE B 123 35.89 -58.66 -32.54
N PHE B 124 36.89 -59.40 -32.04
CA PHE B 124 36.83 -59.94 -30.68
C PHE B 124 36.87 -58.82 -29.64
N LEU B 125 37.87 -57.94 -29.74
CA LEU B 125 38.01 -56.86 -28.76
C LEU B 125 36.84 -55.89 -28.82
N ARG B 126 36.25 -55.69 -30.00
CA ARG B 126 35.04 -54.86 -30.09
C ARG B 126 33.93 -55.46 -29.25
N ALA B 127 33.70 -56.77 -29.41
CA ALA B 127 32.62 -57.43 -28.70
C ALA B 127 32.88 -57.45 -27.19
N VAL B 128 34.13 -57.67 -26.79
CA VAL B 128 34.46 -57.65 -25.36
C VAL B 128 34.22 -56.27 -24.76
N LEU B 129 34.77 -55.23 -25.39
CA LEU B 129 34.62 -53.87 -24.86
C LEU B 129 33.17 -53.39 -24.89
N ARG B 130 32.36 -53.86 -25.85
CA ARG B 130 30.95 -53.50 -25.85
C ARG B 130 30.19 -54.03 -24.63
N SER B 131 30.63 -55.15 -24.06
CA SER B 131 29.95 -55.72 -22.90
C SER B 131 30.07 -54.80 -21.67
N PRO B 132 28.95 -54.48 -21.00
CA PRO B 132 29.03 -53.72 -19.74
C PRO B 132 29.69 -54.48 -18.60
N LEU B 133 29.89 -55.80 -18.74
CA LEU B 133 30.58 -56.59 -17.73
C LEU B 133 32.04 -56.87 -18.09
N ALA B 134 32.27 -57.36 -19.30
CA ALA B 134 33.63 -57.69 -19.72
C ALA B 134 34.45 -56.44 -20.01
N GLY B 135 33.84 -55.43 -20.63
CA GLY B 135 34.53 -54.24 -21.03
C GLY B 135 35.28 -53.53 -19.92
N PRO B 136 34.57 -53.13 -18.86
CA PRO B 136 35.25 -52.46 -17.75
C PRO B 136 36.31 -53.33 -17.10
N HIS B 137 36.13 -54.65 -17.14
CA HIS B 137 37.06 -55.56 -16.48
C HIS B 137 38.35 -55.65 -17.28
N LEU B 138 38.25 -55.76 -18.61
CA LEU B 138 39.44 -55.69 -19.45
C LEU B 138 40.16 -54.35 -19.30
N LEU B 139 39.42 -53.25 -19.21
CA LEU B 139 40.05 -51.95 -19.08
C LEU B 139 40.77 -51.82 -17.75
N ASP B 140 40.21 -52.40 -16.68
CA ASP B 140 40.92 -52.43 -15.41
C ASP B 140 42.19 -53.25 -15.50
N ALA B 141 42.12 -54.42 -16.16
CA ALA B 141 43.31 -55.25 -16.32
C ALA B 141 44.45 -54.48 -16.97
N MET B 142 44.13 -53.64 -17.96
CA MET B 142 45.16 -52.88 -18.65
C MET B 142 45.66 -51.68 -17.83
N LEU B 143 44.91 -51.25 -16.81
CA LEU B 143 45.41 -50.23 -15.90
C LEU B 143 46.32 -50.78 -14.81
N ARG B 144 46.37 -52.09 -14.62
CA ARG B 144 47.27 -52.65 -13.62
C ARG B 144 48.73 -52.49 -14.06
N PRO B 145 49.66 -52.42 -13.10
CA PRO B 145 51.08 -52.26 -13.45
C PRO B 145 51.58 -53.42 -14.30
N THR B 146 52.47 -53.10 -15.23
CA THR B 146 53.09 -54.13 -16.03
C THR B 146 54.09 -54.92 -15.17
N PRO B 147 54.27 -56.20 -15.44
CA PRO B 147 55.30 -56.97 -14.71
C PRO B 147 56.68 -56.36 -14.82
N ARG B 148 57.05 -55.87 -16.01
CA ARG B 148 58.35 -55.23 -16.17
C ARG B 148 58.55 -54.09 -15.18
N ALA B 149 57.52 -53.28 -14.97
CA ALA B 149 57.65 -52.14 -14.06
C ALA B 149 57.75 -52.56 -12.60
N LEU B 150 56.99 -53.59 -12.20
CA LEU B 150 57.12 -54.13 -10.86
C LEU B 150 58.52 -54.66 -10.63
N GLU B 151 59.10 -55.23 -11.69
CA GLU B 151 60.43 -55.84 -11.65
C GLU B 151 61.52 -54.78 -11.49
N LEU B 152 61.37 -53.64 -12.19
CA LEU B 152 62.32 -52.53 -12.14
C LEU B 152 62.09 -51.56 -10.99
N LEU B 153 60.96 -51.64 -10.29
CA LEU B 153 60.61 -50.60 -9.32
C LEU B 153 61.63 -50.46 -8.19
N PRO B 154 62.08 -51.53 -7.51
CA PRO B 154 63.04 -51.32 -6.41
C PRO B 154 64.32 -50.62 -6.82
N GLU B 155 64.93 -51.01 -7.94
CA GLU B 155 66.15 -50.31 -8.39
C GLU B 155 65.85 -48.87 -8.78
N PHE B 156 64.67 -48.61 -9.33
CA PHE B 156 64.32 -47.22 -9.63
C PHE B 156 64.19 -46.39 -8.37
N VAL B 157 63.56 -46.96 -7.34
CA VAL B 157 63.48 -46.26 -6.06
C VAL B 157 64.87 -45.98 -5.52
N ARG B 158 65.79 -46.95 -5.66
CA ARG B 158 67.14 -46.75 -5.11
C ARG B 158 67.93 -45.72 -5.91
N THR B 159 67.98 -45.86 -7.23
CA THR B 159 68.92 -45.06 -8.02
C THR B 159 68.28 -43.81 -8.58
N GLY B 160 66.96 -43.79 -8.73
CA GLY B 160 66.28 -42.69 -9.38
C GLY B 160 66.48 -42.57 -10.88
N GLU B 161 66.83 -43.66 -11.56
CA GLU B 161 67.27 -43.57 -12.95
C GLU B 161 67.11 -44.91 -13.63
N VAL B 162 66.54 -44.90 -14.83
CA VAL B 162 66.38 -46.10 -15.66
C VAL B 162 66.57 -45.70 -17.10
N GLU B 163 67.38 -46.47 -17.82
CA GLU B 163 67.62 -46.25 -19.24
C GLU B 163 66.94 -47.37 -20.00
N MET B 164 66.07 -47.00 -20.94
CA MET B 164 65.39 -47.94 -21.81
C MET B 164 65.67 -47.54 -23.25
N GLU B 165 65.28 -48.40 -24.19
CA GLU B 165 65.63 -48.16 -25.59
C GLU B 165 65.05 -46.85 -26.09
N ALA B 166 63.77 -46.59 -25.79
CA ALA B 166 63.11 -45.40 -26.30
C ALA B 166 62.81 -44.34 -25.26
N VAL B 167 62.99 -44.61 -23.97
CA VAL B 167 62.66 -43.66 -22.91
C VAL B 167 63.77 -43.64 -21.87
N HIS B 168 64.20 -42.44 -21.47
CA HIS B 168 65.07 -42.26 -20.32
C HIS B 168 64.23 -41.70 -19.17
N LEU B 169 64.25 -42.38 -18.03
CA LEU B 169 63.47 -41.98 -16.87
C LEU B 169 64.38 -41.56 -15.72
N GLU B 170 64.08 -40.41 -15.13
CA GLU B 170 64.84 -39.86 -14.01
C GLU B 170 63.90 -39.24 -12.99
N ARG B 171 64.06 -39.60 -11.73
CA ARG B 171 63.42 -38.88 -10.63
C ARG B 171 64.33 -37.75 -10.15
N ARG B 172 63.77 -36.55 -10.05
CA ARG B 172 64.54 -35.40 -9.62
C ARG B 172 63.59 -34.36 -9.06
N ASP B 173 63.81 -33.95 -7.81
CA ASP B 173 62.93 -32.98 -7.11
C ASP B 173 61.46 -33.39 -7.14
N GLY B 174 61.21 -34.68 -6.91
CA GLY B 174 59.85 -35.19 -6.93
C GLY B 174 59.20 -35.20 -8.29
N VAL B 175 59.97 -35.08 -9.36
CA VAL B 175 59.45 -35.11 -10.72
C VAL B 175 59.96 -36.38 -11.40
N ALA B 176 59.06 -37.10 -12.05
CA ALA B 176 59.44 -38.18 -12.95
C ALA B 176 59.64 -37.56 -14.32
N ARG B 177 60.90 -37.51 -14.76
CA ARG B 177 61.26 -36.89 -16.03
C ARG B 177 61.39 -37.97 -17.10
N LEU B 178 60.38 -38.08 -17.95
CA LEU B 178 60.42 -39.00 -19.08
C LEU B 178 60.94 -38.24 -20.29
N THR B 179 62.07 -38.70 -20.81
CA THR B 179 62.68 -38.13 -22.01
C THR B 179 62.60 -39.18 -23.10
N MET B 180 61.86 -38.87 -24.16
CA MET B 180 61.78 -39.76 -25.31
C MET B 180 63.05 -39.56 -26.12
N CYS B 181 63.82 -40.63 -26.30
CA CYS B 181 65.22 -40.49 -26.69
C CYS B 181 65.58 -41.38 -27.87
N ARG B 182 64.72 -41.45 -28.88
CA ARG B 182 65.06 -42.13 -30.13
C ARG B 182 65.66 -41.08 -31.06
N ASP B 183 66.93 -40.78 -30.81
CA ASP B 183 67.60 -39.67 -31.49
C ASP B 183 67.79 -39.90 -32.98
N ASP B 184 67.74 -41.15 -33.46
CA ASP B 184 67.92 -41.41 -34.88
C ASP B 184 66.66 -41.19 -35.71
N ARG B 185 65.47 -41.22 -35.10
CA ARG B 185 64.25 -41.26 -35.90
C ARG B 185 63.14 -40.34 -35.36
N LEU B 186 63.52 -39.28 -34.65
CA LEU B 186 62.57 -38.26 -34.18
C LEU B 186 61.46 -38.87 -33.32
N ASN B 187 61.83 -39.80 -32.43
CA ASN B 187 60.89 -40.44 -31.51
C ASN B 187 59.68 -41.06 -32.20
N ALA B 188 59.86 -41.55 -33.42
CA ALA B 188 58.83 -42.31 -34.10
C ALA B 188 58.43 -43.52 -33.26
N GLU B 189 57.14 -43.82 -33.24
CA GLU B 189 56.58 -44.82 -32.34
C GLU B 189 56.60 -46.22 -32.94
N ASP B 190 56.91 -47.22 -32.11
CA ASP B 190 56.84 -48.61 -32.48
C ASP B 190 56.44 -49.41 -31.25
N GLY B 191 56.41 -50.74 -31.39
CA GLY B 191 56.00 -51.58 -30.27
C GLY B 191 56.91 -51.46 -29.07
N GLN B 192 58.20 -51.20 -29.29
CA GLN B 192 59.13 -51.06 -28.19
C GLN B 192 58.90 -49.76 -27.43
N GLN B 193 58.60 -48.67 -28.15
CA GLN B 193 58.35 -47.40 -27.49
C GLN B 193 57.12 -47.47 -26.59
N VAL B 194 56.08 -48.19 -27.03
CA VAL B 194 54.91 -48.37 -26.19
C VAL B 194 55.26 -49.12 -24.91
N ASP B 195 56.07 -50.17 -25.03
CA ASP B 195 56.48 -50.94 -23.85
C ASP B 195 57.31 -50.07 -22.91
N ASP B 196 58.23 -49.28 -23.45
CA ASP B 196 59.04 -48.40 -22.60
C ASP B 196 58.20 -47.31 -21.96
N MET B 197 57.29 -46.71 -22.73
CA MET B 197 56.44 -45.65 -22.18
C MET B 197 55.55 -46.17 -21.06
N GLU B 198 54.89 -47.32 -21.28
CA GLU B 198 54.03 -47.86 -20.23
C GLU B 198 54.84 -48.21 -18.99
N THR B 199 56.03 -48.77 -19.19
CA THR B 199 56.89 -49.12 -18.07
C THR B 199 57.28 -47.87 -17.29
N ALA B 200 57.67 -46.81 -18.01
CA ALA B 200 58.08 -45.58 -17.34
C ALA B 200 56.90 -44.91 -16.64
N VAL B 201 55.73 -44.92 -17.27
CA VAL B 201 54.54 -44.33 -16.64
C VAL B 201 54.18 -45.11 -15.38
N ASP B 202 54.28 -46.44 -15.44
CA ASP B 202 54.02 -47.25 -14.25
C ASP B 202 54.98 -46.90 -13.12
N LEU B 203 56.27 -46.75 -13.42
CA LEU B 203 57.24 -46.46 -12.37
C LEU B 203 56.99 -45.08 -11.78
N ALA B 204 56.63 -44.11 -12.62
CA ALA B 204 56.36 -42.76 -12.13
C ALA B 204 55.20 -42.77 -11.15
N LEU B 205 54.16 -43.56 -11.44
CA LEU B 205 52.97 -43.58 -10.60
C LEU B 205 53.19 -44.38 -9.31
N LEU B 206 53.97 -45.46 -9.38
CA LEU B 206 54.20 -46.29 -8.20
C LEU B 206 55.30 -45.77 -7.28
N ASP B 207 56.20 -44.93 -7.78
CA ASP B 207 57.30 -44.40 -6.97
C ASP B 207 56.76 -43.35 -6.00
N PRO B 208 56.81 -43.59 -4.69
CA PRO B 208 56.25 -42.60 -3.75
C PRO B 208 57.02 -41.30 -3.69
N GLY B 209 58.24 -41.26 -4.20
CA GLY B 209 58.99 -40.01 -4.25
C GLY B 209 58.71 -39.19 -5.50
N VAL B 210 57.75 -39.62 -6.30
CA VAL B 210 57.35 -38.89 -7.51
C VAL B 210 56.00 -38.24 -7.24
N ARG B 211 55.94 -36.94 -7.44
CA ARG B 211 54.72 -36.17 -7.25
C ARG B 211 54.11 -35.70 -8.56
N VAL B 212 54.94 -35.41 -9.56
CA VAL B 212 54.51 -34.91 -10.87
C VAL B 212 55.33 -35.60 -11.94
N GLY B 213 54.71 -35.84 -13.10
CA GLY B 213 55.42 -36.37 -14.24
C GLY B 213 55.67 -35.32 -15.30
N LEU B 214 56.71 -35.55 -16.09
CA LEU B 214 57.11 -34.65 -17.16
C LEU B 214 57.45 -35.50 -18.39
N LEU B 215 56.85 -35.16 -19.53
CA LEU B 215 57.18 -35.83 -20.78
C LEU B 215 57.79 -34.81 -21.73
N ARG B 216 58.95 -35.13 -22.28
CA ARG B 216 59.67 -34.25 -23.18
C ARG B 216 60.51 -35.09 -24.13
N GLY B 217 60.75 -34.54 -25.32
CA GLY B 217 61.65 -35.19 -26.26
C GLY B 217 63.10 -34.77 -26.03
N GLY B 218 64.00 -35.72 -26.24
CA GLY B 218 65.41 -35.49 -26.04
C GLY B 218 66.10 -34.89 -27.25
N VAL B 219 67.38 -34.56 -27.07
CA VAL B 219 68.20 -34.06 -28.17
C VAL B 219 68.29 -35.13 -29.26
N MET B 220 68.12 -34.70 -30.50
CA MET B 220 68.22 -35.58 -31.67
C MET B 220 69.64 -35.63 -32.22
N SER B 221 69.95 -36.73 -32.88
CA SER B 221 71.26 -36.93 -33.51
C SER B 221 71.23 -36.96 -35.03
N HIS B 222 70.10 -37.35 -35.62
CA HIS B 222 69.92 -37.29 -37.07
C HIS B 222 70.35 -35.92 -37.60
N PRO B 223 71.06 -35.86 -38.73
CA PRO B 223 71.72 -34.62 -39.16
C PRO B 223 70.78 -33.44 -39.39
N ARG B 224 69.55 -33.68 -39.84
CA ARG B 224 68.61 -32.57 -40.02
C ARG B 224 68.22 -31.90 -38.71
N TYR B 225 68.41 -32.58 -37.58
CA TYR B 225 68.01 -32.04 -36.29
C TYR B 225 69.10 -32.14 -35.23
N ARG B 226 70.36 -32.21 -35.62
CA ARG B 226 71.41 -32.45 -34.63
C ARG B 226 71.48 -31.30 -33.64
N GLY B 227 71.46 -31.64 -32.35
CA GLY B 227 71.47 -30.67 -31.27
C GLY B 227 70.11 -30.15 -30.87
N LYS B 228 69.06 -30.51 -31.60
CA LYS B 228 67.72 -29.98 -31.40
C LYS B 228 66.83 -31.04 -30.75
N ARG B 229 66.00 -30.62 -29.78
CA ARG B 229 65.00 -31.51 -29.22
C ARG B 229 63.80 -31.63 -30.15
N VAL B 230 63.22 -32.83 -30.21
CA VAL B 230 62.00 -33.08 -30.97
C VAL B 230 61.09 -33.98 -30.14
N PHE B 231 59.81 -33.59 -30.04
CA PHE B 231 58.85 -34.31 -29.21
C PHE B 231 58.46 -35.64 -29.85
N SER B 232 57.80 -35.62 -31.00
CA SER B 232 57.39 -36.87 -31.64
C SER B 232 56.99 -36.64 -33.08
N ALA B 233 57.48 -37.51 -33.97
CA ALA B 233 57.06 -37.57 -35.37
C ALA B 233 55.99 -38.62 -35.62
N GLY B 234 55.38 -39.18 -34.59
CA GLY B 234 54.28 -40.11 -34.76
C GLY B 234 54.70 -41.52 -35.16
N ILE B 235 53.70 -42.27 -35.62
CA ILE B 235 53.88 -43.69 -35.90
C ILE B 235 54.99 -43.92 -36.93
N ASN B 236 55.73 -45.02 -36.74
CA ASN B 236 56.79 -45.43 -37.65
C ASN B 236 56.16 -45.88 -38.97
N LEU B 237 56.23 -45.01 -39.99
CA LEU B 237 55.58 -45.31 -41.26
C LEU B 237 56.28 -46.43 -42.02
N LYS B 238 57.58 -46.61 -41.77
CA LYS B 238 58.33 -47.68 -42.40
C LYS B 238 57.84 -49.03 -41.87
N TYR B 239 57.67 -49.12 -40.54
CA TYR B 239 57.19 -50.34 -39.91
C TYR B 239 55.74 -50.63 -40.28
N LEU B 240 54.93 -49.57 -40.41
CA LEU B 240 53.53 -49.72 -40.84
C LEU B 240 53.45 -50.40 -42.20
N SER B 241 54.22 -49.90 -43.17
CA SER B 241 54.24 -50.47 -44.51
C SER B 241 54.72 -51.92 -44.52
N GLN B 242 55.76 -52.22 -43.73
CA GLN B 242 56.33 -53.56 -43.64
C GLN B 242 55.48 -54.56 -42.87
N GLY B 243 54.42 -54.12 -42.21
CA GLY B 243 53.61 -55.01 -41.38
C GLY B 243 54.11 -55.19 -39.96
N GLY B 244 54.95 -54.28 -39.46
CA GLY B 244 55.42 -54.29 -38.09
C GLY B 244 54.59 -53.54 -37.07
N ILE B 245 53.45 -52.98 -37.43
CA ILE B 245 52.58 -52.28 -36.48
C ILE B 245 51.46 -53.24 -36.08
N SER B 246 51.48 -53.66 -34.82
CA SER B 246 50.54 -54.63 -34.29
C SER B 246 49.26 -53.95 -33.84
N LEU B 247 48.11 -54.45 -34.29
CA LEU B 247 46.84 -53.95 -33.80
C LEU B 247 46.76 -54.05 -32.28
N VAL B 248 47.10 -55.22 -31.73
CA VAL B 248 46.92 -55.46 -30.30
C VAL B 248 48.10 -54.89 -29.50
N ASP B 249 49.33 -55.26 -29.88
CA ASP B 249 50.48 -54.89 -29.08
C ASP B 249 50.94 -53.45 -29.27
N PHE B 250 50.47 -52.75 -30.29
CA PHE B 250 50.79 -51.34 -30.45
C PHE B 250 49.54 -50.46 -30.36
N LEU B 251 48.61 -50.56 -31.31
CA LEU B 251 47.54 -49.58 -31.43
C LEU B 251 46.57 -49.64 -30.26
N MET B 252 46.22 -50.85 -29.80
CA MET B 252 45.31 -50.95 -28.69
C MET B 252 46.04 -50.82 -27.37
N ARG B 253 47.22 -51.43 -27.28
CA ARG B 253 48.01 -51.39 -26.05
C ARG B 253 48.26 -49.97 -25.56
N ARG B 254 48.68 -49.08 -26.47
CA ARG B 254 48.99 -47.71 -26.06
C ARG B 254 47.75 -46.97 -25.56
N GLU B 255 46.59 -47.21 -26.18
CA GLU B 255 45.39 -46.48 -25.76
C GLU B 255 44.87 -46.98 -24.43
N LEU B 256 44.87 -48.29 -24.20
CA LEU B 256 44.33 -48.86 -22.97
C LEU B 256 45.38 -48.95 -21.88
N GLY B 257 46.66 -48.91 -22.23
CA GLY B 257 47.72 -48.94 -21.25
C GLY B 257 48.18 -47.57 -20.80
N TYR B 258 49.31 -47.11 -21.31
CA TYR B 258 49.94 -45.93 -20.71
C TYR B 258 49.13 -44.67 -20.93
N ILE B 259 48.47 -44.53 -22.08
CA ILE B 259 47.71 -43.30 -22.32
C ILE B 259 46.51 -43.24 -21.38
N HIS B 260 45.86 -44.38 -21.14
CA HIS B 260 44.74 -44.40 -20.21
C HIS B 260 45.23 -44.24 -18.78
N LYS B 261 46.45 -44.71 -18.49
CA LYS B 261 47.04 -44.55 -17.16
C LYS B 261 47.36 -43.09 -16.87
N LEU B 262 47.73 -42.32 -17.89
CA LEU B 262 47.93 -40.89 -17.69
C LEU B 262 46.64 -40.24 -17.22
N VAL B 263 45.50 -40.70 -17.75
CA VAL B 263 44.21 -40.15 -17.36
C VAL B 263 43.80 -40.66 -15.99
N ARG B 264 43.79 -41.98 -15.81
CA ARG B 264 43.12 -42.56 -14.65
C ARG B 264 44.06 -43.21 -13.64
N GLY B 265 45.37 -43.26 -13.91
CA GLY B 265 46.31 -43.85 -12.96
C GLY B 265 46.43 -45.34 -13.12
N VAL B 266 47.25 -45.94 -12.24
CA VAL B 266 47.38 -47.39 -12.20
C VAL B 266 46.50 -47.97 -11.11
N LEU B 267 45.80 -49.05 -11.46
CA LEU B 267 44.99 -49.80 -10.51
C LEU B 267 45.89 -50.75 -9.73
N THR B 268 45.89 -50.61 -8.40
CA THR B 268 46.71 -51.47 -7.56
C THR B 268 45.85 -52.52 -6.87
N ASN B 269 46.53 -53.42 -6.17
CA ASN B 269 45.87 -54.31 -5.24
C ASN B 269 45.49 -53.54 -3.98
N ASP B 270 44.58 -54.13 -3.21
CA ASP B 270 44.17 -53.60 -1.91
C ASP B 270 45.37 -53.71 -0.96
N ASP B 271 46.32 -52.77 -1.10
CA ASP B 271 47.64 -52.81 -0.47
C ASP B 271 47.89 -51.70 0.52
N ARG B 272 47.08 -50.67 0.52
CA ARG B 272 47.47 -49.41 1.11
C ARG B 272 46.26 -48.80 1.81
N PRO B 273 46.47 -47.92 2.77
CA PRO B 273 45.34 -47.17 3.32
C PRO B 273 44.71 -46.30 2.24
N GLY B 274 43.41 -46.12 2.34
CA GLY B 274 42.70 -45.29 1.38
C GLY B 274 42.37 -45.97 0.06
N TRP B 275 42.72 -47.25 -0.12
CA TRP B 275 42.37 -47.94 -1.36
C TRP B 275 40.87 -47.95 -1.58
N TRP B 276 40.10 -48.02 -0.49
CA TRP B 276 38.64 -48.00 -0.60
C TRP B 276 38.11 -46.75 -1.29
N HIS B 277 38.83 -45.63 -1.21
CA HIS B 277 38.41 -44.45 -1.95
C HIS B 277 39.26 -44.17 -3.19
N SER B 278 40.49 -44.64 -3.24
CA SER B 278 41.39 -44.39 -4.37
C SER B 278 42.07 -45.70 -4.76
N PRO B 279 41.36 -46.59 -5.44
CA PRO B 279 42.00 -47.84 -5.90
C PRO B 279 43.10 -47.62 -6.92
N ARG B 280 43.15 -46.45 -7.56
CA ARG B 280 44.15 -46.14 -8.56
C ARG B 280 45.02 -45.00 -8.08
N ILE B 281 46.31 -45.08 -8.40
CA ILE B 281 47.26 -44.00 -8.12
C ILE B 281 47.41 -43.19 -9.40
N GLU B 282 46.90 -41.96 -9.38
CA GLU B 282 47.02 -41.01 -10.46
C GLU B 282 47.90 -39.84 -10.00
N LYS B 283 48.59 -39.22 -10.93
CA LYS B 283 49.43 -38.06 -10.67
C LYS B 283 49.30 -37.08 -11.84
N PRO B 284 49.61 -35.79 -11.60
CA PRO B 284 49.55 -34.82 -12.70
C PRO B 284 50.72 -34.94 -13.66
N TRP B 285 50.47 -34.58 -14.92
CA TRP B 285 51.48 -34.70 -15.96
C TRP B 285 51.65 -33.39 -16.71
N VAL B 286 52.91 -33.04 -16.98
CA VAL B 286 53.28 -31.90 -17.79
C VAL B 286 53.95 -32.42 -19.06
N ALA B 287 53.60 -31.82 -20.20
CA ALA B 287 54.23 -32.11 -21.47
C ALA B 287 54.88 -30.86 -22.01
N ALA B 288 56.09 -31.01 -22.55
CA ALA B 288 56.83 -29.91 -23.17
C ALA B 288 57.16 -30.32 -24.60
N VAL B 289 56.71 -29.53 -25.56
CA VAL B 289 56.81 -29.88 -26.97
C VAL B 289 57.91 -29.04 -27.61
N ASP B 290 58.96 -29.70 -28.09
CA ASP B 290 60.00 -29.08 -28.89
C ASP B 290 59.84 -29.53 -30.34
N GLY B 291 60.05 -28.61 -31.28
CA GLY B 291 59.98 -28.98 -32.67
C GLY B 291 58.57 -29.18 -33.20
N PHE B 292 57.95 -30.31 -32.87
CA PHE B 292 56.59 -30.60 -33.31
C PHE B 292 56.07 -31.82 -32.56
N ALA B 293 54.75 -31.95 -32.54
CA ALA B 293 54.05 -33.15 -32.10
C ALA B 293 53.17 -33.59 -33.26
N ILE B 294 53.51 -34.72 -33.87
CA ILE B 294 52.82 -35.22 -35.05
C ILE B 294 52.19 -36.58 -34.73
N GLY B 295 50.95 -36.77 -35.17
CA GLY B 295 50.32 -38.08 -35.07
C GLY B 295 50.14 -38.52 -33.63
N GLY B 296 50.68 -39.70 -33.31
CA GLY B 296 50.57 -40.23 -31.96
C GLY B 296 51.12 -39.27 -30.91
N GLY B 297 52.16 -38.52 -31.27
CA GLY B 297 52.68 -37.52 -30.35
C GLY B 297 51.66 -36.44 -30.01
N ALA B 298 50.98 -35.92 -31.03
CA ALA B 298 49.95 -34.91 -30.79
C ALA B 298 48.78 -35.50 -30.01
N GLN B 299 48.45 -36.76 -30.27
CA GLN B 299 47.40 -37.43 -29.51
C GLN B 299 47.67 -37.38 -28.01
N LEU B 300 48.95 -37.49 -27.61
CA LEU B 300 49.28 -37.50 -26.19
C LEU B 300 48.94 -36.19 -25.50
N LEU B 301 49.06 -35.07 -26.21
CA LEU B 301 48.80 -33.77 -25.59
C LEU B 301 47.38 -33.65 -25.06
N LEU B 302 46.47 -34.50 -25.52
CA LEU B 302 45.06 -34.41 -25.13
C LEU B 302 44.75 -35.00 -23.76
N VAL B 303 45.76 -35.47 -23.00
CA VAL B 303 45.48 -36.11 -21.72
C VAL B 303 46.36 -35.52 -20.62
N PHE B 304 47.14 -34.51 -20.97
CA PHE B 304 48.04 -33.89 -20.01
C PHE B 304 47.35 -32.77 -19.25
N ASP B 305 47.87 -32.50 -18.06
CA ASP B 305 47.34 -31.46 -17.18
C ASP B 305 47.90 -30.08 -17.52
N ARG B 306 49.09 -30.02 -18.09
CA ARG B 306 49.67 -28.76 -18.53
C ARG B 306 50.48 -29.07 -19.77
N VAL B 307 50.44 -28.18 -20.75
CA VAL B 307 51.17 -28.38 -21.99
C VAL B 307 51.94 -27.09 -22.29
N LEU B 308 53.24 -27.24 -22.52
CA LEU B 308 54.10 -26.12 -22.92
C LEU B 308 54.67 -26.44 -24.29
N ALA B 309 54.96 -25.39 -25.07
CA ALA B 309 55.48 -25.60 -26.41
C ALA B 309 56.45 -24.50 -26.79
N SER B 310 57.44 -24.85 -27.60
CA SER B 310 58.34 -23.86 -28.16
C SER B 310 57.60 -22.99 -29.17
N SER B 311 58.01 -21.72 -29.26
CA SER B 311 57.42 -20.81 -30.26
C SER B 311 57.41 -21.38 -31.67
N ASP B 312 58.36 -22.24 -32.01
CA ASP B 312 58.51 -22.73 -33.37
C ASP B 312 57.85 -24.07 -33.62
N ALA B 313 57.12 -24.61 -32.64
CA ALA B 313 56.55 -25.94 -32.77
C ALA B 313 55.22 -25.90 -33.53
N TYR B 314 54.81 -27.07 -34.03
CA TYR B 314 53.48 -27.23 -34.63
C TYR B 314 52.91 -28.58 -34.23
N PHE B 315 51.60 -28.73 -34.44
CA PHE B 315 50.85 -29.92 -34.06
C PHE B 315 50.00 -30.35 -35.24
N SER B 316 50.04 -31.63 -35.57
CA SER B 316 49.24 -32.13 -36.67
C SER B 316 48.87 -33.59 -36.48
N LEU B 317 47.80 -33.98 -37.15
CA LEU B 317 47.34 -35.37 -37.18
C LEU B 317 47.21 -35.71 -38.65
N PRO B 318 48.32 -36.05 -39.30
CA PRO B 318 48.31 -36.41 -40.71
C PRO B 318 47.90 -37.86 -40.93
N CYS B 319 47.60 -38.55 -39.84
CA CYS B 319 47.18 -39.95 -39.89
C CYS B 319 46.16 -40.20 -40.98
N ALA B 320 45.05 -39.47 -40.94
CA ALA B 320 43.99 -39.62 -41.93
C ALA B 320 44.59 -39.64 -43.33
N LYS B 321 45.54 -38.75 -43.58
CA LYS B 321 46.19 -38.69 -44.88
C LYS B 321 46.99 -39.97 -45.13
N GLU B 322 47.30 -40.67 -44.05
CA GLU B 322 48.06 -41.91 -44.14
C GLU B 322 47.11 -43.08 -44.37
N GLY B 323 45.86 -42.93 -43.91
CA GLY B 323 44.86 -43.97 -44.07
C GLY B 323 44.40 -44.61 -42.78
N ILE B 324 44.81 -44.05 -41.65
CA ILE B 324 44.42 -44.59 -40.36
C ILE B 324 43.83 -43.56 -39.42
N ILE B 325 43.21 -44.04 -38.34
CA ILE B 325 42.58 -43.21 -37.33
C ILE B 325 43.61 -42.77 -36.29
N PRO B 326 43.61 -41.49 -35.88
CA PRO B 326 44.59 -41.04 -34.87
C PRO B 326 44.19 -41.42 -33.44
N GLY B 327 44.23 -42.71 -33.15
CA GLY B 327 43.95 -43.18 -31.80
C GLY B 327 42.64 -42.63 -31.26
N ALA B 328 42.70 -42.09 -30.04
CA ALA B 328 41.55 -41.50 -29.38
C ALA B 328 41.44 -40.00 -29.61
N ALA B 329 42.18 -39.44 -30.58
CA ALA B 329 42.00 -38.05 -30.96
C ALA B 329 40.57 -37.78 -31.43
N ASN B 330 39.96 -38.74 -32.12
CA ASN B 330 38.58 -38.56 -32.57
C ASN B 330 37.63 -38.50 -31.39
N LEU B 331 38.01 -39.12 -30.27
CA LEU B 331 37.23 -39.05 -29.04
C LEU B 331 37.41 -37.73 -28.33
N ARG B 332 38.66 -37.25 -28.23
CA ARG B 332 39.03 -36.19 -27.31
C ARG B 332 39.10 -34.80 -27.94
N LEU B 333 39.47 -34.71 -29.23
CA LEU B 333 39.81 -33.41 -29.81
C LEU B 333 38.63 -32.44 -29.84
N GLY B 334 37.44 -32.92 -30.17
CA GLY B 334 36.27 -32.04 -30.21
C GLY B 334 36.08 -31.27 -28.91
N ARG B 335 36.42 -31.91 -27.79
CA ARG B 335 36.25 -31.31 -26.47
C ARG B 335 37.20 -30.12 -26.27
N PHE B 336 38.35 -30.15 -26.94
CA PHE B 336 39.37 -29.09 -26.93
C PHE B 336 39.08 -27.99 -27.94
N ALA B 337 38.68 -28.35 -29.16
CA ALA B 337 38.65 -27.42 -30.28
C ALA B 337 37.30 -27.29 -30.96
N GLY B 338 36.30 -28.06 -30.57
CA GLY B 338 35.01 -28.05 -31.22
C GLY B 338 35.01 -28.86 -32.50
N PRO B 339 33.83 -29.08 -33.07
CA PRO B 339 33.74 -30.03 -34.19
C PRO B 339 34.23 -29.47 -35.52
N ARG B 340 34.28 -28.15 -35.70
CA ARG B 340 34.83 -27.61 -36.94
C ARG B 340 36.33 -27.83 -37.01
N VAL B 341 37.04 -27.31 -36.01
CA VAL B 341 38.50 -27.41 -36.00
C VAL B 341 38.95 -28.87 -35.92
N SER B 342 38.23 -29.71 -35.15
CA SER B 342 38.66 -31.09 -35.02
C SER B 342 38.55 -31.84 -36.34
N ARG B 343 37.55 -31.51 -37.17
CA ARG B 343 37.50 -32.06 -38.51
C ARG B 343 38.54 -31.44 -39.44
N GLN B 344 38.85 -30.15 -39.26
CA GLN B 344 39.90 -29.55 -40.06
C GLN B 344 41.23 -30.27 -39.82
N VAL B 345 41.51 -30.62 -38.57
CA VAL B 345 42.78 -31.26 -38.22
C VAL B 345 42.77 -32.72 -38.65
N ILE B 346 41.69 -33.44 -38.34
CA ILE B 346 41.69 -34.88 -38.53
C ILE B 346 41.31 -35.25 -39.95
N LEU B 347 40.21 -34.68 -40.48
CA LEU B 347 39.78 -35.05 -41.82
C LEU B 347 40.61 -34.40 -42.93
N GLU B 348 41.08 -33.18 -42.72
CA GLU B 348 41.72 -32.43 -43.80
C GLU B 348 43.16 -32.06 -43.48
N GLY B 349 43.72 -32.60 -42.40
CA GLY B 349 45.15 -32.50 -42.18
C GLY B 349 45.63 -31.12 -41.81
N ARG B 350 44.76 -30.29 -41.24
CA ARG B 350 45.20 -28.96 -40.83
C ARG B 350 46.29 -29.06 -39.77
N ARG B 351 47.27 -28.16 -39.87
CA ARG B 351 48.43 -28.13 -38.99
C ARG B 351 48.38 -26.83 -38.20
N ILE B 352 48.49 -26.94 -36.89
CA ILE B 352 48.33 -25.81 -35.99
C ILE B 352 49.69 -25.41 -35.45
N TRP B 353 50.03 -24.14 -35.61
CA TRP B 353 51.32 -23.62 -35.18
C TRP B 353 51.21 -23.03 -33.78
N ALA B 354 52.30 -23.17 -33.01
CA ALA B 354 52.28 -22.79 -31.60
C ALA B 354 51.92 -21.32 -31.41
N LYS B 355 52.25 -20.46 -32.36
CA LYS B 355 52.00 -19.03 -32.19
C LYS B 355 50.68 -18.55 -32.77
N GLU B 356 49.92 -19.40 -33.47
CA GLU B 356 48.65 -18.88 -33.92
C GLU B 356 47.62 -18.97 -32.79
N PRO B 357 46.61 -18.09 -32.80
CA PRO B 357 45.65 -18.05 -31.68
C PRO B 357 45.06 -19.40 -31.28
N GLU B 358 44.64 -20.22 -32.23
CA GLU B 358 44.00 -21.50 -31.89
C GLU B 358 44.95 -22.52 -31.27
N ALA B 359 46.26 -22.26 -31.24
CA ALA B 359 47.16 -23.11 -30.47
C ALA B 359 46.78 -23.14 -29.00
N ARG B 360 46.14 -22.09 -28.50
CA ARG B 360 45.75 -22.05 -27.09
C ARG B 360 44.68 -23.08 -26.76
N LEU B 361 44.06 -23.68 -27.77
CA LEU B 361 43.13 -24.77 -27.53
C LEU B 361 43.85 -26.04 -27.11
N LEU B 362 45.12 -26.18 -27.49
CA LEU B 362 45.92 -27.37 -27.19
C LEU B 362 47.07 -27.11 -26.23
N VAL B 363 47.52 -25.87 -26.08
CA VAL B 363 48.76 -25.56 -25.39
C VAL B 363 48.49 -24.45 -24.39
N ASP B 364 49.03 -24.59 -23.17
CA ASP B 364 48.83 -23.60 -22.13
C ASP B 364 49.84 -22.48 -22.20
N GLU B 365 51.06 -22.78 -22.62
CA GLU B 365 52.14 -21.79 -22.65
C GLU B 365 52.98 -21.99 -23.90
N VAL B 366 53.29 -20.90 -24.57
CA VAL B 366 54.15 -20.91 -25.74
C VAL B 366 55.31 -19.96 -25.43
N VAL B 367 56.52 -20.49 -25.44
CA VAL B 367 57.68 -19.80 -24.90
C VAL B 367 58.78 -19.78 -25.93
N GLU B 368 59.55 -18.68 -25.95
CA GLU B 368 60.70 -18.63 -26.82
C GLU B 368 61.73 -19.66 -26.35
N PRO B 369 62.42 -20.34 -27.27
CA PRO B 369 63.43 -21.33 -26.89
C PRO B 369 64.36 -20.97 -25.72
N ASP B 370 64.78 -19.71 -25.61
CA ASP B 370 65.67 -19.33 -24.52
C ASP B 370 65.02 -19.29 -23.14
N GLU B 371 63.69 -19.25 -23.07
CA GLU B 371 63.01 -19.22 -21.78
C GLU B 371 62.30 -20.53 -21.45
N LEU B 372 62.39 -21.52 -22.35
CA LEU B 372 61.54 -22.70 -22.25
C LEU B 372 61.91 -23.59 -21.06
N ASP B 373 63.21 -23.88 -20.89
CA ASP B 373 63.62 -24.71 -19.76
C ASP B 373 63.11 -24.17 -18.43
N ALA B 374 63.24 -22.85 -18.23
CA ALA B 374 62.85 -22.27 -16.95
C ALA B 374 61.34 -22.29 -16.77
N ALA B 375 60.59 -22.10 -17.85
CA ALA B 375 59.14 -22.13 -17.74
C ALA B 375 58.63 -23.55 -17.46
N ILE B 376 59.31 -24.56 -18.01
CA ILE B 376 59.00 -25.94 -17.67
C ILE B 376 59.19 -26.17 -16.17
N GLU B 377 60.34 -25.76 -15.63
CA GLU B 377 60.62 -25.95 -14.21
C GLU B 377 59.58 -25.26 -13.35
N ARG B 378 59.21 -24.02 -13.68
CA ARG B 378 58.18 -23.32 -12.92
C ARG B 378 56.86 -24.09 -12.92
N SER B 379 56.48 -24.66 -14.05
CA SER B 379 55.19 -25.35 -14.13
C SER B 379 55.19 -26.64 -13.31
N LEU B 380 56.36 -27.25 -13.13
CA LEU B 380 56.43 -28.46 -12.33
C LEU B 380 56.19 -28.21 -10.84
N THR B 381 56.47 -26.99 -10.35
CA THR B 381 56.20 -26.69 -8.95
C THR B 381 54.73 -26.40 -8.65
N ARG B 382 53.91 -26.15 -9.67
CA ARG B 382 52.56 -25.65 -9.45
C ARG B 382 51.48 -26.73 -9.33
N LEU B 383 51.82 -28.02 -9.36
CA LEU B 383 50.81 -29.09 -9.37
C LEU B 383 50.95 -30.08 -8.22
N ASP B 384 51.46 -29.63 -7.06
CA ASP B 384 51.96 -30.54 -6.03
C ASP B 384 50.90 -31.25 -5.18
N GLY B 385 49.83 -30.58 -4.74
CA GLY B 385 49.10 -31.08 -3.60
C GLY B 385 48.13 -32.24 -3.85
N ASP B 386 47.48 -32.66 -2.75
CA ASP B 386 46.33 -33.57 -2.83
C ASP B 386 45.11 -32.90 -3.40
N ALA B 387 45.04 -31.57 -3.33
CA ALA B 387 43.90 -30.84 -3.88
C ALA B 387 43.92 -30.89 -5.40
N VAL B 388 45.11 -30.74 -5.99
CA VAL B 388 45.28 -30.93 -7.43
C VAL B 388 44.83 -32.32 -7.86
N LEU B 389 45.21 -33.36 -7.10
CA LEU B 389 44.80 -34.72 -7.44
C LEU B 389 43.29 -34.87 -7.47
N ALA B 390 42.60 -34.40 -6.43
CA ALA B 390 41.15 -34.55 -6.41
C ALA B 390 40.50 -33.77 -7.53
N ASN B 391 40.97 -32.54 -7.78
CA ASN B 391 40.37 -31.72 -8.82
C ASN B 391 40.61 -32.29 -10.21
N ARG B 392 41.80 -32.81 -10.49
CA ARG B 392 42.00 -33.38 -11.82
C ARG B 392 41.22 -34.68 -11.98
N ARG B 393 40.99 -35.40 -10.88
CA ARG B 393 40.18 -36.61 -10.95
C ARG B 393 38.72 -36.26 -11.27
N MET B 394 38.18 -35.24 -10.63
CA MET B 394 36.81 -34.83 -10.93
C MET B 394 36.70 -34.28 -12.35
N LEU B 395 37.71 -33.52 -12.79
CA LEU B 395 37.72 -33.01 -14.15
C LEU B 395 37.72 -34.13 -15.19
N ASN B 396 38.59 -35.12 -15.01
CA ASN B 396 38.68 -36.21 -15.98
C ASN B 396 37.42 -37.06 -15.98
N LEU B 397 36.79 -37.23 -14.81
CA LEU B 397 35.52 -37.93 -14.74
C LEU B 397 34.44 -37.18 -15.52
N ALA B 398 34.42 -35.85 -15.41
CA ALA B 398 33.45 -35.06 -16.15
C ALA B 398 33.77 -35.05 -17.64
N ASP B 399 35.04 -34.88 -18.00
CA ASP B 399 35.41 -34.69 -19.40
C ASP B 399 35.20 -35.96 -20.21
N GLU B 400 35.51 -37.12 -19.63
CA GLU B 400 35.50 -38.38 -20.35
C GLU B 400 34.95 -39.45 -19.44
N SER B 401 33.70 -39.86 -19.65
CA SER B 401 33.10 -40.87 -18.80
C SER B 401 33.69 -42.24 -19.11
N PRO B 402 33.68 -43.16 -18.14
CA PRO B 402 34.09 -44.54 -18.45
C PRO B 402 33.32 -45.17 -19.61
N ASP B 403 32.00 -45.01 -19.65
CA ASP B 403 31.22 -45.50 -20.78
C ASP B 403 31.64 -44.84 -22.09
N GLY B 404 31.84 -43.52 -22.07
CA GLY B 404 32.26 -42.83 -23.28
C GLY B 404 33.54 -43.40 -23.86
N PHE B 405 34.55 -43.55 -23.02
CA PHE B 405 35.82 -44.09 -23.47
C PHE B 405 35.67 -45.54 -23.91
N ARG B 406 34.96 -46.35 -23.12
CA ARG B 406 34.78 -47.76 -23.45
C ARG B 406 34.05 -47.95 -24.78
N ALA B 407 32.98 -47.19 -25.00
CA ALA B 407 32.24 -47.32 -26.25
C ALA B 407 33.09 -46.93 -27.44
N TYR B 408 33.89 -45.87 -27.29
CA TYR B 408 34.76 -45.44 -28.39
C TYR B 408 35.78 -46.50 -28.73
N MET B 409 36.51 -47.00 -27.72
CA MET B 409 37.56 -47.98 -27.96
C MET B 409 37.01 -49.28 -28.54
N ALA B 410 35.76 -49.62 -28.20
CA ALA B 410 35.12 -50.80 -28.77
C ALA B 410 35.03 -50.71 -30.29
N GLU B 411 34.34 -49.66 -30.78
CA GLU B 411 34.27 -49.45 -32.23
C GLU B 411 35.66 -49.26 -32.83
N PHE B 412 36.55 -48.56 -32.11
CA PHE B 412 37.87 -48.26 -32.64
C PHE B 412 38.63 -49.55 -32.93
N ALA B 413 38.52 -50.54 -32.04
CA ALA B 413 39.20 -51.81 -32.21
C ALA B 413 38.97 -52.41 -33.58
N LEU B 414 37.75 -52.34 -34.10
CA LEU B 414 37.44 -52.91 -35.39
C LEU B 414 37.65 -51.92 -36.53
N MET B 415 37.20 -50.67 -36.35
CA MET B 415 37.41 -49.65 -37.39
C MET B 415 38.88 -49.50 -37.72
N GLN B 416 39.74 -49.51 -36.69
CA GLN B 416 41.17 -49.34 -36.94
C GLN B 416 41.78 -50.61 -37.53
N ALA B 417 41.32 -51.79 -37.07
CA ALA B 417 41.72 -53.04 -37.69
C ALA B 417 41.47 -53.03 -39.20
N LEU B 418 40.28 -52.57 -39.62
CA LEU B 418 39.97 -52.51 -41.04
C LEU B 418 40.85 -51.49 -41.77
N ARG B 419 41.17 -50.36 -41.11
CA ARG B 419 42.03 -49.39 -41.78
C ARG B 419 43.43 -49.96 -41.93
N LEU B 420 43.85 -50.81 -41.00
CA LEU B 420 45.17 -51.42 -41.07
C LEU B 420 45.35 -52.26 -42.33
N TYR B 421 44.24 -52.74 -42.90
CA TYR B 421 44.27 -53.57 -44.10
C TYR B 421 43.55 -52.96 -45.30
N GLY B 422 43.25 -51.65 -45.25
CA GLY B 422 42.64 -50.99 -46.38
C GLY B 422 43.62 -50.75 -47.50
N HIS B 423 43.11 -50.47 -48.70
CA HIS B 423 44.01 -50.40 -49.85
C HIS B 423 44.80 -49.10 -49.87
N ASP B 424 44.22 -48.01 -49.36
CA ASP B 424 45.01 -46.78 -49.40
C ASP B 424 46.11 -46.78 -48.34
N VAL B 425 46.05 -47.69 -47.38
CA VAL B 425 47.19 -47.87 -46.48
C VAL B 425 48.27 -48.72 -47.16
N ILE B 426 47.93 -49.45 -48.20
CA ILE B 426 48.92 -50.26 -48.93
C ILE B 426 48.71 -50.10 -50.44
N ASP C 12 -4.27 -52.43 -12.86
CA ASP C 12 -4.78 -52.33 -14.22
C ASP C 12 -5.71 -51.13 -14.38
N GLY C 13 -6.72 -51.28 -15.25
CA GLY C 13 -7.67 -50.20 -15.49
C GLY C 13 -7.01 -49.04 -16.20
N LEU C 14 -5.68 -49.01 -16.18
CA LEU C 14 -4.92 -47.94 -16.82
C LEU C 14 -5.48 -47.65 -18.21
N TRP C 15 -5.76 -48.69 -18.98
CA TRP C 15 -6.29 -48.54 -20.32
C TRP C 15 -7.77 -48.16 -20.29
N ALA C 16 -8.49 -48.68 -19.30
CA ALA C 16 -9.91 -48.40 -19.15
C ALA C 16 -10.15 -46.93 -18.78
N ALA C 17 -9.36 -46.40 -17.85
CA ALA C 17 -9.53 -45.01 -17.44
C ALA C 17 -9.23 -44.06 -18.59
N LEU C 18 -8.22 -44.39 -19.39
CA LEU C 18 -7.94 -43.63 -20.60
C LEU C 18 -9.10 -43.71 -21.58
N THR C 19 -9.63 -44.92 -21.79
CA THR C 19 -10.80 -45.07 -22.66
C THR C 19 -11.96 -44.21 -22.20
N GLU C 20 -12.18 -44.10 -20.88
CA GLU C 20 -13.23 -43.23 -20.36
C GLU C 20 -12.93 -41.77 -20.66
N ALA C 21 -11.71 -41.32 -20.33
CA ALA C 21 -11.33 -39.92 -20.50
C ALA C 21 -11.41 -39.50 -21.97
N ALA C 22 -11.04 -40.38 -22.88
CA ALA C 22 -11.19 -40.06 -24.30
C ALA C 22 -12.66 -40.00 -24.70
N ALA C 23 -13.49 -40.87 -24.12
CA ALA C 23 -14.93 -40.83 -24.39
C ALA C 23 -15.55 -39.51 -23.95
N SER C 24 -15.18 -39.01 -22.77
CA SER C 24 -15.69 -37.71 -22.35
C SER C 24 -15.26 -36.62 -23.31
N VAL C 25 -14.05 -36.74 -23.87
CA VAL C 25 -13.62 -35.78 -24.89
C VAL C 25 -14.51 -35.86 -26.13
N GLU C 26 -14.72 -37.08 -26.65
CA GLU C 26 -15.52 -37.20 -27.87
C GLU C 26 -16.96 -36.74 -27.61
N LYS C 27 -17.51 -37.09 -26.44
CA LYS C 27 -18.81 -36.58 -26.02
C LYS C 27 -18.90 -35.06 -26.12
N LEU C 28 -17.99 -34.37 -25.44
CA LEU C 28 -18.01 -32.92 -25.39
C LEU C 28 -17.82 -32.30 -26.78
N LEU C 29 -16.91 -32.87 -27.59
CA LEU C 29 -16.68 -32.33 -28.92
C LEU C 29 -17.89 -32.55 -29.82
N ALA C 30 -18.64 -33.63 -29.59
CA ALA C 30 -19.85 -33.84 -30.39
C ALA C 30 -20.97 -32.89 -30.00
N THR C 31 -21.10 -32.55 -28.72
CA THR C 31 -22.24 -31.76 -28.27
C THR C 31 -21.96 -30.27 -28.10
N LEU C 32 -20.71 -29.85 -28.08
CA LEU C 32 -20.40 -28.46 -27.85
C LEU C 32 -20.41 -27.70 -29.17
N PRO C 33 -20.48 -26.37 -29.10
CA PRO C 33 -20.34 -25.55 -30.30
C PRO C 33 -18.95 -25.64 -30.91
N GLU C 34 -18.87 -25.19 -32.16
CA GLU C 34 -17.60 -25.12 -32.85
C GLU C 34 -16.64 -24.21 -32.07
N HIS C 35 -15.34 -24.47 -32.24
CA HIS C 35 -14.32 -23.67 -31.54
C HIS C 35 -14.50 -22.20 -31.90
N GLY C 36 -14.29 -21.31 -30.93
CA GLY C 36 -14.37 -19.89 -31.21
C GLY C 36 -15.74 -19.28 -30.97
N ALA C 37 -16.78 -20.11 -30.69
CA ALA C 37 -18.11 -19.66 -30.22
C ALA C 37 -18.55 -20.41 -28.98
N ARG C 38 -17.65 -21.17 -28.40
CA ARG C 38 -17.86 -21.79 -27.12
C ARG C 38 -17.76 -20.72 -26.06
N SER C 39 -18.55 -20.88 -25.01
CA SER C 39 -18.53 -19.91 -23.94
C SER C 39 -17.33 -20.15 -23.03
N SER C 40 -17.14 -19.23 -22.09
CA SER C 40 -16.05 -19.37 -21.13
C SER C 40 -16.14 -20.69 -20.36
N ALA C 41 -17.34 -21.00 -19.84
CA ALA C 41 -17.53 -22.25 -19.12
C ALA C 41 -17.27 -23.45 -20.01
N GLU C 42 -17.72 -23.39 -21.26
CA GLU C 42 -17.50 -24.50 -22.19
C GLU C 42 -16.02 -24.69 -22.51
N ARG C 43 -15.27 -23.60 -22.68
CA ARG C 43 -13.86 -23.74 -23.02
C ARG C 43 -13.07 -24.36 -21.88
N ALA C 44 -13.39 -24.00 -20.64
CA ALA C 44 -12.70 -24.58 -19.50
C ALA C 44 -13.03 -26.07 -19.37
N GLU C 45 -14.25 -26.48 -19.72
CA GLU C 45 -14.63 -27.88 -19.57
C GLU C 45 -13.88 -28.78 -20.54
N ILE C 46 -13.82 -28.39 -21.82
CA ILE C 46 -13.10 -29.19 -22.79
C ILE C 46 -11.60 -29.19 -22.50
N ALA C 47 -11.04 -28.03 -22.16
CA ALA C 47 -9.65 -27.96 -21.74
C ALA C 47 -9.37 -28.93 -20.61
N ALA C 48 -10.28 -29.01 -19.64
CA ALA C 48 -10.13 -29.94 -18.54
C ALA C 48 -10.20 -31.39 -19.00
N ALA C 49 -11.09 -31.68 -19.96
CA ALA C 49 -11.23 -33.04 -20.44
C ALA C 49 -9.99 -33.50 -21.20
N HIS C 50 -9.50 -32.65 -22.12
CA HIS C 50 -8.22 -32.91 -22.79
C HIS C 50 -7.11 -33.20 -21.80
N ASP C 51 -6.99 -32.36 -20.77
CA ASP C 51 -5.92 -32.52 -19.79
C ASP C 51 -5.99 -33.85 -19.06
N ALA C 52 -7.21 -34.29 -18.71
CA ALA C 52 -7.33 -35.56 -18.01
C ALA C 52 -6.99 -36.72 -18.93
N ALA C 53 -7.39 -36.64 -20.20
CA ALA C 53 -7.06 -37.69 -21.15
C ALA C 53 -5.56 -37.76 -21.43
N ARG C 54 -4.93 -36.61 -21.62
CA ARG C 54 -3.50 -36.58 -21.93
C ARG C 54 -2.67 -37.06 -20.75
N ALA C 55 -3.05 -36.66 -19.53
CA ALA C 55 -2.38 -37.18 -18.33
C ALA C 55 -2.44 -38.70 -18.27
N LEU C 56 -3.57 -39.29 -18.66
CA LEU C 56 -3.67 -40.75 -18.66
C LEU C 56 -2.92 -41.39 -19.82
N ARG C 57 -2.85 -40.72 -20.97
CA ARG C 57 -1.97 -41.19 -22.04
C ARG C 57 -0.53 -41.33 -21.57
N VAL C 58 -0.06 -40.35 -20.79
CA VAL C 58 1.31 -40.41 -20.26
C VAL C 58 1.49 -41.59 -19.31
N ARG C 59 0.59 -41.74 -18.33
CA ARG C 59 0.81 -42.82 -17.34
C ARG C 59 0.60 -44.19 -17.95
N PHE C 60 -0.40 -44.36 -18.80
CA PHE C 60 -0.55 -45.63 -19.49
C PHE C 60 0.76 -46.05 -20.14
N LEU C 61 1.38 -45.14 -20.89
CA LEU C 61 2.59 -45.45 -21.62
C LEU C 61 3.83 -45.53 -20.73
N ASP C 62 3.83 -44.88 -19.56
CA ASP C 62 4.97 -45.02 -18.66
C ASP C 62 5.21 -46.49 -18.31
N THR C 63 4.15 -47.28 -18.16
CA THR C 63 4.31 -48.70 -17.87
C THR C 63 4.07 -49.62 -19.07
N HIS C 64 3.31 -49.21 -20.06
CA HIS C 64 2.93 -50.10 -21.16
C HIS C 64 3.53 -49.78 -22.52
N ALA C 65 4.47 -48.82 -22.63
CA ALA C 65 4.98 -48.45 -23.94
C ALA C 65 5.57 -49.64 -24.70
N ASP C 66 6.44 -50.41 -24.04
CA ASP C 66 7.06 -51.56 -24.70
C ASP C 66 6.02 -52.57 -25.18
N ALA C 67 5.01 -52.85 -24.36
CA ALA C 67 3.97 -53.79 -24.78
C ALA C 67 3.21 -53.26 -25.98
N VAL C 68 2.91 -51.95 -25.99
CA VAL C 68 2.24 -51.32 -27.12
C VAL C 68 3.11 -51.43 -28.37
N TYR C 69 4.38 -51.03 -28.25
CA TYR C 69 5.27 -51.07 -29.40
C TYR C 69 5.43 -52.49 -29.92
N ASP C 70 5.54 -53.47 -29.01
CA ASP C 70 5.66 -54.86 -29.42
C ASP C 70 4.46 -55.36 -30.23
N ARG C 71 3.23 -55.00 -29.82
CA ARG C 71 2.07 -55.35 -30.65
C ARG C 71 2.17 -54.74 -32.04
N LEU C 72 2.65 -53.49 -32.14
CA LEU C 72 2.65 -52.82 -33.43
C LEU C 72 3.80 -53.30 -34.32
N THR C 73 4.90 -53.76 -33.74
CA THR C 73 6.06 -54.14 -34.51
C THR C 73 6.39 -55.63 -34.43
N ASP C 74 5.46 -56.45 -33.94
CA ASP C 74 5.67 -57.89 -33.82
C ASP C 74 6.95 -58.17 -33.04
N HIS C 75 6.99 -57.62 -31.83
CA HIS C 75 8.16 -57.68 -30.94
C HIS C 75 9.44 -57.25 -31.65
N ARG C 76 9.41 -56.03 -32.20
CA ARG C 76 10.60 -55.40 -32.77
C ARG C 76 11.23 -56.20 -33.90
N ARG C 77 10.40 -56.89 -34.68
CA ARG C 77 10.87 -57.59 -35.86
C ARG C 77 10.36 -56.98 -37.16
N VAL C 78 9.49 -55.98 -37.09
CA VAL C 78 9.07 -55.19 -38.24
C VAL C 78 9.45 -53.74 -37.99
N HIS C 79 10.26 -53.17 -38.88
CA HIS C 79 10.62 -51.74 -38.83
C HIS C 79 9.48 -50.91 -39.42
N LEU C 80 8.82 -50.10 -38.59
CA LEU C 80 7.83 -49.14 -39.06
C LEU C 80 8.34 -47.72 -38.92
N ARG C 81 8.24 -46.94 -39.99
CA ARG C 81 8.48 -45.49 -39.94
C ARG C 81 7.42 -44.77 -39.13
N LEU C 82 7.67 -43.48 -38.88
CA LEU C 82 6.84 -42.69 -37.98
C LEU C 82 5.38 -42.66 -38.44
N ALA C 83 5.15 -42.31 -39.71
CA ALA C 83 3.79 -42.23 -40.23
C ALA C 83 3.04 -43.54 -40.05
N GLU C 84 3.66 -44.65 -40.46
CA GLU C 84 3.01 -45.95 -40.33
C GLU C 84 2.82 -46.32 -38.88
N LEU C 85 3.78 -45.98 -38.02
CA LEU C 85 3.68 -46.32 -36.60
C LEU C 85 2.48 -45.67 -35.92
N VAL C 86 2.32 -44.35 -36.11
CA VAL C 86 1.25 -43.65 -35.42
C VAL C 86 -0.10 -44.01 -36.00
N GLU C 87 -0.16 -44.33 -37.29
CA GLU C 87 -1.39 -44.80 -37.90
C GLU C 87 -1.80 -46.14 -37.30
N ALA C 88 -0.87 -47.11 -37.27
CA ALA C 88 -1.16 -48.41 -36.69
C ALA C 88 -1.52 -48.31 -35.21
N ALA C 89 -0.87 -47.39 -34.48
CA ALA C 89 -1.19 -47.20 -33.08
C ALA C 89 -2.63 -46.72 -32.89
N ALA C 90 -3.10 -45.86 -33.79
CA ALA C 90 -4.47 -45.34 -33.67
C ALA C 90 -5.50 -46.44 -33.87
N THR C 91 -5.31 -47.30 -34.87
CA THR C 91 -6.28 -48.35 -35.12
C THR C 91 -6.21 -49.45 -34.06
N ALA C 92 -4.99 -49.82 -33.65
CA ALA C 92 -4.84 -50.89 -32.67
C ALA C 92 -5.19 -50.44 -31.25
N PHE C 93 -5.07 -49.15 -30.94
CA PHE C 93 -5.34 -48.62 -29.61
C PHE C 93 -6.18 -47.36 -29.71
N PRO C 94 -7.47 -47.48 -30.02
CA PRO C 94 -8.32 -46.29 -30.17
C PRO C 94 -8.23 -45.37 -28.95
N GLY C 95 -8.14 -44.06 -29.22
CA GLY C 95 -8.04 -43.06 -28.18
C GLY C 95 -6.64 -42.77 -27.69
N LEU C 96 -5.66 -43.63 -27.99
CA LEU C 96 -4.27 -43.34 -27.63
C LEU C 96 -3.70 -42.24 -28.50
N VAL C 97 -3.89 -42.33 -29.81
CA VAL C 97 -3.45 -41.31 -30.75
C VAL C 97 -4.52 -41.14 -31.81
N PRO C 98 -4.60 -39.94 -32.41
CA PRO C 98 -5.70 -39.67 -33.35
C PRO C 98 -5.65 -40.53 -34.60
N THR C 99 -6.83 -40.80 -35.15
CA THR C 99 -6.95 -41.50 -36.41
C THR C 99 -6.63 -40.57 -37.58
N GLN C 100 -6.40 -41.18 -38.75
CA GLN C 100 -6.21 -40.41 -39.97
C GLN C 100 -7.33 -39.39 -40.17
N GLN C 101 -8.58 -39.82 -39.95
CA GLN C 101 -9.72 -38.90 -40.05
C GLN C 101 -9.61 -37.72 -39.11
N GLN C 102 -9.43 -37.96 -37.82
CA GLN C 102 -9.39 -36.85 -36.85
C GLN C 102 -8.29 -35.86 -37.23
N LEU C 103 -7.16 -36.36 -37.73
CA LEU C 103 -6.12 -35.48 -38.22
C LEU C 103 -6.56 -34.72 -39.46
N ALA C 104 -7.27 -35.39 -40.38
CA ALA C 104 -7.86 -34.71 -41.53
C ALA C 104 -8.71 -33.52 -41.11
N VAL C 105 -9.54 -33.71 -40.09
CA VAL C 105 -10.37 -32.62 -39.58
C VAL C 105 -9.51 -31.51 -38.99
N GLU C 106 -8.52 -31.87 -38.18
CA GLU C 106 -7.60 -30.89 -37.61
C GLU C 106 -6.90 -30.10 -38.70
N ARG C 107 -6.50 -30.76 -39.79
CA ARG C 107 -5.68 -30.07 -40.78
C ARG C 107 -6.46 -29.01 -41.55
N SER C 108 -7.75 -29.22 -41.77
CA SER C 108 -8.55 -28.19 -42.44
C SER C 108 -8.81 -26.97 -41.57
N LEU C 109 -8.46 -26.99 -40.29
CA LEU C 109 -8.73 -25.84 -39.44
C LEU C 109 -7.50 -24.96 -39.33
N PRO C 110 -7.66 -23.70 -38.93
CA PRO C 110 -6.48 -22.93 -38.54
C PRO C 110 -6.00 -23.38 -37.17
N GLN C 111 -4.69 -23.21 -36.93
CA GLN C 111 -4.04 -23.68 -35.71
C GLN C 111 -4.83 -23.31 -34.46
N ALA C 112 -5.34 -22.07 -34.43
CA ALA C 112 -6.06 -21.58 -33.26
C ALA C 112 -7.32 -22.38 -32.93
N ALA C 113 -7.97 -22.95 -33.94
CA ALA C 113 -9.23 -23.67 -33.73
C ALA C 113 -9.03 -25.17 -33.50
N LYS C 114 -7.79 -25.65 -33.58
CA LYS C 114 -7.51 -27.06 -33.41
C LYS C 114 -7.67 -27.51 -31.97
N GLU C 115 -8.09 -28.76 -31.80
CA GLU C 115 -8.20 -29.36 -30.47
C GLU C 115 -6.84 -29.80 -29.93
N GLY C 116 -5.84 -29.97 -30.80
CA GLY C 116 -4.51 -30.32 -30.37
C GLY C 116 -4.23 -31.81 -30.33
N HIS C 117 -4.86 -32.60 -31.20
CA HIS C 117 -4.69 -34.05 -31.16
C HIS C 117 -3.25 -34.48 -31.43
N GLU C 118 -2.49 -33.71 -32.23
CA GLU C 118 -1.08 -34.00 -32.43
C GLU C 118 -0.30 -34.14 -31.12
N ILE C 119 -0.72 -33.44 -30.06
CA ILE C 119 -0.08 -33.58 -28.76
C ILE C 119 -0.09 -35.03 -28.31
N ASP C 120 -1.18 -35.76 -28.60
CA ASP C 120 -1.24 -37.17 -28.22
C ASP C 120 -0.16 -37.97 -28.93
N GLN C 121 0.17 -37.60 -30.17
CA GLN C 121 1.28 -38.23 -30.86
C GLN C 121 2.61 -37.85 -30.22
N GLY C 122 2.75 -36.60 -29.78
CA GLY C 122 3.91 -36.22 -28.99
C GLY C 122 4.08 -37.08 -27.75
N ILE C 123 2.98 -37.34 -27.05
CA ILE C 123 3.04 -38.17 -25.84
C ILE C 123 3.49 -39.57 -26.20
N PHE C 124 2.97 -40.10 -27.31
CA PHE C 124 3.28 -41.46 -27.74
C PHE C 124 4.74 -41.59 -28.13
N LEU C 125 5.21 -40.73 -29.03
CA LEU C 125 6.59 -40.81 -29.50
C LEU C 125 7.59 -40.55 -28.38
N ARG C 126 7.23 -39.71 -27.42
CA ARG C 126 8.11 -39.52 -26.26
C ARG C 126 8.29 -40.83 -25.51
N ALA C 127 7.19 -41.53 -25.24
CA ALA C 127 7.26 -42.77 -24.48
C ALA C 127 8.02 -43.84 -25.27
N VAL C 128 7.80 -43.91 -26.58
CA VAL C 128 8.50 -44.89 -27.40
C VAL C 128 10.00 -44.64 -27.38
N LEU C 129 10.42 -43.40 -27.67
CA LEU C 129 11.85 -43.08 -27.72
C LEU C 129 12.53 -43.20 -26.35
N ARG C 130 11.79 -42.97 -25.27
CA ARG C 130 12.38 -43.16 -23.94
C ARG C 130 12.74 -44.62 -23.68
N SER C 131 12.03 -45.57 -24.29
CA SER C 131 12.33 -46.99 -24.07
C SER C 131 13.70 -47.36 -24.62
N PRO C 132 14.56 -48.02 -23.84
CA PRO C 132 15.84 -48.51 -24.38
C PRO C 132 15.71 -49.62 -25.40
N LEU C 133 14.52 -50.23 -25.52
CA LEU C 133 14.26 -51.27 -26.52
C LEU C 133 13.53 -50.72 -27.74
N ALA C 134 12.43 -50.01 -27.52
CA ALA C 134 11.65 -49.49 -28.63
C ALA C 134 12.34 -48.31 -29.30
N GLY C 135 12.96 -47.43 -28.52
CA GLY C 135 13.58 -46.24 -29.02
C GLY C 135 14.62 -46.47 -30.11
N PRO C 136 15.67 -47.26 -29.82
CA PRO C 136 16.67 -47.52 -30.85
C PRO C 136 16.10 -48.21 -32.07
N HIS C 137 15.03 -48.99 -31.90
CA HIS C 137 14.45 -49.72 -33.01
C HIS C 137 13.69 -48.79 -33.94
N LEU C 138 12.92 -47.86 -33.36
CA LEU C 138 12.28 -46.83 -34.17
C LEU C 138 13.30 -45.96 -34.89
N LEU C 139 14.40 -45.62 -34.22
CA LEU C 139 15.42 -44.80 -34.87
C LEU C 139 16.09 -45.53 -36.02
N ASP C 140 16.29 -46.84 -35.87
CA ASP C 140 16.80 -47.64 -36.98
C ASP C 140 15.81 -47.67 -38.14
N ALA C 141 14.52 -47.85 -37.84
CA ALA C 141 13.51 -47.85 -38.89
C ALA C 141 13.56 -46.57 -39.71
N MET C 142 13.76 -45.43 -39.07
CA MET C 142 13.82 -44.16 -39.78
C MET C 142 15.11 -43.96 -40.55
N LEU C 143 16.17 -44.69 -40.21
CA LEU C 143 17.39 -44.65 -41.00
C LEU C 143 17.33 -45.53 -42.25
N ARG C 144 16.34 -46.42 -42.35
CA ARG C 144 16.20 -47.24 -43.56
C ARG C 144 15.78 -46.39 -44.75
N PRO C 145 16.15 -46.80 -45.96
CA PRO C 145 15.78 -46.03 -47.15
C PRO C 145 14.27 -45.90 -47.30
N THR C 146 13.85 -44.74 -47.80
CA THR C 146 12.44 -44.53 -48.10
C THR C 146 12.06 -45.34 -49.34
N PRO C 147 10.81 -45.82 -49.40
CA PRO C 147 10.35 -46.52 -50.61
C PRO C 147 10.51 -45.69 -51.88
N ARG C 148 10.19 -44.39 -51.81
CA ARG C 148 10.37 -43.52 -52.97
C ARG C 148 11.79 -43.56 -53.50
N ALA C 149 12.80 -43.56 -52.62
CA ALA C 149 14.18 -43.55 -53.07
C ALA C 149 14.58 -44.88 -53.70
N LEU C 150 14.12 -46.00 -53.13
CA LEU C 150 14.36 -47.31 -53.73
C LEU C 150 13.74 -47.37 -55.12
N GLU C 151 12.60 -46.71 -55.26
CA GLU C 151 11.84 -46.69 -56.51
C GLU C 151 12.58 -45.90 -57.59
N LEU C 152 13.16 -44.76 -57.21
CA LEU C 152 13.89 -43.88 -58.13
C LEU C 152 15.35 -44.26 -58.33
N LEU C 153 15.89 -45.19 -57.53
CA LEU C 153 17.34 -45.45 -57.57
C LEU C 153 17.83 -45.93 -58.93
N PRO C 154 17.22 -46.94 -59.58
CA PRO C 154 17.76 -47.39 -60.87
C PRO C 154 17.83 -46.30 -61.93
N GLU C 155 16.79 -45.48 -62.06
CA GLU C 155 16.86 -44.39 -63.03
C GLU C 155 17.91 -43.36 -62.65
N PHE C 156 18.09 -43.12 -61.35
CA PHE C 156 19.15 -42.20 -60.94
C PHE C 156 20.53 -42.76 -61.28
N VAL C 157 20.73 -44.05 -61.05
CA VAL C 157 22.01 -44.66 -61.42
C VAL C 157 22.27 -44.55 -62.92
N ARG C 158 21.23 -44.78 -63.73
CA ARG C 158 21.39 -44.69 -65.18
C ARG C 158 21.59 -43.25 -65.62
N THR C 159 20.80 -42.32 -65.09
CA THR C 159 20.66 -40.97 -65.63
C THR C 159 21.55 -39.94 -64.93
N GLY C 160 21.90 -40.17 -63.67
CA GLY C 160 22.63 -39.19 -62.90
C GLY C 160 21.88 -37.92 -62.54
N GLU C 161 20.56 -37.94 -62.57
CA GLU C 161 19.80 -36.68 -62.49
C GLU C 161 18.37 -36.97 -62.09
N VAL C 162 17.86 -36.20 -61.13
CA VAL C 162 16.50 -36.35 -60.65
C VAL C 162 15.95 -34.98 -60.25
N GLU C 163 14.92 -34.52 -60.96
CA GLU C 163 14.32 -33.23 -60.67
C GLU C 163 13.09 -33.39 -59.78
N MET C 164 13.20 -32.88 -58.55
CA MET C 164 12.10 -32.95 -57.59
C MET C 164 11.44 -31.59 -57.41
N GLU C 165 10.49 -31.52 -56.48
CA GLU C 165 9.77 -30.29 -56.21
C GLU C 165 10.66 -29.19 -55.61
N ALA C 166 11.27 -29.49 -54.46
CA ALA C 166 12.12 -28.52 -53.79
C ALA C 166 13.60 -28.90 -53.81
N VAL C 167 13.94 -29.97 -54.53
CA VAL C 167 15.33 -30.42 -54.60
C VAL C 167 15.68 -31.01 -55.97
N HIS C 168 16.87 -30.67 -56.45
CA HIS C 168 17.35 -31.17 -57.73
C HIS C 168 18.64 -31.96 -57.56
N LEU C 169 18.54 -33.28 -57.60
CA LEU C 169 19.70 -34.14 -57.45
C LEU C 169 20.48 -34.26 -58.75
N GLU C 170 21.80 -34.32 -58.63
CA GLU C 170 22.67 -34.43 -59.80
C GLU C 170 24.02 -35.01 -59.42
N ARG C 171 24.40 -36.11 -60.07
CA ARG C 171 25.68 -36.76 -59.80
C ARG C 171 26.74 -36.24 -60.76
N ARG C 172 27.86 -35.77 -60.20
CA ARG C 172 28.96 -35.24 -61.00
C ARG C 172 30.30 -35.54 -60.35
N ASP C 173 31.21 -36.12 -61.12
CA ASP C 173 32.54 -36.46 -60.63
C ASP C 173 32.49 -37.09 -59.24
N GLY C 174 31.56 -38.01 -59.04
CA GLY C 174 31.43 -38.68 -57.76
C GLY C 174 30.84 -37.84 -56.67
N VAL C 175 30.19 -36.73 -57.00
CA VAL C 175 29.53 -35.86 -56.03
C VAL C 175 28.03 -35.94 -56.26
N ALA C 176 27.28 -36.10 -55.17
CA ALA C 176 25.83 -35.92 -55.20
C ALA C 176 25.55 -34.45 -54.90
N ARG C 177 25.11 -33.71 -55.91
CA ARG C 177 24.86 -32.28 -55.79
C ARG C 177 23.39 -32.03 -55.52
N LEU C 178 23.06 -31.75 -54.27
CA LEU C 178 21.69 -31.41 -53.90
C LEU C 178 21.55 -29.90 -53.96
N THR C 179 20.67 -29.42 -54.83
CA THR C 179 20.37 -27.99 -54.97
C THR C 179 18.94 -27.77 -54.51
N MET C 180 18.80 -26.98 -53.44
CA MET C 180 17.47 -26.63 -52.95
C MET C 180 16.93 -25.53 -53.84
N CYS C 181 15.79 -25.79 -54.49
CA CYS C 181 15.41 -25.00 -55.66
C CYS C 181 13.98 -24.49 -55.56
N ARG C 182 13.57 -24.00 -54.40
CA ARG C 182 12.29 -23.32 -54.27
C ARG C 182 12.54 -21.83 -54.46
N ASP C 183 12.69 -21.46 -55.73
CA ASP C 183 13.08 -20.11 -56.11
C ASP C 183 12.07 -19.04 -55.76
N ASP C 184 10.79 -19.40 -55.55
CA ASP C 184 9.80 -18.38 -55.21
C ASP C 184 9.79 -17.98 -53.74
N ARG C 185 10.30 -18.83 -52.85
CA ARG C 185 10.12 -18.61 -51.41
C ARG C 185 11.39 -18.83 -50.59
N LEU C 186 12.56 -18.65 -51.20
CA LEU C 186 13.84 -18.70 -50.50
C LEU C 186 14.04 -20.03 -49.76
N ASN C 187 13.68 -21.14 -50.42
CA ASN C 187 13.82 -22.49 -49.89
C ASN C 187 13.20 -22.67 -48.50
N ALA C 188 12.10 -21.97 -48.23
CA ALA C 188 11.34 -22.22 -47.01
C ALA C 188 10.87 -23.67 -46.95
N GLU C 189 10.91 -24.26 -45.75
CA GLU C 189 10.69 -25.69 -45.57
C GLU C 189 9.21 -26.01 -45.37
N ASP C 190 8.79 -27.13 -45.95
CA ASP C 190 7.45 -27.66 -45.75
C ASP C 190 7.54 -29.19 -45.81
N GLY C 191 6.38 -29.84 -45.72
CA GLY C 191 6.36 -31.30 -45.75
C GLY C 191 6.91 -31.89 -47.02
N GLN C 192 6.73 -31.20 -48.15
CA GLN C 192 7.24 -31.69 -49.41
C GLN C 192 8.76 -31.61 -49.48
N GLN C 193 9.33 -30.53 -48.95
CA GLN C 193 10.78 -30.37 -48.95
C GLN C 193 11.45 -31.46 -48.12
N VAL C 194 10.85 -31.86 -47.00
CA VAL C 194 11.40 -32.94 -46.20
C VAL C 194 11.40 -34.24 -46.98
N ASP C 195 10.30 -34.52 -47.68
CA ASP C 195 10.22 -35.73 -48.50
C ASP C 195 11.25 -35.71 -49.62
N ASP C 196 11.41 -34.57 -50.29
CA ASP C 196 12.41 -34.47 -51.36
C ASP C 196 13.82 -34.58 -50.81
N MET C 197 14.10 -33.92 -49.68
CA MET C 197 15.44 -33.99 -49.08
C MET C 197 15.79 -35.41 -48.67
N GLU C 198 14.88 -36.10 -47.96
CA GLU C 198 15.18 -37.46 -47.54
C GLU C 198 15.37 -38.37 -48.73
N THR C 199 14.54 -38.20 -49.76
CA THR C 199 14.67 -39.00 -50.97
C THR C 199 16.03 -38.77 -51.62
N ALA C 200 16.45 -37.51 -51.71
CA ALA C 200 17.73 -37.18 -52.33
C ALA C 200 18.90 -37.69 -51.48
N VAL C 201 18.80 -37.56 -50.16
CA VAL C 201 19.86 -38.06 -49.30
C VAL C 201 19.97 -39.59 -49.41
N ASP C 202 18.82 -40.28 -49.47
CA ASP C 202 18.84 -41.73 -49.65
C ASP C 202 19.54 -42.11 -50.95
N LEU C 203 19.21 -41.42 -52.04
CA LEU C 203 19.81 -41.75 -53.33
C LEU C 203 21.31 -41.48 -53.33
N ALA C 204 21.72 -40.38 -52.68
CA ALA C 204 23.14 -40.05 -52.62
C ALA C 204 23.91 -41.15 -51.91
N LEU C 205 23.35 -41.69 -50.83
CA LEU C 205 24.03 -42.70 -50.03
C LEU C 205 23.98 -44.07 -50.69
N LEU C 206 22.90 -44.42 -51.39
CA LEU C 206 22.79 -45.73 -52.02
C LEU C 206 23.49 -45.80 -53.38
N ASP C 207 23.72 -44.67 -54.03
CA ASP C 207 24.34 -44.67 -55.36
C ASP C 207 25.83 -44.97 -55.20
N PRO C 208 26.33 -46.10 -55.72
CA PRO C 208 27.75 -46.42 -55.53
C PRO C 208 28.69 -45.49 -56.28
N GLY C 209 28.20 -44.73 -57.24
CA GLY C 209 29.02 -43.75 -57.92
C GLY C 209 29.09 -42.41 -57.23
N VAL C 210 28.54 -42.30 -56.02
CA VAL C 210 28.58 -41.09 -55.23
C VAL C 210 29.55 -41.32 -54.07
N ARG C 211 30.53 -40.42 -53.96
CA ARG C 211 31.52 -40.49 -52.90
C ARG C 211 31.34 -39.40 -51.85
N VAL C 212 30.87 -38.23 -52.25
CA VAL C 212 30.66 -37.08 -51.38
C VAL C 212 29.34 -36.42 -51.74
N GLY C 213 28.67 -35.85 -50.74
CA GLY C 213 27.45 -35.09 -50.95
C GLY C 213 27.70 -33.60 -50.83
N LEU C 214 26.86 -32.82 -51.51
CA LEU C 214 26.94 -31.36 -51.49
C LEU C 214 25.53 -30.81 -51.37
N LEU C 215 25.32 -29.91 -50.42
CA LEU C 215 24.04 -29.23 -50.26
C LEU C 215 24.23 -27.74 -50.48
N ARG C 216 23.45 -27.16 -51.38
CA ARG C 216 23.54 -25.75 -51.71
C ARG C 216 22.17 -25.24 -52.15
N GLY C 217 21.95 -23.95 -51.96
CA GLY C 217 20.73 -23.31 -52.45
C GLY C 217 20.88 -22.86 -53.89
N GLY C 218 19.78 -22.96 -54.64
CA GLY C 218 19.78 -22.60 -56.04
C GLY C 218 19.51 -21.12 -56.27
N VAL C 219 19.62 -20.72 -57.54
CA VAL C 219 19.29 -19.35 -57.91
C VAL C 219 17.82 -19.06 -57.60
N MET C 220 17.57 -17.92 -56.98
CA MET C 220 16.23 -17.47 -56.63
C MET C 220 15.63 -16.63 -57.75
N SER C 221 14.30 -16.62 -57.78
CA SER C 221 13.52 -15.89 -58.77
C SER C 221 12.71 -14.74 -58.19
N HIS C 222 12.31 -14.83 -56.93
CA HIS C 222 11.65 -13.72 -56.26
C HIS C 222 12.41 -12.42 -56.49
N PRO C 223 11.72 -11.31 -56.75
CA PRO C 223 12.40 -10.12 -57.30
C PRO C 223 13.47 -9.51 -56.41
N ARG C 224 13.32 -9.58 -55.08
CA ARG C 224 14.36 -9.07 -54.19
C ARG C 224 15.67 -9.85 -54.28
N TYR C 225 15.63 -11.08 -54.79
CA TYR C 225 16.81 -11.95 -54.86
C TYR C 225 17.02 -12.55 -56.24
N ARG C 226 16.49 -11.93 -57.29
CA ARG C 226 16.59 -12.53 -58.61
C ARG C 226 18.04 -12.63 -59.06
N GLY C 227 18.44 -13.83 -59.48
CA GLY C 227 19.80 -14.11 -59.88
C GLY C 227 20.72 -14.52 -58.75
N LYS C 228 20.26 -14.46 -57.51
CA LYS C 228 21.08 -14.71 -56.33
C LYS C 228 20.70 -16.06 -55.72
N ARG C 229 21.71 -16.82 -55.30
CA ARG C 229 21.47 -18.05 -54.55
C ARG C 229 21.13 -17.74 -53.10
N VAL C 230 20.23 -18.53 -52.52
CA VAL C 230 19.88 -18.44 -51.11
C VAL C 230 19.78 -19.83 -50.53
N PHE C 231 20.43 -20.05 -49.38
CA PHE C 231 20.48 -21.38 -48.79
C PHE C 231 19.13 -21.79 -48.21
N SER C 232 18.67 -21.09 -47.17
CA SER C 232 17.39 -21.43 -46.55
C SER C 232 16.90 -20.31 -45.66
N ALA C 233 15.61 -19.98 -45.79
CA ALA C 233 14.92 -19.08 -44.90
C ALA C 233 14.15 -19.81 -43.80
N GLY C 234 14.40 -21.10 -43.61
CA GLY C 234 13.78 -21.83 -42.52
C GLY C 234 12.33 -22.21 -42.77
N ILE C 235 11.66 -22.57 -41.67
CA ILE C 235 10.29 -23.09 -41.77
C ILE C 235 9.37 -22.08 -42.43
N ASN C 236 8.43 -22.59 -43.23
CA ASN C 236 7.40 -21.81 -43.88
C ASN C 236 6.44 -21.27 -42.83
N LEU C 237 6.58 -19.98 -42.50
CA LEU C 237 5.78 -19.40 -41.43
C LEU C 237 4.31 -19.26 -41.82
N LYS C 238 4.03 -19.05 -43.10
CA LYS C 238 2.64 -19.07 -43.56
C LYS C 238 1.97 -20.41 -43.25
N TYR C 239 2.62 -21.51 -43.67
CA TYR C 239 2.05 -22.83 -43.45
C TYR C 239 1.92 -23.15 -41.97
N LEU C 240 2.88 -22.68 -41.16
CA LEU C 240 2.81 -22.85 -39.71
C LEU C 240 1.53 -22.23 -39.16
N SER C 241 1.28 -20.98 -39.53
CA SER C 241 0.07 -20.28 -39.08
C SER C 241 -1.20 -20.98 -39.55
N GLN C 242 -1.22 -21.43 -40.81
CA GLN C 242 -2.39 -22.11 -41.37
C GLN C 242 -2.61 -23.53 -40.87
N GLY C 243 -1.67 -24.09 -40.11
CA GLY C 243 -1.80 -25.46 -39.65
C GLY C 243 -1.28 -26.51 -40.62
N GLY C 244 -0.43 -26.13 -41.58
CA GLY C 244 0.20 -27.05 -42.50
C GLY C 244 1.52 -27.65 -42.08
N ILE C 245 2.00 -27.39 -40.88
CA ILE C 245 3.25 -27.97 -40.37
C ILE C 245 2.88 -29.14 -39.48
N SER C 246 3.22 -30.34 -39.94
CA SER C 246 2.88 -31.58 -39.23
C SER C 246 3.95 -31.92 -38.21
N LEU C 247 3.52 -32.22 -36.98
CA LEU C 247 4.46 -32.68 -35.95
C LEU C 247 5.21 -33.93 -36.41
N VAL C 248 4.48 -34.93 -36.92
CA VAL C 248 5.10 -36.19 -37.28
C VAL C 248 5.74 -36.12 -38.66
N ASP C 249 4.97 -35.70 -39.67
CA ASP C 249 5.46 -35.78 -41.04
C ASP C 249 6.44 -34.67 -41.40
N PHE C 250 6.56 -33.63 -40.57
CA PHE C 250 7.58 -32.59 -40.81
C PHE C 250 8.60 -32.52 -39.69
N LEU C 251 8.20 -32.12 -38.47
CA LEU C 251 9.17 -31.77 -37.45
C LEU C 251 9.95 -32.99 -36.96
N MET C 252 9.28 -34.13 -36.80
CA MET C 252 9.97 -35.32 -36.35
C MET C 252 10.61 -36.06 -37.51
N ARG C 253 9.93 -36.11 -38.65
CA ARG C 253 10.44 -36.81 -39.82
C ARG C 253 11.82 -36.29 -40.23
N ARG C 254 11.97 -34.96 -40.29
CA ARG C 254 13.26 -34.39 -40.71
C ARG C 254 14.38 -34.72 -39.73
N GLU C 255 14.09 -34.74 -38.42
CA GLU C 255 15.15 -34.99 -37.44
C GLU C 255 15.58 -36.44 -37.44
N LEU C 256 14.62 -37.37 -37.53
CA LEU C 256 14.93 -38.79 -37.49
C LEU C 256 15.23 -39.37 -38.85
N GLY C 257 14.81 -38.70 -39.93
CA GLY C 257 15.09 -39.16 -41.26
C GLY C 257 16.36 -38.58 -41.85
N TYR C 258 16.24 -37.58 -42.73
CA TYR C 258 17.39 -37.18 -43.53
C TYR C 258 18.48 -36.52 -42.70
N ILE C 259 18.12 -35.77 -41.66
CA ILE C 259 19.16 -35.11 -40.87
C ILE C 259 19.95 -36.15 -40.08
N HIS C 260 19.28 -37.17 -39.57
CA HIS C 260 19.98 -38.23 -38.85
C HIS C 260 20.79 -39.08 -39.81
N LYS C 261 20.29 -39.23 -41.06
CA LYS C 261 21.03 -39.97 -42.07
C LYS C 261 22.32 -39.27 -42.48
N LEU C 262 22.32 -37.93 -42.47
CA LEU C 262 23.56 -37.21 -42.73
C LEU C 262 24.61 -37.57 -41.69
N VAL C 263 24.18 -37.80 -40.45
CA VAL C 263 25.12 -38.16 -39.39
C VAL C 263 25.53 -39.62 -39.53
N ARG C 264 24.56 -40.53 -39.59
CA ARG C 264 24.84 -41.94 -39.38
C ARG C 264 24.64 -42.80 -40.61
N GLY C 265 24.15 -42.25 -41.72
CA GLY C 265 23.98 -43.02 -42.94
C GLY C 265 22.62 -43.70 -43.00
N VAL C 266 22.42 -44.47 -44.08
CA VAL C 266 21.22 -45.28 -44.23
C VAL C 266 21.51 -46.70 -43.79
N LEU C 267 20.60 -47.26 -43.00
CA LEU C 267 20.67 -48.65 -42.58
C LEU C 267 20.10 -49.52 -43.69
N THR C 268 20.90 -50.47 -44.17
CA THR C 268 20.46 -51.37 -45.22
C THR C 268 20.14 -52.75 -44.66
N ASN C 269 19.64 -53.61 -45.54
CA ASN C 269 19.54 -55.03 -45.23
C ASN C 269 20.92 -55.67 -45.28
N ASP C 270 21.05 -56.83 -44.65
CA ASP C 270 22.27 -57.63 -44.71
C ASP C 270 22.39 -58.20 -46.13
N ASP C 271 22.76 -57.34 -47.09
CA ASP C 271 22.76 -57.77 -48.48
C ASP C 271 24.04 -57.44 -49.21
N ARG C 272 25.14 -57.17 -48.52
CA ARG C 272 26.39 -56.79 -49.17
C ARG C 272 27.54 -57.22 -48.28
N PRO C 273 28.74 -57.35 -48.84
CA PRO C 273 29.90 -57.65 -48.00
C PRO C 273 30.23 -56.49 -47.08
N GLY C 274 30.75 -56.84 -45.90
CA GLY C 274 31.12 -55.84 -44.93
C GLY C 274 29.98 -55.28 -44.11
N TRP C 275 28.75 -55.75 -44.33
CA TRP C 275 27.63 -55.30 -43.53
C TRP C 275 27.86 -55.60 -42.06
N TRP C 276 28.56 -56.69 -41.75
CA TRP C 276 28.87 -57.03 -40.37
C TRP C 276 29.64 -55.94 -39.65
N HIS C 277 30.44 -55.15 -40.37
CA HIS C 277 31.09 -54.02 -39.72
C HIS C 277 30.47 -52.67 -40.06
N SER C 278 29.77 -52.55 -41.17
CA SER C 278 29.16 -51.28 -41.58
C SER C 278 27.72 -51.54 -42.05
N PRO C 279 26.80 -51.75 -41.12
CA PRO C 279 25.40 -51.96 -41.53
C PRO C 279 24.78 -50.73 -42.18
N ARG C 280 25.37 -49.56 -42.00
CA ARG C 280 24.87 -48.32 -42.55
C ARG C 280 25.88 -47.75 -43.54
N ILE C 281 25.37 -47.20 -44.64
CA ILE C 281 26.20 -46.53 -45.62
C ILE C 281 26.16 -45.03 -45.31
N GLU C 282 27.27 -44.50 -44.83
CA GLU C 282 27.44 -43.08 -44.59
C GLU C 282 28.48 -42.52 -45.54
N LYS C 283 28.34 -41.24 -45.86
CA LYS C 283 29.27 -40.53 -46.72
C LYS C 283 29.47 -39.11 -46.17
N PRO C 284 30.57 -38.46 -46.54
CA PRO C 284 30.79 -37.08 -46.08
C PRO C 284 29.92 -36.08 -46.82
N TRP C 285 29.59 -34.99 -46.12
CA TRP C 285 28.72 -33.96 -46.68
C TRP C 285 29.36 -32.58 -46.56
N VAL C 286 29.22 -31.81 -47.64
CA VAL C 286 29.64 -30.42 -47.70
C VAL C 286 28.40 -29.55 -47.86
N ALA C 287 28.35 -28.45 -47.12
CA ALA C 287 27.32 -27.44 -47.25
C ALA C 287 27.93 -26.12 -47.67
N ALA C 288 27.28 -25.44 -48.60
CA ALA C 288 27.71 -24.13 -49.07
C ALA C 288 26.56 -23.16 -48.88
N VAL C 289 26.79 -22.10 -48.10
CA VAL C 289 25.72 -21.19 -47.71
C VAL C 289 25.85 -19.91 -48.52
N ASP C 290 24.83 -19.62 -49.32
CA ASP C 290 24.68 -18.34 -50.00
C ASP C 290 23.56 -17.54 -49.34
N GLY C 291 23.78 -16.24 -49.20
CA GLY C 291 22.74 -15.39 -48.63
C GLY C 291 22.59 -15.52 -47.12
N PHE C 292 21.98 -16.61 -46.67
CA PHE C 292 21.79 -16.83 -45.24
C PHE C 292 21.29 -18.25 -45.01
N ALA C 293 21.51 -18.73 -43.79
CA ALA C 293 20.90 -19.96 -43.29
C ALA C 293 20.11 -19.59 -42.04
N ILE C 294 18.78 -19.66 -42.14
CA ILE C 294 17.89 -19.25 -41.06
C ILE C 294 17.09 -20.46 -40.59
N GLY C 295 16.94 -20.59 -39.27
CA GLY C 295 16.06 -21.59 -38.71
C GLY C 295 16.51 -22.99 -39.07
N GLY C 296 15.60 -23.76 -39.67
CA GLY C 296 15.92 -25.14 -40.06
C GLY C 296 17.15 -25.22 -40.94
N GLY C 297 17.34 -24.22 -41.80
CA GLY C 297 18.54 -24.18 -42.62
C GLY C 297 19.81 -24.10 -41.79
N ALA C 298 19.82 -23.24 -40.78
CA ALA C 298 20.99 -23.14 -39.90
C ALA C 298 21.18 -24.42 -39.09
N GLN C 299 20.08 -25.05 -38.66
CA GLN C 299 20.16 -26.33 -37.97
C GLN C 299 20.94 -27.37 -38.77
N LEU C 300 20.80 -27.36 -40.09
CA LEU C 300 21.47 -28.36 -40.92
C LEU C 300 22.99 -28.24 -40.84
N LEU C 301 23.52 -27.03 -40.69
CA LEU C 301 24.97 -26.82 -40.68
C LEU C 301 25.68 -27.54 -39.54
N LEU C 302 24.96 -27.89 -38.48
CA LEU C 302 25.56 -28.52 -37.31
C LEU C 302 25.84 -29.99 -37.53
N VAL C 303 25.64 -30.47 -38.76
CA VAL C 303 25.67 -31.89 -39.05
C VAL C 303 26.57 -32.22 -40.25
N PHE C 304 27.16 -31.23 -40.89
CA PHE C 304 28.00 -31.41 -42.07
C PHE C 304 29.47 -31.59 -41.70
N ASP C 305 30.22 -32.21 -42.61
CA ASP C 305 31.65 -32.42 -42.41
C ASP C 305 32.47 -31.20 -42.82
N ARG C 306 31.95 -30.38 -43.72
CA ARG C 306 32.61 -29.14 -44.10
C ARG C 306 31.52 -28.12 -44.42
N VAL C 307 31.73 -26.87 -44.02
CA VAL C 307 30.76 -25.82 -44.26
C VAL C 307 31.48 -24.62 -44.87
N LEU C 308 30.99 -24.15 -46.00
CA LEU C 308 31.49 -22.96 -46.65
C LEU C 308 30.37 -21.92 -46.70
N ALA C 309 30.76 -20.65 -46.70
CA ALA C 309 29.77 -19.58 -46.74
C ALA C 309 30.35 -18.38 -47.49
N SER C 310 29.46 -17.66 -48.17
CA SER C 310 29.83 -16.41 -48.78
C SER C 310 30.06 -15.33 -47.71
N SER C 311 30.97 -14.40 -48.02
CA SER C 311 31.29 -13.30 -47.11
C SER C 311 30.06 -12.54 -46.60
N ASP C 312 28.96 -12.52 -47.36
CA ASP C 312 27.81 -11.70 -46.99
C ASP C 312 26.72 -12.48 -46.26
N ALA C 313 26.95 -13.74 -45.93
CA ALA C 313 25.92 -14.59 -45.34
C ALA C 313 25.83 -14.37 -43.83
N TYR C 314 24.70 -14.78 -43.26
CA TYR C 314 24.53 -14.79 -41.81
C TYR C 314 23.76 -16.06 -41.41
N PHE C 315 23.81 -16.36 -40.12
CA PHE C 315 23.19 -17.55 -39.57
C PHE C 315 22.38 -17.16 -38.35
N SER C 316 21.15 -17.62 -38.27
CA SER C 316 20.32 -17.29 -37.13
C SER C 316 19.30 -18.39 -36.87
N LEU C 317 18.84 -18.43 -35.63
CA LEU C 317 17.78 -19.34 -35.22
C LEU C 317 16.73 -18.46 -34.56
N PRO C 318 15.89 -17.79 -35.35
CA PRO C 318 14.76 -17.07 -34.76
C PRO C 318 13.61 -17.96 -34.32
N CYS C 319 13.78 -19.27 -34.47
CA CYS C 319 12.74 -20.21 -34.07
C CYS C 319 12.23 -19.90 -32.68
N ALA C 320 13.08 -19.27 -31.88
CA ALA C 320 12.73 -18.90 -30.52
C ALA C 320 11.70 -17.77 -30.52
N LYS C 321 11.99 -16.72 -31.28
CA LYS C 321 11.10 -15.58 -31.38
C LYS C 321 9.74 -16.03 -31.90
N GLU C 322 9.76 -17.02 -32.78
CA GLU C 322 8.53 -17.55 -33.36
C GLU C 322 7.65 -18.20 -32.28
N GLY C 323 8.26 -19.07 -31.49
CA GLY C 323 7.54 -19.75 -30.43
C GLY C 323 7.81 -21.23 -30.33
N ILE C 324 8.68 -21.74 -31.18
CA ILE C 324 9.01 -23.16 -31.18
C ILE C 324 10.51 -23.42 -30.98
N ILE C 325 10.86 -24.69 -30.86
CA ILE C 325 12.25 -25.11 -30.67
C ILE C 325 12.94 -25.32 -32.01
N PRO C 326 14.21 -24.88 -32.18
CA PRO C 326 14.91 -25.10 -33.46
C PRO C 326 15.45 -26.53 -33.60
N GLY C 327 14.54 -27.49 -33.74
CA GLY C 327 14.94 -28.88 -33.95
C GLY C 327 15.94 -29.36 -32.93
N ALA C 328 17.02 -29.96 -33.42
CA ALA C 328 18.09 -30.47 -32.58
C ALA C 328 19.23 -29.47 -32.39
N ALA C 329 19.02 -28.19 -32.74
CA ALA C 329 20.00 -27.17 -32.42
C ALA C 329 20.27 -27.09 -30.93
N ASN C 330 19.24 -27.28 -30.10
CA ASN C 330 19.45 -27.22 -28.66
C ASN C 330 20.33 -28.38 -28.20
N LEU C 331 20.32 -29.48 -28.96
CA LEU C 331 21.20 -30.62 -28.67
C LEU C 331 22.62 -30.34 -29.12
N ARG C 332 22.79 -29.79 -30.31
CA ARG C 332 24.07 -29.77 -30.99
C ARG C 332 24.85 -28.46 -30.85
N LEU C 333 24.18 -27.33 -30.71
CA LEU C 333 24.84 -26.03 -30.81
C LEU C 333 25.88 -25.82 -29.70
N GLY C 334 25.55 -26.22 -28.46
CA GLY C 334 26.48 -26.06 -27.36
C GLY C 334 27.84 -26.66 -27.64
N ARG C 335 27.85 -27.77 -28.39
CA ARG C 335 29.10 -28.47 -28.73
C ARG C 335 29.96 -27.63 -29.67
N PHE C 336 29.32 -26.81 -30.50
CA PHE C 336 30.00 -25.92 -31.44
C PHE C 336 30.43 -24.60 -30.80
N ALA C 337 29.57 -24.00 -29.98
CA ALA C 337 29.73 -22.62 -29.56
C ALA C 337 29.77 -22.44 -28.05
N GLY C 338 29.57 -23.48 -27.27
CA GLY C 338 29.51 -23.35 -25.84
C GLY C 338 28.16 -22.83 -25.40
N PRO C 339 27.90 -22.86 -24.09
CA PRO C 339 26.53 -22.57 -23.62
C PRO C 339 26.18 -21.10 -23.59
N ARG C 340 27.15 -20.20 -23.53
CA ARG C 340 26.87 -18.77 -23.58
C ARG C 340 26.39 -18.36 -24.97
N VAL C 341 27.19 -18.63 -26.01
CA VAL C 341 26.79 -18.26 -27.37
C VAL C 341 25.54 -19.00 -27.80
N SER C 342 25.40 -20.28 -27.42
CA SER C 342 24.23 -21.05 -27.86
C SER C 342 22.94 -20.49 -27.27
N ARG C 343 22.99 -19.97 -26.05
CA ARG C 343 21.82 -19.25 -25.51
C ARG C 343 21.64 -17.89 -26.16
N GLN C 344 22.72 -17.21 -26.52
CA GLN C 344 22.57 -15.94 -27.23
C GLN C 344 21.81 -16.15 -28.55
N VAL C 345 22.13 -17.24 -29.25
CA VAL C 345 21.53 -17.51 -30.56
C VAL C 345 20.10 -18.00 -30.40
N ILE C 346 19.89 -18.98 -29.52
CA ILE C 346 18.61 -19.67 -29.43
C ILE C 346 17.62 -18.91 -28.54
N LEU C 347 18.04 -18.48 -27.34
CA LEU C 347 17.13 -17.77 -26.45
C LEU C 347 16.92 -16.31 -26.83
N GLU C 348 17.95 -15.63 -27.35
CA GLU C 348 17.86 -14.19 -27.56
C GLU C 348 18.04 -13.82 -29.02
N GLY C 349 18.04 -14.79 -29.92
CA GLY C 349 17.94 -14.48 -31.33
C GLY C 349 19.16 -13.83 -31.92
N ARG C 350 20.33 -14.04 -31.32
CA ARG C 350 21.54 -13.46 -31.87
C ARG C 350 21.79 -14.02 -33.27
N ARG C 351 22.26 -13.15 -34.16
CA ARG C 351 22.51 -13.47 -35.56
C ARG C 351 24.00 -13.33 -35.80
N ILE C 352 24.60 -14.38 -36.36
CA ILE C 352 26.06 -14.46 -36.53
C ILE C 352 26.39 -14.25 -38.00
N TRP C 353 27.26 -13.30 -38.27
CA TRP C 353 27.65 -12.94 -39.63
C TRP C 353 28.90 -13.71 -40.05
N ALA C 354 28.96 -14.03 -41.34
CA ALA C 354 30.01 -14.90 -41.85
C ALA C 354 31.40 -14.34 -41.58
N LYS C 355 31.55 -13.02 -41.55
CA LYS C 355 32.87 -12.42 -41.38
C LYS C 355 33.23 -12.09 -39.93
N GLU C 356 32.32 -12.25 -38.98
CA GLU C 356 32.77 -11.99 -37.61
C GLU C 356 33.52 -13.21 -37.07
N PRO C 357 34.44 -13.01 -36.13
CA PRO C 357 35.26 -14.14 -35.65
C PRO C 357 34.49 -15.38 -35.24
N GLU C 358 33.40 -15.24 -34.48
CA GLU C 358 32.68 -16.41 -34.01
C GLU C 358 31.96 -17.18 -35.11
N ALA C 359 31.92 -16.67 -36.33
CA ALA C 359 31.44 -17.49 -37.44
C ALA C 359 32.27 -18.76 -37.61
N ARG C 360 33.54 -18.72 -37.20
CA ARG C 360 34.40 -19.90 -37.34
C ARG C 360 33.96 -21.06 -36.47
N LEU C 361 33.05 -20.81 -35.51
CA LEU C 361 32.48 -21.90 -34.73
C LEU C 361 31.51 -22.73 -35.55
N LEU C 362 30.94 -22.15 -36.60
CA LEU C 362 29.95 -22.79 -37.45
C LEU C 362 30.43 -23.05 -38.86
N VAL C 363 31.43 -22.33 -39.35
CA VAL C 363 31.79 -22.30 -40.76
C VAL C 363 33.29 -22.51 -40.89
N ASP C 364 33.70 -23.36 -41.83
CA ASP C 364 35.12 -23.66 -42.03
C ASP C 364 35.79 -22.65 -42.94
N GLU C 365 35.07 -22.14 -43.94
CA GLU C 365 35.64 -21.24 -44.93
C GLU C 365 34.63 -20.16 -45.26
N VAL C 366 35.10 -18.91 -45.31
CA VAL C 366 34.28 -17.78 -45.70
C VAL C 366 34.99 -17.15 -46.90
N VAL C 367 34.29 -17.08 -48.03
CA VAL C 367 34.91 -16.76 -49.30
C VAL C 367 34.13 -15.64 -49.97
N GLU C 368 34.84 -14.78 -50.68
CA GLU C 368 34.17 -13.75 -51.46
C GLU C 368 33.36 -14.43 -52.56
N PRO C 369 32.18 -13.92 -52.89
CA PRO C 369 31.36 -14.52 -53.96
C PRO C 369 32.10 -14.91 -55.23
N ASP C 370 33.09 -14.13 -55.68
CA ASP C 370 33.80 -14.48 -56.92
C ASP C 370 34.74 -15.67 -56.80
N GLU C 371 35.14 -16.07 -55.59
CA GLU C 371 35.99 -17.24 -55.42
C GLU C 371 35.24 -18.43 -54.80
N LEU C 372 33.92 -18.29 -54.59
CA LEU C 372 33.17 -19.29 -53.83
C LEU C 372 33.00 -20.61 -54.59
N ASP C 373 32.56 -20.55 -55.86
CA ASP C 373 32.38 -21.78 -56.63
C ASP C 373 33.63 -22.64 -56.64
N ALA C 374 34.78 -22.01 -56.88
CA ALA C 374 36.03 -22.78 -56.98
C ALA C 374 36.43 -23.36 -55.64
N ALA C 375 36.16 -22.63 -54.54
CA ALA C 375 36.50 -23.15 -53.22
C ALA C 375 35.61 -24.33 -52.85
N ILE C 376 34.34 -24.29 -53.28
CA ILE C 376 33.45 -25.44 -53.10
C ILE C 376 34.01 -26.66 -53.82
N GLU C 377 34.40 -26.50 -55.08
CA GLU C 377 34.93 -27.61 -55.86
C GLU C 377 36.18 -28.21 -55.21
N ARG C 378 37.11 -27.35 -54.76
CA ARG C 378 38.31 -27.87 -54.12
C ARG C 378 37.97 -28.70 -52.88
N SER C 379 36.98 -28.25 -52.10
CA SER C 379 36.64 -28.95 -50.86
C SER C 379 36.00 -30.31 -51.14
N LEU C 380 35.33 -30.46 -52.29
CA LEU C 380 34.76 -31.75 -52.64
C LEU C 380 35.83 -32.80 -52.94
N THR C 381 37.01 -32.38 -53.40
CA THR C 381 38.08 -33.35 -53.66
C THR C 381 38.79 -33.83 -52.40
N ARG C 382 38.62 -33.16 -51.27
CA ARG C 382 39.44 -33.45 -50.10
C ARG C 382 38.85 -34.48 -49.13
N LEU C 383 37.69 -35.07 -49.42
CA LEU C 383 37.01 -35.97 -48.48
C LEU C 383 36.77 -37.37 -49.06
N ASP C 384 37.67 -37.85 -49.94
CA ASP C 384 37.34 -38.99 -50.79
C ASP C 384 37.45 -40.36 -50.09
N GLY C 385 38.47 -40.61 -49.28
CA GLY C 385 38.83 -41.98 -49.00
C GLY C 385 37.96 -42.74 -48.01
N ASP C 386 38.34 -44.01 -47.81
CA ASP C 386 37.82 -44.82 -46.71
C ASP C 386 38.32 -44.36 -45.36
N ALA C 387 39.45 -43.65 -45.34
CA ALA C 387 39.99 -43.14 -44.09
C ALA C 387 39.13 -42.01 -43.56
N VAL C 388 38.67 -41.13 -44.44
CA VAL C 388 37.72 -40.09 -44.07
C VAL C 388 36.44 -40.70 -43.48
N LEU C 389 35.92 -41.76 -44.12
CA LEU C 389 34.72 -42.41 -43.59
C LEU C 389 34.93 -42.93 -42.17
N ALA C 390 36.03 -43.65 -41.94
CA ALA C 390 36.26 -44.20 -40.61
C ALA C 390 36.41 -43.09 -39.58
N ASN C 391 37.17 -42.04 -39.93
CA ASN C 391 37.39 -40.94 -38.98
C ASN C 391 36.11 -40.16 -38.71
N ARG C 392 35.29 -39.90 -39.74
CA ARG C 392 34.07 -39.15 -39.46
C ARG C 392 33.07 -39.99 -38.67
N ARG C 393 33.13 -41.31 -38.80
CA ARG C 393 32.27 -42.19 -38.01
C ARG C 393 32.68 -42.17 -36.55
N MET C 394 33.99 -42.22 -36.28
CA MET C 394 34.46 -42.16 -34.90
C MET C 394 34.18 -40.79 -34.29
N LEU C 395 34.35 -39.72 -35.08
CA LEU C 395 34.04 -38.38 -34.60
C LEU C 395 32.57 -38.22 -34.23
N ASN C 396 31.67 -38.70 -35.09
CA ASN C 396 30.24 -38.55 -34.81
C ASN C 396 29.81 -39.40 -33.63
N LEU C 397 30.43 -40.58 -33.48
CA LEU C 397 30.18 -41.41 -32.29
C LEU C 397 30.60 -40.68 -31.02
N ALA C 398 31.76 -40.01 -31.06
CA ALA C 398 32.22 -39.25 -29.91
C ALA C 398 31.36 -38.01 -29.66
N ASP C 399 31.00 -37.29 -30.72
CA ASP C 399 30.33 -36.01 -30.56
C ASP C 399 28.90 -36.18 -30.04
N GLU C 400 28.20 -37.20 -30.51
CA GLU C 400 26.78 -37.37 -30.22
C GLU C 400 26.49 -38.85 -30.02
N SER C 401 26.29 -39.27 -28.78
CA SER C 401 26.04 -40.68 -28.52
C SER C 401 24.63 -41.04 -28.95
N PRO C 402 24.39 -42.32 -29.28
CA PRO C 402 23.01 -42.77 -29.55
C PRO C 402 22.04 -42.49 -28.42
N ASP C 403 22.44 -42.73 -27.17
CA ASP C 403 21.58 -42.39 -26.04
C ASP C 403 21.32 -40.89 -25.96
N GLY C 404 22.36 -40.08 -26.15
CA GLY C 404 22.19 -38.63 -26.10
C GLY C 404 21.15 -38.13 -27.07
N PHE C 405 21.26 -38.56 -28.33
CA PHE C 405 20.30 -38.16 -29.35
C PHE C 405 18.92 -38.70 -29.05
N ARG C 406 18.83 -39.97 -28.66
CA ARG C 406 17.54 -40.59 -28.38
C ARG C 406 16.82 -39.89 -27.23
N ALA C 407 17.54 -39.60 -26.14
CA ALA C 407 16.92 -38.94 -24.99
C ALA C 407 16.44 -37.54 -25.36
N TYR C 408 17.20 -36.82 -26.17
CA TYR C 408 16.79 -35.48 -26.59
C TYR C 408 15.52 -35.54 -27.43
N MET C 409 15.53 -36.38 -28.46
CA MET C 409 14.37 -36.46 -29.36
C MET C 409 13.12 -36.91 -28.63
N ALA C 410 13.28 -37.73 -27.59
CA ALA C 410 12.14 -38.17 -26.79
C ALA C 410 11.43 -36.98 -26.15
N GLU C 411 12.15 -36.20 -25.34
CA GLU C 411 11.57 -34.99 -24.76
C GLU C 411 11.12 -34.01 -25.84
N PHE C 412 11.89 -33.90 -26.93
CA PHE C 412 11.56 -32.95 -28.00
C PHE C 412 10.20 -33.25 -28.59
N ALA C 413 9.89 -34.53 -28.80
CA ALA C 413 8.62 -34.95 -29.39
C ALA C 413 7.43 -34.32 -28.68
N LEU C 414 7.47 -34.22 -27.35
CA LEU C 414 6.37 -33.64 -26.59
C LEU C 414 6.52 -32.14 -26.39
N MET C 415 7.71 -31.68 -26.03
CA MET C 415 7.94 -30.25 -25.85
C MET C 415 7.59 -29.48 -27.12
N GLN C 416 7.96 -30.02 -28.27
CA GLN C 416 7.68 -29.33 -29.52
C GLN C 416 6.21 -29.43 -29.89
N ALA C 417 5.59 -30.57 -29.62
CA ALA C 417 4.14 -30.70 -29.78
C ALA C 417 3.39 -29.61 -29.01
N LEU C 418 3.77 -29.37 -27.75
CA LEU C 418 3.13 -28.33 -26.97
C LEU C 418 3.39 -26.95 -27.53
N ARG C 419 4.60 -26.70 -28.05
CA ARG C 419 4.86 -25.39 -28.61
C ARG C 419 4.04 -25.17 -29.87
N LEU C 420 3.76 -26.25 -30.61
CA LEU C 420 2.96 -26.16 -31.81
C LEU C 420 1.56 -25.62 -31.54
N TYR C 421 1.07 -25.79 -30.31
CA TYR C 421 -0.27 -25.33 -29.93
C TYR C 421 -0.26 -24.27 -28.82
N GLY C 422 0.89 -23.67 -28.55
CA GLY C 422 0.95 -22.60 -27.56
C GLY C 422 0.35 -21.31 -28.10
N HIS C 423 0.01 -20.40 -27.20
CA HIS C 423 -0.74 -19.21 -27.64
C HIS C 423 0.16 -18.22 -28.36
N ASP C 424 1.44 -18.16 -28.01
CA ASP C 424 2.28 -17.20 -28.73
C ASP C 424 2.66 -17.72 -30.12
N VAL C 425 2.45 -19.01 -30.40
CA VAL C 425 2.67 -19.50 -31.74
C VAL C 425 1.46 -19.26 -32.62
N ILE C 426 0.27 -19.27 -32.04
CA ILE C 426 -0.99 -19.12 -32.77
C ILE C 426 -1.09 -17.67 -33.25
N ASP C 427 0.00 -16.94 -33.05
CA ASP C 427 0.35 -15.82 -33.90
C ASP C 427 1.54 -16.21 -34.79
N THR D 11 -14.94 39.06 -21.03
CA THR D 11 -13.81 38.15 -20.94
C THR D 11 -14.21 36.78 -21.43
N ASP D 12 -15.32 36.28 -20.90
CA ASP D 12 -15.87 35.01 -21.35
C ASP D 12 -17.28 35.15 -21.88
N GLY D 13 -17.77 36.37 -22.09
CA GLY D 13 -19.09 36.62 -22.60
C GLY D 13 -20.15 36.89 -21.56
N LEU D 14 -19.89 36.53 -20.29
CA LEU D 14 -20.96 36.56 -19.30
C LEU D 14 -21.35 37.98 -18.92
N TRP D 15 -20.38 38.88 -18.72
CA TRP D 15 -20.72 40.25 -18.35
C TRP D 15 -21.49 40.95 -19.48
N ALA D 16 -21.08 40.70 -20.73
CA ALA D 16 -21.79 41.32 -21.84
C ALA D 16 -23.20 40.79 -21.98
N ALA D 17 -23.37 39.47 -21.86
CA ALA D 17 -24.70 38.88 -21.99
C ALA D 17 -25.62 39.35 -20.87
N LEU D 18 -25.08 39.48 -19.65
CA LEU D 18 -25.84 40.05 -18.56
C LEU D 18 -26.22 41.49 -18.86
N THR D 19 -25.27 42.29 -19.34
CA THR D 19 -25.56 43.66 -19.72
C THR D 19 -26.69 43.73 -20.74
N GLU D 20 -26.71 42.81 -21.70
CA GLU D 20 -27.80 42.77 -22.67
C GLU D 20 -29.13 42.43 -21.99
N ALA D 21 -29.14 41.36 -21.18
CA ALA D 21 -30.37 40.91 -20.53
C ALA D 21 -30.94 41.97 -19.61
N ALA D 22 -30.09 42.71 -18.91
CA ALA D 22 -30.58 43.81 -18.10
C ALA D 22 -31.12 44.96 -18.96
N ALA D 23 -30.50 45.20 -20.11
CA ALA D 23 -31.01 46.21 -21.04
C ALA D 23 -32.40 45.88 -21.55
N SER D 24 -32.64 44.61 -21.90
CA SER D 24 -33.98 44.22 -22.32
C SER D 24 -34.98 44.42 -21.19
N VAL D 25 -34.55 44.20 -19.94
CA VAL D 25 -35.43 44.48 -18.80
C VAL D 25 -35.76 45.97 -18.72
N GLU D 26 -34.73 46.82 -18.78
CA GLU D 26 -35.00 48.26 -18.67
C GLU D 26 -35.85 48.70 -19.85
N LYS D 27 -35.59 48.17 -21.05
CA LYS D 27 -36.42 48.46 -22.22
C LYS D 27 -37.89 48.13 -22.00
N LEU D 28 -38.21 46.90 -21.60
CA LEU D 28 -39.62 46.58 -21.32
C LEU D 28 -40.20 47.41 -20.19
N LEU D 29 -39.44 47.64 -19.12
CA LEU D 29 -40.01 48.42 -18.02
C LEU D 29 -40.27 49.86 -18.46
N ALA D 30 -39.47 50.40 -19.37
CA ALA D 30 -39.73 51.75 -19.86
C ALA D 30 -40.95 51.82 -20.77
N THR D 31 -41.18 50.79 -21.59
CA THR D 31 -42.23 50.86 -22.60
C THR D 31 -43.52 50.17 -22.19
N LEU D 32 -43.51 49.35 -21.16
CA LEU D 32 -44.74 48.66 -20.79
C LEU D 32 -45.55 49.51 -19.84
N PRO D 33 -46.82 49.18 -19.67
CA PRO D 33 -47.58 49.79 -18.59
C PRO D 33 -47.02 49.37 -17.25
N GLU D 34 -47.60 50.02 -16.26
CA GLU D 34 -47.27 49.81 -14.88
C GLU D 34 -47.87 48.50 -14.43
N HIS D 35 -47.30 47.99 -13.37
CA HIS D 35 -47.77 46.74 -12.84
C HIS D 35 -49.26 46.84 -12.53
N GLY D 36 -50.01 45.79 -12.88
CA GLY D 36 -51.45 45.78 -12.68
C GLY D 36 -52.26 46.41 -13.80
N ALA D 37 -51.62 47.09 -14.74
CA ALA D 37 -52.27 47.55 -15.95
C ALA D 37 -51.76 46.79 -17.15
N ARG D 38 -50.86 45.84 -16.90
CA ARG D 38 -50.25 45.00 -17.92
C ARG D 38 -51.18 43.85 -18.28
N SER D 39 -51.14 43.47 -19.55
CA SER D 39 -51.89 42.32 -20.00
C SER D 39 -51.13 41.05 -19.67
N SER D 40 -51.81 39.91 -19.84
CA SER D 40 -51.17 38.62 -19.59
C SER D 40 -49.92 38.44 -20.45
N ALA D 41 -50.04 38.72 -21.75
CA ALA D 41 -48.89 38.58 -22.65
C ALA D 41 -47.75 39.48 -22.20
N GLU D 42 -48.05 40.70 -21.77
CA GLU D 42 -47.03 41.60 -21.27
C GLU D 42 -46.40 41.07 -19.97
N ARG D 43 -47.21 40.48 -19.08
CA ARG D 43 -46.67 39.98 -17.82
C ARG D 43 -45.73 38.81 -18.04
N ALA D 44 -46.07 37.91 -18.97
CA ALA D 44 -45.20 36.79 -19.26
C ALA D 44 -43.88 37.26 -19.88
N GLU D 45 -43.94 38.33 -20.67
CA GLU D 45 -42.73 38.80 -21.36
C GLU D 45 -41.73 39.39 -20.38
N ILE D 46 -42.18 40.25 -19.47
CA ILE D 46 -41.28 40.81 -18.46
C ILE D 46 -40.77 39.74 -17.52
N ALA D 47 -41.65 38.83 -17.08
CA ALA D 47 -41.24 37.70 -16.26
C ALA D 47 -40.11 36.91 -16.93
N ALA D 48 -40.23 36.69 -18.24
CA ALA D 48 -39.19 35.96 -18.96
C ALA D 48 -37.89 36.77 -19.02
N ALA D 49 -38.00 38.09 -19.16
CA ALA D 49 -36.80 38.92 -19.23
C ALA D 49 -36.07 38.94 -17.89
N HIS D 50 -36.82 39.15 -16.80
CA HIS D 50 -36.24 39.03 -15.45
C HIS D 50 -35.53 37.70 -15.27
N ASP D 51 -36.19 36.61 -15.67
CA ASP D 51 -35.61 35.27 -15.48
C ASP D 51 -34.31 35.11 -16.24
N ALA D 52 -34.24 35.62 -17.47
CA ALA D 52 -33.00 35.49 -18.23
C ALA D 52 -31.89 36.32 -17.61
N ALA D 53 -32.21 37.51 -17.12
CA ALA D 53 -31.19 38.34 -16.48
C ALA D 53 -30.70 37.73 -15.18
N ARG D 54 -31.61 37.22 -14.35
CA ARG D 54 -31.23 36.65 -13.07
C ARG D 54 -30.39 35.39 -13.25
N ALA D 55 -30.77 34.54 -14.22
CA ALA D 55 -29.94 33.39 -14.54
C ALA D 55 -28.52 33.79 -14.89
N LEU D 56 -28.36 34.89 -15.64
CA LEU D 56 -27.02 35.35 -15.99
C LEU D 56 -26.29 36.01 -14.81
N ARG D 57 -27.03 36.67 -13.92
CA ARG D 57 -26.43 37.15 -12.68
C ARG D 57 -25.79 35.99 -11.90
N VAL D 58 -26.50 34.86 -11.83
CA VAL D 58 -25.96 33.69 -11.15
C VAL D 58 -24.72 33.16 -11.87
N ARG D 59 -24.80 33.02 -13.20
CA ARG D 59 -23.70 32.43 -13.94
C ARG D 59 -22.47 33.33 -13.97
N PHE D 60 -22.67 34.64 -14.13
CA PHE D 60 -21.57 35.59 -14.02
C PHE D 60 -20.82 35.41 -12.71
N LEU D 61 -21.55 35.39 -11.59
CA LEU D 61 -20.94 35.36 -10.27
C LEU D 61 -20.40 33.99 -9.88
N ASP D 62 -20.88 32.90 -10.49
CA ASP D 62 -20.28 31.60 -10.21
C ASP D 62 -18.78 31.59 -10.51
N THR D 63 -18.36 32.31 -11.55
CA THR D 63 -16.94 32.37 -11.86
C THR D 63 -16.27 33.69 -11.49
N HIS D 64 -17.02 34.79 -11.38
CA HIS D 64 -16.42 36.10 -11.19
C HIS D 64 -16.65 36.73 -9.81
N ALA D 65 -17.25 36.02 -8.86
CA ALA D 65 -17.60 36.64 -7.58
C ALA D 65 -16.38 37.22 -6.87
N ASP D 66 -15.31 36.41 -6.73
CA ASP D 66 -14.11 36.89 -6.04
C ASP D 66 -13.52 38.12 -6.71
N ALA D 67 -13.49 38.15 -8.05
CA ALA D 67 -12.96 39.32 -8.74
C ALA D 67 -13.82 40.55 -8.47
N VAL D 68 -15.14 40.37 -8.46
CA VAL D 68 -16.05 41.47 -8.14
C VAL D 68 -15.82 41.96 -6.71
N TYR D 69 -15.80 41.03 -5.76
CA TYR D 69 -15.60 41.41 -4.36
C TYR D 69 -14.26 42.10 -4.16
N ASP D 70 -13.22 41.61 -4.85
CA ASP D 70 -11.91 42.24 -4.75
C ASP D 70 -11.90 43.70 -5.23
N ARG D 71 -12.58 43.99 -6.35
CA ARG D 71 -12.68 45.38 -6.77
C ARG D 71 -13.37 46.24 -5.71
N LEU D 72 -14.40 45.71 -5.07
CA LEU D 72 -15.17 46.52 -4.15
C LEU D 72 -14.46 46.70 -2.81
N THR D 73 -13.63 45.73 -2.41
CA THR D 73 -12.98 45.76 -1.11
C THR D 73 -11.46 45.92 -1.18
N ASP D 74 -10.91 46.28 -2.34
CA ASP D 74 -9.48 46.46 -2.51
C ASP D 74 -8.73 45.20 -2.07
N HIS D 75 -9.11 44.09 -2.69
CA HIS D 75 -8.60 42.75 -2.38
C HIS D 75 -8.69 42.43 -0.89
N ARG D 76 -9.90 42.58 -0.34
CA ARG D 76 -10.25 42.17 1.01
C ARG D 76 -9.39 42.87 2.05
N ARG D 77 -9.05 44.14 1.80
CA ARG D 77 -8.36 44.96 2.78
C ARG D 77 -9.23 46.07 3.34
N VAL D 78 -10.43 46.26 2.80
CA VAL D 78 -11.42 47.19 3.33
C VAL D 78 -12.66 46.39 3.71
N HIS D 79 -13.06 46.45 4.99
CA HIS D 79 -14.28 45.83 5.47
C HIS D 79 -15.47 46.71 5.13
N LEU D 80 -16.36 46.24 4.25
CA LEU D 80 -17.62 46.91 3.97
C LEU D 80 -18.79 46.11 4.53
N ARG D 81 -19.68 46.79 5.25
CA ARG D 81 -20.96 46.22 5.68
C ARG D 81 -21.90 46.01 4.48
N LEU D 82 -23.00 45.31 4.76
CA LEU D 82 -23.92 44.88 3.70
C LEU D 82 -24.44 46.06 2.89
N ALA D 83 -24.98 47.08 3.57
CA ALA D 83 -25.54 48.22 2.87
C ALA D 83 -24.51 48.87 1.96
N GLU D 84 -23.32 49.11 2.50
CA GLU D 84 -22.27 49.74 1.70
C GLU D 84 -21.83 48.83 0.56
N LEU D 85 -21.76 47.51 0.82
CA LEU D 85 -21.31 46.57 -0.20
C LEU D 85 -22.24 46.55 -1.42
N VAL D 86 -23.55 46.42 -1.20
CA VAL D 86 -24.47 46.31 -2.32
C VAL D 86 -24.61 47.64 -3.05
N GLU D 87 -24.45 48.76 -2.33
CA GLU D 87 -24.43 50.06 -2.97
C GLU D 87 -23.23 50.19 -3.91
N ALA D 88 -22.04 49.91 -3.39
CA ALA D 88 -20.82 49.98 -4.20
C ALA D 88 -20.88 49.01 -5.38
N ALA D 89 -21.48 47.84 -5.19
CA ALA D 89 -21.61 46.89 -6.28
C ALA D 89 -22.47 47.45 -7.40
N ALA D 90 -23.55 48.15 -7.05
CA ALA D 90 -24.43 48.71 -8.07
C ALA D 90 -23.73 49.77 -8.92
N THR D 91 -22.98 50.66 -8.30
CA THR D 91 -22.31 51.70 -9.08
C THR D 91 -21.15 51.13 -9.89
N ALA D 92 -20.37 50.23 -9.29
CA ALA D 92 -19.22 49.65 -9.99
C ALA D 92 -19.62 48.63 -11.05
N PHE D 93 -20.77 47.97 -10.91
CA PHE D 93 -21.22 46.94 -11.86
C PHE D 93 -22.69 47.16 -12.19
N PRO D 94 -23.00 48.18 -13.00
CA PRO D 94 -24.40 48.46 -13.34
C PRO D 94 -25.11 47.22 -13.88
N GLY D 95 -26.35 47.03 -13.42
CA GLY D 95 -27.16 45.90 -13.81
C GLY D 95 -26.95 44.63 -12.99
N LEU D 96 -25.86 44.55 -12.22
CA LEU D 96 -25.66 43.39 -11.35
C LEU D 96 -26.63 43.43 -10.17
N VAL D 97 -26.73 44.59 -9.51
CA VAL D 97 -27.66 44.79 -8.40
C VAL D 97 -28.26 46.17 -8.52
N PRO D 98 -29.47 46.36 -7.97
CA PRO D 98 -30.15 47.65 -8.15
C PRO D 98 -29.44 48.81 -7.48
N THR D 99 -29.60 49.99 -8.09
CA THR D 99 -29.11 51.23 -7.51
C THR D 99 -30.00 51.69 -6.38
N GLN D 100 -29.47 52.64 -5.60
CA GLN D 100 -30.28 53.28 -4.57
C GLN D 100 -31.57 53.87 -5.15
N GLN D 101 -31.52 54.46 -6.35
CA GLN D 101 -32.73 54.96 -6.96
C GLN D 101 -33.75 53.85 -7.21
N GLN D 102 -33.34 52.81 -7.92
CA GLN D 102 -34.27 51.73 -8.26
C GLN D 102 -34.91 51.13 -7.01
N LEU D 103 -34.13 51.01 -5.92
CA LEU D 103 -34.70 50.54 -4.66
C LEU D 103 -35.69 51.54 -4.08
N ALA D 104 -35.37 52.83 -4.15
CA ALA D 104 -36.33 53.87 -3.75
C ALA D 104 -37.67 53.69 -4.44
N VAL D 105 -37.66 53.44 -5.74
CA VAL D 105 -38.89 53.23 -6.48
C VAL D 105 -39.60 51.98 -5.99
N GLU D 106 -38.85 50.88 -5.83
CA GLU D 106 -39.41 49.65 -5.31
C GLU D 106 -40.03 49.87 -3.93
N ARG D 107 -39.34 50.61 -3.06
CA ARG D 107 -39.83 50.80 -1.71
C ARG D 107 -41.17 51.54 -1.70
N SER D 108 -41.40 52.39 -2.70
CA SER D 108 -42.63 53.19 -2.75
C SER D 108 -43.84 52.39 -3.18
N LEU D 109 -43.67 51.16 -3.63
CA LEU D 109 -44.76 50.32 -4.13
C LEU D 109 -45.18 49.30 -3.09
N PRO D 110 -46.38 48.74 -3.23
CA PRO D 110 -46.70 47.54 -2.44
C PRO D 110 -45.99 46.35 -3.02
N GLN D 111 -45.73 45.35 -2.16
CA GLN D 111 -44.96 44.17 -2.53
C GLN D 111 -45.43 43.56 -3.85
N ALA D 112 -46.76 43.49 -4.04
CA ALA D 112 -47.33 42.86 -5.23
C ALA D 112 -46.93 43.56 -6.52
N ALA D 113 -46.68 44.86 -6.49
CA ALA D 113 -46.37 45.62 -7.69
C ALA D 113 -44.88 45.72 -7.96
N LYS D 114 -44.04 45.20 -7.06
CA LYS D 114 -42.60 45.30 -7.20
C LYS D 114 -42.08 44.39 -8.31
N GLU D 115 -41.01 44.86 -8.96
CA GLU D 115 -40.35 44.07 -9.99
C GLU D 115 -39.45 42.99 -9.39
N GLY D 116 -39.09 43.14 -8.10
CA GLY D 116 -38.30 42.14 -7.42
C GLY D 116 -36.80 42.33 -7.50
N HIS D 117 -36.34 43.58 -7.59
CA HIS D 117 -34.91 43.84 -7.75
C HIS D 117 -34.08 43.35 -6.57
N GLU D 118 -34.67 43.32 -5.37
CA GLU D 118 -33.97 42.75 -4.22
C GLU D 118 -33.47 41.33 -4.47
N ILE D 119 -34.16 40.57 -5.32
CA ILE D 119 -33.71 39.23 -5.67
C ILE D 119 -32.29 39.27 -6.23
N ASP D 120 -31.97 40.31 -7.00
CA ASP D 120 -30.62 40.44 -7.53
C ASP D 120 -29.60 40.60 -6.40
N GLN D 121 -29.99 41.28 -5.32
CA GLN D 121 -29.12 41.35 -4.15
C GLN D 121 -29.00 39.98 -3.48
N GLY D 122 -30.09 39.22 -3.45
CA GLY D 122 -30.01 37.84 -2.98
C GLY D 122 -29.02 37.01 -3.78
N ILE D 123 -29.03 37.16 -5.11
CA ILE D 123 -28.11 36.42 -5.96
C ILE D 123 -26.67 36.82 -5.64
N PHE D 124 -26.46 38.13 -5.44
CA PHE D 124 -25.13 38.66 -5.18
C PHE D 124 -24.59 38.17 -3.84
N LEU D 125 -25.35 38.34 -2.77
CA LEU D 125 -24.90 37.94 -1.44
C LEU D 125 -24.72 36.43 -1.34
N ARG D 126 -25.52 35.66 -2.07
CA ARG D 126 -25.31 34.22 -2.11
C ARG D 126 -23.93 33.90 -2.68
N ALA D 127 -23.58 34.53 -3.81
CA ALA D 127 -22.31 34.26 -4.46
C ALA D 127 -21.14 34.71 -3.60
N VAL D 128 -21.28 35.88 -2.95
CA VAL D 128 -20.21 36.37 -2.08
C VAL D 128 -19.99 35.43 -0.90
N LEU D 129 -21.07 35.09 -0.19
CA LEU D 129 -20.94 34.22 0.98
C LEU D 129 -20.46 32.82 0.62
N ARG D 130 -20.79 32.32 -0.58
CA ARG D 130 -20.28 31.02 -0.99
C ARG D 130 -18.76 31.00 -1.14
N SER D 131 -18.15 32.13 -1.47
CA SER D 131 -16.70 32.17 -1.65
C SER D 131 -15.97 31.90 -0.32
N PRO D 132 -15.01 30.98 -0.29
CA PRO D 132 -14.22 30.77 0.95
C PRO D 132 -13.31 31.94 1.28
N LEU D 133 -13.11 32.88 0.35
CA LEU D 133 -12.32 34.07 0.61
C LEU D 133 -13.18 35.29 0.92
N ALA D 134 -14.17 35.57 0.07
CA ALA D 134 -15.02 36.74 0.27
C ALA D 134 -15.99 36.53 1.42
N GLY D 135 -16.54 35.33 1.56
CA GLY D 135 -17.53 35.04 2.57
C GLY D 135 -17.11 35.36 3.98
N PRO D 136 -16.02 34.75 4.46
CA PRO D 136 -15.57 35.03 5.82
C PRO D 136 -15.22 36.50 6.03
N HIS D 137 -14.79 37.18 4.96
CA HIS D 137 -14.38 38.58 5.08
C HIS D 137 -15.59 39.47 5.27
N LEU D 138 -16.65 39.24 4.48
CA LEU D 138 -17.91 39.95 4.69
C LEU D 138 -18.48 39.69 6.08
N LEU D 139 -18.40 38.44 6.56
CA LEU D 139 -18.95 38.14 7.87
C LEU D 139 -18.17 38.85 8.97
N ASP D 140 -16.85 38.98 8.79
CA ASP D 140 -16.06 39.78 9.73
C ASP D 140 -16.48 41.24 9.71
N ALA D 141 -16.67 41.79 8.50
CA ALA D 141 -17.08 43.18 8.37
C ALA D 141 -18.35 43.46 9.16
N MET D 142 -19.29 42.52 9.15
CA MET D 142 -20.54 42.68 9.86
C MET D 142 -20.40 42.48 11.37
N LEU D 143 -19.33 41.82 11.81
CA LEU D 143 -19.07 41.73 13.24
C LEU D 143 -18.39 42.96 13.83
N ARG D 144 -17.89 43.87 13.00
CA ARG D 144 -17.28 45.09 13.51
C ARG D 144 -18.33 46.02 14.11
N PRO D 145 -17.95 46.84 15.09
CA PRO D 145 -18.92 47.75 15.71
C PRO D 145 -19.54 48.69 14.70
N THR D 146 -20.82 49.00 14.90
CA THR D 146 -21.48 49.98 14.05
C THR D 146 -20.98 51.38 14.40
N PRO D 147 -20.92 52.28 13.41
CA PRO D 147 -20.56 53.67 13.72
C PRO D 147 -21.42 54.30 14.79
N ARG D 148 -22.74 54.06 14.74
CA ARG D 148 -23.65 54.59 15.74
C ARG D 148 -23.22 54.22 17.17
N ALA D 149 -22.80 52.97 17.37
CA ALA D 149 -22.40 52.54 18.70
C ALA D 149 -21.09 53.18 19.15
N LEU D 150 -20.13 53.31 18.24
CA LEU D 150 -18.88 54.00 18.55
C LEU D 150 -19.16 55.44 18.95
N GLU D 151 -20.17 56.03 18.31
CA GLU D 151 -20.57 57.40 18.54
C GLU D 151 -21.21 57.59 19.92
N LEU D 152 -22.06 56.64 20.32
CA LEU D 152 -22.75 56.67 21.61
C LEU D 152 -21.94 56.08 22.76
N LEU D 153 -20.82 55.43 22.49
CA LEU D 153 -20.13 54.70 23.55
C LEU D 153 -19.67 55.58 24.71
N PRO D 154 -19.00 56.72 24.50
CA PRO D 154 -18.58 57.51 25.67
C PRO D 154 -19.71 57.95 26.56
N GLU D 155 -20.83 58.43 26.01
CA GLU D 155 -21.93 58.82 26.88
C GLU D 155 -22.52 57.63 27.60
N PHE D 156 -22.55 56.46 26.95
CA PHE D 156 -23.03 55.27 27.64
C PHE D 156 -22.13 54.91 28.81
N VAL D 157 -20.80 55.00 28.61
CA VAL D 157 -19.87 54.71 29.69
C VAL D 157 -20.08 55.68 30.85
N ARG D 158 -20.28 56.97 30.54
CA ARG D 158 -20.49 57.96 31.59
C ARG D 158 -21.83 57.75 32.28
N THR D 159 -22.88 57.54 31.49
CA THR D 159 -24.25 57.64 31.95
C THR D 159 -24.85 56.29 32.37
N GLY D 160 -24.37 55.19 31.81
CA GLY D 160 -24.96 53.89 32.04
C GLY D 160 -26.36 53.69 31.47
N GLU D 161 -26.77 54.50 30.49
CA GLU D 161 -28.17 54.53 30.09
C GLU D 161 -28.30 55.14 28.71
N VAL D 162 -29.08 54.48 27.86
CA VAL D 162 -29.36 54.98 26.50
C VAL D 162 -30.80 54.62 26.18
N GLU D 163 -31.54 55.59 25.67
CA GLU D 163 -32.92 55.37 25.24
C GLU D 163 -32.95 55.44 23.72
N MET D 164 -33.45 54.38 23.10
CA MET D 164 -33.61 54.29 21.66
C MET D 164 -35.08 53.99 21.38
N GLU D 165 -35.46 54.07 20.10
CA GLU D 165 -36.87 53.92 19.77
C GLU D 165 -37.40 52.56 20.18
N ALA D 166 -36.66 51.49 19.90
CA ALA D 166 -37.13 50.14 20.16
C ALA D 166 -36.39 49.43 21.30
N VAL D 167 -35.30 49.99 21.83
CA VAL D 167 -34.54 49.33 22.90
C VAL D 167 -34.15 50.36 23.95
N HIS D 168 -34.35 49.99 25.22
CA HIS D 168 -33.80 50.75 26.34
C HIS D 168 -32.62 49.97 26.90
N LEU D 169 -31.46 50.61 26.97
CA LEU D 169 -30.24 49.98 27.45
C LEU D 169 -29.79 50.60 28.77
N GLU D 170 -29.48 49.75 29.75
CA GLU D 170 -29.01 50.18 31.06
C GLU D 170 -27.90 49.28 31.55
N ARG D 171 -26.80 49.88 31.99
CA ARG D 171 -25.78 49.14 32.74
C ARG D 171 -26.09 49.19 34.23
N ARG D 172 -26.10 48.02 34.87
CA ARG D 172 -26.39 47.93 36.29
C ARG D 172 -25.79 46.65 36.84
N ASP D 173 -24.93 46.79 37.85
CA ASP D 173 -24.23 45.64 38.46
C ASP D 173 -23.49 44.79 37.42
N GLY D 174 -22.79 45.45 36.51
CA GLY D 174 -22.07 44.74 35.48
C GLY D 174 -22.92 44.00 34.49
N VAL D 175 -24.22 44.30 34.42
CA VAL D 175 -25.13 43.68 33.47
C VAL D 175 -25.57 44.74 32.48
N ALA D 176 -25.52 44.40 31.20
CA ALA D 176 -26.13 45.21 30.15
C ALA D 176 -27.58 44.76 30.03
N ARG D 177 -28.50 45.61 30.45
CA ARG D 177 -29.92 45.28 30.45
C ARG D 177 -30.59 45.87 29.22
N LEU D 178 -30.83 45.03 28.22
CA LEU D 178 -31.55 45.45 27.04
C LEU D 178 -33.02 45.14 27.24
N THR D 179 -33.85 46.18 27.20
CA THR D 179 -35.29 46.03 27.32
C THR D 179 -35.90 46.44 25.98
N MET D 180 -36.58 45.48 25.34
CA MET D 180 -37.27 45.77 24.10
C MET D 180 -38.57 46.45 24.46
N CYS D 181 -38.75 47.68 23.99
CA CYS D 181 -39.73 48.56 24.60
C CYS D 181 -40.66 49.19 23.58
N ARG D 182 -41.18 48.39 22.66
CA ARG D 182 -42.18 48.90 21.73
C ARG D 182 -43.54 48.48 22.26
N ASP D 183 -44.02 49.27 23.21
CA ASP D 183 -45.21 48.96 24.00
C ASP D 183 -46.49 48.97 23.18
N ASP D 184 -46.50 49.64 22.02
CA ASP D 184 -47.72 49.68 21.23
C ASP D 184 -47.92 48.44 20.36
N ARG D 185 -46.88 47.68 20.04
CA ARG D 185 -47.01 46.63 19.04
C ARG D 185 -46.33 45.31 19.42
N LEU D 186 -46.17 45.04 20.73
CA LEU D 186 -45.65 43.77 21.22
C LEU D 186 -44.26 43.46 20.66
N ASN D 187 -43.41 44.49 20.61
CA ASN D 187 -42.02 44.38 20.15
C ASN D 187 -41.89 43.73 18.78
N ALA D 188 -42.87 43.95 17.90
CA ALA D 188 -42.75 43.53 16.51
C ALA D 188 -41.53 44.15 15.86
N GLU D 189 -40.84 43.36 15.02
CA GLU D 189 -39.54 43.74 14.48
C GLU D 189 -39.66 44.53 13.18
N ASP D 190 -38.81 45.53 13.04
CA ASP D 190 -38.73 46.39 11.86
C ASP D 190 -37.28 46.80 11.67
N GLY D 191 -36.99 47.51 10.58
CA GLY D 191 -35.63 47.94 10.31
C GLY D 191 -35.03 48.76 11.43
N GLN D 192 -35.87 49.54 12.13
CA GLN D 192 -35.37 50.37 13.23
C GLN D 192 -34.99 49.51 14.42
N GLN D 193 -35.79 48.47 14.71
CA GLN D 193 -35.47 47.61 15.85
C GLN D 193 -34.14 46.90 15.65
N VAL D 194 -33.84 46.50 14.41
CA VAL D 194 -32.57 45.87 14.12
C VAL D 194 -31.42 46.83 14.38
N ASP D 195 -31.57 48.09 13.94
CA ASP D 195 -30.54 49.09 14.17
C ASP D 195 -30.35 49.35 15.66
N ASP D 196 -31.44 49.44 16.41
CA ASP D 196 -31.33 49.65 17.85
C ASP D 196 -30.72 48.44 18.54
N MET D 197 -31.12 47.23 18.16
CA MET D 197 -30.58 46.03 18.78
C MET D 197 -29.09 45.91 18.53
N GLU D 198 -28.65 46.09 17.28
CA GLU D 198 -27.23 45.97 16.99
C GLU D 198 -26.44 47.04 17.74
N THR D 199 -26.98 48.26 17.79
CA THR D 199 -26.32 49.33 18.52
C THR D 199 -26.19 48.98 20.00
N ALA D 200 -27.27 48.47 20.60
CA ALA D 200 -27.23 48.10 22.01
C ALA D 200 -26.30 46.92 22.26
N VAL D 201 -26.30 45.92 21.37
CA VAL D 201 -25.39 44.79 21.56
C VAL D 201 -23.95 45.25 21.43
N ASP D 202 -23.67 46.14 20.48
CA ASP D 202 -22.31 46.69 20.34
C ASP D 202 -21.86 47.40 21.61
N LEU D 203 -22.74 48.21 22.20
CA LEU D 203 -22.38 48.95 23.40
C LEU D 203 -22.14 47.99 24.57
N ALA D 204 -22.97 46.95 24.67
CA ALA D 204 -22.81 45.99 25.76
C ALA D 204 -21.46 45.31 25.68
N LEU D 205 -21.03 44.98 24.46
CA LEU D 205 -19.77 44.25 24.31
C LEU D 205 -18.56 45.17 24.48
N LEU D 206 -18.66 46.42 24.03
CA LEU D 206 -17.52 47.33 24.13
C LEU D 206 -17.40 48.00 25.49
N ASP D 207 -18.46 48.03 26.29
CA ASP D 207 -18.42 48.69 27.59
C ASP D 207 -17.63 47.83 28.57
N PRO D 208 -16.50 48.31 29.09
CA PRO D 208 -15.69 47.48 30.00
C PRO D 208 -16.36 47.23 31.34
N GLY D 209 -17.39 48.00 31.69
CA GLY D 209 -18.15 47.77 32.90
C GLY D 209 -19.29 46.79 32.73
N VAL D 210 -19.40 46.15 31.57
CA VAL D 210 -20.42 45.15 31.30
C VAL D 210 -19.76 43.79 31.25
N ARG D 211 -20.28 42.88 32.07
CA ARG D 211 -19.77 41.51 32.12
C ARG D 211 -20.74 40.51 31.51
N VAL D 212 -22.05 40.76 31.63
CA VAL D 212 -23.10 39.87 31.13
C VAL D 212 -24.18 40.73 30.49
N GLY D 213 -24.81 40.18 29.45
CA GLY D 213 -25.95 40.81 28.83
C GLY D 213 -27.27 40.16 29.20
N LEU D 214 -28.33 40.95 29.14
CA LEU D 214 -29.68 40.50 29.45
C LEU D 214 -30.63 41.07 28.41
N LEU D 215 -31.45 40.21 27.81
CA LEU D 215 -32.48 40.65 26.88
C LEU D 215 -33.85 40.28 27.43
N ARG D 216 -34.74 41.26 27.51
CA ARG D 216 -36.07 41.06 28.05
C ARG D 216 -37.03 42.06 27.41
N GLY D 217 -38.30 41.68 27.35
CA GLY D 217 -39.33 42.59 26.87
C GLY D 217 -39.86 43.48 27.98
N GLY D 218 -40.18 44.73 27.61
CA GLY D 218 -40.69 45.69 28.56
C GLY D 218 -42.19 45.61 28.74
N VAL D 219 -42.70 46.40 29.68
CA VAL D 219 -44.13 46.51 29.91
C VAL D 219 -44.81 47.05 28.66
N MET D 220 -45.93 46.41 28.26
CA MET D 220 -46.71 46.82 27.11
C MET D 220 -47.79 47.82 27.49
N SER D 221 -48.19 48.65 26.51
CA SER D 221 -49.23 49.64 26.71
C SER D 221 -50.51 49.34 25.93
N HIS D 222 -50.41 48.62 24.82
CA HIS D 222 -51.59 48.16 24.08
C HIS D 222 -52.61 47.53 25.02
N PRO D 223 -53.91 47.81 24.85
CA PRO D 223 -54.91 47.46 25.87
C PRO D 223 -55.02 45.97 26.16
N ARG D 224 -54.81 45.10 25.18
CA ARG D 224 -54.86 43.65 25.45
C ARG D 224 -53.76 43.18 26.38
N TYR D 225 -52.68 43.96 26.52
CA TYR D 225 -51.54 43.56 27.34
C TYR D 225 -51.07 44.63 28.31
N ARG D 226 -51.93 45.58 28.68
CA ARG D 226 -51.47 46.71 29.48
C ARG D 226 -50.98 46.25 30.83
N GLY D 227 -49.77 46.69 31.20
CA GLY D 227 -49.13 46.30 32.44
C GLY D 227 -48.33 45.01 32.36
N LYS D 228 -48.40 44.30 31.24
CA LYS D 228 -47.77 42.99 31.09
C LYS D 228 -46.54 43.11 30.20
N ARG D 229 -45.48 42.39 30.56
CA ARG D 229 -44.31 42.30 29.70
C ARG D 229 -44.56 41.30 28.59
N VAL D 230 -44.02 41.58 27.41
CA VAL D 230 -44.07 40.68 26.26
C VAL D 230 -42.72 40.69 25.58
N PHE D 231 -42.17 39.50 25.29
CA PHE D 231 -40.85 39.40 24.70
C PHE D 231 -40.84 39.84 23.25
N SER D 232 -41.56 39.11 22.38
CA SER D 232 -41.59 39.47 20.96
C SER D 232 -42.69 38.77 20.19
N ALA D 233 -43.43 39.52 19.37
CA ALA D 233 -44.41 38.98 18.44
C ALA D 233 -43.86 38.78 17.04
N GLY D 234 -42.55 38.85 16.86
CA GLY D 234 -41.95 38.57 15.57
C GLY D 234 -42.06 39.71 14.57
N ILE D 235 -41.81 39.36 13.30
CA ILE D 235 -41.76 40.36 12.24
C ILE D 235 -43.07 41.14 12.14
N ASN D 236 -42.93 42.43 11.84
CA ASN D 236 -44.06 43.32 11.61
C ASN D 236 -44.77 42.91 10.33
N LEU D 237 -45.91 42.22 10.46
CA LEU D 237 -46.60 41.71 9.28
C LEU D 237 -47.22 42.81 8.44
N LYS D 238 -47.64 43.90 9.07
CA LYS D 238 -48.10 45.05 8.29
C LYS D 238 -47.00 45.57 7.37
N TYR D 239 -45.81 45.81 7.92
CA TYR D 239 -44.70 46.34 7.14
C TYR D 239 -44.28 45.36 6.05
N LEU D 240 -44.35 44.06 6.33
CA LEU D 240 -44.05 43.03 5.33
C LEU D 240 -44.98 43.17 4.14
N SER D 241 -46.28 43.26 4.40
CA SER D 241 -47.26 43.42 3.33
C SER D 241 -47.05 44.71 2.54
N GLN D 242 -46.77 45.82 3.23
CA GLN D 242 -46.56 47.12 2.60
C GLN D 242 -45.24 47.25 1.86
N GLY D 243 -44.32 46.29 1.97
CA GLY D 243 -43.03 46.39 1.34
C GLY D 243 -41.96 47.12 2.15
N GLY D 244 -42.16 47.27 3.47
CA GLY D 244 -41.19 47.87 4.36
C GLY D 244 -40.17 46.94 4.99
N ILE D 245 -40.16 45.66 4.64
CA ILE D 245 -39.17 44.72 5.16
C ILE D 245 -38.07 44.56 4.11
N SER D 246 -36.88 45.06 4.44
CA SER D 246 -35.74 45.06 3.54
C SER D 246 -34.97 43.74 3.64
N LEU D 247 -34.72 43.12 2.48
CA LEU D 247 -33.89 41.92 2.46
C LEU D 247 -32.53 42.18 3.09
N VAL D 248 -31.87 43.27 2.69
CA VAL D 248 -30.51 43.53 3.15
C VAL D 248 -30.52 44.21 4.51
N ASP D 249 -31.27 45.30 4.64
CA ASP D 249 -31.20 46.10 5.87
C ASP D 249 -31.99 45.50 7.03
N PHE D 250 -32.86 44.52 6.80
CA PHE D 250 -33.54 43.84 7.90
C PHE D 250 -33.18 42.38 7.99
N LEU D 251 -33.55 41.57 6.99
CA LEU D 251 -33.46 40.12 7.14
C LEU D 251 -32.00 39.64 7.20
N MET D 252 -31.13 40.22 6.37
CA MET D 252 -29.74 39.80 6.39
C MET D 252 -28.95 40.53 7.47
N ARG D 253 -29.25 41.82 7.66
CA ARG D 253 -28.55 42.61 8.67
C ARG D 253 -28.65 41.99 10.06
N ARG D 254 -29.86 41.57 10.48
CA ARG D 254 -30.03 41.01 11.81
C ARG D 254 -29.28 39.70 11.98
N GLU D 255 -29.22 38.86 10.94
CA GLU D 255 -28.55 37.57 11.07
C GLU D 255 -27.04 37.73 11.12
N LEU D 256 -26.48 38.60 10.28
CA LEU D 256 -25.03 38.77 10.23
C LEU D 256 -24.52 39.82 11.20
N GLY D 257 -25.41 40.70 11.67
CA GLY D 257 -25.02 41.71 12.64
C GLY D 257 -25.24 41.24 14.07
N TYR D 258 -26.31 41.71 14.72
CA TYR D 258 -26.41 41.54 16.17
C TYR D 258 -26.61 40.09 16.58
N ILE D 259 -27.31 39.28 15.79
CA ILE D 259 -27.53 37.90 16.20
C ILE D 259 -26.23 37.12 16.11
N HIS D 260 -25.41 37.40 15.10
CA HIS D 260 -24.11 36.75 14.99
C HIS D 260 -23.16 37.28 16.05
N LYS D 261 -23.30 38.55 16.43
CA LYS D 261 -22.48 39.13 17.49
C LYS D 261 -22.79 38.52 18.84
N LEU D 262 -24.05 38.13 19.08
CA LEU D 262 -24.36 37.40 20.31
C LEU D 262 -23.56 36.11 20.39
N VAL D 263 -23.35 35.46 19.24
CA VAL D 263 -22.60 34.21 19.23
C VAL D 263 -21.11 34.48 19.36
N ARG D 264 -20.58 35.34 18.49
CA ARG D 264 -19.14 35.42 18.29
C ARG D 264 -18.51 36.72 18.77
N GLY D 265 -19.30 37.70 19.22
CA GLY D 265 -18.73 38.94 19.71
C GLY D 265 -18.53 39.96 18.60
N VAL D 266 -17.98 41.12 18.99
CA VAL D 266 -17.62 42.16 18.03
C VAL D 266 -16.13 42.08 17.71
N LEU D 267 -15.81 42.15 16.42
CA LEU D 267 -14.42 42.17 15.95
C LEU D 267 -13.88 43.60 16.08
N THR D 268 -12.80 43.77 16.82
CA THR D 268 -12.19 45.08 17.02
C THR D 268 -10.93 45.21 16.19
N ASN D 269 -10.36 46.41 16.23
CA ASN D 269 -9.03 46.65 15.71
C ASN D 269 -7.99 46.07 16.67
N ASP D 270 -6.78 45.88 16.15
CA ASP D 270 -5.65 45.47 16.97
C ASP D 270 -5.23 46.63 17.86
N ASP D 271 -6.03 46.90 18.90
CA ASP D 271 -5.83 48.07 19.74
C ASP D 271 -5.80 47.76 21.24
N ARG D 272 -5.59 46.52 21.63
CA ARG D 272 -5.59 46.15 23.04
C ARG D 272 -4.71 44.93 23.22
N PRO D 273 -4.25 44.67 24.45
CA PRO D 273 -3.51 43.42 24.70
C PRO D 273 -4.41 42.21 24.55
N GLY D 274 -3.80 41.11 24.13
CA GLY D 274 -4.52 39.87 23.95
C GLY D 274 -5.32 39.77 22.67
N TRP D 275 -5.27 40.79 21.81
CA TRP D 275 -5.98 40.74 20.53
C TRP D 275 -5.51 39.57 19.69
N TRP D 276 -4.22 39.22 19.79
CA TRP D 276 -3.67 38.09 19.06
C TRP D 276 -4.36 36.77 19.38
N HIS D 277 -4.93 36.63 20.58
CA HIS D 277 -5.71 35.43 20.86
C HIS D 277 -7.21 35.66 20.87
N SER D 278 -7.67 36.88 21.10
CA SER D 278 -9.10 37.19 21.17
C SER D 278 -9.37 38.45 20.37
N PRO D 279 -9.40 38.35 19.03
CA PRO D 279 -9.72 39.53 18.22
C PRO D 279 -11.13 40.04 18.41
N ARG D 280 -12.03 39.24 18.96
CA ARG D 280 -13.42 39.61 19.16
C ARG D 280 -13.71 39.63 20.65
N ILE D 281 -14.52 40.60 21.08
CA ILE D 281 -15.00 40.67 22.45
C ILE D 281 -16.38 40.03 22.48
N GLU D 282 -16.49 38.87 23.13
CA GLU D 282 -17.75 38.21 23.34
C GLU D 282 -18.06 38.18 24.83
N LYS D 283 -19.34 38.14 25.15
CA LYS D 283 -19.82 38.07 26.52
C LYS D 283 -21.03 37.15 26.59
N PRO D 284 -21.33 36.60 27.76
CA PRO D 284 -22.51 35.72 27.87
C PRO D 284 -23.81 36.50 27.87
N TRP D 285 -24.87 35.85 27.37
CA TRP D 285 -26.16 36.50 27.28
C TRP D 285 -27.25 35.67 27.94
N VAL D 286 -28.12 36.35 28.68
CA VAL D 286 -29.30 35.76 29.30
C VAL D 286 -30.53 36.36 28.63
N ALA D 287 -31.51 35.52 28.31
CA ALA D 287 -32.80 35.95 27.79
C ALA D 287 -33.89 35.54 28.76
N ALA D 288 -34.86 36.44 28.98
CA ALA D 288 -35.99 36.20 29.85
C ALA D 288 -37.25 36.45 29.04
N VAL D 289 -38.10 35.45 28.91
CA VAL D 289 -39.26 35.49 28.02
C VAL D 289 -40.53 35.68 28.85
N ASP D 290 -41.20 36.81 28.64
CA ASP D 290 -42.52 37.06 29.19
C ASP D 290 -43.57 36.98 28.08
N GLY D 291 -44.71 36.39 28.39
CA GLY D 291 -45.79 36.31 27.41
C GLY D 291 -45.55 35.26 26.34
N PHE D 292 -44.67 35.55 25.39
CA PHE D 292 -44.37 34.63 24.30
C PHE D 292 -43.17 35.14 23.52
N ALA D 293 -42.53 34.21 22.80
CA ALA D 293 -41.52 34.53 21.80
C ALA D 293 -41.99 33.92 20.49
N ILE D 294 -42.37 34.77 19.54
CA ILE D 294 -42.91 34.34 18.27
C ILE D 294 -41.99 34.78 17.14
N GLY D 295 -41.77 33.88 16.18
CA GLY D 295 -41.03 34.24 14.98
C GLY D 295 -39.61 34.66 15.29
N GLY D 296 -39.24 35.86 14.85
CA GLY D 296 -37.90 36.36 15.09
C GLY D 296 -37.51 36.36 16.54
N GLY D 297 -38.47 36.61 17.43
CA GLY D 297 -38.20 36.54 18.85
C GLY D 297 -37.77 35.15 19.30
N ALA D 298 -38.47 34.12 18.84
CA ALA D 298 -38.10 32.75 19.18
C ALA D 298 -36.76 32.36 18.57
N GLN D 299 -36.48 32.85 17.36
CA GLN D 299 -35.19 32.62 16.73
C GLN D 299 -34.04 33.06 17.64
N LEU D 300 -34.23 34.17 18.37
CA LEU D 300 -33.16 34.70 19.21
C LEU D 300 -32.76 33.74 20.32
N LEU D 301 -33.74 32.98 20.85
CA LEU D 301 -33.47 32.09 21.98
C LEU D 301 -32.44 31.02 21.66
N LEU D 302 -32.24 30.71 20.38
CA LEU D 302 -31.34 29.64 19.95
C LEU D 302 -29.90 30.07 20.02
N VAL D 303 -29.63 31.26 20.56
CA VAL D 303 -28.32 31.87 20.53
C VAL D 303 -27.85 32.35 21.90
N PHE D 304 -28.67 32.20 22.94
CA PHE D 304 -28.34 32.66 24.28
C PHE D 304 -27.67 31.57 25.12
N ASP D 305 -26.93 32.01 26.13
CA ASP D 305 -26.24 31.10 27.06
C ASP D 305 -27.16 30.59 28.16
N ARG D 306 -28.20 31.35 28.50
CA ARG D 306 -29.19 30.92 29.47
C ARG D 306 -30.52 31.52 29.05
N VAL D 307 -31.59 30.75 29.19
CA VAL D 307 -32.93 31.21 28.82
C VAL D 307 -33.87 30.91 29.97
N LEU D 308 -34.60 31.93 30.41
CA LEU D 308 -35.64 31.80 31.42
C LEU D 308 -36.97 32.19 30.79
N ALA D 309 -38.05 31.61 31.30
CA ALA D 309 -39.36 31.90 30.73
C ALA D 309 -40.42 31.87 31.83
N SER D 310 -41.45 32.68 31.65
CA SER D 310 -42.61 32.64 32.53
C SER D 310 -43.39 31.35 32.30
N SER D 311 -44.01 30.84 33.38
CA SER D 311 -44.86 29.65 33.29
C SER D 311 -45.91 29.74 32.18
N ASP D 312 -46.37 30.94 31.85
CA ASP D 312 -47.47 31.12 30.90
C ASP D 312 -47.00 31.40 29.48
N ALA D 313 -45.69 31.37 29.22
CA ALA D 313 -45.18 31.74 27.92
C ALA D 313 -45.27 30.58 26.92
N TYR D 314 -45.19 30.91 25.64
CA TYR D 314 -45.07 29.90 24.59
C TYR D 314 -44.10 30.38 23.53
N PHE D 315 -43.67 29.44 22.69
CA PHE D 315 -42.68 29.68 21.65
C PHE D 315 -43.20 29.10 20.35
N SER D 316 -43.15 29.89 19.28
CA SER D 316 -43.62 29.39 18.00
C SER D 316 -42.89 30.08 16.86
N LEU D 317 -42.87 29.40 15.72
CA LEU D 317 -42.32 29.93 14.47
C LEU D 317 -43.41 29.78 13.42
N PRO D 318 -44.38 30.69 13.40
CA PRO D 318 -45.40 30.68 12.35
C PRO D 318 -44.93 31.27 11.02
N CYS D 319 -43.62 31.49 10.89
CA CYS D 319 -43.03 32.11 9.71
C CYS D 319 -43.43 31.40 8.42
N ALA D 320 -43.30 30.07 8.40
CA ALA D 320 -43.78 29.24 7.30
C ALA D 320 -45.22 29.54 6.91
N LYS D 321 -46.13 29.48 7.88
CA LYS D 321 -47.54 29.70 7.61
C LYS D 321 -47.69 31.10 7.03
N GLU D 322 -46.67 31.93 7.21
CA GLU D 322 -46.69 33.30 6.75
C GLU D 322 -45.97 33.50 5.41
N GLY D 323 -45.30 32.45 4.89
CA GLY D 323 -44.64 32.51 3.61
C GLY D 323 -43.12 32.56 3.62
N ILE D 324 -42.48 32.85 4.74
CA ILE D 324 -41.04 33.09 4.75
C ILE D 324 -40.32 32.13 5.70
N ILE D 325 -38.99 32.11 5.59
CA ILE D 325 -38.10 31.27 6.38
C ILE D 325 -37.81 31.96 7.71
N PRO D 326 -37.83 31.24 8.83
CA PRO D 326 -37.54 31.88 10.12
C PRO D 326 -36.05 32.09 10.37
N GLY D 327 -35.43 33.00 9.61
CA GLY D 327 -34.03 33.30 9.80
C GLY D 327 -33.15 32.06 9.84
N ALA D 328 -32.31 31.97 10.86
CA ALA D 328 -31.41 30.84 11.04
C ALA D 328 -31.99 29.76 11.96
N ALA D 329 -33.30 29.79 12.24
CA ALA D 329 -33.92 28.69 12.98
C ALA D 329 -33.76 27.36 12.26
N ASN D 330 -33.81 27.37 10.91
CA ASN D 330 -33.63 26.13 10.18
C ASN D 330 -32.21 25.59 10.33
N LEU D 331 -31.26 26.46 10.61
CA LEU D 331 -29.89 26.06 10.88
C LEU D 331 -29.72 25.50 12.28
N ARG D 332 -30.31 26.18 13.27
CA ARG D 332 -29.99 25.94 14.67
C ARG D 332 -30.95 25.01 15.40
N LEU D 333 -32.23 25.00 15.02
CA LEU D 333 -33.25 24.33 15.84
C LEU D 333 -33.02 22.81 15.93
N GLY D 334 -32.63 22.17 14.83
CA GLY D 334 -32.39 20.73 14.86
C GLY D 334 -31.42 20.33 15.96
N ARG D 335 -30.43 21.17 16.23
CA ARG D 335 -29.42 20.92 17.24
C ARG D 335 -30.03 20.93 18.64
N PHE D 336 -31.09 21.71 18.85
CA PHE D 336 -31.81 21.81 20.12
C PHE D 336 -32.84 20.70 20.28
N ALA D 337 -33.61 20.41 19.23
CA ALA D 337 -34.82 19.61 19.37
C ALA D 337 -34.86 18.37 18.47
N GLY D 338 -33.87 18.18 17.61
CA GLY D 338 -33.89 17.07 16.68
C GLY D 338 -34.76 17.36 15.47
N PRO D 339 -34.67 16.50 14.45
CA PRO D 339 -35.34 16.83 13.18
C PRO D 339 -36.84 16.60 13.17
N ARG D 340 -37.39 15.77 14.05
CA ARG D 340 -38.85 15.62 14.10
C ARG D 340 -39.49 16.90 14.64
N VAL D 341 -39.09 17.30 15.85
CA VAL D 341 -39.68 18.46 16.50
C VAL D 341 -39.40 19.73 15.70
N SER D 342 -38.19 19.85 15.10
CA SER D 342 -37.89 21.07 14.38
C SER D 342 -38.78 21.21 13.14
N ARG D 343 -39.12 20.10 12.49
CA ARG D 343 -40.10 20.17 11.41
C ARG D 343 -41.52 20.41 11.93
N GLN D 344 -41.86 19.86 13.10
CA GLN D 344 -43.17 20.15 13.68
C GLN D 344 -43.34 21.64 13.91
N VAL D 345 -42.29 22.30 14.39
CA VAL D 345 -42.36 23.72 14.70
C VAL D 345 -42.31 24.55 13.44
N ILE D 346 -41.37 24.25 12.54
CA ILE D 346 -41.11 25.14 11.41
C ILE D 346 -42.06 24.83 10.26
N LEU D 347 -42.22 23.55 9.89
CA LEU D 347 -43.08 23.23 8.76
C LEU D 347 -44.55 23.25 9.10
N GLU D 348 -44.93 22.85 10.32
CA GLU D 348 -46.33 22.69 10.64
C GLU D 348 -46.78 23.58 11.78
N GLY D 349 -45.95 24.53 12.19
CA GLY D 349 -46.42 25.58 13.06
C GLY D 349 -46.72 25.14 14.48
N ARG D 350 -46.09 24.06 14.93
CA ARG D 350 -46.31 23.63 16.30
C ARG D 350 -45.87 24.71 17.28
N ARG D 351 -46.63 24.85 18.36
CA ARG D 351 -46.40 25.85 19.39
C ARG D 351 -46.07 25.15 20.69
N ILE D 352 -44.95 25.52 21.30
CA ILE D 352 -44.44 24.84 22.48
C ILE D 352 -44.68 25.72 23.69
N TRP D 353 -45.32 25.15 24.71
CA TRP D 353 -45.65 25.88 25.93
C TRP D 353 -44.55 25.70 26.97
N ALA D 354 -44.35 26.75 27.77
CA ALA D 354 -43.25 26.77 28.72
C ALA D 354 -43.31 25.61 29.72
N LYS D 355 -44.50 25.12 30.05
CA LYS D 355 -44.63 24.06 31.06
C LYS D 355 -44.67 22.66 30.47
N GLU D 356 -44.73 22.50 29.15
CA GLU D 356 -44.70 21.12 28.67
C GLU D 356 -43.25 20.62 28.64
N PRO D 357 -43.05 19.32 28.80
CA PRO D 357 -41.68 18.78 28.89
C PRO D 357 -40.70 19.26 27.82
N GLU D 358 -41.12 19.27 26.55
CA GLU D 358 -40.20 19.65 25.48
C GLU D 358 -39.81 21.12 25.49
N ALA D 359 -40.43 21.96 26.33
CA ALA D 359 -39.91 23.31 26.52
C ALA D 359 -38.48 23.29 27.01
N ARG D 360 -38.09 22.23 27.73
CA ARG D 360 -36.73 22.16 28.28
C ARG D 360 -35.67 22.04 27.19
N LEU D 361 -36.07 21.79 25.94
CA LEU D 361 -35.15 21.81 24.81
C LEU D 361 -34.76 23.24 24.44
N LEU D 362 -35.60 24.22 24.76
CA LEU D 362 -35.36 25.62 24.42
C LEU D 362 -35.10 26.50 25.63
N VAL D 363 -35.51 26.09 26.82
CA VAL D 363 -35.56 26.97 27.98
C VAL D 363 -34.90 26.26 29.16
N ASP D 364 -34.06 27.00 29.90
CA ASP D 364 -33.36 26.42 31.04
C ASP D 364 -34.18 26.46 32.31
N GLU D 365 -35.00 27.49 32.50
CA GLU D 365 -35.77 27.68 33.71
C GLU D 365 -37.14 28.21 33.38
N VAL D 366 -38.17 27.63 33.99
CA VAL D 366 -39.54 28.07 33.84
C VAL D 366 -40.03 28.41 35.24
N VAL D 367 -40.43 29.67 35.45
CA VAL D 367 -40.66 30.21 36.77
C VAL D 367 -42.04 30.85 36.82
N GLU D 368 -42.71 30.73 37.96
CA GLU D 368 -43.97 31.42 38.14
C GLU D 368 -43.73 32.92 38.13
N PRO D 369 -44.63 33.70 37.55
CA PRO D 369 -44.48 35.16 37.53
C PRO D 369 -44.01 35.84 38.82
N ASP D 370 -44.46 35.43 40.01
CA ASP D 370 -43.96 36.15 41.19
C ASP D 370 -42.51 35.82 41.55
N GLU D 371 -41.91 34.77 40.99
CA GLU D 371 -40.51 34.46 41.29
C GLU D 371 -39.58 34.80 40.15
N LEU D 372 -40.09 35.33 39.04
CA LEU D 372 -39.31 35.43 37.82
C LEU D 372 -38.19 36.47 37.93
N ASP D 373 -38.51 37.67 38.43
CA ASP D 373 -37.49 38.71 38.57
C ASP D 373 -36.29 38.22 39.37
N ALA D 374 -36.54 37.55 40.50
CA ALA D 374 -35.45 37.11 41.36
C ALA D 374 -34.64 36.00 40.70
N ALA D 375 -35.30 35.12 39.95
CA ALA D 375 -34.58 34.05 39.28
C ALA D 375 -33.72 34.60 38.15
N ILE D 376 -34.19 35.64 37.46
CA ILE D 376 -33.36 36.33 36.47
C ILE D 376 -32.11 36.89 37.13
N GLU D 377 -32.27 37.60 38.25
CA GLU D 377 -31.13 38.19 38.94
C GLU D 377 -30.11 37.14 39.36
N ARG D 378 -30.56 36.02 39.93
CA ARG D 378 -29.62 34.98 40.33
C ARG D 378 -28.82 34.47 39.14
N SER D 379 -29.48 34.31 37.98
CA SER D 379 -28.81 33.75 36.81
C SER D 379 -27.77 34.71 36.25
N LEU D 380 -27.95 36.01 36.47
CA LEU D 380 -26.96 36.99 36.02
C LEU D 380 -25.67 36.92 36.81
N THR D 381 -25.70 36.44 38.05
CA THR D 381 -24.49 36.28 38.84
C THR D 381 -23.68 35.04 38.50
N ARG D 382 -24.23 34.08 37.76
CA ARG D 382 -23.59 32.79 37.57
C ARG D 382 -22.70 32.67 36.33
N LEU D 383 -22.52 33.74 35.54
CA LEU D 383 -21.79 33.65 34.27
C LEU D 383 -20.60 34.61 34.18
N ASP D 384 -19.94 34.91 35.30
CA ASP D 384 -19.05 36.06 35.37
C ASP D 384 -17.66 35.89 34.74
N GLY D 385 -16.99 34.74 34.92
CA GLY D 385 -15.55 34.71 34.75
C GLY D 385 -15.03 34.67 33.31
N ASP D 386 -13.69 34.63 33.21
CA ASP D 386 -13.01 34.30 31.96
C ASP D 386 -13.14 32.84 31.58
N ALA D 387 -13.42 31.97 32.56
CA ALA D 387 -13.59 30.56 32.26
C ALA D 387 -14.88 30.34 31.49
N VAL D 388 -15.96 31.04 31.89
CA VAL D 388 -17.20 31.01 31.14
C VAL D 388 -16.98 31.48 29.71
N LEU D 389 -16.21 32.57 29.52
CA LEU D 389 -15.93 33.07 28.17
C LEU D 389 -15.24 32.02 27.31
N ALA D 390 -14.18 31.41 27.83
CA ALA D 390 -13.46 30.42 27.03
C ALA D 390 -14.35 29.23 26.72
N ASN D 391 -15.11 28.76 27.70
CA ASN D 391 -15.97 27.59 27.48
C ASN D 391 -17.12 27.89 26.51
N ARG D 392 -17.72 29.08 26.58
CA ARG D 392 -18.82 29.38 25.65
C ARG D 392 -18.28 29.55 24.24
N ARG D 393 -17.02 30.00 24.13
CA ARG D 393 -16.37 30.13 22.83
C ARG D 393 -16.11 28.76 22.22
N MET D 394 -15.59 27.83 23.01
CA MET D 394 -15.35 26.47 22.51
C MET D 394 -16.67 25.77 22.19
N LEU D 395 -17.70 25.98 23.02
CA LEU D 395 -19.02 25.41 22.75
C LEU D 395 -19.61 25.92 21.45
N ASN D 396 -19.56 27.24 21.23
CA ASN D 396 -20.13 27.81 20.01
C ASN D 396 -19.35 27.41 18.77
N LEU D 397 -18.03 27.26 18.90
CA LEU D 397 -17.23 26.74 17.80
C LEU D 397 -17.62 25.30 17.46
N ALA D 398 -17.88 24.48 18.47
CA ALA D 398 -18.30 23.10 18.23
C ALA D 398 -19.72 23.05 17.66
N ASP D 399 -20.63 23.84 18.23
CA ASP D 399 -22.04 23.73 17.86
C ASP D 399 -22.30 24.21 16.45
N GLU D 400 -21.62 25.28 16.03
CA GLU D 400 -21.90 25.94 14.76
C GLU D 400 -20.55 26.38 14.17
N SER D 401 -20.08 25.65 13.17
CA SER D 401 -18.80 25.98 12.57
C SER D 401 -18.95 27.23 11.70
N PRO D 402 -17.86 27.98 11.51
CA PRO D 402 -17.91 29.11 10.56
C PRO D 402 -18.36 28.71 9.17
N ASP D 403 -17.86 27.58 8.65
CA ASP D 403 -18.34 27.09 7.36
C ASP D 403 -19.83 26.75 7.39
N GLY D 404 -20.28 26.10 8.47
CA GLY D 404 -21.69 25.76 8.58
C GLY D 404 -22.59 26.98 8.49
N PHE D 405 -22.28 28.00 9.28
CA PHE D 405 -23.08 29.22 9.27
C PHE D 405 -22.97 29.95 7.93
N ARG D 406 -21.75 30.06 7.40
CA ARG D 406 -21.55 30.76 6.13
C ARG D 406 -22.31 30.09 4.99
N ALA D 407 -22.25 28.76 4.90
CA ALA D 407 -22.95 28.05 3.83
C ALA D 407 -24.45 28.24 3.94
N TYR D 408 -24.98 28.21 5.16
CA TYR D 408 -26.43 28.38 5.35
C TYR D 408 -26.86 29.78 4.92
N MET D 409 -26.17 30.80 5.41
CA MET D 409 -26.55 32.18 5.10
C MET D 409 -26.42 32.47 3.60
N ALA D 410 -25.50 31.80 2.91
CA ALA D 410 -25.36 31.97 1.47
C ALA D 410 -26.64 31.56 0.75
N GLU D 411 -27.07 30.31 0.93
CA GLU D 411 -28.33 29.85 0.36
C GLU D 411 -29.51 30.67 0.87
N PHE D 412 -29.49 31.03 2.17
CA PHE D 412 -30.61 31.77 2.76
C PHE D 412 -30.83 33.09 2.05
N ALA D 413 -29.74 33.79 1.73
CA ALA D 413 -29.81 35.09 1.06
C ALA D 413 -30.71 35.05 -0.17
N LEU D 414 -30.62 33.97 -0.96
CA LEU D 414 -31.43 33.88 -2.17
C LEU D 414 -32.78 33.20 -1.93
N MET D 415 -32.80 32.11 -1.16
CA MET D 415 -34.07 31.46 -0.86
C MET D 415 -35.03 32.43 -0.19
N GLN D 416 -34.53 33.24 0.74
CA GLN D 416 -35.40 34.18 1.43
C GLN D 416 -35.80 35.34 0.53
N ALA D 417 -34.88 35.80 -0.32
CA ALA D 417 -35.23 36.79 -1.33
C ALA D 417 -36.39 36.33 -2.19
N LEU D 418 -36.38 35.08 -2.64
CA LEU D 418 -37.49 34.55 -3.44
C LEU D 418 -38.77 34.47 -2.63
N ARG D 419 -38.68 34.10 -1.35
CA ARG D 419 -39.89 34.03 -0.54
C ARG D 419 -40.49 35.41 -0.33
N LEU D 420 -39.62 36.43 -0.27
CA LEU D 420 -40.09 37.80 -0.10
C LEU D 420 -41.01 38.25 -1.24
N TYR D 421 -40.89 37.63 -2.42
CA TYR D 421 -41.68 37.97 -3.59
C TYR D 421 -42.56 36.84 -4.09
N GLY D 422 -42.76 35.80 -3.29
CA GLY D 422 -43.65 34.73 -3.69
C GLY D 422 -45.11 35.15 -3.56
N HIS D 423 -45.99 34.41 -4.23
CA HIS D 423 -47.41 34.75 -4.17
C HIS D 423 -48.02 34.35 -2.83
N ASP D 424 -47.58 33.23 -2.28
CA ASP D 424 -47.79 32.93 -0.87
C ASP D 424 -47.82 34.18 0.00
N VAL D 425 -46.82 35.03 -0.16
CA VAL D 425 -46.60 36.15 0.75
C VAL D 425 -47.42 37.37 0.37
N ILE D 426 -47.97 37.39 -0.84
CA ILE D 426 -48.77 38.51 -1.31
C ILE D 426 -49.99 37.99 -2.06
N THR E 11 2.93 5.42 -15.33
CA THR E 11 3.37 6.79 -15.10
C THR E 11 4.23 6.87 -13.84
N ASP E 12 3.69 6.33 -12.76
CA ASP E 12 4.42 6.25 -11.51
C ASP E 12 4.58 4.81 -11.03
N GLY E 13 4.26 3.82 -11.87
CA GLY E 13 4.39 2.43 -11.53
C GLY E 13 3.12 1.77 -11.03
N LEU E 14 2.13 2.56 -10.59
CA LEU E 14 1.00 1.98 -9.88
C LEU E 14 0.08 1.18 -10.80
N TRP E 15 -0.20 1.69 -12.00
CA TRP E 15 -1.06 0.94 -12.92
C TRP E 15 -0.40 -0.37 -13.35
N ALA E 16 0.91 -0.33 -13.59
CA ALA E 16 1.60 -1.55 -14.00
C ALA E 16 1.63 -2.56 -12.87
N ALA E 17 1.91 -2.11 -11.64
CA ALA E 17 1.97 -3.02 -10.51
C ALA E 17 0.60 -3.65 -10.24
N LEU E 18 -0.46 -2.86 -10.38
CA LEU E 18 -1.82 -3.38 -10.27
C LEU E 18 -2.11 -4.40 -11.37
N THR E 19 -1.78 -4.07 -12.61
CA THR E 19 -1.96 -5.01 -13.71
C THR E 19 -1.28 -6.35 -13.41
N GLU E 20 -0.09 -6.28 -12.81
CA GLU E 20 0.63 -7.49 -12.44
C GLU E 20 -0.10 -8.25 -11.34
N ALA E 21 -0.50 -7.54 -10.28
CA ALA E 21 -1.19 -8.17 -9.15
C ALA E 21 -2.49 -8.83 -9.58
N ALA E 22 -3.21 -8.21 -10.51
CA ALA E 22 -4.41 -8.83 -11.05
C ALA E 22 -4.08 -10.05 -11.89
N ALA E 23 -2.97 -10.01 -12.61
CA ALA E 23 -2.54 -11.17 -13.39
C ALA E 23 -2.23 -12.37 -12.51
N SER E 24 -1.53 -12.16 -11.39
CA SER E 24 -1.28 -13.27 -10.47
C SER E 24 -2.57 -13.84 -9.90
N VAL E 25 -3.58 -12.99 -9.69
CA VAL E 25 -4.89 -13.47 -9.26
C VAL E 25 -5.50 -14.36 -10.34
N GLU E 26 -5.48 -13.89 -11.60
CA GLU E 26 -6.06 -14.66 -12.70
C GLU E 26 -5.36 -16.00 -12.85
N LYS E 27 -4.03 -15.99 -12.84
CA LYS E 27 -3.27 -17.22 -12.91
C LYS E 27 -3.66 -18.19 -11.80
N LEU E 28 -3.67 -17.73 -10.54
CA LEU E 28 -4.05 -18.62 -9.45
C LEU E 28 -5.48 -19.14 -9.59
N LEU E 29 -6.41 -18.29 -10.01
CA LEU E 29 -7.78 -18.75 -10.17
C LEU E 29 -7.91 -19.75 -11.32
N ALA E 30 -7.09 -19.60 -12.36
CA ALA E 30 -7.14 -20.54 -13.47
C ALA E 30 -6.55 -21.90 -13.11
N THR E 31 -5.50 -21.93 -12.30
CA THR E 31 -4.78 -23.18 -12.03
C THR E 31 -5.16 -23.86 -10.72
N LEU E 32 -5.83 -23.19 -9.81
CA LEU E 32 -6.15 -23.79 -8.52
C LEU E 32 -7.45 -24.58 -8.60
N PRO E 33 -7.71 -25.46 -7.63
CA PRO E 33 -9.02 -26.11 -7.57
C PRO E 33 -10.13 -25.11 -7.28
N GLU E 34 -11.37 -25.54 -7.51
CA GLU E 34 -12.50 -24.71 -7.14
C GLU E 34 -12.51 -24.47 -5.63
N HIS E 35 -13.31 -23.48 -5.23
CA HIS E 35 -13.22 -22.91 -3.89
C HIS E 35 -13.30 -23.93 -2.77
N GLY E 36 -14.32 -24.78 -2.82
CA GLY E 36 -14.49 -25.76 -1.74
C GLY E 36 -13.49 -26.88 -1.75
N ALA E 37 -12.64 -27.00 -2.78
CA ALA E 37 -11.64 -28.07 -2.83
C ALA E 37 -10.20 -27.59 -2.60
N ARG E 38 -9.99 -26.32 -2.27
CA ARG E 38 -8.64 -25.83 -2.07
C ARG E 38 -8.06 -26.24 -0.72
N SER E 39 -6.74 -26.46 -0.70
CA SER E 39 -6.05 -26.80 0.53
C SER E 39 -5.75 -25.55 1.35
N SER E 40 -5.26 -25.77 2.57
CA SER E 40 -4.90 -24.66 3.45
C SER E 40 -3.86 -23.76 2.79
N ALA E 41 -2.79 -24.35 2.26
CA ALA E 41 -1.76 -23.56 1.61
C ALA E 41 -2.32 -22.80 0.40
N GLU E 42 -3.19 -23.46 -0.37
CA GLU E 42 -3.80 -22.81 -1.52
C GLU E 42 -4.70 -21.64 -1.12
N ARG E 43 -5.47 -21.80 -0.04
CA ARG E 43 -6.38 -20.73 0.36
C ARG E 43 -5.61 -19.50 0.82
N ALA E 44 -4.49 -19.69 1.53
CA ALA E 44 -3.68 -18.55 1.96
C ALA E 44 -3.04 -17.83 0.77
N GLU E 45 -2.68 -18.58 -0.27
CA GLU E 45 -2.00 -17.98 -1.41
C GLU E 45 -2.93 -17.06 -2.20
N ILE E 46 -4.14 -17.53 -2.50
CA ILE E 46 -5.09 -16.69 -3.24
C ILE E 46 -5.54 -15.51 -2.39
N ALA E 47 -5.79 -15.74 -1.09
CA ALA E 47 -6.11 -14.64 -0.19
C ALA E 47 -5.04 -13.56 -0.23
N ALA E 48 -3.77 -13.97 -0.24
CA ALA E 48 -2.68 -13.00 -0.31
C ALA E 48 -2.67 -12.29 -1.66
N ALA E 49 -2.97 -13.01 -2.74
CA ALA E 49 -2.97 -12.38 -4.06
C ALA E 49 -4.08 -11.35 -4.18
N HIS E 50 -5.30 -11.71 -3.76
CA HIS E 50 -6.39 -10.75 -3.68
C HIS E 50 -5.99 -9.51 -2.87
N ASP E 51 -5.38 -9.72 -1.71
CA ASP E 51 -5.02 -8.61 -0.84
C ASP E 51 -4.01 -7.68 -1.51
N ALA E 52 -3.03 -8.24 -2.22
CA ALA E 52 -2.05 -7.40 -2.87
C ALA E 52 -2.69 -6.60 -4.01
N ALA E 53 -3.59 -7.22 -4.77
CA ALA E 53 -4.26 -6.50 -5.84
C ALA E 53 -5.16 -5.40 -5.31
N ARG E 54 -5.93 -5.70 -4.26
CA ARG E 54 -6.85 -4.71 -3.71
C ARG E 54 -6.08 -3.55 -3.08
N ALA E 55 -4.99 -3.83 -2.38
CA ALA E 55 -4.14 -2.76 -1.86
C ALA E 55 -3.66 -1.84 -2.98
N LEU E 56 -3.32 -2.41 -4.13
CA LEU E 56 -2.89 -1.58 -5.26
C LEU E 56 -4.05 -0.85 -5.92
N ARG E 57 -5.24 -1.45 -5.95
CA ARG E 57 -6.42 -0.71 -6.40
C ARG E 57 -6.63 0.55 -5.57
N VAL E 58 -6.46 0.45 -4.26
CA VAL E 58 -6.58 1.63 -3.39
C VAL E 58 -5.50 2.65 -3.70
N ARG E 59 -4.24 2.20 -3.80
CA ARG E 59 -3.15 3.15 -3.98
C ARG E 59 -3.20 3.81 -5.36
N PHE E 60 -3.49 3.04 -6.40
CA PHE E 60 -3.68 3.62 -7.72
C PHE E 60 -4.69 4.76 -7.69
N LEU E 61 -5.86 4.51 -7.09
CA LEU E 61 -6.93 5.49 -7.12
C LEU E 61 -6.73 6.66 -6.15
N ASP E 62 -5.93 6.49 -5.10
CA ASP E 62 -5.65 7.62 -4.22
C ASP E 62 -5.07 8.80 -5.02
N THR E 63 -4.25 8.52 -6.03
CA THR E 63 -3.69 9.58 -6.85
C THR E 63 -4.33 9.71 -8.23
N HIS E 64 -4.92 8.67 -8.77
CA HIS E 64 -5.42 8.70 -10.14
C HIS E 64 -6.93 8.70 -10.30
N ALA E 65 -7.71 8.79 -9.21
CA ALA E 65 -9.17 8.67 -9.32
C ALA E 65 -9.78 9.72 -10.24
N ASP E 66 -9.40 10.99 -10.06
CA ASP E 66 -9.96 12.05 -10.91
C ASP E 66 -9.64 11.81 -12.38
N ALA E 67 -8.41 11.40 -12.68
CA ALA E 67 -8.05 11.15 -14.07
C ALA E 67 -8.88 10.00 -14.64
N VAL E 68 -9.10 8.96 -13.84
CA VAL E 68 -9.94 7.84 -14.26
C VAL E 68 -11.37 8.32 -14.49
N TYR E 69 -11.94 9.04 -13.52
CA TYR E 69 -13.31 9.51 -13.67
C TYR E 69 -13.45 10.42 -14.87
N ASP E 70 -12.46 11.29 -15.11
CA ASP E 70 -12.50 12.17 -16.26
C ASP E 70 -12.53 11.41 -17.59
N ARG E 71 -11.74 10.34 -17.71
CA ARG E 71 -11.83 9.53 -18.94
C ARG E 71 -13.23 8.97 -19.11
N LEU E 72 -13.86 8.52 -18.02
CA LEU E 72 -15.14 7.85 -18.15
C LEU E 72 -16.28 8.84 -18.37
N THR E 73 -16.13 10.07 -17.90
CA THR E 73 -17.22 11.05 -17.99
C THR E 73 -16.90 12.23 -18.88
N ASP E 74 -15.85 12.15 -19.69
CA ASP E 74 -15.45 13.24 -20.57
C ASP E 74 -15.29 14.55 -19.79
N HIS E 75 -14.42 14.47 -18.78
CA HIS E 75 -14.16 15.57 -17.84
C HIS E 75 -15.44 16.12 -17.23
N ARG E 76 -16.23 15.22 -16.65
CA ARG E 76 -17.42 15.55 -15.85
C ARG E 76 -18.45 16.33 -16.67
N ARG E 77 -18.56 15.99 -17.95
CA ARG E 77 -19.60 16.56 -18.80
C ARG E 77 -20.66 15.56 -19.21
N VAL E 78 -20.48 14.28 -18.87
CA VAL E 78 -21.50 13.25 -19.06
C VAL E 78 -21.83 12.65 -17.70
N HIS E 79 -23.10 12.73 -17.31
CA HIS E 79 -23.59 12.11 -16.08
C HIS E 79 -23.81 10.62 -16.31
N LEU E 80 -23.02 9.76 -15.64
CA LEU E 80 -23.25 8.32 -15.66
C LEU E 80 -23.73 7.85 -14.29
N ARG E 81 -24.81 7.06 -14.29
CA ARG E 81 -25.27 6.35 -13.10
C ARG E 81 -24.28 5.25 -12.71
N LEU E 82 -24.53 4.68 -11.51
CA LEU E 82 -23.60 3.73 -10.91
C LEU E 82 -23.34 2.53 -11.81
N ALA E 83 -24.41 1.89 -12.29
CA ALA E 83 -24.26 0.70 -13.12
C ALA E 83 -23.42 1.01 -14.36
N GLU E 84 -23.75 2.10 -15.06
CA GLU E 84 -23.01 2.46 -16.25
C GLU E 84 -21.57 2.82 -15.93
N LEU E 85 -21.36 3.51 -14.80
CA LEU E 85 -20.01 3.94 -14.42
C LEU E 85 -19.07 2.74 -14.19
N VAL E 86 -19.50 1.76 -13.39
CA VAL E 86 -18.61 0.65 -13.07
C VAL E 86 -18.42 -0.26 -14.26
N GLU E 87 -19.42 -0.34 -15.13
CA GLU E 87 -19.28 -1.10 -16.38
C GLU E 87 -18.23 -0.45 -17.27
N ALA E 88 -18.35 0.86 -17.51
CA ALA E 88 -17.38 1.57 -18.33
C ALA E 88 -15.98 1.52 -17.72
N ALA E 89 -15.90 1.57 -16.39
CA ALA E 89 -14.60 1.49 -15.74
C ALA E 89 -13.92 0.15 -15.99
N ALA E 90 -14.70 -0.94 -15.98
CA ALA E 90 -14.12 -2.25 -16.22
C ALA E 90 -13.55 -2.36 -17.63
N THR E 91 -14.26 -1.82 -18.62
CA THR E 91 -13.79 -1.90 -20.00
C THR E 91 -12.58 -0.99 -20.23
N ALA E 92 -12.63 0.25 -19.72
CA ALA E 92 -11.55 1.20 -19.95
C ALA E 92 -10.32 0.89 -19.12
N PHE E 93 -10.48 0.23 -17.97
CA PHE E 93 -9.36 -0.07 -17.07
C PHE E 93 -9.44 -1.51 -16.60
N PRO E 94 -9.10 -2.47 -17.47
CA PRO E 94 -9.15 -3.89 -17.09
C PRO E 94 -8.37 -4.16 -15.81
N GLY E 95 -8.98 -4.97 -14.93
CA GLY E 95 -8.40 -5.31 -13.66
C GLY E 95 -8.69 -4.34 -12.53
N LEU E 96 -9.15 -3.13 -12.84
CA LEU E 96 -9.55 -2.19 -11.78
C LEU E 96 -10.84 -2.63 -11.12
N VAL E 97 -11.84 -2.98 -11.92
CA VAL E 97 -13.12 -3.49 -11.40
C VAL E 97 -13.60 -4.62 -12.30
N PRO E 98 -14.40 -5.53 -11.74
CA PRO E 98 -14.79 -6.72 -12.52
C PRO E 98 -15.65 -6.39 -13.73
N THR E 99 -15.49 -7.21 -14.78
CA THR E 99 -16.33 -7.11 -15.95
C THR E 99 -17.72 -7.69 -15.69
N GLN E 100 -18.62 -7.43 -16.63
CA GLN E 100 -19.97 -7.95 -16.55
C GLN E 100 -19.96 -9.48 -16.46
N GLN E 101 -19.08 -10.12 -17.22
CA GLN E 101 -18.97 -11.58 -17.19
C GLN E 101 -18.50 -12.07 -15.82
N GLN E 102 -17.38 -11.52 -15.33
CA GLN E 102 -16.85 -11.97 -14.04
C GLN E 102 -17.89 -11.83 -12.93
N LEU E 103 -18.71 -10.78 -12.99
CA LEU E 103 -19.82 -10.66 -12.04
C LEU E 103 -20.87 -11.73 -12.29
N ALA E 104 -21.16 -12.03 -13.55
CA ALA E 104 -22.05 -13.14 -13.88
C ALA E 104 -21.60 -14.44 -13.22
N VAL E 105 -20.30 -14.73 -13.30
CA VAL E 105 -19.79 -15.93 -12.65
C VAL E 105 -19.96 -15.86 -11.15
N GLU E 106 -19.62 -14.72 -10.55
CA GLU E 106 -19.81 -14.54 -9.11
C GLU E 106 -21.27 -14.74 -8.71
N ARG E 107 -22.20 -14.17 -9.49
CA ARG E 107 -23.61 -14.24 -9.13
C ARG E 107 -24.12 -15.69 -9.17
N SER E 108 -23.49 -16.55 -9.97
CA SER E 108 -23.92 -17.93 -10.07
C SER E 108 -23.51 -18.78 -8.87
N LEU E 109 -22.66 -18.26 -7.99
CA LEU E 109 -22.16 -18.98 -6.84
C LEU E 109 -22.88 -18.57 -5.57
N PRO E 110 -22.81 -19.40 -4.52
CA PRO E 110 -23.23 -18.92 -3.20
C PRO E 110 -22.17 -17.98 -2.65
N GLN E 111 -22.61 -17.05 -1.78
CA GLN E 111 -21.74 -16.02 -1.23
C GLN E 111 -20.41 -16.59 -0.74
N ALA E 112 -20.47 -17.74 -0.05
CA ALA E 112 -19.27 -18.35 0.55
C ALA E 112 -18.22 -18.72 -0.49
N ALA E 113 -18.61 -19.07 -1.70
CA ALA E 113 -17.67 -19.52 -2.72
C ALA E 113 -17.17 -18.39 -3.61
N LYS E 114 -17.68 -17.18 -3.42
CA LYS E 114 -17.28 -16.05 -4.25
C LYS E 114 -15.87 -15.59 -3.94
N GLU E 115 -15.19 -15.09 -4.98
CA GLU E 115 -13.86 -14.52 -4.81
C GLU E 115 -13.90 -13.11 -4.23
N GLY E 116 -15.06 -12.45 -4.29
CA GLY E 116 -15.22 -11.14 -3.70
C GLY E 116 -14.94 -9.97 -4.62
N HIS E 117 -15.18 -10.13 -5.93
CA HIS E 117 -14.85 -9.08 -6.88
C HIS E 117 -15.62 -7.80 -6.65
N GLU E 118 -16.84 -7.87 -6.12
CA GLU E 118 -17.57 -6.65 -5.77
C GLU E 118 -16.77 -5.71 -4.88
N ILE E 119 -15.88 -6.26 -4.04
CA ILE E 119 -15.03 -5.41 -3.20
C ILE E 119 -14.23 -4.43 -4.05
N ASP E 120 -13.82 -4.84 -5.24
CA ASP E 120 -13.09 -3.92 -6.12
C ASP E 120 -13.99 -2.75 -6.52
N GLN E 121 -15.29 -2.99 -6.67
CA GLN E 121 -16.21 -1.89 -6.93
C GLN E 121 -16.35 -1.00 -5.70
N GLY E 122 -16.36 -1.59 -4.51
CA GLY E 122 -16.30 -0.80 -3.28
C GLY E 122 -15.10 0.12 -3.25
N ILE E 123 -13.93 -0.40 -3.62
CA ILE E 123 -12.71 0.40 -3.62
C ILE E 123 -12.85 1.55 -4.61
N PHE E 124 -13.43 1.26 -5.77
CA PHE E 124 -13.57 2.26 -6.83
C PHE E 124 -14.52 3.38 -6.42
N LEU E 125 -15.73 3.02 -5.98
CA LEU E 125 -16.73 4.01 -5.61
C LEU E 125 -16.29 4.82 -4.39
N ARG E 126 -15.53 4.21 -3.48
CA ARG E 126 -14.98 4.97 -2.35
C ARG E 126 -14.08 6.09 -2.86
N ALA E 127 -13.17 5.74 -3.78
CA ALA E 127 -12.22 6.73 -4.29
C ALA E 127 -12.92 7.81 -5.09
N VAL E 128 -13.92 7.44 -5.89
CA VAL E 128 -14.67 8.43 -6.66
C VAL E 128 -15.38 9.40 -5.74
N LEU E 129 -16.15 8.88 -4.77
CA LEU E 129 -16.91 9.74 -3.87
C LEU E 129 -16.01 10.59 -2.98
N ARG E 130 -14.80 10.11 -2.64
CA ARG E 130 -13.87 10.93 -1.86
C ARG E 130 -13.42 12.17 -2.62
N SER E 131 -13.38 12.11 -3.95
CA SER E 131 -12.93 13.27 -4.72
C SER E 131 -13.92 14.44 -4.59
N PRO E 132 -13.43 15.66 -4.27
CA PRO E 132 -14.32 16.83 -4.25
C PRO E 132 -14.84 17.23 -5.62
N LEU E 133 -14.27 16.69 -6.71
CA LEU E 133 -14.74 16.96 -8.06
C LEU E 133 -15.61 15.84 -8.61
N ALA E 134 -15.13 14.59 -8.52
CA ALA E 134 -15.88 13.46 -9.05
C ALA E 134 -17.08 13.12 -8.18
N GLY E 135 -16.92 13.18 -6.86
CA GLY E 135 -17.95 12.80 -5.92
C GLY E 135 -19.27 13.51 -6.12
N PRO E 136 -19.26 14.84 -6.03
CA PRO E 136 -20.52 15.57 -6.22
C PRO E 136 -21.13 15.34 -7.58
N HIS E 137 -20.30 15.07 -8.59
CA HIS E 137 -20.80 14.88 -9.95
C HIS E 137 -21.51 13.55 -10.08
N LEU E 138 -20.93 12.49 -9.52
CA LEU E 138 -21.61 11.19 -9.47
C LEU E 138 -22.91 11.28 -8.69
N LEU E 139 -22.91 12.03 -7.57
CA LEU E 139 -24.14 12.15 -6.78
C LEU E 139 -25.22 12.90 -7.53
N ASP E 140 -24.85 13.90 -8.33
CA ASP E 140 -25.82 14.57 -9.19
C ASP E 140 -26.36 13.60 -10.24
N ALA E 141 -25.49 12.81 -10.86
CA ALA E 141 -25.93 11.85 -11.87
C ALA E 141 -27.00 10.92 -11.31
N MET E 142 -26.85 10.49 -10.06
CA MET E 142 -27.83 9.60 -9.45
C MET E 142 -29.11 10.32 -9.03
N LEU E 143 -29.08 11.64 -8.89
CA LEU E 143 -30.32 12.39 -8.65
C LEU E 143 -31.13 12.67 -9.92
N ARG E 144 -30.56 12.46 -11.10
CA ARG E 144 -31.31 12.66 -12.32
C ARG E 144 -32.39 11.58 -12.47
N PRO E 145 -33.47 11.89 -13.18
CA PRO E 145 -34.55 10.90 -13.35
C PRO E 145 -34.05 9.66 -14.07
N THR E 146 -34.59 8.51 -13.67
CA THR E 146 -34.28 7.27 -14.36
C THR E 146 -34.96 7.26 -15.72
N PRO E 147 -34.33 6.61 -16.72
CA PRO E 147 -35.00 6.46 -18.01
C PRO E 147 -36.36 5.81 -17.94
N ARG E 148 -36.51 4.78 -17.10
CA ARG E 148 -37.81 4.14 -16.93
C ARG E 148 -38.90 5.13 -16.56
N ALA E 149 -38.58 6.05 -15.64
CA ALA E 149 -39.58 7.01 -15.19
C ALA E 149 -39.94 8.02 -16.27
N LEU E 150 -38.95 8.49 -17.03
CA LEU E 150 -39.22 9.38 -18.15
C LEU E 150 -40.12 8.69 -19.16
N GLU E 151 -39.92 7.38 -19.30
CA GLU E 151 -40.66 6.57 -20.25
C GLU E 151 -42.12 6.41 -19.83
N LEU E 152 -42.36 6.21 -18.52
CA LEU E 152 -43.69 6.03 -17.96
C LEU E 152 -44.40 7.35 -17.62
N LEU E 153 -43.70 8.49 -17.65
CA LEU E 153 -44.30 9.72 -17.15
C LEU E 153 -45.57 10.13 -17.90
N PRO E 154 -45.60 10.17 -19.24
CA PRO E 154 -46.85 10.59 -19.91
C PRO E 154 -48.07 9.75 -19.56
N GLU E 155 -47.94 8.42 -19.53
CA GLU E 155 -49.09 7.59 -19.14
C GLU E 155 -49.50 7.86 -17.70
N PHE E 156 -48.52 8.09 -16.82
CA PHE E 156 -48.86 8.40 -15.44
C PHE E 156 -49.61 9.72 -15.33
N VAL E 157 -49.17 10.73 -16.08
CA VAL E 157 -49.90 11.99 -16.10
C VAL E 157 -51.32 11.77 -16.60
N ARG E 158 -51.50 10.92 -17.61
CA ARG E 158 -52.84 10.70 -18.15
C ARG E 158 -53.72 9.92 -17.20
N THR E 159 -53.24 8.79 -16.69
CA THR E 159 -54.12 7.86 -15.98
C THR E 159 -54.09 8.07 -14.46
N GLY E 160 -53.01 8.65 -13.95
CA GLY E 160 -52.83 8.76 -12.51
C GLY E 160 -52.54 7.49 -11.78
N GLU E 161 -52.02 6.46 -12.46
CA GLU E 161 -51.95 5.13 -11.87
C GLU E 161 -50.90 4.30 -12.60
N VAL E 162 -50.06 3.61 -11.83
CA VAL E 162 -49.03 2.72 -12.37
C VAL E 162 -48.89 1.54 -11.44
N GLU E 163 -48.89 0.34 -11.99
CA GLU E 163 -48.71 -0.89 -11.23
C GLU E 163 -47.34 -1.44 -11.57
N MET E 164 -46.53 -1.66 -10.54
CA MET E 164 -45.20 -2.25 -10.68
C MET E 164 -45.14 -3.46 -9.78
N GLU E 165 -44.07 -4.25 -9.91
CA GLU E 165 -44.01 -5.51 -9.17
C GLU E 165 -44.05 -5.27 -7.67
N ALA E 166 -43.28 -4.31 -7.18
CA ALA E 166 -43.18 -4.08 -5.75
C ALA E 166 -43.84 -2.78 -5.26
N VAL E 167 -44.29 -1.90 -6.16
CA VAL E 167 -44.88 -0.63 -5.75
C VAL E 167 -46.11 -0.34 -6.60
N HIS E 168 -47.20 0.06 -5.95
CA HIS E 168 -48.37 0.61 -6.63
C HIS E 168 -48.39 2.12 -6.42
N LEU E 169 -48.45 2.86 -7.53
CA LEU E 169 -48.42 4.32 -7.49
C LEU E 169 -49.76 4.88 -7.97
N GLU E 170 -50.32 5.82 -7.21
CA GLU E 170 -51.59 6.48 -7.55
C GLU E 170 -51.51 7.96 -7.21
N ARG E 171 -51.88 8.81 -8.16
CA ARG E 171 -52.11 10.23 -7.88
C ARG E 171 -53.57 10.43 -7.48
N ARG E 172 -53.77 11.12 -6.36
CA ARG E 172 -55.12 11.37 -5.85
C ARG E 172 -55.09 12.58 -4.95
N ASP E 173 -55.89 13.60 -5.29
CA ASP E 173 -55.95 14.86 -4.54
C ASP E 173 -54.57 15.50 -4.38
N GLY E 174 -53.79 15.49 -5.46
CA GLY E 174 -52.45 16.04 -5.41
C GLY E 174 -51.47 15.28 -4.55
N VAL E 175 -51.78 14.03 -4.21
CA VAL E 175 -50.88 13.18 -3.43
C VAL E 175 -50.41 12.05 -4.32
N ALA E 176 -49.10 11.80 -4.31
CA ALA E 176 -48.55 10.60 -4.89
C ALA E 176 -48.56 9.54 -3.81
N ARG E 177 -49.42 8.54 -3.97
CA ARG E 177 -49.59 7.48 -3.00
C ARG E 177 -48.78 6.27 -3.43
N LEU E 178 -47.63 6.07 -2.78
CA LEU E 178 -46.82 4.88 -3.02
C LEU E 178 -47.20 3.81 -2.02
N THR E 179 -47.68 2.68 -2.52
CA THR E 179 -48.05 1.54 -1.69
C THR E 179 -47.08 0.41 -1.99
N MET E 180 -46.32 0.00 -0.99
CA MET E 180 -45.40 -1.12 -1.15
C MET E 180 -46.23 -2.39 -1.04
N CYS E 181 -46.23 -3.21 -2.08
CA CYS E 181 -47.28 -4.21 -2.25
C CYS E 181 -46.71 -5.59 -2.54
N ARG E 182 -45.66 -5.97 -1.81
CA ARG E 182 -45.11 -7.32 -1.93
C ARG E 182 -45.77 -8.15 -0.83
N ASP E 183 -47.03 -8.54 -1.11
CA ASP E 183 -47.89 -9.15 -0.10
C ASP E 183 -47.44 -10.52 0.36
N ASP E 184 -46.62 -11.22 -0.42
CA ASP E 184 -46.16 -12.54 -0.02
C ASP E 184 -45.00 -12.51 0.98
N ARG E 185 -44.23 -11.41 1.04
CA ARG E 185 -42.99 -11.44 1.79
C ARG E 185 -42.78 -10.20 2.65
N LEU E 186 -43.86 -9.54 3.06
CA LEU E 186 -43.80 -8.40 3.99
C LEU E 186 -42.90 -7.29 3.48
N ASN E 187 -43.00 -6.99 2.18
CA ASN E 187 -42.25 -5.92 1.52
C ASN E 187 -40.74 -6.02 1.74
N ALA E 188 -40.21 -7.24 1.84
CA ALA E 188 -38.77 -7.43 1.88
C ALA E 188 -38.12 -6.85 0.63
N GLU E 189 -36.95 -6.23 0.80
CA GLU E 189 -36.30 -5.47 -0.26
C GLU E 189 -35.39 -6.34 -1.13
N ASP E 190 -35.41 -6.07 -2.43
CA ASP E 190 -34.51 -6.70 -3.38
C ASP E 190 -34.21 -5.68 -4.48
N GLY E 191 -33.45 -6.12 -5.49
CA GLY E 191 -33.06 -5.23 -6.57
C GLY E 191 -34.26 -4.67 -7.32
N GLN E 192 -35.32 -5.46 -7.44
CA GLN E 192 -36.51 -5.01 -8.15
C GLN E 192 -37.25 -3.93 -7.36
N GLN E 193 -37.33 -4.09 -6.04
CA GLN E 193 -38.02 -3.10 -5.23
C GLN E 193 -37.32 -1.74 -5.30
N VAL E 194 -35.98 -1.75 -5.35
CA VAL E 194 -35.25 -0.50 -5.48
C VAL E 194 -35.59 0.19 -6.81
N ASP E 195 -35.63 -0.60 -7.89
CA ASP E 195 -35.97 -0.03 -9.19
C ASP E 195 -37.39 0.53 -9.21
N ASP E 196 -38.34 -0.20 -8.61
CA ASP E 196 -39.71 0.29 -8.57
C ASP E 196 -39.83 1.52 -7.69
N MET E 197 -39.15 1.52 -6.54
CA MET E 197 -39.22 2.69 -5.66
C MET E 197 -38.64 3.93 -6.31
N GLU E 198 -37.46 3.80 -6.93
CA GLU E 198 -36.85 4.97 -7.57
C GLU E 198 -37.72 5.46 -8.72
N THR E 199 -38.29 4.53 -9.49
CA THR E 199 -39.18 4.91 -10.57
C THR E 199 -40.39 5.66 -10.04
N ALA E 200 -41.00 5.15 -8.97
CA ALA E 200 -42.17 5.82 -8.41
C ALA E 200 -41.82 7.17 -7.81
N VAL E 201 -40.68 7.26 -7.11
CA VAL E 201 -40.27 8.54 -6.55
C VAL E 201 -40.00 9.56 -7.65
N ASP E 202 -39.38 9.11 -8.75
CA ASP E 202 -39.17 10.00 -9.89
C ASP E 202 -40.48 10.53 -10.44
N LEU E 203 -41.47 9.64 -10.62
CA LEU E 203 -42.74 10.07 -11.18
C LEU E 203 -43.47 11.02 -10.25
N ALA E 204 -43.39 10.78 -8.94
CA ALA E 204 -44.05 11.67 -7.99
C ALA E 204 -43.46 13.07 -8.08
N LEU E 205 -42.14 13.17 -8.24
CA LEU E 205 -41.48 14.48 -8.26
C LEU E 205 -41.69 15.19 -9.59
N LEU E 206 -41.72 14.45 -10.70
CA LEU E 206 -41.87 15.09 -12.01
C LEU E 206 -43.31 15.40 -12.38
N ASP E 207 -44.29 14.74 -11.75
CA ASP E 207 -45.70 14.96 -12.06
C ASP E 207 -46.14 16.30 -11.48
N PRO E 208 -46.50 17.28 -12.32
CA PRO E 208 -46.90 18.60 -11.81
C PRO E 208 -48.19 18.58 -11.02
N GLY E 209 -49.00 17.52 -11.14
CA GLY E 209 -50.21 17.41 -10.34
C GLY E 209 -49.99 16.76 -8.99
N VAL E 210 -48.74 16.50 -8.62
CA VAL E 210 -48.39 15.92 -7.33
C VAL E 210 -47.75 17.01 -6.48
N ARG E 211 -48.30 17.20 -5.30
CA ARG E 211 -47.81 18.20 -4.35
C ARG E 211 -47.12 17.57 -3.14
N VAL E 212 -47.59 16.40 -2.70
CA VAL E 212 -47.06 15.70 -1.54
C VAL E 212 -46.98 14.22 -1.87
N GLY E 213 -45.98 13.54 -1.31
CA GLY E 213 -45.85 12.11 -1.44
C GLY E 213 -46.25 11.39 -0.17
N LEU E 214 -46.68 10.14 -0.35
CA LEU E 214 -47.09 9.28 0.75
C LEU E 214 -46.53 7.89 0.52
N LEU E 215 -45.84 7.35 1.52
CA LEU E 215 -45.33 5.99 1.44
C LEU E 215 -46.00 5.15 2.52
N ARG E 216 -46.56 4.01 2.12
CA ARG E 216 -47.25 3.14 3.04
C ARG E 216 -47.17 1.71 2.52
N GLY E 217 -47.22 0.75 3.44
CA GLY E 217 -47.27 -0.65 3.06
C GLY E 217 -48.71 -1.09 2.81
N GLY E 218 -48.87 -1.99 1.84
CA GLY E 218 -50.17 -2.50 1.46
C GLY E 218 -50.59 -3.69 2.30
N VAL E 219 -51.84 -4.12 2.06
CA VAL E 219 -52.36 -5.30 2.71
C VAL E 219 -51.54 -6.52 2.32
N MET E 220 -51.21 -7.34 3.32
CA MET E 220 -50.43 -8.56 3.12
C MET E 220 -51.35 -9.75 2.88
N SER E 221 -50.82 -10.76 2.18
CA SER E 221 -51.54 -11.98 1.88
C SER E 221 -50.99 -13.21 2.60
N HIS E 222 -49.70 -13.21 2.93
CA HIS E 222 -49.12 -14.28 3.72
C HIS E 222 -49.99 -14.58 4.95
N PRO E 223 -50.19 -15.86 5.28
CA PRO E 223 -51.21 -16.23 6.29
C PRO E 223 -50.99 -15.62 7.66
N ARG E 224 -49.73 -15.38 8.03
CA ARG E 224 -49.40 -14.76 9.30
C ARG E 224 -49.88 -13.32 9.39
N TYR E 225 -50.13 -12.67 8.26
CA TYR E 225 -50.55 -11.26 8.25
C TYR E 225 -51.73 -11.00 7.32
N ARG E 226 -52.54 -12.00 7.02
CA ARG E 226 -53.59 -11.82 6.02
C ARG E 226 -54.58 -10.74 6.45
N GLY E 227 -54.80 -9.76 5.58
CA GLY E 227 -55.68 -8.64 5.85
C GLY E 227 -55.01 -7.46 6.55
N LYS E 228 -53.76 -7.61 6.96
CA LYS E 228 -53.04 -6.61 7.73
C LYS E 228 -52.02 -5.90 6.85
N ARG E 229 -51.90 -4.59 7.00
CA ARG E 229 -50.84 -3.85 6.34
C ARG E 229 -49.52 -4.02 7.09
N VAL E 230 -48.42 -4.09 6.34
CA VAL E 230 -47.08 -4.15 6.90
C VAL E 230 -46.18 -3.23 6.09
N PHE E 231 -45.41 -2.38 6.78
CA PHE E 231 -44.56 -1.39 6.12
C PHE E 231 -43.36 -2.06 5.45
N SER E 232 -42.46 -2.65 6.25
CA SER E 232 -41.29 -3.29 5.66
C SER E 232 -40.57 -4.21 6.64
N ALA E 233 -40.21 -5.42 6.18
CA ALA E 233 -39.37 -6.35 6.93
C ALA E 233 -37.89 -6.25 6.55
N GLY E 234 -37.50 -5.23 5.80
CA GLY E 234 -36.10 -5.03 5.49
C GLY E 234 -35.57 -5.94 4.39
N ILE E 235 -34.24 -6.01 4.32
CA ILE E 235 -33.58 -6.72 3.23
C ILE E 235 -34.00 -8.18 3.20
N ASN E 236 -34.13 -8.70 1.98
CA ASN E 236 -34.44 -10.11 1.72
C ASN E 236 -33.25 -10.96 2.15
N LEU E 237 -33.38 -11.60 3.33
CA LEU E 237 -32.27 -12.37 3.87
C LEU E 237 -31.97 -13.63 3.07
N LYS E 238 -33.00 -14.23 2.46
CA LYS E 238 -32.76 -15.34 1.55
C LYS E 238 -31.84 -14.93 0.41
N TYR E 239 -32.19 -13.83 -0.27
CA TYR E 239 -31.40 -13.37 -1.42
C TYR E 239 -29.98 -13.01 -0.99
N LEU E 240 -29.84 -12.43 0.20
CA LEU E 240 -28.52 -12.09 0.74
C LEU E 240 -27.64 -13.34 0.85
N SER E 241 -28.17 -14.39 1.46
CA SER E 241 -27.44 -15.64 1.62
C SER E 241 -27.08 -16.26 0.27
N GLN E 242 -28.01 -16.25 -0.69
CA GLN E 242 -27.80 -16.83 -2.01
C GLN E 242 -26.88 -16.00 -2.92
N GLY E 243 -26.49 -14.80 -2.51
CA GLY E 243 -25.68 -13.95 -3.35
C GLY E 243 -26.45 -13.09 -4.33
N GLY E 244 -27.75 -12.88 -4.10
CA GLY E 244 -28.57 -12.01 -4.91
C GLY E 244 -28.65 -10.55 -4.51
N ILE E 245 -27.91 -10.10 -3.50
CA ILE E 245 -27.91 -8.70 -3.09
C ILE E 245 -26.67 -8.03 -3.70
N SER E 246 -26.91 -7.12 -4.64
CA SER E 246 -25.84 -6.46 -5.38
C SER E 246 -25.36 -5.24 -4.62
N LEU E 247 -24.04 -5.13 -4.44
CA LEU E 247 -23.45 -3.93 -3.82
C LEU E 247 -23.86 -2.68 -4.57
N VAL E 248 -23.71 -2.69 -5.90
CA VAL E 248 -23.95 -1.49 -6.71
C VAL E 248 -25.43 -1.33 -7.02
N ASP E 249 -26.07 -2.36 -7.56
CA ASP E 249 -27.44 -2.21 -8.04
C ASP E 249 -28.48 -2.24 -6.92
N PHE E 250 -28.11 -2.66 -5.70
CA PHE E 250 -29.04 -2.57 -4.57
C PHE E 250 -28.54 -1.63 -3.49
N LEU E 251 -27.44 -1.97 -2.81
CA LEU E 251 -27.09 -1.25 -1.59
C LEU E 251 -26.69 0.20 -1.87
N MET E 252 -25.93 0.44 -2.94
CA MET E 252 -25.53 1.80 -3.23
C MET E 252 -26.61 2.54 -4.02
N ARG E 253 -27.26 1.84 -4.96
CA ARG E 253 -28.31 2.45 -5.76
C ARG E 253 -29.42 3.06 -4.89
N ARG E 254 -29.89 2.33 -3.89
CA ARG E 254 -30.97 2.85 -3.06
C ARG E 254 -30.55 4.10 -2.27
N GLU E 255 -29.30 4.14 -1.80
CA GLU E 255 -28.87 5.28 -0.99
C GLU E 255 -28.65 6.53 -1.83
N LEU E 256 -28.06 6.38 -3.02
CA LEU E 256 -27.77 7.52 -3.87
C LEU E 256 -28.91 7.85 -4.81
N GLY E 257 -29.83 6.92 -5.03
CA GLY E 257 -30.98 7.15 -5.88
C GLY E 257 -32.19 7.64 -5.12
N TYR E 258 -33.17 6.75 -4.87
CA TYR E 258 -34.47 7.22 -4.41
C TYR E 258 -34.39 7.79 -2.99
N ILE E 259 -33.54 7.24 -2.12
CA ILE E 259 -33.50 7.75 -0.76
C ILE E 259 -32.89 9.15 -0.75
N HIS E 260 -31.88 9.38 -1.58
CA HIS E 260 -31.31 10.72 -1.67
C HIS E 260 -32.26 11.67 -2.37
N LYS E 261 -33.07 11.16 -3.31
CA LYS E 261 -34.06 11.99 -3.97
C LYS E 261 -35.17 12.42 -3.03
N LEU E 262 -35.52 11.59 -2.04
CA LEU E 262 -36.47 12.03 -1.03
C LEU E 262 -35.94 13.24 -0.28
N VAL E 263 -34.64 13.28 -0.05
CA VAL E 263 -34.04 14.41 0.64
C VAL E 263 -33.92 15.61 -0.28
N ARG E 264 -33.30 15.42 -1.45
CA ARG E 264 -32.87 16.56 -2.25
C ARG E 264 -33.63 16.74 -3.56
N GLY E 265 -34.54 15.83 -3.92
CA GLY E 265 -35.29 15.97 -5.15
C GLY E 265 -34.57 15.37 -6.34
N VAL E 266 -35.19 15.51 -7.51
CA VAL E 266 -34.58 15.09 -8.77
C VAL E 266 -33.96 16.29 -9.46
N LEU E 267 -32.73 16.10 -9.94
CA LEU E 267 -32.02 17.10 -10.73
C LEU E 267 -32.51 17.03 -12.17
N THR E 268 -33.03 18.15 -12.68
CA THR E 268 -33.53 18.20 -14.04
C THR E 268 -32.56 18.94 -14.95
N ASN E 269 -32.89 18.94 -16.23
CA ASN E 269 -32.23 19.81 -17.19
C ASN E 269 -32.69 21.24 -17.01
N ASP E 270 -31.88 22.18 -17.52
CA ASP E 270 -32.26 23.59 -17.55
C ASP E 270 -33.40 23.78 -18.55
N ASP E 271 -34.60 23.34 -18.16
CA ASP E 271 -35.72 23.34 -19.09
C ASP E 271 -36.99 23.98 -18.52
N ARG E 272 -36.88 24.77 -17.46
CA ARG E 272 -38.05 25.40 -16.87
C ARG E 272 -37.63 26.71 -16.22
N PRO E 273 -38.57 27.61 -15.97
CA PRO E 273 -38.23 28.84 -15.23
C PRO E 273 -37.86 28.53 -13.80
N GLY E 274 -36.96 29.36 -13.26
CA GLY E 274 -36.53 29.18 -11.90
C GLY E 274 -35.49 28.10 -11.69
N TRP E 275 -35.06 27.44 -12.76
CA TRP E 275 -34.00 26.43 -12.63
C TRP E 275 -32.73 27.04 -12.05
N TRP E 276 -32.46 28.30 -12.37
CA TRP E 276 -31.29 28.96 -11.82
C TRP E 276 -31.29 29.00 -10.29
N HIS E 277 -32.45 28.99 -9.65
CA HIS E 277 -32.46 28.91 -8.19
C HIS E 277 -32.87 27.54 -7.65
N SER E 278 -33.58 26.74 -8.43
CA SER E 278 -34.03 25.41 -7.99
C SER E 278 -33.77 24.40 -9.09
N PRO E 279 -32.53 23.97 -9.26
CA PRO E 279 -32.24 22.95 -10.30
C PRO E 279 -32.88 21.60 -10.01
N ARG E 280 -33.31 21.35 -8.79
CA ARG E 280 -33.92 20.09 -8.39
C ARG E 280 -35.36 20.32 -7.98
N ILE E 281 -36.23 19.37 -8.32
CA ILE E 281 -37.63 19.37 -7.89
C ILE E 281 -37.73 18.46 -6.67
N GLU E 282 -37.97 19.05 -5.50
CA GLU E 282 -38.21 18.31 -4.28
C GLU E 282 -39.64 18.57 -3.81
N LYS E 283 -40.19 17.59 -3.09
CA LYS E 283 -41.53 17.68 -2.53
C LYS E 283 -41.52 17.06 -1.14
N PRO E 284 -42.50 17.41 -0.30
CA PRO E 284 -42.56 16.81 1.04
C PRO E 284 -43.09 15.38 0.99
N TRP E 285 -42.64 14.58 1.95
CA TRP E 285 -43.00 13.19 2.02
C TRP E 285 -43.57 12.83 3.39
N VAL E 286 -44.63 12.02 3.37
CA VAL E 286 -45.25 11.46 4.56
C VAL E 286 -45.07 9.95 4.51
N ALA E 287 -44.71 9.35 5.66
CA ALA E 287 -44.62 7.91 5.80
C ALA E 287 -45.61 7.46 6.87
N ALA E 288 -46.30 6.35 6.60
CA ALA E 288 -47.26 5.75 7.53
C ALA E 288 -46.84 4.31 7.77
N VAL E 289 -46.56 3.95 9.01
CA VAL E 289 -45.99 2.66 9.36
C VAL E 289 -47.07 1.78 9.97
N ASP E 290 -47.39 0.68 9.29
CA ASP E 290 -48.25 -0.36 9.84
C ASP E 290 -47.40 -1.58 10.19
N GLY E 291 -47.73 -2.22 11.30
CA GLY E 291 -47.01 -3.42 11.69
C GLY E 291 -45.63 -3.18 12.26
N PHE E 292 -44.67 -2.86 11.39
CA PHE E 292 -43.30 -2.60 11.82
C PHE E 292 -42.50 -2.03 10.65
N ALA E 293 -41.41 -1.36 10.98
CA ALA E 293 -40.38 -0.96 10.03
C ALA E 293 -39.07 -1.56 10.49
N ILE E 294 -38.56 -2.52 9.74
CA ILE E 294 -37.34 -3.26 10.10
C ILE E 294 -36.27 -3.01 9.05
N GLY E 295 -35.04 -2.79 9.50
CA GLY E 295 -33.91 -2.71 8.59
C GLY E 295 -34.03 -1.56 7.63
N GLY E 296 -33.97 -1.87 6.33
CA GLY E 296 -34.08 -0.85 5.30
C GLY E 296 -35.35 -0.02 5.43
N GLY E 297 -36.44 -0.65 5.87
CA GLY E 297 -37.68 0.09 6.08
C GLY E 297 -37.54 1.17 7.14
N ALA E 298 -36.91 0.83 8.26
CA ALA E 298 -36.69 1.81 9.31
C ALA E 298 -35.73 2.91 8.87
N GLN E 299 -34.72 2.54 8.07
CA GLN E 299 -33.81 3.53 7.50
C GLN E 299 -34.55 4.62 6.75
N LEU E 300 -35.63 4.25 6.06
CA LEU E 300 -36.38 5.22 5.26
C LEU E 300 -37.01 6.31 6.12
N LEU E 301 -37.44 5.97 7.34
CA LEU E 301 -38.12 6.94 8.19
C LEU E 301 -37.24 8.15 8.50
N LEU E 302 -35.93 8.03 8.32
CA LEU E 302 -35.01 9.09 8.69
C LEU E 302 -34.93 10.22 7.67
N VAL E 303 -35.73 10.19 6.60
CA VAL E 303 -35.63 11.20 5.56
C VAL E 303 -36.99 11.78 5.23
N PHE E 304 -38.01 11.38 5.97
CA PHE E 304 -39.35 11.86 5.70
C PHE E 304 -39.64 13.14 6.49
N ASP E 305 -40.59 13.91 5.97
CA ASP E 305 -41.01 15.15 6.58
C ASP E 305 -42.05 14.94 7.67
N ARG E 306 -42.83 13.87 7.60
CA ARG E 306 -43.78 13.53 8.64
C ARG E 306 -43.85 12.02 8.70
N VAL E 307 -43.94 11.48 9.91
CA VAL E 307 -44.01 10.03 10.09
C VAL E 307 -45.16 9.72 11.03
N LEU E 308 -46.05 8.84 10.60
CA LEU E 308 -47.16 8.35 11.42
C LEU E 308 -46.98 6.85 11.61
N ALA E 309 -47.46 6.34 12.73
CA ALA E 309 -47.31 4.91 13.00
C ALA E 309 -48.51 4.39 13.78
N SER E 310 -48.83 3.13 13.54
CA SER E 310 -49.87 2.46 14.32
C SER E 310 -49.38 2.24 15.75
N SER E 311 -50.31 2.28 16.71
CA SER E 311 -49.99 2.01 18.11
C SER E 311 -49.22 0.70 18.32
N ASP E 312 -49.41 -0.29 17.46
CA ASP E 312 -48.82 -1.60 17.66
C ASP E 312 -47.52 -1.80 16.89
N ALA E 313 -47.00 -0.76 16.22
CA ALA E 313 -45.82 -0.92 15.38
C ALA E 313 -44.54 -0.85 16.21
N TYR E 314 -43.45 -1.35 15.62
CA TYR E 314 -42.12 -1.19 16.21
C TYR E 314 -41.11 -0.91 15.11
N PHE E 315 -39.93 -0.45 15.53
CA PHE E 315 -38.86 -0.04 14.63
C PHE E 315 -37.57 -0.68 15.10
N SER E 316 -36.84 -1.30 14.19
CA SER E 316 -35.58 -1.92 14.58
C SER E 316 -34.61 -1.94 13.41
N LEU E 317 -33.33 -2.03 13.75
CA LEU E 317 -32.25 -2.18 12.79
C LEU E 317 -31.45 -3.40 13.24
N PRO E 318 -31.96 -4.60 12.96
CA PRO E 318 -31.21 -5.82 13.26
C PRO E 318 -30.10 -6.08 12.25
N CYS E 319 -29.74 -5.05 11.49
CA CYS E 319 -28.68 -5.20 10.50
C CYS E 319 -27.37 -5.56 11.21
N ALA E 320 -27.41 -5.57 12.54
CA ALA E 320 -26.24 -5.86 13.36
C ALA E 320 -25.79 -7.33 13.26
N LYS E 321 -26.21 -8.12 14.22
CA LYS E 321 -25.85 -9.54 14.27
C LYS E 321 -25.88 -10.20 12.90
N GLU E 322 -26.85 -9.83 12.08
CA GLU E 322 -26.99 -10.38 10.75
C GLU E 322 -25.96 -9.74 9.81
N GLY E 323 -24.85 -9.29 10.39
CA GLY E 323 -23.81 -8.66 9.61
C GLY E 323 -24.39 -7.51 8.81
N ILE E 324 -23.48 -6.77 8.19
CA ILE E 324 -23.69 -5.55 7.38
C ILE E 324 -24.25 -4.38 8.16
N ILE E 325 -24.07 -3.20 7.57
CA ILE E 325 -24.42 -1.85 8.03
C ILE E 325 -25.83 -1.45 7.59
N PRO E 326 -26.60 -0.81 8.41
CA PRO E 326 -27.94 -0.36 7.97
C PRO E 326 -27.91 0.91 7.13
N GLY E 327 -27.37 0.81 5.92
CA GLY E 327 -27.35 1.95 5.01
C GLY E 327 -26.80 3.21 5.64
N ALA E 328 -27.55 4.31 5.50
CA ALA E 328 -27.19 5.60 6.07
C ALA E 328 -27.80 5.85 7.44
N ALA E 329 -28.31 4.82 8.11
CA ALA E 329 -28.76 4.98 9.49
C ALA E 329 -27.61 5.42 10.39
N ASN E 330 -26.40 4.92 10.13
CA ASN E 330 -25.26 5.32 10.96
C ASN E 330 -24.95 6.79 10.75
N LEU E 331 -25.31 7.33 9.58
CA LEU E 331 -25.14 8.76 9.33
C LEU E 331 -26.22 9.58 10.01
N ARG E 332 -27.47 9.14 9.93
CA ARG E 332 -28.62 9.98 10.25
C ARG E 332 -29.16 9.78 11.66
N LEU E 333 -29.07 8.57 12.22
CA LEU E 333 -29.79 8.25 13.45
C LEU E 333 -29.35 9.11 14.63
N GLY E 334 -28.03 9.33 14.77
CA GLY E 334 -27.53 10.13 15.89
C GLY E 334 -28.21 11.48 15.99
N ARG E 335 -28.56 12.06 14.84
CA ARG E 335 -29.20 13.36 14.78
C ARG E 335 -30.62 13.30 15.34
N PHE E 336 -31.28 12.14 15.25
CA PHE E 336 -32.62 11.92 15.76
C PHE E 336 -32.61 11.55 17.24
N ALA E 337 -31.70 10.65 17.65
CA ALA E 337 -31.78 10.00 18.95
C ALA E 337 -30.54 10.18 19.82
N GLY E 338 -29.49 10.82 19.32
CA GLY E 338 -28.26 10.96 20.06
C GLY E 338 -27.42 9.70 19.98
N PRO E 339 -26.18 9.79 20.45
CA PRO E 339 -25.25 8.66 20.22
C PRO E 339 -25.48 7.48 21.15
N ARG E 340 -26.12 7.66 22.30
CA ARG E 340 -26.40 6.51 23.17
C ARG E 340 -27.46 5.62 22.54
N VAL E 341 -28.63 6.20 22.26
CA VAL E 341 -29.73 5.42 21.68
C VAL E 341 -29.36 4.87 20.32
N SER E 342 -28.63 5.64 19.50
CA SER E 342 -28.30 5.18 18.16
C SER E 342 -27.38 3.96 18.20
N ARG E 343 -26.48 3.88 19.19
CA ARG E 343 -25.70 2.67 19.38
C ARG E 343 -26.54 1.54 19.97
N GLN E 344 -27.50 1.86 20.84
CA GLN E 344 -28.38 0.82 21.37
C GLN E 344 -29.13 0.14 20.23
N VAL E 345 -29.59 0.93 19.25
CA VAL E 345 -30.39 0.40 18.15
C VAL E 345 -29.50 -0.33 17.15
N ILE E 346 -28.38 0.27 16.78
CA ILE E 346 -27.56 -0.24 15.69
C ILE E 346 -26.57 -1.29 16.18
N LEU E 347 -25.85 -1.04 17.27
CA LEU E 347 -24.87 -2.02 17.74
C LEU E 347 -25.50 -3.16 18.51
N GLU E 348 -26.56 -2.93 19.27
CA GLU E 348 -27.09 -3.94 20.17
C GLU E 348 -28.53 -4.32 19.84
N GLY E 349 -29.05 -3.86 18.71
CA GLY E 349 -30.30 -4.40 18.21
C GLY E 349 -31.51 -3.99 19.00
N ARG E 350 -31.46 -2.87 19.70
CA ARG E 350 -32.62 -2.40 20.45
C ARG E 350 -33.79 -2.12 19.51
N ARG E 351 -34.98 -2.48 19.95
CA ARG E 351 -36.21 -2.36 19.18
C ARG E 351 -37.10 -1.35 19.90
N ILE E 352 -37.58 -0.36 19.17
CA ILE E 352 -38.33 0.75 19.74
C ILE E 352 -39.79 0.58 19.37
N TRP E 353 -40.66 0.61 20.37
CA TRP E 353 -42.09 0.43 20.17
C TRP E 353 -42.78 1.78 20.01
N ALA E 354 -43.82 1.79 19.19
CA ALA E 354 -44.48 3.05 18.84
C ALA E 354 -45.02 3.79 20.05
N LYS E 355 -45.40 3.08 21.10
CA LYS E 355 -45.99 3.72 22.28
C LYS E 355 -44.99 4.05 23.39
N GLU E 356 -43.72 3.65 23.26
CA GLU E 356 -42.82 4.09 24.31
C GLU E 356 -42.34 5.51 24.05
N PRO E 357 -42.00 6.26 25.10
CA PRO E 357 -41.64 7.68 24.93
C PRO E 357 -40.62 7.97 23.84
N GLU E 358 -39.53 7.19 23.75
CA GLU E 358 -38.50 7.48 22.76
C GLU E 358 -38.94 7.23 21.33
N ALA E 359 -40.12 6.65 21.10
CA ALA E 359 -40.66 6.62 19.74
C ALA E 359 -40.84 8.02 19.17
N ARG E 360 -41.07 9.03 20.03
CA ARG E 360 -41.24 10.39 19.54
C ARG E 360 -39.99 10.93 18.89
N LEU E 361 -38.84 10.24 19.04
CA LEU E 361 -37.62 10.63 18.35
C LEU E 361 -37.66 10.26 16.87
N LEU E 362 -38.47 9.28 16.51
CA LEU E 362 -38.58 8.80 15.14
C LEU E 362 -39.93 9.08 14.50
N VAL E 363 -40.98 9.29 15.29
CA VAL E 363 -42.35 9.29 14.80
C VAL E 363 -43.06 10.53 15.32
N ASP E 364 -43.83 11.19 14.45
CA ASP E 364 -44.54 12.39 14.83
C ASP E 364 -45.89 12.09 15.46
N GLU E 365 -46.57 11.03 15.00
CA GLU E 365 -47.91 10.71 15.48
C GLU E 365 -48.04 9.20 15.63
N VAL E 366 -48.62 8.77 16.73
CA VAL E 366 -48.89 7.36 16.98
C VAL E 366 -50.40 7.27 17.23
N VAL E 367 -51.08 6.50 16.39
CA VAL E 367 -52.53 6.52 16.32
C VAL E 367 -53.08 5.10 16.46
N GLU E 368 -54.21 4.96 17.12
CA GLU E 368 -54.88 3.68 17.18
C GLU E 368 -55.33 3.27 15.78
N PRO E 369 -55.26 1.99 15.45
CA PRO E 369 -55.72 1.52 14.13
C PRO E 369 -57.03 2.08 13.59
N ASP E 370 -58.08 2.27 14.41
CA ASP E 370 -59.29 2.81 13.79
C ASP E 370 -59.23 4.30 13.45
N GLU E 371 -58.27 5.06 13.98
CA GLU E 371 -58.15 6.47 13.62
C GLU E 371 -56.98 6.75 12.70
N LEU E 372 -56.25 5.72 12.26
CA LEU E 372 -55.01 5.92 11.51
C LEU E 372 -55.24 6.45 10.10
N ASP E 373 -56.16 5.85 9.34
CA ASP E 373 -56.44 6.31 7.98
C ASP E 373 -56.77 7.80 7.95
N ALA E 374 -57.62 8.24 8.87
CA ALA E 374 -58.06 9.64 8.85
C ALA E 374 -56.93 10.57 9.26
N ALA E 375 -56.06 10.11 10.17
CA ALA E 375 -54.93 10.94 10.59
C ALA E 375 -53.90 11.07 9.46
N ILE E 376 -53.73 10.01 8.68
CA ILE E 376 -52.88 10.10 7.48
C ILE E 376 -53.42 11.17 6.53
N GLU E 377 -54.73 11.11 6.24
CA GLU E 377 -55.32 12.08 5.32
C GLU E 377 -55.14 13.52 5.80
N ARG E 378 -55.39 13.78 7.09
CA ARG E 378 -55.21 15.13 7.60
C ARG E 378 -53.79 15.62 7.41
N SER E 379 -52.81 14.74 7.63
CA SER E 379 -51.41 15.15 7.54
C SER E 379 -51.01 15.48 6.11
N LEU E 380 -51.67 14.87 5.13
CA LEU E 380 -51.37 15.17 3.74
C LEU E 380 -51.80 16.58 3.34
N THR E 381 -52.80 17.15 4.02
CA THR E 381 -53.22 18.52 3.72
C THR E 381 -52.32 19.59 4.33
N ARG E 382 -51.44 19.25 5.27
CA ARG E 382 -50.72 20.27 6.02
C ARG E 382 -49.35 20.66 5.43
N LEU E 383 -48.95 20.12 4.28
CA LEU E 383 -47.60 20.38 3.74
C LEU E 383 -47.61 20.98 2.33
N ASP E 384 -48.63 21.78 1.99
CA ASP E 384 -48.91 22.08 0.58
C ASP E 384 -47.98 23.13 -0.06
N GLY E 385 -47.66 24.22 0.61
CA GLY E 385 -47.20 25.40 -0.12
C GLY E 385 -45.76 25.41 -0.60
N ASP E 386 -45.40 26.53 -1.25
CA ASP E 386 -44.00 26.86 -1.55
C ASP E 386 -43.19 27.22 -0.34
N ALA E 387 -43.84 27.67 0.74
CA ALA E 387 -43.11 27.99 1.96
C ALA E 387 -42.59 26.73 2.63
N VAL E 388 -43.41 25.67 2.65
CA VAL E 388 -42.95 24.38 3.15
C VAL E 388 -41.74 23.90 2.35
N LEU E 389 -41.78 24.04 1.02
CA LEU E 389 -40.63 23.61 0.21
C LEU E 389 -39.36 24.34 0.60
N ALA E 390 -39.43 25.67 0.73
CA ALA E 390 -38.23 26.42 1.07
C ALA E 390 -37.70 26.04 2.44
N ASN E 391 -38.60 25.89 3.41
CA ASN E 391 -38.18 25.57 4.78
C ASN E 391 -37.61 24.16 4.87
N ARG E 392 -38.20 23.18 4.19
CA ARG E 392 -37.62 21.85 4.29
C ARG E 392 -36.28 21.77 3.55
N ARG E 393 -36.10 22.60 2.52
CA ARG E 393 -34.82 22.65 1.83
C ARG E 393 -33.74 23.23 2.73
N MET E 394 -34.04 24.31 3.45
CA MET E 394 -33.08 24.87 4.39
C MET E 394 -32.81 23.93 5.55
N LEU E 395 -33.85 23.24 6.03
CA LEU E 395 -33.68 22.26 7.10
C LEU E 395 -32.76 21.12 6.69
N ASN E 396 -32.99 20.55 5.50
CA ASN E 396 -32.16 19.44 5.05
C ASN E 396 -30.73 19.87 4.78
N LEU E 397 -30.54 21.09 4.28
CA LEU E 397 -29.20 21.62 4.10
C LEU E 397 -28.46 21.74 5.43
N ALA E 398 -29.16 22.19 6.47
CA ALA E 398 -28.55 22.27 7.80
C ALA E 398 -28.32 20.89 8.40
N ASP E 399 -29.30 19.99 8.29
CA ASP E 399 -29.23 18.71 8.98
C ASP E 399 -28.14 17.82 8.40
N GLU E 400 -27.98 17.83 7.08
CA GLU E 400 -27.08 16.91 6.39
C GLU E 400 -26.41 17.67 5.25
N SER E 401 -25.14 18.05 5.45
CA SER E 401 -24.44 18.78 4.41
C SER E 401 -24.10 17.86 3.25
N PRO E 402 -23.94 18.41 2.04
CA PRO E 402 -23.45 17.58 0.92
C PRO E 402 -22.13 16.88 1.20
N ASP E 403 -21.16 17.60 1.79
CA ASP E 403 -19.90 16.96 2.16
C ASP E 403 -20.12 15.85 3.20
N GLY E 404 -20.97 16.09 4.19
CA GLY E 404 -21.24 15.08 5.19
C GLY E 404 -21.73 13.79 4.58
N PHE E 405 -22.74 13.90 3.72
CA PHE E 405 -23.31 12.74 3.06
C PHE E 405 -22.30 12.07 2.14
N ARG E 406 -21.59 12.88 1.35
CA ARG E 406 -20.61 12.35 0.41
C ARG E 406 -19.49 11.60 1.13
N ALA E 407 -18.97 12.16 2.22
CA ALA E 407 -17.90 11.51 2.95
C ALA E 407 -18.38 10.19 3.53
N TYR E 408 -19.61 10.16 4.05
CA TYR E 408 -20.14 8.94 4.64
C TYR E 408 -20.27 7.86 3.58
N MET E 409 -20.94 8.17 2.47
CA MET E 409 -21.18 7.17 1.43
C MET E 409 -19.87 6.64 0.85
N ALA E 410 -18.82 7.47 0.84
CA ALA E 410 -17.52 7.05 0.35
C ALA E 410 -16.97 5.87 1.15
N GLU E 411 -16.81 6.04 2.48
CA GLU E 411 -16.40 4.92 3.31
C GLU E 411 -17.42 3.78 3.28
N PHE E 412 -18.71 4.13 3.24
CA PHE E 412 -19.74 3.09 3.28
C PHE E 412 -19.56 2.13 2.11
N ALA E 413 -19.27 2.67 0.93
CA ALA E 413 -19.08 1.86 -0.27
C ALA E 413 -18.11 0.71 -0.05
N LEU E 414 -17.00 0.95 0.66
CA LEU E 414 -16.03 -0.11 0.90
C LEU E 414 -16.32 -0.90 2.16
N MET E 415 -16.67 -0.21 3.26
CA MET E 415 -17.00 -0.91 4.50
C MET E 415 -18.14 -1.90 4.29
N GLN E 416 -19.16 -1.50 3.52
CA GLN E 416 -20.29 -2.39 3.29
C GLN E 416 -19.92 -3.51 2.33
N ALA E 417 -19.11 -3.21 1.32
CA ALA E 417 -18.58 -4.25 0.45
C ALA E 417 -17.88 -5.35 1.25
N LEU E 418 -17.03 -4.96 2.21
CA LEU E 418 -16.34 -5.95 3.03
C LEU E 418 -17.31 -6.73 3.90
N ARG E 419 -18.36 -6.08 4.42
CA ARG E 419 -19.30 -6.81 5.24
C ARG E 419 -20.07 -7.81 4.41
N LEU E 420 -20.29 -7.48 3.13
CA LEU E 420 -20.99 -8.38 2.22
C LEU E 420 -20.24 -9.71 2.08
N TYR E 421 -18.93 -9.72 2.31
CA TYR E 421 -18.14 -10.94 2.18
C TYR E 421 -17.48 -11.39 3.49
N GLY E 422 -17.91 -10.85 4.64
CA GLY E 422 -17.37 -11.30 5.90
C GLY E 422 -17.93 -12.66 6.30
N HIS E 423 -17.26 -13.32 7.25
CA HIS E 423 -17.62 -14.71 7.53
C HIS E 423 -18.91 -14.80 8.34
N ASP E 424 -19.20 -13.81 9.17
CA ASP E 424 -20.45 -13.92 9.93
C ASP E 424 -21.66 -13.60 9.07
N VAL E 425 -21.47 -13.03 7.89
CA VAL E 425 -22.60 -12.83 6.99
C VAL E 425 -22.89 -14.09 6.19
N ILE E 426 -21.90 -14.97 6.02
CA ILE E 426 -21.97 -16.05 5.05
C ILE E 426 -22.69 -17.23 5.68
N ASP E 427 -23.37 -16.96 6.79
CA ASP E 427 -24.27 -17.90 7.41
C ASP E 427 -25.66 -17.26 7.51
N ASP F 12 7.36 37.84 5.66
CA ASP F 12 8.71 38.37 5.41
C ASP F 12 8.97 39.52 6.35
N GLY F 13 10.10 39.45 7.05
CA GLY F 13 10.36 40.29 8.18
C GLY F 13 9.86 39.75 9.49
N LEU F 14 8.97 38.75 9.46
CA LEU F 14 8.29 38.29 10.68
C LEU F 14 9.24 37.52 11.58
N TRP F 15 10.09 36.67 11.02
CA TRP F 15 11.01 35.91 11.86
C TRP F 15 11.99 36.83 12.57
N ALA F 16 12.46 37.87 11.91
CA ALA F 16 13.40 38.80 12.54
C ALA F 16 12.70 39.60 13.63
N ALA F 17 11.48 40.08 13.36
CA ALA F 17 10.75 40.87 14.35
C ALA F 17 10.41 40.03 15.57
N LEU F 18 10.06 38.75 15.34
CA LEU F 18 9.86 37.82 16.45
C LEU F 18 11.14 37.62 17.25
N THR F 19 12.27 37.41 16.55
CA THR F 19 13.55 37.28 17.23
C THR F 19 13.86 38.50 18.09
N GLU F 20 13.52 39.70 17.61
CA GLU F 20 13.72 40.90 18.41
C GLU F 20 12.83 40.89 19.64
N ALA F 21 11.53 40.63 19.45
CA ALA F 21 10.56 40.66 20.55
C ALA F 21 10.91 39.65 21.62
N ALA F 22 11.40 38.47 21.24
CA ALA F 22 11.84 37.49 22.22
C ALA F 22 13.09 37.95 22.94
N ALA F 23 13.99 38.65 22.24
CA ALA F 23 15.19 39.20 22.87
C ALA F 23 14.85 40.22 23.95
N SER F 24 13.89 41.11 23.67
CA SER F 24 13.48 42.08 24.68
C SER F 24 12.89 41.37 25.89
N VAL F 25 12.23 40.23 25.67
CA VAL F 25 11.72 39.43 26.78
C VAL F 25 12.86 38.88 27.62
N GLU F 26 13.86 38.25 26.97
CA GLU F 26 14.94 37.64 27.76
C GLU F 26 15.70 38.68 28.54
N LYS F 27 15.98 39.84 27.92
CA LYS F 27 16.60 40.96 28.63
C LYS F 27 15.81 41.39 29.85
N LEU F 28 14.51 41.67 29.69
CA LEU F 28 13.71 42.05 30.85
C LEU F 28 13.70 40.97 31.91
N LEU F 29 13.60 39.70 31.52
CA LEU F 29 13.59 38.66 32.52
C LEU F 29 14.95 38.53 33.21
N ALA F 30 16.04 38.83 32.49
CA ALA F 30 17.37 38.76 33.10
C ALA F 30 17.60 39.92 34.08
N THR F 31 17.07 41.10 33.79
CA THR F 31 17.34 42.27 34.61
C THR F 31 16.25 42.60 35.62
N LEU F 32 15.06 42.04 35.51
CA LEU F 32 14.01 42.43 36.44
C LEU F 32 14.11 41.62 37.72
N PRO F 33 13.48 42.09 38.79
CA PRO F 33 13.38 41.28 40.01
C PRO F 33 12.53 40.05 39.74
N GLU F 34 12.64 39.07 40.63
CA GLU F 34 11.81 37.89 40.51
C GLU F 34 10.33 38.28 40.56
N HIS F 35 9.50 37.37 40.05
CA HIS F 35 8.07 37.56 40.07
C HIS F 35 7.59 37.77 41.51
N GLY F 36 6.68 38.71 41.70
CA GLY F 36 6.18 39.04 43.03
C GLY F 36 7.03 40.03 43.79
N ALA F 37 8.22 40.35 43.30
CA ALA F 37 9.02 41.44 43.84
C ALA F 37 9.07 42.59 42.85
N ARG F 38 8.38 42.43 41.72
CA ARG F 38 8.31 43.43 40.67
C ARG F 38 7.32 44.52 41.03
N SER F 39 7.62 45.73 40.61
CA SER F 39 6.75 46.86 40.83
C SER F 39 5.64 46.88 39.79
N SER F 40 4.66 47.77 40.01
CA SER F 40 3.56 47.92 39.06
C SER F 40 4.07 48.26 37.67
N ALA F 41 4.98 49.25 37.57
CA ALA F 41 5.53 49.62 36.27
C ALA F 41 6.27 48.45 35.64
N GLU F 42 7.04 47.71 36.44
CA GLU F 42 7.78 46.56 35.92
C GLU F 42 6.84 45.45 35.43
N ARG F 43 5.74 45.21 36.14
CA ARG F 43 4.83 44.13 35.72
C ARG F 43 4.15 44.47 34.40
N ALA F 44 3.78 45.74 34.20
CA ALA F 44 3.16 46.13 32.94
C ALA F 44 4.16 46.02 31.79
N GLU F 45 5.44 46.29 32.05
CA GLU F 45 6.44 46.27 30.99
C GLU F 45 6.67 44.87 30.46
N ILE F 46 6.85 43.90 31.37
CA ILE F 46 7.06 42.52 30.93
C ILE F 46 5.80 41.96 30.27
N ALA F 47 4.63 42.24 30.86
CA ALA F 47 3.36 41.85 30.24
C ALA F 47 3.27 42.35 28.81
N ALA F 48 3.67 43.61 28.59
CA ALA F 48 3.66 44.16 27.24
C ALA F 48 4.65 43.45 26.34
N ALA F 49 5.83 43.10 26.87
CA ALA F 49 6.84 42.43 26.07
C ALA F 49 6.39 41.04 25.67
N HIS F 50 5.88 40.26 26.62
CA HIS F 50 5.27 38.97 26.31
C HIS F 50 4.20 39.11 25.21
N ASP F 51 3.31 40.10 25.35
CA ASP F 51 2.23 40.28 24.39
C ASP F 51 2.74 40.56 22.99
N ALA F 52 3.77 41.40 22.87
CA ALA F 52 4.30 41.72 21.55
C ALA F 52 4.97 40.49 20.92
N ALA F 53 5.68 39.71 21.73
CA ALA F 53 6.31 38.50 21.19
C ALA F 53 5.26 37.46 20.78
N ARG F 54 4.25 37.26 21.63
CA ARG F 54 3.23 36.26 21.32
C ARG F 54 2.40 36.65 20.11
N ALA F 55 2.07 37.94 19.98
CA ALA F 55 1.40 38.40 18.76
C ALA F 55 2.22 38.09 17.52
N LEU F 56 3.54 38.22 17.60
CA LEU F 56 4.38 37.90 16.46
C LEU F 56 4.54 36.40 16.25
N ARG F 57 4.52 35.60 17.32
CA ARG F 57 4.44 34.15 17.15
C ARG F 57 3.22 33.75 16.33
N VAL F 58 2.07 34.38 16.61
CA VAL F 58 0.86 34.09 15.85
C VAL F 58 1.03 34.51 14.40
N ARG F 59 1.53 35.73 14.15
CA ARG F 59 1.61 36.25 12.79
C ARG F 59 2.65 35.50 11.96
N PHE F 60 3.80 35.20 12.55
CA PHE F 60 4.79 34.37 11.87
C PHE F 60 4.16 33.06 11.38
N LEU F 61 3.46 32.36 12.27
CA LEU F 61 2.94 31.04 11.95
C LEU F 61 1.70 31.08 11.06
N ASP F 62 0.95 32.18 11.05
CA ASP F 62 -0.18 32.28 10.12
C ASP F 62 0.27 32.05 8.68
N THR F 63 1.46 32.51 8.32
CA THR F 63 1.96 32.29 6.97
C THR F 63 3.03 31.22 6.86
N HIS F 64 3.79 30.94 7.93
CA HIS F 64 4.91 30.02 7.84
C HIS F 64 4.73 28.68 8.55
N ALA F 65 3.55 28.35 9.07
CA ALA F 65 3.40 27.12 9.85
C ALA F 65 3.81 25.89 9.04
N ASP F 66 3.29 25.76 7.82
CA ASP F 66 3.61 24.60 6.99
C ASP F 66 5.11 24.47 6.73
N ALA F 67 5.79 25.59 6.45
CA ALA F 67 7.23 25.53 6.23
C ALA F 67 7.96 25.10 7.49
N VAL F 68 7.53 25.59 8.66
CA VAL F 68 8.12 25.16 9.91
C VAL F 68 7.90 23.68 10.14
N TYR F 69 6.65 23.23 9.99
CA TYR F 69 6.34 21.81 10.20
C TYR F 69 7.13 20.93 9.24
N ASP F 70 7.26 21.37 7.98
CA ASP F 70 8.01 20.60 7.00
C ASP F 70 9.49 20.45 7.38
N ARG F 71 10.12 21.51 7.89
CA ARG F 71 11.50 21.34 8.36
C ARG F 71 11.59 20.31 9.47
N LEU F 72 10.62 20.29 10.38
CA LEU F 72 10.70 19.42 11.54
C LEU F 72 10.37 17.98 11.19
N THR F 73 9.53 17.76 10.17
CA THR F 73 9.07 16.41 9.84
C THR F 73 9.55 15.93 8.48
N ASP F 74 10.53 16.60 7.87
CA ASP F 74 11.06 16.21 6.57
C ASP F 74 9.93 16.10 5.54
N HIS F 75 9.20 17.20 5.41
CA HIS F 75 8.01 17.31 4.55
C HIS F 75 7.01 16.19 4.83
N ARG F 76 6.60 16.05 6.10
CA ARG F 76 5.53 15.15 6.50
C ARG F 76 5.84 13.69 6.16
N ARG F 77 7.11 13.31 6.25
CA ARG F 77 7.51 11.93 6.08
C ARG F 77 8.02 11.27 7.36
N VAL F 78 8.18 12.04 8.43
CA VAL F 78 8.50 11.52 9.75
C VAL F 78 7.36 11.92 10.70
N HIS F 79 6.73 10.91 11.33
CA HIS F 79 5.71 11.15 12.34
C HIS F 79 6.37 11.47 13.68
N LEU F 80 6.20 12.70 14.17
CA LEU F 80 6.65 13.08 15.51
C LEU F 80 5.46 13.30 16.44
N ARG F 81 5.53 12.69 17.62
CA ARG F 81 4.57 12.97 18.70
C ARG F 81 4.76 14.39 19.25
N LEU F 82 3.81 14.80 20.10
CA LEU F 82 3.75 16.17 20.61
C LEU F 82 5.03 16.57 21.32
N ALA F 83 5.47 15.75 22.29
CA ALA F 83 6.67 16.07 23.06
C ALA F 83 7.87 16.26 22.15
N GLU F 84 8.08 15.32 21.22
CA GLU F 84 9.21 15.41 20.31
C GLU F 84 9.07 16.62 19.37
N LEU F 85 7.84 16.91 18.92
CA LEU F 85 7.62 18.02 17.99
C LEU F 85 7.99 19.36 18.61
N VAL F 86 7.51 19.65 19.82
CA VAL F 86 7.75 20.96 20.41
C VAL F 86 9.20 21.10 20.84
N GLU F 87 9.84 19.98 21.21
CA GLU F 87 11.27 20.00 21.51
C GLU F 87 12.08 20.35 20.27
N ALA F 88 11.84 19.64 19.17
CA ALA F 88 12.55 19.91 17.92
C ALA F 88 12.27 21.34 17.42
N ALA F 89 11.05 21.83 17.62
CA ALA F 89 10.73 23.20 17.22
C ALA F 89 11.56 24.22 18.00
N ALA F 90 11.78 23.97 19.29
CA ALA F 90 12.55 24.92 20.10
C ALA F 90 14.00 25.00 19.63
N THR F 91 14.62 23.86 19.35
CA THR F 91 16.02 23.90 18.93
C THR F 91 16.16 24.44 17.50
N ALA F 92 15.25 24.04 16.61
CA ALA F 92 15.33 24.50 15.22
C ALA F 92 14.89 25.96 15.05
N PHE F 93 14.03 26.47 15.92
CA PHE F 93 13.50 27.84 15.80
C PHE F 93 13.54 28.53 17.17
N PRO F 94 14.72 28.92 17.63
CA PRO F 94 14.82 29.55 18.96
C PRO F 94 13.89 30.75 19.09
N GLY F 95 13.22 30.83 20.25
CA GLY F 95 12.28 31.89 20.54
C GLY F 95 10.86 31.63 20.08
N LEU F 96 10.64 30.66 19.19
CA LEU F 96 9.29 30.30 18.80
C LEU F 96 8.56 29.59 19.93
N VAL F 97 9.22 28.60 20.55
CA VAL F 97 8.66 27.87 21.68
C VAL F 97 9.78 27.62 22.69
N PRO F 98 9.43 27.47 23.97
CA PRO F 98 10.48 27.35 24.99
C PRO F 98 11.32 26.09 24.84
N THR F 99 12.58 26.21 25.26
CA THR F 99 13.49 25.07 25.34
C THR F 99 13.16 24.19 26.53
N GLN F 100 13.76 22.99 26.52
CA GLN F 100 13.58 22.07 27.63
C GLN F 100 14.01 22.72 28.94
N GLN F 101 15.07 23.54 28.88
CA GLN F 101 15.55 24.27 30.05
C GLN F 101 14.53 25.28 30.55
N GLN F 102 14.08 26.18 29.68
CA GLN F 102 13.14 27.22 30.12
C GLN F 102 11.89 26.60 30.75
N LEU F 103 11.45 25.46 30.22
CA LEU F 103 10.34 24.74 30.84
C LEU F 103 10.74 24.18 32.20
N ALA F 104 11.96 23.63 32.30
CA ALA F 104 12.48 23.19 33.60
C ALA F 104 12.39 24.29 34.64
N VAL F 105 12.77 25.51 34.27
CA VAL F 105 12.68 26.64 35.20
C VAL F 105 11.23 26.92 35.55
N GLU F 106 10.36 26.97 34.52
CA GLU F 106 8.94 27.18 34.76
C GLU F 106 8.37 26.12 35.69
N ARG F 107 8.76 24.85 35.50
CA ARG F 107 8.15 23.81 36.31
C ARG F 107 8.62 23.90 37.77
N SER F 108 9.79 24.50 38.01
CA SER F 108 10.24 24.69 39.38
C SER F 108 9.45 25.72 40.15
N LEU F 109 8.61 26.49 39.48
CA LEU F 109 7.86 27.56 40.12
C LEU F 109 6.41 27.18 40.39
N PRO F 110 5.73 27.90 41.28
CA PRO F 110 4.27 27.78 41.34
C PRO F 110 3.65 28.53 40.17
N GLN F 111 2.45 28.08 39.77
CA GLN F 111 1.76 28.61 38.60
C GLN F 111 1.76 30.14 38.59
N ALA F 112 1.50 30.75 39.75
CA ALA F 112 1.38 32.21 39.85
C ALA F 112 2.65 32.94 39.44
N ALA F 113 3.82 32.34 39.66
CA ALA F 113 5.09 33.01 39.36
C ALA F 113 5.61 32.72 37.97
N LYS F 114 4.92 31.87 37.21
CA LYS F 114 5.39 31.50 35.88
C LYS F 114 5.21 32.63 34.88
N GLU F 115 6.14 32.68 33.93
CA GLU F 115 6.06 33.67 32.84
C GLU F 115 5.05 33.27 31.78
N GLY F 116 4.65 32.00 31.73
CA GLY F 116 3.65 31.56 30.79
C GLY F 116 4.18 31.07 29.46
N HIS F 117 5.38 30.48 29.44
CA HIS F 117 6.01 30.05 28.20
C HIS F 117 5.20 28.95 27.50
N GLU F 118 4.50 28.10 28.25
CA GLU F 118 3.61 27.11 27.64
C GLU F 118 2.64 27.73 26.65
N ILE F 119 2.25 28.99 26.87
CA ILE F 119 1.37 29.68 25.92
C ILE F 119 1.97 29.68 24.52
N ASP F 120 3.30 29.81 24.44
CA ASP F 120 3.96 29.78 23.14
C ASP F 120 3.76 28.42 22.47
N GLN F 121 3.73 27.34 23.26
CA GLN F 121 3.41 26.04 22.70
C GLN F 121 1.95 25.97 22.24
N GLY F 122 1.05 26.59 23.01
CA GLY F 122 -0.32 26.73 22.56
C GLY F 122 -0.44 27.42 21.21
N ILE F 123 0.33 28.50 21.02
CA ILE F 123 0.30 29.23 19.75
C ILE F 123 0.79 28.31 18.63
N PHE F 124 1.85 27.56 18.91
CA PHE F 124 2.46 26.69 17.91
C PHE F 124 1.51 25.57 17.49
N LEU F 125 1.00 24.83 18.48
CA LEU F 125 0.12 23.70 18.18
C LEU F 125 -1.18 24.15 17.54
N ARG F 126 -1.66 25.34 17.89
CA ARG F 126 -2.85 25.88 17.22
C ARG F 126 -2.58 26.04 15.74
N ALA F 127 -1.45 26.66 15.39
CA ALA F 127 -1.13 26.91 13.99
C ALA F 127 -0.89 25.62 13.23
N VAL F 128 -0.23 24.64 13.87
CA VAL F 128 0.00 23.36 13.21
C VAL F 128 -1.33 22.66 12.92
N LEU F 129 -2.19 22.53 13.94
CA LEU F 129 -3.46 21.84 13.76
C LEU F 129 -4.39 22.56 12.79
N ARG F 130 -4.31 23.90 12.70
CA ARG F 130 -5.11 24.61 11.72
C ARG F 130 -4.72 24.26 10.28
N SER F 131 -3.48 23.88 10.03
CA SER F 131 -3.05 23.53 8.68
C SER F 131 -3.76 22.27 8.17
N PRO F 132 -4.37 22.31 6.99
CA PRO F 132 -4.97 21.07 6.43
C PRO F 132 -3.94 20.03 6.05
N LEU F 133 -2.66 20.38 6.00
CA LEU F 133 -1.59 19.43 5.71
C LEU F 133 -0.88 18.96 6.97
N ALA F 134 -0.44 19.90 7.82
CA ALA F 134 0.27 19.53 9.03
C ALA F 134 -0.66 18.93 10.08
N GLY F 135 -1.86 19.46 10.21
CA GLY F 135 -2.81 19.04 11.22
C GLY F 135 -3.13 17.56 11.22
N PRO F 136 -3.65 17.04 10.09
CA PRO F 136 -3.95 15.61 10.04
C PRO F 136 -2.72 14.73 10.23
N HIS F 137 -1.55 15.22 9.86
CA HIS F 137 -0.34 14.42 9.96
C HIS F 137 0.10 14.30 11.41
N LEU F 138 0.05 15.41 12.15
CA LEU F 138 0.30 15.34 13.59
C LEU F 138 -0.70 14.46 14.31
N LEU F 139 -1.98 14.52 13.92
CA LEU F 139 -2.98 13.69 14.57
C LEU F 139 -2.75 12.22 14.29
N ASP F 140 -2.29 11.89 13.08
CA ASP F 140 -1.92 10.50 12.79
C ASP F 140 -0.74 10.06 13.65
N ALA F 141 0.28 10.92 13.78
CA ALA F 141 1.43 10.59 14.60
C ALA F 141 1.01 10.22 16.03
N MET F 142 0.04 10.94 16.58
CA MET F 142 -0.41 10.66 17.94
C MET F 142 -1.28 9.42 18.03
N LEU F 143 -1.86 8.95 16.91
CA LEU F 143 -2.57 7.67 16.93
C LEU F 143 -1.65 6.47 16.81
N ARG F 144 -0.38 6.66 16.46
CA ARG F 144 0.54 5.53 16.41
C ARG F 144 0.84 4.99 17.80
N PRO F 145 1.18 3.70 17.90
CA PRO F 145 1.48 3.12 19.22
C PRO F 145 2.65 3.82 19.90
N THR F 146 2.56 3.92 21.22
CA THR F 146 3.66 4.45 21.98
C THR F 146 4.80 3.43 22.02
N PRO F 147 6.06 3.89 22.06
CA PRO F 147 7.18 2.95 22.22
C PRO F 147 7.05 2.05 23.43
N ARG F 148 6.61 2.62 24.56
CA ARG F 148 6.40 1.82 25.76
C ARG F 148 5.50 0.62 25.51
N ALA F 149 4.41 0.82 24.75
CA ALA F 149 3.47 -0.26 24.51
C ALA F 149 4.05 -1.33 23.59
N LEU F 150 4.79 -0.92 22.56
CA LEU F 150 5.48 -1.88 21.70
C LEU F 150 6.46 -2.71 22.52
N GLU F 151 7.08 -2.07 23.51
CA GLU F 151 8.08 -2.68 24.36
C GLU F 151 7.46 -3.74 25.28
N LEU F 152 6.29 -3.44 25.84
CA LEU F 152 5.57 -4.34 26.75
C LEU F 152 4.68 -5.36 26.04
N LEU F 153 4.45 -5.22 24.73
CA LEU F 153 3.46 -6.07 24.07
C LEU F 153 3.76 -7.55 24.15
N PRO F 154 4.97 -8.04 23.83
CA PRO F 154 5.20 -9.49 23.89
C PRO F 154 4.93 -10.11 25.24
N GLU F 155 5.39 -9.49 26.33
CA GLU F 155 5.10 -10.04 27.66
C GLU F 155 3.61 -9.98 27.97
N PHE F 156 2.91 -8.93 27.51
CA PHE F 156 1.46 -8.89 27.72
C PHE F 156 0.76 -10.02 26.97
N VAL F 157 1.20 -10.30 25.74
CA VAL F 157 0.61 -11.41 24.99
C VAL F 157 0.85 -12.73 25.71
N ARG F 158 2.06 -12.93 26.24
CA ARG F 158 2.36 -14.15 26.96
C ARG F 158 1.60 -14.23 28.27
N THR F 159 1.61 -13.14 29.04
CA THR F 159 1.20 -13.14 30.44
C THR F 159 -0.26 -12.76 30.65
N GLY F 160 -0.84 -11.97 29.75
CA GLY F 160 -2.18 -11.45 29.93
C GLY F 160 -2.36 -10.44 31.05
N GLU F 161 -1.28 -9.80 31.51
CA GLU F 161 -1.35 -9.02 32.75
C GLU F 161 -0.20 -8.04 32.79
N VAL F 162 -0.49 -6.79 33.12
CA VAL F 162 0.50 -5.74 33.28
C VAL F 162 0.06 -4.85 34.43
N GLU F 163 0.98 -4.57 35.34
CA GLU F 163 0.73 -3.67 36.46
C GLU F 163 1.51 -2.39 36.22
N MET F 164 0.80 -1.27 36.23
CA MET F 164 1.38 0.05 36.08
C MET F 164 0.95 0.89 37.27
N GLU F 165 1.54 2.08 37.41
CA GLU F 165 1.29 2.88 38.61
C GLU F 165 -0.18 3.23 38.75
N ALA F 166 -0.81 3.67 37.66
CA ALA F 166 -2.19 4.13 37.72
C ALA F 166 -3.19 3.21 37.04
N VAL F 167 -2.76 2.18 36.31
CA VAL F 167 -3.67 1.30 35.58
C VAL F 167 -3.23 -0.15 35.75
N HIS F 168 -4.18 -1.03 36.05
CA HIS F 168 -3.97 -2.47 36.01
C HIS F 168 -4.65 -3.03 34.76
N LEU F 169 -3.88 -3.73 33.93
CA LEU F 169 -4.40 -4.29 32.68
C LEU F 169 -4.40 -5.81 32.74
N GLU F 170 -5.53 -6.41 32.37
CA GLU F 170 -5.70 -7.85 32.34
C GLU F 170 -6.50 -8.26 31.10
N ARG F 171 -5.98 -9.23 30.35
CA ARG F 171 -6.76 -9.89 29.32
C ARG F 171 -7.49 -11.09 29.91
N ARG F 172 -8.79 -11.17 29.67
CA ARG F 172 -9.59 -12.27 30.22
C ARG F 172 -10.83 -12.44 29.36
N ASP F 173 -11.02 -13.64 28.82
CA ASP F 173 -12.15 -13.96 27.93
C ASP F 173 -12.25 -12.97 26.76
N GLY F 174 -11.10 -12.66 26.17
CA GLY F 174 -11.07 -11.72 25.05
C GLY F 174 -11.40 -10.29 25.42
N VAL F 175 -11.35 -9.95 26.70
CA VAL F 175 -11.61 -8.59 27.17
C VAL F 175 -10.31 -8.02 27.72
N ALA F 176 -10.00 -6.79 27.31
CA ALA F 176 -8.93 -6.01 27.94
C ALA F 176 -9.58 -5.24 29.09
N ARG F 177 -9.26 -5.64 30.31
CA ARG F 177 -9.85 -5.03 31.51
C ARG F 177 -8.89 -4.00 32.07
N LEU F 178 -9.19 -2.73 31.82
CA LEU F 178 -8.42 -1.63 32.38
C LEU F 178 -9.05 -1.20 33.69
N THR F 179 -8.30 -1.33 34.78
CA THR F 179 -8.75 -0.92 36.10
C THR F 179 -7.90 0.27 36.53
N MET F 180 -8.54 1.42 36.72
CA MET F 180 -7.84 2.60 37.21
C MET F 180 -7.67 2.42 38.71
N CYS F 181 -6.43 2.41 39.18
CA CYS F 181 -6.14 1.86 40.50
C CYS F 181 -5.29 2.79 41.35
N ARG F 182 -5.61 4.08 41.36
CA ARG F 182 -4.97 5.01 42.29
C ARG F 182 -5.86 5.11 43.53
N ASP F 183 -5.72 4.10 44.38
CA ASP F 183 -6.61 3.93 45.53
C ASP F 183 -6.48 5.04 46.57
N ASP F 184 -5.37 5.77 46.59
CA ASP F 184 -5.21 6.83 47.59
C ASP F 184 -5.90 8.14 47.22
N ARG F 185 -6.17 8.38 45.93
CA ARG F 185 -6.62 9.71 45.51
C ARG F 185 -7.79 9.67 44.52
N LEU F 186 -8.60 8.61 44.56
CA LEU F 186 -9.82 8.50 43.76
C LEU F 186 -9.54 8.67 42.26
N ASN F 187 -8.47 8.04 41.79
CA ASN F 187 -8.06 8.05 40.38
C ASN F 187 -7.95 9.45 39.79
N ALA F 188 -7.53 10.42 40.60
CA ALA F 188 -7.23 11.75 40.08
C ALA F 188 -6.15 11.66 39.01
N GLU F 189 -6.29 12.47 37.96
CA GLU F 189 -5.45 12.36 36.76
C GLU F 189 -4.19 13.19 36.89
N ASP F 190 -3.08 12.63 36.38
CA ASP F 190 -1.81 13.36 36.30
C ASP F 190 -1.09 12.84 35.06
N GLY F 191 0.13 13.34 34.86
CA GLY F 191 0.90 12.97 33.69
C GLY F 191 1.19 11.48 33.63
N GLN F 192 1.36 10.85 34.79
CA GLN F 192 1.64 9.41 34.81
C GLN F 192 0.42 8.62 34.40
N GLN F 193 -0.77 9.04 34.85
CA GLN F 193 -1.99 8.32 34.50
C GLN F 193 -2.24 8.36 32.99
N VAL F 194 -1.94 9.49 32.35
CA VAL F 194 -2.08 9.58 30.90
C VAL F 194 -1.14 8.60 30.21
N ASP F 195 0.10 8.52 30.68
CA ASP F 195 1.05 7.58 30.08
C ASP F 195 0.60 6.14 30.28
N ASP F 196 0.12 5.80 31.48
CA ASP F 196 -0.35 4.43 31.71
C ASP F 196 -1.60 4.13 30.90
N MET F 197 -2.53 5.08 30.83
CA MET F 197 -3.76 4.85 30.06
C MET F 197 -3.45 4.64 28.58
N GLU F 198 -2.62 5.51 27.99
CA GLU F 198 -2.31 5.35 26.58
C GLU F 198 -1.59 4.03 26.34
N THR F 199 -0.67 3.66 27.23
CA THR F 199 0.03 2.39 27.10
C THR F 199 -0.94 1.22 27.15
N ALA F 200 -1.88 1.26 28.10
CA ALA F 200 -2.85 0.19 28.23
C ALA F 200 -3.80 0.15 27.03
N VAL F 201 -4.25 1.32 26.55
CA VAL F 201 -5.12 1.35 25.38
C VAL F 201 -4.38 0.80 24.17
N ASP F 202 -3.10 1.16 24.02
CA ASP F 202 -2.30 0.63 22.91
C ASP F 202 -2.22 -0.90 22.98
N LEU F 203 -1.96 -1.44 24.17
CA LEU F 203 -1.83 -2.89 24.31
C LEU F 203 -3.16 -3.57 24.03
N ALA F 204 -4.27 -2.98 24.47
CA ALA F 204 -5.58 -3.56 24.23
C ALA F 204 -5.86 -3.66 22.74
N LEU F 205 -5.48 -2.63 21.99
CA LEU F 205 -5.78 -2.59 20.56
C LEU F 205 -4.84 -3.49 19.76
N LEU F 206 -3.57 -3.59 20.16
CA LEU F 206 -2.61 -4.40 19.41
C LEU F 206 -2.67 -5.88 19.76
N ASP F 207 -3.21 -6.25 20.92
CA ASP F 207 -3.26 -7.64 21.33
C ASP F 207 -4.34 -8.38 20.53
N PRO F 208 -3.97 -9.36 19.69
CA PRO F 208 -4.98 -10.03 18.86
C PRO F 208 -5.95 -10.89 19.66
N GLY F 209 -5.63 -11.20 20.92
CA GLY F 209 -6.56 -11.93 21.76
C GLY F 209 -7.54 -11.06 22.50
N VAL F 210 -7.55 -9.76 22.20
CA VAL F 210 -8.47 -8.81 22.79
C VAL F 210 -9.50 -8.42 21.75
N ARG F 211 -10.76 -8.59 22.10
CA ARG F 211 -11.88 -8.24 21.22
C ARG F 211 -12.63 -7.01 21.68
N VAL F 212 -12.72 -6.79 22.99
CA VAL F 212 -13.45 -5.67 23.60
C VAL F 212 -12.60 -5.13 24.74
N GLY F 213 -12.70 -3.81 24.97
CA GLY F 213 -12.05 -3.17 26.09
C GLY F 213 -13.05 -2.81 27.17
N LEU F 214 -12.56 -2.73 28.41
CA LEU F 214 -13.37 -2.37 29.57
C LEU F 214 -12.57 -1.39 30.42
N LEU F 215 -13.20 -0.27 30.76
CA LEU F 215 -12.59 0.69 31.66
C LEU F 215 -13.43 0.81 32.92
N ARG F 216 -12.79 0.64 34.08
CA ARG F 216 -13.49 0.68 35.35
C ARG F 216 -12.53 1.16 36.43
N GLY F 217 -13.08 1.77 37.47
CA GLY F 217 -12.28 2.16 38.62
C GLY F 217 -12.14 1.02 39.62
N GLY F 218 -10.96 0.97 40.25
CA GLY F 218 -10.68 -0.07 41.22
C GLY F 218 -11.16 0.27 42.62
N VAL F 219 -11.03 -0.71 43.51
CA VAL F 219 -11.35 -0.49 44.91
C VAL F 219 -10.42 0.57 45.49
N MET F 220 -11.00 1.52 46.22
CA MET F 220 -10.26 2.60 46.85
C MET F 220 -9.81 2.21 48.26
N SER F 221 -8.73 2.84 48.71
CA SER F 221 -8.20 2.61 50.05
C SER F 221 -8.35 3.80 50.99
N HIS F 222 -8.41 5.02 50.46
CA HIS F 222 -8.70 6.20 51.26
C HIS F 222 -9.91 5.97 52.17
N PRO F 223 -9.85 6.43 53.42
CA PRO F 223 -10.84 6.00 54.43
C PRO F 223 -12.28 6.36 54.12
N ARG F 224 -12.54 7.49 53.48
CA ARG F 224 -13.92 7.82 53.13
C ARG F 224 -14.51 6.85 52.12
N TYR F 225 -13.68 6.11 51.38
CA TYR F 225 -14.19 5.20 50.34
C TYR F 225 -13.58 3.81 50.40
N ARG F 226 -13.06 3.39 51.55
CA ARG F 226 -12.39 2.09 51.62
C ARG F 226 -13.33 0.98 51.16
N GLY F 227 -12.80 0.06 50.35
CA GLY F 227 -13.59 -1.05 49.84
C GLY F 227 -14.58 -0.69 48.75
N LYS F 228 -14.69 0.59 48.38
CA LYS F 228 -15.65 1.06 47.39
C LYS F 228 -14.89 1.40 46.11
N ARG F 229 -15.45 1.04 44.96
CA ARG F 229 -14.87 1.44 43.69
C ARG F 229 -15.24 2.89 43.37
N VAL F 230 -14.32 3.61 42.74
CA VAL F 230 -14.56 4.97 42.26
C VAL F 230 -13.93 5.11 40.88
N PHE F 231 -14.70 5.65 39.93
CA PHE F 231 -14.25 5.78 38.54
C PHE F 231 -13.19 6.86 38.39
N SER F 232 -13.55 8.12 38.63
CA SER F 232 -12.57 9.21 38.50
C SER F 232 -13.03 10.51 39.14
N ALA F 233 -12.13 11.13 39.91
CA ALA F 233 -12.34 12.46 40.47
C ALA F 233 -11.74 13.56 39.61
N GLY F 234 -11.34 13.25 38.37
CA GLY F 234 -10.87 14.27 37.46
C GLY F 234 -9.45 14.72 37.76
N ILE F 235 -9.10 15.87 37.16
CA ILE F 235 -7.72 16.36 37.24
C ILE F 235 -7.29 16.56 38.68
N ASN F 236 -6.01 16.26 38.94
CA ASN F 236 -5.38 16.45 40.24
C ASN F 236 -5.26 17.96 40.50
N LEU F 237 -6.14 18.48 41.35
CA LEU F 237 -6.16 19.93 41.59
C LEU F 237 -4.95 20.40 42.36
N LYS F 238 -4.38 19.57 43.24
CA LYS F 238 -3.12 19.92 43.88
C LYS F 238 -2.03 20.15 42.85
N TYR F 239 -1.84 19.20 41.94
CA TYR F 239 -0.78 19.32 40.93
C TYR F 239 -1.02 20.52 40.02
N LEU F 240 -2.29 20.80 39.72
CA LEU F 240 -2.64 21.98 38.91
C LEU F 240 -2.15 23.25 39.59
N SER F 241 -2.46 23.41 40.87
CA SER F 241 -2.03 24.59 41.62
C SER F 241 -0.51 24.70 41.70
N GLN F 242 0.18 23.58 41.92
CA GLN F 242 1.64 23.55 42.03
C GLN F 242 2.37 23.72 40.70
N GLY F 243 1.67 23.69 39.57
CA GLY F 243 2.32 23.78 38.27
C GLY F 243 2.78 22.46 37.69
N GLY F 244 2.25 21.35 38.17
CA GLY F 244 2.54 20.03 37.65
C GLY F 244 1.65 19.51 36.53
N ILE F 245 0.72 20.31 36.04
CA ILE F 245 -0.13 19.91 34.91
C ILE F 245 0.44 20.52 33.64
N SER F 246 0.96 19.67 32.76
CA SER F 246 1.61 20.09 31.53
C SER F 246 0.59 20.27 30.42
N LEU F 247 0.65 21.42 29.76
CA LEU F 247 -0.20 21.64 28.59
C LEU F 247 0.00 20.55 27.54
N VAL F 248 1.26 20.26 27.21
CA VAL F 248 1.55 19.31 26.14
C VAL F 248 1.48 17.87 26.62
N ASP F 249 2.21 17.56 27.70
CA ASP F 249 2.32 16.17 28.11
C ASP F 249 1.10 15.66 28.86
N PHE F 250 0.20 16.54 29.30
CA PHE F 250 -1.05 16.08 29.91
C PHE F 250 -2.28 16.48 29.10
N LEU F 251 -2.57 17.77 29.00
CA LEU F 251 -3.87 18.19 28.47
C LEU F 251 -4.02 17.88 26.99
N MET F 252 -2.97 18.06 26.21
CA MET F 252 -3.05 17.75 24.79
C MET F 252 -2.78 16.27 24.52
N ARG F 253 -1.81 15.69 25.24
CA ARG F 253 -1.47 14.29 25.05
C ARG F 253 -2.69 13.38 25.21
N ARG F 254 -3.48 13.59 26.27
CA ARG F 254 -4.63 12.72 26.51
C ARG F 254 -5.68 12.85 25.41
N GLU F 255 -5.89 14.07 24.90
CA GLU F 255 -6.93 14.26 23.88
C GLU F 255 -6.53 13.68 22.54
N LEU F 256 -5.28 13.86 22.15
CA LEU F 256 -4.80 13.38 20.87
C LEU F 256 -4.27 11.95 20.93
N GLY F 257 -3.92 11.48 22.12
CA GLY F 257 -3.45 10.11 22.28
C GLY F 257 -4.56 9.14 22.61
N TYR F 258 -4.68 8.74 23.88
CA TYR F 258 -5.53 7.59 24.19
C TYR F 258 -7.01 7.87 23.98
N ILE F 259 -7.46 9.11 24.23
CA ILE F 259 -8.89 9.37 24.05
C ILE F 259 -9.25 9.33 22.57
N HIS F 260 -8.36 9.85 21.71
CA HIS F 260 -8.62 9.79 20.28
C HIS F 260 -8.49 8.35 19.78
N LYS F 261 -7.62 7.56 20.40
CA LYS F 261 -7.48 6.16 20.03
C LYS F 261 -8.71 5.34 20.38
N LEU F 262 -9.40 5.68 21.46
CA LEU F 262 -10.66 5.03 21.76
C LEU F 262 -11.65 5.24 20.62
N VAL F 263 -11.64 6.42 20.00
CA VAL F 263 -12.55 6.68 18.90
C VAL F 263 -12.10 5.98 17.63
N ARG F 264 -10.83 6.19 17.24
CA ARG F 264 -10.39 5.87 15.90
C ARG F 264 -9.37 4.74 15.83
N GLY F 265 -8.91 4.22 16.97
CA GLY F 265 -7.96 3.13 16.96
C GLY F 265 -6.52 3.60 16.88
N VAL F 266 -5.60 2.64 16.83
CA VAL F 266 -4.19 2.93 16.64
C VAL F 266 -3.82 2.76 15.17
N LEU F 267 -3.09 3.73 14.64
CA LEU F 267 -2.56 3.68 13.28
C LEU F 267 -1.28 2.84 13.28
N THR F 268 -1.26 1.79 12.47
CA THR F 268 -0.10 0.92 12.38
C THR F 268 0.67 1.19 11.08
N ASN F 269 1.80 0.51 10.93
CA ASN F 269 2.48 0.47 9.66
C ASN F 269 1.73 -0.45 8.70
N ASP F 270 2.00 -0.28 7.41
CA ASP F 270 1.45 -1.18 6.40
C ASP F 270 2.14 -2.54 6.53
N ASP F 271 1.75 -3.29 7.57
CA ASP F 271 2.45 -4.54 7.87
C ASP F 271 1.52 -5.73 8.05
N ARG F 272 0.28 -5.65 7.57
CA ARG F 272 -0.66 -6.74 7.75
C ARG F 272 -1.66 -6.71 6.60
N PRO F 273 -2.34 -7.83 6.34
CA PRO F 273 -3.40 -7.80 5.32
C PRO F 273 -4.56 -6.93 5.75
N GLY F 274 -5.21 -6.32 4.75
CA GLY F 274 -6.35 -5.48 5.03
C GLY F 274 -6.03 -4.09 5.49
N TRP F 275 -4.74 -3.75 5.60
CA TRP F 275 -4.36 -2.39 5.98
C TRP F 275 -4.91 -1.38 4.98
N TRP F 276 -4.99 -1.77 3.70
CA TRP F 276 -5.54 -0.89 2.68
C TRP F 276 -6.97 -0.44 2.99
N HIS F 277 -7.74 -1.24 3.72
CA HIS F 277 -9.06 -0.77 4.13
C HIS F 277 -9.14 -0.37 5.60
N SER F 278 -8.26 -0.88 6.46
CA SER F 278 -8.28 -0.58 7.89
C SER F 278 -6.87 -0.28 8.36
N PRO F 279 -6.35 0.91 8.06
CA PRO F 279 -5.01 1.27 8.54
C PRO F 279 -4.91 1.37 10.05
N ARG F 280 -6.04 1.51 10.75
CA ARG F 280 -6.09 1.62 12.19
C ARG F 280 -6.83 0.43 12.76
N ILE F 281 -6.35 -0.07 13.89
CA ILE F 281 -7.02 -1.13 14.63
C ILE F 281 -7.86 -0.48 15.71
N GLU F 282 -9.17 -0.54 15.55
CA GLU F 282 -10.11 -0.06 16.55
C GLU F 282 -10.91 -1.23 17.13
N LYS F 283 -11.34 -1.08 18.37
CA LYS F 283 -12.15 -2.07 19.05
C LYS F 283 -13.23 -1.36 19.86
N PRO F 284 -14.30 -2.06 20.21
CA PRO F 284 -15.33 -1.43 21.04
C PRO F 284 -14.90 -1.32 22.50
N TRP F 285 -15.44 -0.30 23.17
CA TRP F 285 -15.09 -0.04 24.57
C TRP F 285 -16.34 0.07 25.43
N VAL F 286 -16.27 -0.54 26.61
CA VAL F 286 -17.29 -0.43 27.63
C VAL F 286 -16.70 0.31 28.83
N ALA F 287 -17.47 1.25 29.38
CA ALA F 287 -17.10 1.94 30.60
C ALA F 287 -18.13 1.64 31.69
N ALA F 288 -17.64 1.38 32.89
CA ALA F 288 -18.48 1.12 34.05
C ALA F 288 -18.12 2.13 35.12
N VAL F 289 -19.10 2.91 35.55
CA VAL F 289 -18.88 4.03 36.46
C VAL F 289 -19.36 3.65 37.84
N ASP F 290 -18.44 3.60 38.80
CA ASP F 290 -18.77 3.45 40.21
C ASP F 290 -18.51 4.77 40.92
N GLY F 291 -19.40 5.11 41.85
CA GLY F 291 -19.22 6.33 42.62
C GLY F 291 -19.54 7.60 41.86
N PHE F 292 -18.64 8.00 40.96
CA PHE F 292 -18.85 9.21 40.18
C PHE F 292 -17.81 9.28 39.07
N ALA F 293 -18.13 10.05 38.03
CA ALA F 293 -17.18 10.46 37.02
C ALA F 293 -17.16 11.98 37.00
N ILE F 294 -16.05 12.57 37.42
CA ILE F 294 -15.92 14.02 37.55
C ILE F 294 -14.84 14.49 36.60
N GLY F 295 -15.10 15.60 35.90
CA GLY F 295 -14.08 16.23 35.08
C GLY F 295 -13.58 15.36 33.96
N GLY F 296 -12.26 15.14 33.92
CA GLY F 296 -11.68 14.29 32.89
C GLY F 296 -12.29 12.91 32.83
N GLY F 297 -12.69 12.36 33.98
CA GLY F 297 -13.39 11.09 33.99
C GLY F 297 -14.70 11.13 33.22
N ALA F 298 -15.49 12.17 33.46
CA ALA F 298 -16.76 12.31 32.74
C ALA F 298 -16.53 12.56 31.25
N GLN F 299 -15.47 13.31 30.91
CA GLN F 299 -15.10 13.50 29.51
C GLN F 299 -14.92 12.19 28.77
N LEU F 300 -14.39 11.17 29.45
CA LEU F 300 -14.15 9.88 28.81
C LEU F 300 -15.44 9.19 28.36
N LEU F 301 -16.53 9.37 29.11
CA LEU F 301 -17.78 8.68 28.81
C LEU F 301 -18.36 9.06 27.44
N LEU F 302 -17.96 10.20 26.90
CA LEU F 302 -18.51 10.69 25.64
C LEU F 302 -17.92 9.97 24.45
N VAL F 303 -17.11 8.95 24.70
CA VAL F 303 -16.29 8.31 23.67
C VAL F 303 -16.45 6.80 23.65
N PHE F 304 -17.22 6.22 24.58
CA PHE F 304 -17.39 4.78 24.70
C PHE F 304 -18.59 4.27 23.90
N ASP F 305 -18.54 2.98 23.58
CA ASP F 305 -19.62 2.32 22.84
C ASP F 305 -20.76 1.89 23.76
N ARG F 306 -20.47 1.65 25.03
CA ARG F 306 -21.49 1.33 26.01
C ARG F 306 -21.02 1.91 27.34
N VAL F 307 -21.96 2.45 28.11
CA VAL F 307 -21.66 3.03 29.41
C VAL F 307 -22.64 2.47 30.44
N LEU F 308 -22.11 1.92 31.52
CA LEU F 308 -22.91 1.45 32.63
C LEU F 308 -22.54 2.24 33.87
N ALA F 309 -23.49 2.38 34.79
CA ALA F 309 -23.22 3.12 36.01
C ALA F 309 -24.02 2.55 37.16
N SER F 310 -23.46 2.65 38.35
CA SER F 310 -24.17 2.30 39.55
C SER F 310 -25.26 3.33 39.84
N SER F 311 -26.35 2.85 40.44
CA SER F 311 -27.49 3.72 40.79
C SER F 311 -27.07 4.98 41.55
N ASP F 312 -25.98 4.93 42.32
CA ASP F 312 -25.62 6.04 43.19
C ASP F 312 -24.61 7.00 42.56
N ALA F 313 -24.25 6.80 41.30
CA ALA F 313 -23.21 7.61 40.67
C ALA F 313 -23.76 8.94 40.18
N TYR F 314 -22.84 9.89 39.95
CA TYR F 314 -23.19 11.15 39.32
C TYR F 314 -22.06 11.54 38.36
N PHE F 315 -22.38 12.49 37.48
CA PHE F 315 -21.47 12.95 36.44
C PHE F 315 -21.45 14.47 36.46
N SER F 316 -20.26 15.04 36.46
CA SER F 316 -20.15 16.48 36.48
C SER F 316 -18.87 16.93 35.81
N LEU F 317 -18.89 18.17 35.34
CA LEU F 317 -17.74 18.84 34.74
C LEU F 317 -17.60 20.15 35.50
N PRO F 318 -17.04 20.12 36.71
CA PRO F 318 -16.75 21.35 37.45
C PRO F 318 -15.54 22.13 36.96
N CYS F 319 -15.01 21.73 35.80
CA CYS F 319 -13.81 22.31 35.23
C CYS F 319 -13.88 23.83 35.11
N ALA F 320 -14.99 24.33 34.55
CA ALA F 320 -15.26 25.76 34.46
C ALA F 320 -15.10 26.49 35.78
N LYS F 321 -15.81 26.05 36.82
CA LYS F 321 -15.77 26.71 38.12
C LYS F 321 -14.31 26.68 38.58
N GLU F 322 -13.57 25.70 38.08
CA GLU F 322 -12.17 25.53 38.45
C GLU F 322 -11.24 26.36 37.57
N GLY F 323 -11.76 26.99 36.52
CA GLY F 323 -10.99 27.87 35.67
C GLY F 323 -10.62 27.36 34.28
N ILE F 324 -10.74 26.06 33.99
CA ILE F 324 -10.25 25.50 32.74
C ILE F 324 -11.39 24.83 31.95
N ILE F 325 -11.07 24.51 30.69
CA ILE F 325 -11.98 23.88 29.74
C ILE F 325 -11.96 22.37 29.96
N PRO F 326 -13.12 21.69 29.95
CA PRO F 326 -13.14 20.23 30.14
C PRO F 326 -12.80 19.48 28.86
N GLY F 327 -11.53 19.57 28.45
CA GLY F 327 -11.07 18.83 27.29
C GLY F 327 -11.95 19.03 26.08
N ALA F 328 -12.33 17.92 25.45
CA ALA F 328 -13.21 17.91 24.30
C ALA F 328 -14.68 17.73 24.66
N ALA F 329 -15.04 17.89 25.94
CA ALA F 329 -16.46 17.89 26.30
C ALA F 329 -17.22 18.99 25.58
N ASN F 330 -16.59 20.14 25.36
CA ASN F 330 -17.27 21.22 24.65
C ASN F 330 -17.53 20.83 23.21
N LEU F 331 -16.69 19.94 22.66
CA LEU F 331 -16.89 19.42 21.31
C LEU F 331 -18.01 18.39 21.27
N ARG F 332 -18.03 17.48 22.24
CA ARG F 332 -18.82 16.27 22.13
C ARG F 332 -20.16 16.34 22.84
N LEU F 333 -20.24 17.08 23.94
CA LEU F 333 -21.42 17.00 24.84
C LEU F 333 -22.71 17.43 24.14
N GLY F 334 -22.66 18.50 23.35
CA GLY F 334 -23.85 18.97 22.65
C GLY F 334 -24.53 17.87 21.86
N ARG F 335 -23.73 16.96 21.29
CA ARG F 335 -24.23 15.86 20.47
C ARG F 335 -25.00 14.86 21.33
N PHE F 336 -24.63 14.72 22.60
CA PHE F 336 -25.31 13.83 23.54
C PHE F 336 -26.53 14.48 24.17
N ALA F 337 -26.43 15.75 24.56
CA ALA F 337 -27.42 16.36 25.44
C ALA F 337 -28.05 17.63 24.87
N GLY F 338 -27.62 18.10 23.71
CA GLY F 338 -28.12 19.33 23.17
C GLY F 338 -27.47 20.54 23.82
N PRO F 339 -27.71 21.72 23.26
CA PRO F 339 -26.95 22.90 23.71
C PRO F 339 -27.43 23.49 25.02
N ARG F 340 -28.68 23.25 25.43
CA ARG F 340 -29.12 23.75 26.73
C ARG F 340 -28.44 23.00 27.85
N VAL F 341 -28.59 21.66 27.87
CA VAL F 341 -28.02 20.85 28.93
C VAL F 341 -26.50 20.94 28.94
N SER F 342 -25.89 20.99 27.76
CA SER F 342 -24.42 21.02 27.71
C SER F 342 -23.88 22.31 28.30
N ARG F 343 -24.60 23.43 28.14
CA ARG F 343 -24.22 24.65 28.85
C ARG F 343 -24.54 24.58 30.33
N GLN F 344 -25.63 23.91 30.70
CA GLN F 344 -25.94 23.73 32.13
C GLN F 344 -24.80 22.99 32.83
N VAL F 345 -24.26 21.97 32.17
CA VAL F 345 -23.21 21.15 32.77
C VAL F 345 -21.88 21.89 32.77
N ILE F 346 -21.52 22.47 31.63
CA ILE F 346 -20.18 23.02 31.45
C ILE F 346 -20.09 24.45 31.98
N LEU F 347 -21.04 25.32 31.61
CA LEU F 347 -20.96 26.71 32.07
C LEU F 347 -21.42 26.91 33.50
N GLU F 348 -22.40 26.15 33.97
CA GLU F 348 -22.99 26.41 35.28
C GLU F 348 -22.86 25.24 36.23
N GLY F 349 -22.06 24.23 35.88
CA GLY F 349 -21.66 23.21 36.83
C GLY F 349 -22.77 22.27 37.22
N ARG F 350 -23.79 22.10 36.39
CA ARG F 350 -24.85 21.16 36.71
C ARG F 350 -24.29 19.75 36.82
N ARG F 351 -24.81 19.02 37.79
CA ARG F 351 -24.37 17.66 38.10
C ARG F 351 -25.54 16.72 37.82
N ILE F 352 -25.29 15.68 37.05
CA ILE F 352 -26.32 14.77 36.58
C ILE F 352 -26.19 13.45 37.34
N TRP F 353 -27.30 13.03 37.95
CA TRP F 353 -27.34 11.83 38.76
C TRP F 353 -27.78 10.64 37.92
N ALA F 354 -27.23 9.47 38.23
CA ALA F 354 -27.45 8.28 37.41
C ALA F 354 -28.93 7.92 37.29
N LYS F 355 -29.73 8.21 38.32
CA LYS F 355 -31.13 7.83 38.30
C LYS F 355 -32.07 8.91 37.76
N GLU F 356 -31.58 10.12 37.48
CA GLU F 356 -32.53 11.06 36.90
C GLU F 356 -32.67 10.80 35.40
N PRO F 357 -33.83 11.13 34.82
CA PRO F 357 -34.07 10.81 33.40
C PRO F 357 -32.97 11.22 32.44
N GLU F 358 -32.43 12.43 32.56
CA GLU F 358 -31.42 12.88 31.62
C GLU F 358 -30.08 12.16 31.74
N ALA F 359 -29.88 11.32 32.77
CA ALA F 359 -28.71 10.45 32.78
C ALA F 359 -28.66 9.54 31.56
N ARG F 360 -29.82 9.23 30.98
CA ARG F 360 -29.89 8.36 29.81
C ARG F 360 -29.25 8.99 28.59
N LEU F 361 -28.96 10.30 28.63
CA LEU F 361 -28.22 10.95 27.56
C LEU F 361 -26.75 10.57 27.59
N LEU F 362 -26.25 10.15 28.76
CA LEU F 362 -24.85 9.80 28.94
C LEU F 362 -24.62 8.33 29.24
N VAL F 363 -25.62 7.61 29.73
CA VAL F 363 -25.45 6.28 30.30
C VAL F 363 -26.48 5.34 29.70
N ASP F 364 -26.04 4.13 29.31
CA ASP F 364 -26.94 3.16 28.69
C ASP F 364 -27.68 2.34 29.73
N GLU F 365 -27.04 2.02 30.85
CA GLU F 365 -27.63 1.18 31.88
C GLU F 365 -27.27 1.70 33.26
N VAL F 366 -28.26 1.76 34.14
CA VAL F 366 -28.07 2.16 35.53
C VAL F 366 -28.56 1.01 36.39
N VAL F 367 -27.66 0.45 37.20
CA VAL F 367 -27.89 -0.83 37.85
C VAL F 367 -27.63 -0.69 39.34
N GLU F 368 -28.42 -1.41 40.14
CA GLU F 368 -28.16 -1.43 41.57
C GLU F 368 -26.82 -2.12 41.83
N PRO F 369 -26.05 -1.65 42.82
CA PRO F 369 -24.75 -2.28 43.13
C PRO F 369 -24.71 -3.81 43.16
N ASP F 370 -25.73 -4.51 43.69
CA ASP F 370 -25.58 -5.97 43.69
C ASP F 370 -25.77 -6.63 42.32
N GLU F 371 -26.33 -5.94 41.32
CA GLU F 371 -26.45 -6.52 39.98
C GLU F 371 -25.45 -5.94 38.99
N LEU F 372 -24.54 -5.06 39.43
CA LEU F 372 -23.70 -4.32 38.50
C LEU F 372 -22.62 -5.19 37.84
N ASP F 373 -21.90 -6.01 38.62
CA ASP F 373 -20.86 -6.86 38.05
C ASP F 373 -21.42 -7.75 36.93
N ALA F 374 -22.57 -8.35 37.17
CA ALA F 374 -23.14 -9.27 36.18
C ALA F 374 -23.60 -8.54 34.93
N ALA F 375 -24.13 -7.32 35.10
CA ALA F 375 -24.57 -6.56 33.93
C ALA F 375 -23.38 -6.10 33.10
N ILE F 376 -22.25 -5.78 33.74
CA ILE F 376 -21.03 -5.49 33.01
C ILE F 376 -20.61 -6.67 32.15
N GLU F 377 -20.57 -7.87 32.74
CA GLU F 377 -20.17 -9.07 32.02
C GLU F 377 -21.09 -9.33 30.83
N ARG F 378 -22.40 -9.20 31.02
CA ARG F 378 -23.35 -9.38 29.92
C ARG F 378 -23.05 -8.41 28.78
N SER F 379 -22.73 -7.16 29.10
CA SER F 379 -22.52 -6.17 28.05
C SER F 379 -21.23 -6.43 27.28
N LEU F 380 -20.26 -7.09 27.91
CA LEU F 380 -19.02 -7.42 27.21
C LEU F 380 -19.22 -8.49 26.14
N THR F 381 -20.21 -9.38 26.30
CA THR F 381 -20.47 -10.39 25.29
C THR F 381 -21.21 -9.86 24.07
N ARG F 382 -21.81 -8.67 24.13
CA ARG F 382 -22.70 -8.20 23.07
C ARG F 382 -22.03 -7.39 21.97
N LEU F 383 -20.70 -7.19 22.00
CA LEU F 383 -20.02 -6.32 21.04
C LEU F 383 -18.92 -7.03 20.24
N ASP F 384 -19.07 -8.33 19.99
CA ASP F 384 -17.94 -9.16 19.55
C ASP F 384 -17.56 -9.04 18.08
N GLY F 385 -18.51 -8.96 17.14
CA GLY F 385 -18.18 -9.30 15.76
C GLY F 385 -17.43 -8.23 14.97
N ASP F 386 -17.16 -8.57 13.71
CA ASP F 386 -16.69 -7.61 12.72
C ASP F 386 -17.77 -6.65 12.29
N ALA F 387 -19.04 -7.03 12.47
CA ALA F 387 -20.15 -6.15 12.13
C ALA F 387 -20.22 -4.97 13.08
N VAL F 388 -20.01 -5.23 14.38
CA VAL F 388 -19.92 -4.15 15.35
C VAL F 388 -18.80 -3.18 15.00
N LEU F 389 -17.63 -3.70 14.61
CA LEU F 389 -16.51 -2.82 14.22
C LEU F 389 -16.87 -1.91 13.07
N ALA F 390 -17.45 -2.45 11.99
CA ALA F 390 -17.79 -1.61 10.86
C ALA F 390 -18.83 -0.56 11.23
N ASN F 391 -19.86 -0.97 11.98
CA ASN F 391 -20.92 -0.03 12.34
C ASN F 391 -20.43 1.05 13.29
N ARG F 392 -19.57 0.72 14.26
CA ARG F 392 -19.10 1.78 15.15
C ARG F 392 -18.14 2.72 14.43
N ARG F 393 -17.44 2.21 13.41
CA ARG F 393 -16.57 3.07 12.61
C ARG F 393 -17.39 4.06 11.80
N MET F 394 -18.47 3.60 11.17
CA MET F 394 -19.33 4.49 10.40
C MET F 394 -20.02 5.49 11.32
N LEU F 395 -20.44 5.04 12.51
CA LEU F 395 -21.06 5.94 13.49
C LEU F 395 -20.12 7.05 13.92
N ASN F 396 -18.88 6.69 14.26
CA ASN F 396 -17.92 7.69 14.73
C ASN F 396 -17.55 8.66 13.62
N LEU F 397 -17.46 8.16 12.38
CA LEU F 397 -17.23 9.03 11.24
C LEU F 397 -18.35 10.03 11.07
N ALA F 398 -19.60 9.59 11.26
CA ALA F 398 -20.74 10.50 11.17
C ALA F 398 -20.78 11.47 12.35
N ASP F 399 -20.52 10.97 13.57
CA ASP F 399 -20.70 11.79 14.76
C ASP F 399 -19.64 12.88 14.86
N GLU F 400 -18.41 12.57 14.48
CA GLU F 400 -17.29 13.49 14.69
C GLU F 400 -16.36 13.40 13.48
N SER F 401 -16.42 14.41 12.60
CA SER F 401 -15.58 14.40 11.41
C SER F 401 -14.13 14.68 11.78
N PRO F 402 -13.18 14.21 10.98
CA PRO F 402 -11.78 14.59 11.19
C PRO F 402 -11.54 16.10 11.21
N ASP F 403 -12.13 16.84 10.26
CA ASP F 403 -12.04 18.29 10.29
C ASP F 403 -12.64 18.89 11.56
N GLY F 404 -13.81 18.37 11.97
CA GLY F 404 -14.44 18.88 13.18
C GLY F 404 -13.53 18.77 14.39
N PHE F 405 -12.96 17.58 14.60
CA PHE F 405 -12.07 17.35 15.72
C PHE F 405 -10.81 18.19 15.60
N ARG F 406 -10.22 18.24 14.41
CA ARG F 406 -8.98 19.00 14.20
C ARG F 406 -9.19 20.49 14.47
N ALA F 407 -10.28 21.06 13.95
CA ALA F 407 -10.52 22.49 14.16
C ALA F 407 -10.71 22.80 15.64
N TYR F 408 -11.42 21.93 16.35
CA TYR F 408 -11.64 22.13 17.78
C TYR F 408 -10.33 22.10 18.55
N MET F 409 -9.53 21.05 18.35
CA MET F 409 -8.29 20.91 19.09
C MET F 409 -7.32 22.04 18.80
N ALA F 410 -7.38 22.60 17.59
CA ALA F 410 -6.54 23.75 17.24
C ALA F 410 -6.82 24.94 18.16
N GLU F 411 -8.08 25.41 18.18
CA GLU F 411 -8.45 26.47 19.11
C GLU F 411 -8.23 26.06 20.56
N PHE F 412 -8.50 24.80 20.91
CA PHE F 412 -8.36 24.36 22.29
C PHE F 412 -6.93 24.53 22.76
N ALA F 413 -5.96 24.19 21.89
CA ALA F 413 -4.54 24.28 22.24
C ALA F 413 -4.18 25.64 22.81
N LEU F 414 -4.71 26.73 22.24
CA LEU F 414 -4.39 28.06 22.72
C LEU F 414 -5.35 28.53 23.81
N MET F 415 -6.66 28.32 23.62
CA MET F 415 -7.63 28.71 24.63
C MET F 415 -7.31 28.07 25.97
N GLN F 416 -6.95 26.78 25.96
CA GLN F 416 -6.65 26.09 27.19
C GLN F 416 -5.30 26.53 27.77
N ALA F 417 -4.32 26.78 26.91
CA ALA F 417 -3.06 27.36 27.36
C ALA F 417 -3.28 28.65 28.13
N LEU F 418 -4.14 29.53 27.62
CA LEU F 418 -4.43 30.78 28.31
C LEU F 418 -5.16 30.54 29.63
N ARG F 419 -6.06 29.56 29.67
CA ARG F 419 -6.76 29.29 30.92
C ARG F 419 -5.79 28.77 31.96
N LEU F 420 -4.77 28.04 31.52
CA LEU F 420 -3.77 27.49 32.42
C LEU F 420 -3.03 28.60 33.18
N TYR F 421 -2.99 29.82 32.65
CA TYR F 421 -2.31 30.94 33.28
C TYR F 421 -3.23 32.10 33.63
N GLY F 422 -4.55 31.88 33.61
CA GLY F 422 -5.47 32.92 34.02
C GLY F 422 -5.48 33.09 35.53
N HIS F 423 -5.94 34.26 35.98
CA HIS F 423 -5.81 34.58 37.39
C HIS F 423 -6.79 33.81 38.25
N ASP F 424 -7.95 33.44 37.70
CA ASP F 424 -8.86 32.66 38.52
C ASP F 424 -8.44 31.20 38.62
N VAL F 425 -7.52 30.76 37.77
CA VAL F 425 -6.95 29.43 37.92
C VAL F 425 -5.80 29.46 38.91
N ILE F 426 -5.08 30.59 38.99
CA ILE F 426 -3.92 30.76 39.86
C ILE F 426 -4.37 30.58 41.33
N ASP F 427 -5.63 30.20 41.49
CA ASP F 427 -6.08 29.55 42.73
C ASP F 427 -6.22 28.05 42.49
N THR G 11 -95.71 -11.09 59.87
CA THR G 11 -95.41 -10.61 61.21
C THR G 11 -95.46 -9.09 61.22
N ASP G 12 -94.98 -8.47 60.14
CA ASP G 12 -95.22 -7.06 59.93
C ASP G 12 -95.94 -6.79 58.61
N GLY G 13 -96.43 -7.83 57.93
CA GLY G 13 -97.13 -7.69 56.67
C GLY G 13 -96.27 -7.93 55.44
N LEU G 14 -94.94 -7.84 55.57
CA LEU G 14 -94.08 -7.84 54.37
C LEU G 14 -94.02 -9.21 53.70
N TRP G 15 -93.89 -10.29 54.48
CA TRP G 15 -93.85 -11.61 53.87
C TRP G 15 -95.16 -11.96 53.17
N ALA G 16 -96.28 -11.58 53.77
CA ALA G 16 -97.57 -11.87 53.17
C ALA G 16 -97.77 -11.07 51.89
N ALA G 17 -97.42 -9.78 51.91
CA ALA G 17 -97.57 -8.94 50.72
C ALA G 17 -96.67 -9.41 49.60
N LEU G 18 -95.45 -9.83 49.92
CA LEU G 18 -94.56 -10.43 48.94
C LEU G 18 -95.16 -11.70 48.37
N THR G 19 -95.67 -12.58 49.25
CA THR G 19 -96.33 -13.80 48.78
C THR G 19 -97.46 -13.51 47.81
N GLU G 20 -98.24 -12.45 48.08
CA GLU G 20 -99.30 -12.06 47.14
C GLU G 20 -98.71 -11.61 45.82
N ALA G 21 -97.73 -10.69 45.88
CA ALA G 21 -97.14 -10.11 44.66
C ALA G 21 -96.50 -11.18 43.80
N ALA G 22 -95.86 -12.16 44.42
CA ALA G 22 -95.30 -13.28 43.65
C ALA G 22 -96.40 -14.15 43.06
N ALA G 23 -97.51 -14.33 43.78
CA ALA G 23 -98.63 -15.08 43.26
C ALA G 23 -99.24 -14.43 42.02
N SER G 24 -99.41 -13.10 42.03
CA SER G 24 -99.91 -12.42 40.84
C SER G 24 -98.96 -12.59 39.68
N VAL G 25 -97.65 -12.64 39.95
CA VAL G 25 -96.69 -12.90 38.89
C VAL G 25 -96.91 -14.30 38.30
N GLU G 26 -97.03 -15.31 39.16
CA GLU G 26 -97.18 -16.68 38.64
C GLU G 26 -98.49 -16.83 37.89
N LYS G 27 -99.57 -16.27 38.44
CA LYS G 27 -100.86 -16.28 37.74
C LYS G 27 -100.72 -15.70 36.33
N LEU G 28 -100.17 -14.48 36.23
CA LEU G 28 -99.97 -13.85 34.92
C LEU G 28 -99.06 -14.68 34.02
N LEU G 29 -97.97 -15.23 34.54
CA LEU G 29 -97.10 -16.01 33.68
C LEU G 29 -97.78 -17.31 33.23
N ALA G 30 -98.66 -17.85 34.06
CA ALA G 30 -99.40 -19.06 33.67
C ALA G 30 -100.45 -18.78 32.61
N THR G 31 -101.12 -17.62 32.67
CA THR G 31 -102.24 -17.35 31.76
C THR G 31 -101.88 -16.50 30.56
N LEU G 32 -100.73 -15.82 30.56
CA LEU G 32 -100.45 -14.96 29.43
C LEU G 32 -99.77 -15.73 28.31
N PRO G 33 -99.74 -15.19 27.09
CA PRO G 33 -98.97 -15.83 26.02
C PRO G 33 -97.47 -15.80 26.31
N GLU G 34 -96.73 -16.55 25.52
CA GLU G 34 -95.28 -16.55 25.64
C GLU G 34 -94.75 -15.15 25.35
N HIS G 35 -93.55 -14.87 25.86
CA HIS G 35 -92.89 -13.60 25.61
C HIS G 35 -92.77 -13.39 24.10
N GLY G 36 -93.03 -12.16 23.65
CA GLY G 36 -93.01 -11.83 22.24
C GLY G 36 -94.29 -12.12 21.50
N ALA G 37 -95.24 -12.80 22.12
CA ALA G 37 -96.58 -12.96 21.59
C ALA G 37 -97.57 -12.16 22.42
N ARG G 38 -97.06 -11.47 23.43
CA ARG G 38 -97.87 -10.66 24.33
C ARG G 38 -98.20 -9.32 23.70
N SER G 39 -99.39 -8.84 24.03
CA SER G 39 -99.82 -7.55 23.54
C SER G 39 -99.23 -6.46 24.41
N SER G 40 -99.43 -5.23 23.96
CA SER G 40 -98.93 -4.08 24.70
C SER G 40 -99.50 -4.02 26.11
N ALA G 41 -100.82 -4.15 26.24
CA ALA G 41 -101.42 -4.12 27.57
C ALA G 41 -100.89 -5.25 28.43
N GLU G 42 -100.71 -6.42 27.83
CA GLU G 42 -100.17 -7.55 28.57
C GLU G 42 -98.75 -7.33 29.04
N ARG G 43 -97.90 -6.75 28.18
CA ARG G 43 -96.50 -6.53 28.57
C ARG G 43 -96.42 -5.54 29.73
N ALA G 44 -97.27 -4.52 29.73
CA ALA G 44 -97.26 -3.57 30.84
C ALA G 44 -97.76 -4.21 32.13
N GLU G 45 -98.73 -5.12 32.07
CA GLU G 45 -99.21 -5.67 33.32
C GLU G 45 -98.18 -6.58 33.98
N ILE G 46 -97.51 -7.44 33.22
CA ILE G 46 -96.48 -8.30 33.82
C ILE G 46 -95.28 -7.47 34.32
N ALA G 47 -94.84 -6.48 33.54
CA ALA G 47 -93.79 -5.58 33.99
C ALA G 47 -94.14 -4.94 35.33
N ALA G 48 -95.39 -4.50 35.48
CA ALA G 48 -95.83 -3.90 36.73
C ALA G 48 -95.84 -4.93 37.86
N ALA G 49 -96.23 -6.17 37.55
CA ALA G 49 -96.28 -7.21 38.58
C ALA G 49 -94.87 -7.56 39.08
N HIS G 50 -93.94 -7.78 38.15
CA HIS G 50 -92.55 -7.97 38.52
C HIS G 50 -92.04 -6.84 39.40
N ASP G 51 -92.30 -5.59 38.99
CA ASP G 51 -91.80 -4.45 39.74
C ASP G 51 -92.34 -4.41 41.16
N ALA G 52 -93.62 -4.74 41.34
CA ALA G 52 -94.20 -4.71 42.67
C ALA G 52 -93.62 -5.83 43.54
N ALA G 53 -93.40 -7.01 42.94
CA ALA G 53 -92.81 -8.11 43.70
C ALA G 53 -91.36 -7.81 44.10
N ARG G 54 -90.57 -7.29 43.16
CA ARG G 54 -89.16 -7.01 43.44
C ARG G 54 -89.01 -5.91 44.48
N ALA G 55 -89.84 -4.88 44.40
CA ALA G 55 -89.85 -3.84 45.45
C ALA G 55 -90.13 -4.45 46.83
N LEU G 56 -91.03 -5.43 46.90
CA LEU G 56 -91.31 -6.07 48.18
C LEU G 56 -90.20 -7.02 48.60
N ARG G 57 -89.53 -7.68 47.65
CA ARG G 57 -88.34 -8.45 48.00
C ARG G 57 -87.31 -7.59 48.69
N VAL G 58 -87.10 -6.37 48.19
CA VAL G 58 -86.15 -5.45 48.82
C VAL G 58 -86.63 -5.04 50.21
N ARG G 59 -87.90 -4.68 50.34
CA ARG G 59 -88.39 -4.19 51.63
C ARG G 59 -88.43 -5.29 52.67
N PHE G 60 -88.88 -6.49 52.28
CA PHE G 60 -88.83 -7.63 53.18
C PHE G 60 -87.43 -7.84 53.76
N LEU G 61 -86.42 -7.86 52.89
CA LEU G 61 -85.06 -8.17 53.31
C LEU G 61 -84.37 -7.02 54.02
N ASP G 62 -84.81 -5.78 53.82
CA ASP G 62 -84.23 -4.66 54.57
C ASP G 62 -84.37 -4.89 56.08
N THR G 63 -85.46 -5.49 56.53
CA THR G 63 -85.63 -5.78 57.94
C THR G 63 -85.45 -7.23 58.32
N HIS G 64 -85.64 -8.17 57.40
CA HIS G 64 -85.62 -9.59 57.73
C HIS G 64 -84.44 -10.39 57.21
N ALA G 65 -83.42 -9.75 56.60
CA ALA G 65 -82.34 -10.51 55.97
C ALA G 65 -81.63 -11.43 56.96
N ASP G 66 -81.23 -10.89 58.12
CA ASP G 66 -80.54 -11.70 59.12
C ASP G 66 -81.36 -12.90 59.56
N ALA G 67 -82.66 -12.71 59.79
CA ALA G 67 -83.51 -13.83 60.20
C ALA G 67 -83.57 -14.89 59.10
N VAL G 68 -83.67 -14.45 57.85
CA VAL G 68 -83.68 -15.39 56.72
C VAL G 68 -82.35 -16.14 56.67
N TYR G 69 -81.24 -15.41 56.72
CA TYR G 69 -79.93 -16.05 56.66
C TYR G 69 -79.73 -17.02 57.82
N ASP G 70 -80.19 -16.64 59.01
CA ASP G 70 -80.08 -17.51 60.17
C ASP G 70 -80.84 -18.82 60.00
N ARG G 71 -82.05 -18.78 59.44
CA ARG G 71 -82.74 -20.05 59.17
C ARG G 71 -81.95 -20.92 58.22
N LEU G 72 -81.33 -20.32 57.20
CA LEU G 72 -80.66 -21.11 56.18
C LEU G 72 -79.32 -21.64 56.67
N THR G 73 -78.67 -20.94 57.60
CA THR G 73 -77.33 -21.31 58.04
C THR G 73 -77.28 -21.73 59.50
N ASP G 74 -78.42 -22.01 60.12
CA ASP G 74 -78.48 -22.42 61.52
C ASP G 74 -77.72 -21.43 62.40
N HIS G 75 -78.17 -20.18 62.31
CA HIS G 75 -77.55 -19.04 62.98
C HIS G 75 -76.04 -18.96 62.74
N ARG G 76 -75.66 -18.96 61.46
CA ARG G 76 -74.27 -18.72 61.05
C ARG G 76 -73.31 -19.78 61.61
N ARG G 77 -73.78 -21.02 61.72
CA ARG G 77 -72.91 -22.12 62.11
C ARG G 77 -72.68 -23.11 61.00
N VAL G 78 -73.36 -22.97 59.86
CA VAL G 78 -73.12 -23.76 58.67
C VAL G 78 -72.73 -22.81 57.53
N HIS G 79 -71.55 -23.02 56.96
CA HIS G 79 -71.07 -22.26 55.80
C HIS G 79 -71.71 -22.83 54.53
N LEU G 80 -72.56 -22.04 53.87
CA LEU G 80 -73.10 -22.41 52.56
C LEU G 80 -72.52 -21.50 51.47
N ARG G 81 -72.04 -22.12 50.39
CA ARG G 81 -71.65 -21.39 49.18
C ARG G 81 -72.87 -20.79 48.48
N LEU G 82 -72.58 -19.95 47.49
CA LEU G 82 -73.62 -19.18 46.81
C LEU G 82 -74.70 -20.07 46.20
N ALA G 83 -74.28 -21.06 45.40
CA ALA G 83 -75.25 -21.95 44.76
C ALA G 83 -76.14 -22.62 45.79
N GLU G 84 -75.55 -23.17 46.85
CA GLU G 84 -76.34 -23.84 47.87
C GLU G 84 -77.23 -22.85 48.62
N LEU G 85 -76.72 -21.64 48.88
CA LEU G 85 -77.49 -20.63 49.62
C LEU G 85 -78.76 -20.22 48.89
N VAL G 86 -78.65 -19.89 47.59
CA VAL G 86 -79.83 -19.41 46.87
C VAL G 86 -80.79 -20.55 46.59
N GLU G 87 -80.28 -21.78 46.47
CA GLU G 87 -81.15 -22.94 46.34
C GLU G 87 -81.96 -23.15 47.62
N ALA G 88 -81.28 -23.19 48.78
CA ALA G 88 -81.96 -23.37 50.04
C ALA G 88 -82.95 -22.23 50.32
N ALA G 89 -82.59 -21.00 49.93
CA ALA G 89 -83.50 -19.87 50.12
C ALA G 89 -84.78 -20.05 49.32
N ALA G 90 -84.69 -20.60 48.11
CA ALA G 90 -85.87 -20.78 47.28
C ALA G 90 -86.84 -21.79 47.90
N THR G 91 -86.32 -22.90 48.40
CA THR G 91 -87.21 -23.91 48.99
C THR G 91 -87.75 -23.46 50.35
N ALA G 92 -86.91 -22.83 51.16
CA ALA G 92 -87.35 -22.39 52.49
C ALA G 92 -88.22 -21.15 52.44
N PHE G 93 -88.10 -20.32 51.41
CA PHE G 93 -88.87 -19.08 51.27
C PHE G 93 -89.39 -18.94 49.85
N PRO G 94 -90.41 -19.73 49.50
CA PRO G 94 -90.94 -19.68 48.13
C PRO G 94 -91.31 -18.26 47.71
N GLY G 95 -90.93 -17.90 46.47
CA GLY G 95 -91.19 -16.58 45.94
C GLY G 95 -90.14 -15.54 46.26
N LEU G 96 -89.24 -15.80 47.21
CA LEU G 96 -88.14 -14.88 47.49
C LEU G 96 -87.11 -14.91 46.37
N VAL G 97 -86.69 -16.11 45.98
CA VAL G 97 -85.74 -16.30 44.88
C VAL G 97 -86.19 -17.52 44.06
N PRO G 98 -85.83 -17.55 42.77
CA PRO G 98 -86.33 -18.62 41.92
C PRO G 98 -85.84 -20.01 42.31
N THR G 99 -86.68 -21.01 42.03
CA THR G 99 -86.32 -22.39 42.23
C THR G 99 -85.37 -22.86 41.13
N GLN G 100 -84.76 -24.03 41.37
CA GLN G 100 -83.93 -24.66 40.36
C GLN G 100 -84.72 -24.86 39.07
N GLN G 101 -86.00 -25.19 39.20
CA GLN G 101 -86.84 -25.44 38.03
C GLN G 101 -87.01 -24.17 37.21
N GLN G 102 -87.46 -23.09 37.87
CA GLN G 102 -87.70 -21.83 37.18
C GLN G 102 -86.45 -21.31 36.49
N LEU G 103 -85.28 -21.50 37.10
CA LEU G 103 -84.04 -21.11 36.45
C LEU G 103 -83.77 -21.96 35.21
N ALA G 104 -84.04 -23.27 35.31
CA ALA G 104 -83.94 -24.13 34.14
C ALA G 104 -84.74 -23.59 32.97
N VAL G 105 -85.96 -23.12 33.23
CA VAL G 105 -86.78 -22.55 32.16
C VAL G 105 -86.13 -21.29 31.61
N GLU G 106 -85.68 -20.40 32.51
CA GLU G 106 -85.00 -19.18 32.08
C GLU G 106 -83.78 -19.49 31.23
N ARG G 107 -82.98 -20.48 31.63
CA ARG G 107 -81.75 -20.77 30.90
C ARG G 107 -82.04 -21.29 29.49
N SER G 108 -83.22 -21.89 29.28
CA SER G 108 -83.57 -22.41 27.97
C SER G 108 -83.97 -21.32 26.97
N LEU G 109 -84.14 -20.08 27.42
CA LEU G 109 -84.57 -18.97 26.60
C LEU G 109 -83.40 -18.08 26.21
N PRO G 110 -83.55 -17.26 25.16
CA PRO G 110 -82.58 -16.20 24.94
C PRO G 110 -82.83 -15.08 25.94
N GLN G 111 -81.76 -14.32 26.25
CA GLN G 111 -81.80 -13.27 27.26
C GLN G 111 -83.03 -12.38 27.11
N ALA G 112 -83.35 -12.01 25.86
CA ALA G 112 -84.45 -11.09 25.58
C ALA G 112 -85.81 -11.62 26.05
N ALA G 113 -86.01 -12.92 26.03
CA ALA G 113 -87.31 -13.50 26.38
C ALA G 113 -87.42 -13.86 27.85
N LYS G 114 -86.35 -13.68 28.62
CA LYS G 114 -86.37 -14.05 30.03
C LYS G 114 -87.21 -13.10 30.87
N GLU G 115 -87.82 -13.66 31.92
CA GLU G 115 -88.59 -12.86 32.86
C GLU G 115 -87.70 -12.10 33.84
N GLY G 116 -86.44 -12.52 33.97
CA GLY G 116 -85.49 -11.81 34.82
C GLY G 116 -85.42 -12.29 36.25
N HIS G 117 -85.68 -13.57 36.50
CA HIS G 117 -85.73 -14.08 37.87
C HIS G 117 -84.39 -13.96 38.58
N GLU G 118 -83.28 -14.02 37.85
CA GLU G 118 -81.97 -13.80 38.46
C GLU G 118 -81.89 -12.48 39.23
N ILE G 119 -82.66 -11.48 38.81
CA ILE G 119 -82.68 -10.20 39.55
C ILE G 119 -83.09 -10.44 40.99
N ASP G 120 -84.01 -11.38 41.23
CA ASP G 120 -84.40 -11.69 42.60
C ASP G 120 -83.22 -12.22 43.41
N GLN G 121 -82.33 -12.97 42.76
CA GLN G 121 -81.11 -13.40 43.43
C GLN G 121 -80.19 -12.22 43.70
N GLY G 122 -80.12 -11.27 42.77
CA GLY G 122 -79.40 -10.03 43.02
C GLY G 122 -79.91 -9.30 44.24
N ILE G 123 -81.23 -9.22 44.38
CA ILE G 123 -81.83 -8.55 45.53
C ILE G 123 -81.46 -9.27 46.81
N PHE G 124 -81.49 -10.60 46.77
CA PHE G 124 -81.20 -11.42 47.94
C PHE G 124 -79.75 -11.27 48.37
N LEU G 125 -78.82 -11.47 47.44
CA LEU G 125 -77.40 -11.39 47.78
C LEU G 125 -76.99 -9.98 48.19
N ARG G 126 -77.63 -8.96 47.62
CA ARG G 126 -77.35 -7.59 48.09
C ARG G 126 -77.71 -7.46 49.56
N ALA G 127 -78.89 -7.93 49.94
CA ALA G 127 -79.34 -7.78 51.33
C ALA G 127 -78.48 -8.60 52.27
N VAL G 128 -78.08 -9.81 51.86
CA VAL G 128 -77.22 -10.64 52.70
C VAL G 128 -75.87 -9.97 52.90
N LEU G 129 -75.21 -9.55 51.82
CA LEU G 129 -73.88 -8.94 51.93
C LEU G 129 -73.91 -7.62 52.68
N ARG G 130 -75.02 -6.87 52.62
CA ARG G 130 -75.13 -5.64 53.40
C ARG G 130 -75.12 -5.90 54.91
N SER G 131 -75.59 -7.07 55.35
CA SER G 131 -75.62 -7.37 56.78
C SER G 131 -74.21 -7.47 57.36
N PRO G 132 -73.91 -6.77 58.46
CA PRO G 132 -72.59 -6.94 59.10
C PRO G 132 -72.39 -8.31 59.74
N LEU G 133 -73.45 -9.10 59.90
CA LEU G 133 -73.36 -10.45 60.43
C LEU G 133 -73.38 -11.52 59.33
N ALA G 134 -74.36 -11.44 58.43
CA ALA G 134 -74.48 -12.42 57.37
C ALA G 134 -73.39 -12.25 56.31
N GLY G 135 -73.08 -11.01 55.96
CA GLY G 135 -72.14 -10.71 54.90
C GLY G 135 -70.77 -11.34 55.07
N PRO G 136 -70.09 -11.04 56.18
CA PRO G 136 -68.76 -11.64 56.39
C PRO G 136 -68.81 -13.16 56.44
N HIS G 137 -69.92 -13.73 56.89
CA HIS G 137 -70.03 -15.17 57.03
C HIS G 137 -70.17 -15.84 55.66
N LEU G 138 -71.00 -15.26 54.78
CA LEU G 138 -71.08 -15.74 53.41
C LEU G 138 -69.74 -15.61 52.69
N LEU G 139 -69.02 -14.51 52.92
CA LEU G 139 -67.73 -14.32 52.27
C LEU G 139 -66.71 -15.35 52.76
N ASP G 140 -66.78 -15.72 54.05
CA ASP G 140 -65.93 -16.80 54.55
C ASP G 140 -66.29 -18.11 53.89
N ALA G 141 -67.58 -18.42 53.79
CA ALA G 141 -68.01 -19.66 53.16
C ALA G 141 -67.43 -19.81 51.75
N MET G 142 -67.38 -18.72 50.99
CA MET G 142 -66.85 -18.78 49.64
C MET G 142 -65.34 -18.87 49.62
N LEU G 143 -64.65 -18.51 50.71
CA LEU G 143 -63.21 -18.71 50.79
C LEU G 143 -62.82 -20.13 51.17
N ARG G 144 -63.76 -20.96 51.63
CA ARG G 144 -63.43 -22.34 51.93
C ARG G 144 -63.14 -23.14 50.66
N PRO G 145 -62.31 -24.17 50.76
CA PRO G 145 -61.98 -24.97 49.57
C PRO G 145 -63.23 -25.59 48.95
N THR G 146 -63.23 -25.67 47.62
CA THR G 146 -64.30 -26.33 46.92
C THR G 146 -64.19 -27.85 47.13
N PRO G 147 -65.32 -28.56 47.15
CA PRO G 147 -65.26 -30.02 47.23
C PRO G 147 -64.42 -30.66 46.14
N ARG G 148 -64.55 -30.16 44.90
CA ARG G 148 -63.75 -30.69 43.79
C ARG G 148 -62.26 -30.65 44.10
N ALA G 149 -61.79 -29.55 44.68
CA ALA G 149 -60.36 -29.42 44.97
C ALA G 149 -59.90 -30.35 46.08
N LEU G 150 -60.73 -30.52 47.12
CA LEU G 150 -60.43 -31.49 48.16
C LEU G 150 -60.35 -32.90 47.58
N GLU G 151 -61.19 -33.16 46.59
CA GLU G 151 -61.27 -34.45 45.93
C GLU G 151 -60.03 -34.74 45.09
N LEU G 152 -59.53 -33.73 44.37
CA LEU G 152 -58.35 -33.85 43.52
C LEU G 152 -57.04 -33.65 44.26
N LEU G 153 -57.05 -33.19 45.52
CA LEU G 153 -55.81 -32.80 46.18
C LEU G 153 -54.80 -33.94 46.31
N PRO G 154 -55.17 -35.14 46.80
CA PRO G 154 -54.16 -36.20 46.93
C PRO G 154 -53.45 -36.55 45.62
N GLU G 155 -54.20 -36.73 44.53
CA GLU G 155 -53.55 -37.05 43.26
C GLU G 155 -52.66 -35.88 42.80
N PHE G 156 -53.07 -34.64 43.07
CA PHE G 156 -52.22 -33.50 42.71
C PHE G 156 -50.92 -33.53 43.52
N VAL G 157 -51.01 -33.84 44.82
CA VAL G 157 -49.81 -33.94 45.63
C VAL G 157 -48.90 -35.04 45.11
N ARG G 158 -49.47 -36.19 44.72
CA ARG G 158 -48.66 -37.28 44.21
C ARG G 158 -48.06 -36.94 42.84
N THR G 159 -48.88 -36.40 41.95
CA THR G 159 -48.54 -36.31 40.53
C THR G 159 -47.93 -34.96 40.13
N GLY G 160 -48.25 -33.90 40.86
CA GLY G 160 -47.84 -32.57 40.46
C GLY G 160 -48.49 -32.00 39.22
N GLU G 161 -49.65 -32.54 38.81
CA GLU G 161 -50.18 -32.23 37.49
C GLU G 161 -51.66 -32.54 37.44
N VAL G 162 -52.45 -31.62 36.91
CA VAL G 162 -53.89 -31.81 36.72
C VAL G 162 -54.28 -31.12 35.42
N GLU G 163 -55.04 -31.83 34.60
CA GLU G 163 -55.56 -31.29 33.35
C GLU G 163 -57.05 -31.08 33.51
N MET G 164 -57.49 -29.85 33.28
CA MET G 164 -58.90 -29.49 33.33
C MET G 164 -59.26 -28.87 31.99
N GLU G 165 -60.55 -28.64 31.77
CA GLU G 165 -61.00 -28.17 30.45
C GLU G 165 -60.37 -26.83 30.11
N ALA G 166 -60.37 -25.90 31.06
CA ALA G 166 -59.89 -24.55 30.80
C ALA G 166 -58.58 -24.19 31.50
N VAL G 167 -58.07 -25.03 32.39
CA VAL G 167 -56.84 -24.72 33.12
C VAL G 167 -55.96 -25.96 33.19
N HIS G 168 -54.67 -25.79 32.89
CA HIS G 168 -53.65 -26.81 33.15
C HIS G 168 -52.84 -26.39 34.37
N LEU G 169 -52.77 -27.26 35.37
CA LEU G 169 -52.06 -26.98 36.60
C LEU G 169 -50.86 -27.90 36.75
N GLU G 170 -49.71 -27.32 37.08
CA GLU G 170 -48.46 -28.06 37.28
C GLU G 170 -47.72 -27.47 38.47
N ARG G 171 -47.29 -28.34 39.39
CA ARG G 171 -46.33 -27.94 40.41
C ARG G 171 -44.91 -28.20 39.91
N ARG G 172 -44.06 -27.18 40.02
CA ARG G 172 -42.69 -27.29 39.55
C ARG G 172 -41.83 -26.26 40.28
N ASP G 173 -40.79 -26.72 40.96
CA ASP G 173 -39.90 -25.85 41.76
C ASP G 173 -40.67 -24.99 42.76
N GLY G 174 -41.62 -25.61 43.45
CA GLY G 174 -42.42 -24.87 44.41
C GLY G 174 -43.33 -23.82 43.83
N VAL G 175 -43.59 -23.87 42.52
CA VAL G 175 -44.49 -22.94 41.85
C VAL G 175 -45.71 -23.71 41.38
N ALA G 176 -46.89 -23.17 41.67
CA ALA G 176 -48.12 -23.65 41.06
C ALA G 176 -48.30 -22.90 39.75
N ARG G 177 -48.13 -23.60 38.64
CA ARG G 177 -48.20 -22.99 37.31
C ARG G 177 -49.58 -23.22 36.72
N LEU G 178 -50.41 -22.19 36.76
CA LEU G 178 -51.73 -22.24 36.15
C LEU G 178 -51.62 -21.70 34.73
N THR G 179 -51.95 -22.54 33.76
CA THR G 179 -51.95 -22.17 32.35
C THR G 179 -53.39 -22.19 31.87
N MET G 180 -53.90 -21.02 31.47
CA MET G 180 -55.24 -20.94 30.91
C MET G 180 -55.18 -21.41 29.47
N CYS G 181 -55.92 -22.47 29.15
CA CYS G 181 -55.62 -23.23 27.93
C CYS G 181 -56.87 -23.50 27.09
N ARG G 182 -57.74 -22.51 26.91
CA ARG G 182 -58.81 -22.66 25.93
C ARG G 182 -58.29 -22.08 24.62
N ASP G 183 -57.54 -22.93 23.91
CA ASP G 183 -56.78 -22.51 22.73
C ASP G 183 -57.67 -22.12 21.55
N ASP G 184 -58.93 -22.55 21.53
CA ASP G 184 -59.81 -22.22 20.42
C ASP G 184 -60.43 -20.83 20.54
N ARG G 185 -60.49 -20.23 21.74
CA ARG G 185 -61.29 -19.03 21.92
C ARG G 185 -60.58 -17.96 22.76
N LEU G 186 -59.25 -17.96 22.78
CA LEU G 186 -58.45 -16.93 23.45
C LEU G 186 -58.81 -16.79 24.93
N ASN G 187 -58.97 -17.94 25.59
CA ASN G 187 -59.26 -18.01 27.02
C ASN G 187 -60.47 -17.16 27.44
N ALA G 188 -61.46 -17.05 26.55
CA ALA G 188 -62.72 -16.42 26.92
C ALA G 188 -63.36 -17.14 28.10
N GLU G 189 -63.97 -16.37 29.01
CA GLU G 189 -64.45 -16.90 30.28
C GLU G 189 -65.89 -17.40 30.19
N ASP G 190 -66.15 -18.52 30.87
CA ASP G 190 -67.49 -19.07 31.03
C ASP G 190 -67.58 -19.74 32.39
N GLY G 191 -68.72 -20.37 32.66
CA GLY G 191 -68.94 -21.00 33.95
C GLY G 191 -67.94 -22.10 34.25
N GLN G 192 -67.50 -22.82 33.21
CA GLN G 192 -66.53 -23.89 33.41
C GLN G 192 -65.16 -23.33 33.77
N GLN G 193 -64.75 -22.23 33.13
CA GLN G 193 -63.45 -21.64 33.42
C GLN G 193 -63.38 -21.18 34.88
N VAL G 194 -64.48 -20.64 35.39
CA VAL G 194 -64.51 -20.22 36.79
C VAL G 194 -64.33 -21.44 37.70
N ASP G 195 -65.02 -22.54 37.39
CA ASP G 195 -64.88 -23.75 38.20
C ASP G 195 -63.45 -24.30 38.15
N ASP G 196 -62.84 -24.32 36.96
CA ASP G 196 -61.47 -24.79 36.85
C ASP G 196 -60.49 -23.86 37.56
N MET G 197 -60.68 -22.55 37.42
CA MET G 197 -59.79 -21.60 38.08
C MET G 197 -59.87 -21.72 39.59
N GLU G 198 -61.10 -21.77 40.15
CA GLU G 198 -61.23 -21.88 41.60
C GLU G 198 -60.63 -23.19 42.09
N THR G 199 -60.85 -24.27 41.35
CA THR G 199 -60.27 -25.56 41.71
C THR G 199 -58.75 -25.49 41.70
N ALA G 200 -58.17 -24.89 40.67
CA ALA G 200 -56.72 -24.78 40.58
C ALA G 200 -56.15 -23.86 41.65
N VAL G 201 -56.84 -22.75 41.93
CA VAL G 201 -56.37 -21.85 42.99
C VAL G 201 -56.43 -22.54 44.34
N ASP G 202 -57.50 -23.32 44.59
CA ASP G 202 -57.60 -24.08 45.83
C ASP G 202 -56.45 -25.07 45.97
N LEU G 203 -56.13 -25.80 44.90
CA LEU G 203 -55.06 -26.78 44.96
C LEU G 203 -53.71 -26.11 45.20
N ALA G 204 -53.48 -24.96 44.57
CA ALA G 204 -52.23 -24.25 44.75
C ALA G 204 -52.04 -23.86 46.20
N LEU G 205 -53.10 -23.41 46.85
CA LEU G 205 -53.00 -22.94 48.22
C LEU G 205 -52.89 -24.08 49.22
N LEU G 206 -53.58 -25.20 48.97
CA LEU G 206 -53.56 -26.32 49.92
C LEU G 206 -52.35 -27.23 49.75
N ASP G 207 -51.68 -27.19 48.60
CA ASP G 207 -50.53 -28.06 48.34
C ASP G 207 -49.33 -27.54 49.11
N PRO G 208 -48.80 -28.30 50.08
CA PRO G 208 -47.66 -27.81 50.87
C PRO G 208 -46.37 -27.69 50.08
N GLY G 209 -46.29 -28.30 48.90
CA GLY G 209 -45.14 -28.13 48.05
C GLY G 209 -45.23 -26.95 47.12
N VAL G 210 -46.25 -26.11 47.28
CA VAL G 210 -46.42 -24.89 46.49
C VAL G 210 -46.13 -23.70 47.37
N ARG G 211 -45.21 -22.85 46.92
CA ARG G 211 -44.83 -21.64 47.63
C ARG G 211 -45.32 -20.37 46.95
N VAL G 212 -45.40 -20.37 45.62
CA VAL G 212 -45.82 -19.23 44.82
C VAL G 212 -46.72 -19.72 43.70
N GLY G 213 -47.69 -18.89 43.31
CA GLY G 213 -48.54 -19.19 42.19
C GLY G 213 -48.17 -18.38 40.97
N LEU G 214 -48.50 -18.93 39.81
CA LEU G 214 -48.23 -18.27 38.52
C LEU G 214 -49.45 -18.47 37.63
N LEU G 215 -49.95 -17.37 37.06
CA LEU G 215 -51.04 -17.43 36.10
C LEU G 215 -50.56 -16.91 34.76
N ARG G 216 -50.76 -17.70 33.71
CA ARG G 216 -50.32 -17.34 32.38
C ARG G 216 -51.24 -18.00 31.36
N GLY G 217 -51.35 -17.40 30.19
CA GLY G 217 -52.09 -17.98 29.10
C GLY G 217 -51.23 -18.93 28.28
N GLY G 218 -51.87 -20.00 27.79
CA GLY G 218 -51.18 -21.00 27.00
C GLY G 218 -51.14 -20.66 25.51
N VAL G 219 -50.42 -21.50 24.77
CA VAL G 219 -50.36 -21.35 23.32
C VAL G 219 -51.76 -21.54 22.72
N MET G 220 -52.12 -20.65 21.81
CA MET G 220 -53.41 -20.68 21.13
C MET G 220 -53.34 -21.50 19.84
N SER G 221 -54.47 -22.06 19.44
CA SER G 221 -54.57 -22.84 18.22
C SER G 221 -55.41 -22.18 17.12
N HIS G 222 -56.34 -21.31 17.49
CA HIS G 222 -57.09 -20.52 16.51
C HIS G 222 -56.13 -19.87 15.50
N PRO G 223 -56.48 -19.89 14.22
CA PRO G 223 -55.51 -19.51 13.17
C PRO G 223 -54.98 -18.10 13.29
N ARG G 224 -55.78 -17.17 13.80
CA ARG G 224 -55.29 -15.81 14.00
C ARG G 224 -54.18 -15.71 15.05
N TYR G 225 -54.04 -16.70 15.92
CA TYR G 225 -53.02 -16.66 16.97
C TYR G 225 -52.23 -17.95 17.10
N ARG G 226 -52.13 -18.75 16.03
CA ARG G 226 -51.51 -20.06 16.17
C ARG G 226 -50.04 -19.93 16.56
N GLY G 227 -49.66 -20.65 17.61
CA GLY G 227 -48.32 -20.61 18.15
C GLY G 227 -48.06 -19.51 19.16
N LYS G 228 -49.02 -18.62 19.37
CA LYS G 228 -48.86 -17.45 20.23
C LYS G 228 -49.64 -17.65 21.52
N ARG G 229 -49.04 -17.24 22.63
CA ARG G 229 -49.75 -17.22 23.91
C ARG G 229 -50.67 -16.00 23.98
N VAL G 230 -51.83 -16.19 24.61
CA VAL G 230 -52.77 -15.11 24.87
C VAL G 230 -53.32 -15.26 26.28
N PHE G 231 -53.31 -14.16 27.05
CA PHE G 231 -53.73 -14.22 28.44
C PHE G 231 -55.24 -14.39 28.56
N SER G 232 -56.02 -13.40 28.10
CA SER G 232 -57.46 -13.51 28.19
C SER G 232 -58.21 -12.49 27.33
N ALA G 233 -59.22 -12.95 26.60
CA ALA G 233 -60.13 -12.08 25.86
C ALA G 233 -61.42 -11.76 26.63
N GLY G 234 -61.47 -12.06 27.92
CA GLY G 234 -62.60 -11.68 28.74
C GLY G 234 -63.83 -12.56 28.54
N ILE G 235 -64.96 -12.05 29.01
CA ILE G 235 -66.19 -12.83 29.03
C ILE G 235 -66.57 -13.28 27.63
N ASN G 236 -67.10 -14.51 27.56
CA ASN G 236 -67.61 -15.10 26.33
C ASN G 236 -68.87 -14.35 25.90
N LEU G 237 -68.73 -13.49 24.90
CA LEU G 237 -69.85 -12.66 24.47
C LEU G 237 -70.96 -13.47 23.79
N LYS G 238 -70.61 -14.56 23.11
CA LYS G 238 -71.64 -15.45 22.57
C LYS G 238 -72.53 -15.99 23.69
N TYR G 239 -71.92 -16.55 24.74
CA TYR G 239 -72.68 -17.14 25.83
C TYR G 239 -73.52 -16.09 26.54
N LEU G 240 -72.99 -14.87 26.67
CA LEU G 240 -73.73 -13.76 27.27
C LEU G 240 -75.03 -13.50 26.52
N SER G 241 -74.93 -13.38 25.20
CA SER G 241 -76.10 -13.14 24.36
C SER G 241 -77.12 -14.29 24.45
N GLN G 242 -76.62 -15.53 24.44
CA GLN G 242 -77.49 -16.71 24.50
C GLN G 242 -78.09 -16.97 25.87
N GLY G 243 -77.69 -16.24 26.91
CA GLY G 243 -78.19 -16.49 28.25
C GLY G 243 -77.44 -17.53 29.05
N GLY G 244 -76.22 -17.87 28.65
CA GLY G 244 -75.36 -18.79 29.37
C GLY G 244 -74.45 -18.21 30.43
N ILE G 245 -74.53 -16.91 30.71
CA ILE G 245 -73.73 -16.29 31.77
C ILE G 245 -74.60 -16.17 33.01
N SER G 246 -74.26 -16.94 34.03
CA SER G 246 -75.04 -17.00 35.27
C SER G 246 -74.60 -15.90 36.21
N LEU G 247 -75.58 -15.15 36.74
CA LEU G 247 -75.29 -14.16 37.77
C LEU G 247 -74.58 -14.78 38.97
N VAL G 248 -75.11 -15.90 39.47
CA VAL G 248 -74.58 -16.51 40.68
C VAL G 248 -73.38 -17.39 40.36
N ASP G 249 -73.54 -18.33 39.44
CA ASP G 249 -72.50 -19.32 39.20
C ASP G 249 -71.33 -18.80 38.38
N PHE G 250 -71.45 -17.64 37.74
CA PHE G 250 -70.30 -17.04 37.06
C PHE G 250 -69.89 -15.71 37.66
N LEU G 251 -70.75 -14.68 37.56
CA LEU G 251 -70.31 -13.32 37.87
C LEU G 251 -70.02 -13.14 39.35
N MET G 252 -70.84 -13.72 40.23
CA MET G 252 -70.60 -13.59 41.66
C MET G 252 -69.60 -14.63 42.14
N ARG G 253 -69.71 -15.85 41.63
CA ARG G 253 -68.80 -16.92 42.02
C ARG G 253 -67.34 -16.54 41.83
N ARG G 254 -66.99 -15.98 40.67
CA ARG G 254 -65.59 -15.64 40.41
C ARG G 254 -65.08 -14.56 41.35
N GLU G 255 -65.93 -13.58 41.69
CA GLU G 255 -65.48 -12.49 42.54
C GLU G 255 -65.32 -12.92 44.00
N LEU G 256 -66.25 -13.74 44.50
CA LEU G 256 -66.19 -14.18 45.89
C LEU G 256 -65.39 -15.45 46.08
N GLY G 257 -65.18 -16.22 45.01
CA GLY G 257 -64.39 -17.43 45.08
C GLY G 257 -62.93 -17.20 44.76
N TYR G 258 -62.49 -17.55 43.54
CA TYR G 258 -61.05 -17.63 43.28
C TYR G 258 -60.39 -16.26 43.30
N ILE G 259 -61.07 -15.20 42.85
CA ILE G 259 -60.42 -13.89 42.83
C ILE G 259 -60.22 -13.39 44.26
N HIS G 260 -61.19 -13.64 45.14
CA HIS G 260 -61.03 -13.23 46.53
C HIS G 260 -60.01 -14.12 47.23
N LYS G 261 -59.92 -15.39 46.81
CA LYS G 261 -58.91 -16.30 47.36
C LYS G 261 -57.50 -15.88 46.98
N LEU G 262 -57.32 -15.29 45.80
CA LEU G 262 -56.02 -14.74 45.46
C LEU G 262 -55.63 -13.64 46.44
N VAL G 263 -56.59 -12.85 46.89
CA VAL G 263 -56.29 -11.79 47.85
C VAL G 263 -56.09 -12.36 49.24
N ARG G 264 -57.04 -13.16 49.72
CA ARG G 264 -57.09 -13.49 51.14
C ARG G 264 -56.82 -14.95 51.46
N GLY G 265 -56.63 -15.82 50.46
CA GLY G 265 -56.33 -17.21 50.72
C GLY G 265 -57.58 -18.04 50.91
N VAL G 266 -57.38 -19.34 51.20
CA VAL G 266 -58.48 -20.24 51.52
C VAL G 266 -58.62 -20.39 53.03
N LEU G 267 -59.86 -20.30 53.49
CA LEU G 267 -60.19 -20.52 54.90
C LEU G 267 -60.29 -22.02 55.17
N THR G 268 -59.50 -22.51 56.11
CA THR G 268 -59.49 -23.92 56.45
C THR G 268 -60.22 -24.17 57.76
N ASN G 269 -60.37 -25.44 58.10
CA ASN G 269 -60.81 -25.84 59.43
C ASN G 269 -59.68 -25.64 60.42
N ASP G 270 -60.04 -25.60 61.69
CA ASP G 270 -59.06 -25.55 62.78
C ASP G 270 -58.38 -26.92 62.87
N ASP G 271 -57.48 -27.19 61.91
CA ASP G 271 -56.87 -28.52 61.81
C ASP G 271 -55.35 -28.48 61.69
N ARG G 272 -54.70 -27.38 62.06
CA ARG G 272 -53.25 -27.28 61.93
C ARG G 272 -52.75 -26.30 62.97
N PRO G 273 -51.46 -26.35 63.30
CA PRO G 273 -50.90 -25.35 64.22
C PRO G 273 -50.89 -23.97 63.60
N GLY G 274 -51.04 -22.96 64.45
CA GLY G 274 -51.04 -21.60 63.98
C GLY G 274 -52.34 -21.12 63.40
N TRP G 275 -53.37 -21.96 63.37
CA TRP G 275 -54.67 -21.54 62.84
C TRP G 275 -55.23 -20.36 63.62
N TRP G 276 -54.95 -20.31 64.93
CA TRP G 276 -55.39 -19.18 65.75
C TRP G 276 -54.87 -17.83 65.25
N HIS G 277 -53.73 -17.80 64.57
CA HIS G 277 -53.27 -16.55 63.98
C HIS G 277 -53.43 -16.48 62.47
N SER G 278 -53.49 -17.61 61.77
CA SER G 278 -53.61 -17.63 60.31
C SER G 278 -54.66 -18.66 59.94
N PRO G 279 -55.95 -18.32 60.09
CA PRO G 279 -57.00 -19.27 59.70
C PRO G 279 -57.06 -19.54 58.20
N ARG G 280 -56.45 -18.69 57.39
CA ARG G 280 -56.45 -18.81 55.94
C ARG G 280 -55.03 -19.04 55.45
N ILE G 281 -54.90 -19.87 54.42
CA ILE G 281 -53.64 -20.11 53.74
C ILE G 281 -53.62 -19.23 52.49
N GLU G 282 -52.79 -18.19 52.51
CA GLU G 282 -52.57 -17.34 51.35
C GLU G 282 -51.13 -17.49 50.88
N LYS G 283 -50.93 -17.27 49.59
CA LYS G 283 -49.61 -17.34 48.96
C LYS G 283 -49.50 -16.22 47.93
N PRO G 284 -48.28 -15.83 47.58
CA PRO G 284 -48.10 -14.77 46.56
C PRO G 284 -48.39 -15.28 45.16
N TRP G 285 -48.85 -14.36 44.31
CA TRP G 285 -49.21 -14.71 42.94
C TRP G 285 -48.52 -13.80 41.93
N VAL G 286 -48.03 -14.43 40.85
CA VAL G 286 -47.43 -13.73 39.72
C VAL G 286 -48.32 -13.96 38.51
N ALA G 287 -48.54 -12.89 37.73
CA ALA G 287 -49.27 -12.97 36.47
C ALA G 287 -48.35 -12.53 35.34
N ALA G 288 -48.40 -13.25 34.23
CA ALA G 288 -47.62 -12.94 33.03
C ALA G 288 -48.59 -12.82 31.86
N VAL G 289 -48.59 -11.65 31.22
CA VAL G 289 -49.58 -11.34 30.19
C VAL G 289 -48.93 -11.41 28.82
N ASP G 290 -49.40 -12.33 27.99
CA ASP G 290 -49.04 -12.41 26.59
C ASP G 290 -50.21 -11.93 25.74
N GLY G 291 -49.91 -11.19 24.68
CA GLY G 291 -50.95 -10.74 23.77
C GLY G 291 -51.79 -9.60 24.32
N PHE G 292 -52.70 -9.91 25.26
CA PHE G 292 -53.55 -8.87 25.85
C PHE G 292 -54.29 -9.46 27.05
N ALA G 293 -54.75 -8.56 27.92
CA ALA G 293 -55.69 -8.87 28.97
C ALA G 293 -56.90 -7.98 28.78
N ILE G 294 -58.03 -8.58 28.41
CA ILE G 294 -59.25 -7.85 28.11
C ILE G 294 -60.33 -8.25 29.10
N GLY G 295 -61.09 -7.26 29.58
CA GLY G 295 -62.26 -7.55 30.39
C GLY G 295 -61.89 -8.25 31.69
N GLY G 296 -62.51 -9.42 31.91
CA GLY G 296 -62.24 -10.20 33.10
C GLY G 296 -60.77 -10.52 33.28
N GLY G 297 -60.06 -10.73 32.18
CA GLY G 297 -58.63 -10.96 32.28
C GLY G 297 -57.89 -9.79 32.88
N ALA G 298 -58.21 -8.57 32.42
CA ALA G 298 -57.58 -7.38 32.98
C ALA G 298 -57.97 -7.16 34.43
N GLN G 299 -59.21 -7.48 34.78
CA GLN G 299 -59.66 -7.40 36.17
C GLN G 299 -58.75 -8.21 37.09
N LEU G 300 -58.27 -9.36 36.62
CA LEU G 300 -57.43 -10.22 37.46
C LEU G 300 -56.12 -9.54 37.85
N LEU G 301 -55.56 -8.71 36.97
CA LEU G 301 -54.25 -8.10 37.22
C LEU G 301 -54.24 -7.19 38.45
N LEU G 302 -55.41 -6.73 38.89
CA LEU G 302 -55.54 -5.80 40.01
C LEU G 302 -55.41 -6.51 41.34
N VAL G 303 -55.08 -7.80 41.32
CA VAL G 303 -55.10 -8.64 42.50
C VAL G 303 -53.81 -9.42 42.69
N PHE G 304 -52.86 -9.32 41.77
CA PHE G 304 -51.62 -10.07 41.84
C PHE G 304 -50.52 -9.30 42.58
N ASP G 305 -49.53 -10.05 43.09
CA ASP G 305 -48.41 -9.46 43.79
C ASP G 305 -47.31 -8.99 42.83
N ARG G 306 -47.23 -9.57 41.65
CA ARG G 306 -46.31 -9.13 40.62
C ARG G 306 -46.98 -9.37 39.28
N VAL G 307 -46.80 -8.44 38.35
CA VAL G 307 -47.39 -8.55 37.02
C VAL G 307 -46.30 -8.28 35.99
N LEU G 308 -46.14 -9.20 35.04
CA LEU G 308 -45.22 -9.05 33.93
C LEU G 308 -46.03 -9.06 32.64
N ALA G 309 -45.53 -8.37 31.62
CA ALA G 309 -46.26 -8.29 30.37
C ALA G 309 -45.30 -8.25 29.19
N SER G 310 -45.73 -8.81 28.06
CA SER G 310 -44.97 -8.71 26.84
C SER G 310 -45.02 -7.27 26.31
N SER G 311 -43.92 -6.86 25.65
CA SER G 311 -43.86 -5.53 25.04
C SER G 311 -45.05 -5.22 24.14
N ASP G 312 -45.67 -6.24 23.54
CA ASP G 312 -46.73 -6.03 22.56
C ASP G 312 -48.13 -6.15 23.17
N ALA G 313 -48.24 -6.32 24.48
CA ALA G 313 -49.55 -6.56 25.07
C ALA G 313 -50.30 -5.25 25.32
N TYR G 314 -51.60 -5.35 25.51
CA TYR G 314 -52.42 -4.22 25.92
C TYR G 314 -53.46 -4.69 26.94
N PHE G 315 -54.06 -3.71 27.63
CA PHE G 315 -55.02 -3.96 28.69
C PHE G 315 -56.23 -3.08 28.46
N SER G 316 -57.42 -3.66 28.52
CA SER G 316 -58.62 -2.87 28.33
C SER G 316 -59.80 -3.48 29.07
N LEU G 317 -60.78 -2.64 29.35
CA LEU G 317 -62.04 -3.03 29.97
C LEU G 317 -63.15 -2.50 29.08
N PRO G 318 -63.44 -3.18 27.98
CA PRO G 318 -64.59 -2.81 27.14
C PRO G 318 -65.94 -3.25 27.68
N CYS G 319 -65.99 -3.71 28.92
CA CYS G 319 -67.24 -4.15 29.54
C CYS G 319 -68.34 -3.12 29.38
N ALA G 320 -68.08 -1.90 29.86
CA ALA G 320 -69.06 -0.81 29.76
C ALA G 320 -69.58 -0.69 28.34
N LYS G 321 -68.68 -0.70 27.38
CA LYS G 321 -69.04 -0.60 25.96
C LYS G 321 -69.78 -1.85 25.51
N GLU G 322 -69.94 -2.80 26.44
CA GLU G 322 -70.63 -4.04 26.15
C GLU G 322 -71.94 -4.13 26.92
N GLY G 323 -72.14 -3.20 27.85
CA GLY G 323 -73.35 -3.18 28.65
C GLY G 323 -73.21 -3.51 30.14
N ILE G 324 -72.10 -4.13 30.58
CA ILE G 324 -72.01 -4.61 31.96
C ILE G 324 -70.83 -3.98 32.71
N ILE G 325 -70.82 -4.20 34.02
CA ILE G 325 -69.79 -3.72 34.95
C ILE G 325 -68.61 -4.68 34.94
N PRO G 326 -67.35 -4.18 34.90
CA PRO G 326 -66.19 -5.09 34.90
C PRO G 326 -65.83 -5.60 36.29
N GLY G 327 -66.71 -6.46 36.83
CA GLY G 327 -66.45 -7.07 38.12
C GLY G 327 -66.10 -6.06 39.19
N ALA G 328 -64.99 -6.30 39.89
CA ALA G 328 -64.50 -5.41 40.93
C ALA G 328 -63.45 -4.42 40.43
N ALA G 329 -63.30 -4.26 39.12
CA ALA G 329 -62.43 -3.20 38.61
C ALA G 329 -62.87 -1.83 39.08
N ASN G 330 -64.19 -1.59 39.21
CA ASN G 330 -64.65 -0.30 39.69
C ASN G 330 -64.25 -0.07 41.13
N LEU G 331 -64.06 -1.15 41.89
CA LEU G 331 -63.58 -1.06 43.27
C LEU G 331 -62.09 -0.78 43.34
N ARG G 332 -61.32 -1.50 42.52
CA ARG G 332 -59.87 -1.59 42.69
C ARG G 332 -59.08 -0.63 41.80
N LEU G 333 -59.58 -0.31 40.60
CA LEU G 333 -58.77 0.41 39.62
C LEU G 333 -58.34 1.80 40.10
N GLY G 334 -59.25 2.54 40.72
CA GLY G 334 -58.91 3.88 41.21
C GLY G 334 -57.66 3.89 42.07
N ARG G 335 -57.49 2.82 42.86
CA ARG G 335 -56.34 2.70 43.75
C ARG G 335 -55.03 2.55 42.97
N PHE G 336 -55.11 1.97 41.76
CA PHE G 336 -53.96 1.78 40.89
C PHE G 336 -53.65 3.03 40.06
N ALA G 337 -54.70 3.65 39.49
CA ALA G 337 -54.53 4.63 38.43
C ALA G 337 -55.15 5.99 38.69
N GLY G 338 -55.85 6.16 39.80
CA GLY G 338 -56.53 7.40 40.08
C GLY G 338 -57.86 7.49 39.35
N PRO G 339 -58.68 8.49 39.71
CA PRO G 339 -60.06 8.52 39.20
C PRO G 339 -60.17 9.03 37.76
N ARG G 340 -59.18 9.77 37.26
CA ARG G 340 -59.24 10.18 35.86
C ARG G 340 -59.03 8.99 34.94
N VAL G 341 -57.90 8.31 35.10
CA VAL G 341 -57.56 7.18 34.23
C VAL G 341 -58.56 6.05 34.39
N SER G 342 -59.04 5.80 35.62
CA SER G 342 -59.97 4.70 35.83
C SER G 342 -61.29 4.94 35.11
N ARG G 343 -61.74 6.19 35.04
CA ARG G 343 -62.91 6.50 34.21
C ARG G 343 -62.58 6.45 32.72
N GLN G 344 -61.37 6.84 32.33
CA GLN G 344 -60.98 6.70 30.92
C GLN G 344 -61.06 5.25 30.48
N VAL G 345 -60.61 4.34 31.34
CA VAL G 345 -60.59 2.93 30.99
C VAL G 345 -61.99 2.33 31.05
N ILE G 346 -62.71 2.60 32.14
CA ILE G 346 -63.97 1.93 32.39
C ILE G 346 -65.14 2.60 31.69
N LEU G 347 -65.26 3.93 31.80
CA LEU G 347 -66.39 4.60 31.15
C LEU G 347 -66.20 4.79 29.65
N GLU G 348 -64.97 5.01 29.20
CA GLU G 348 -64.74 5.41 27.82
C GLU G 348 -63.87 4.43 27.06
N GLY G 349 -63.58 3.27 27.64
CA GLY G 349 -62.98 2.20 26.87
C GLY G 349 -61.54 2.44 26.48
N ARG G 350 -60.82 3.27 27.23
CA ARG G 350 -59.42 3.49 26.91
C ARG G 350 -58.63 2.20 27.03
N ARG G 351 -57.68 2.02 26.12
CA ARG G 351 -56.85 0.82 26.03
C ARG G 351 -55.41 1.22 26.30
N ILE G 352 -54.77 0.54 27.24
CA ILE G 352 -53.44 0.90 27.70
C ILE G 352 -52.45 -0.10 27.15
N TRP G 353 -51.41 0.38 26.49
CA TRP G 353 -50.40 -0.46 25.88
C TRP G 353 -49.24 -0.68 26.84
N ALA G 354 -48.65 -1.88 26.76
CA ALA G 354 -47.63 -2.27 27.72
C ALA G 354 -46.44 -1.31 27.74
N LYS G 355 -46.13 -0.68 26.61
CA LYS G 355 -44.96 0.19 26.54
C LYS G 355 -45.25 1.66 26.81
N GLU G 356 -46.52 2.06 26.96
CA GLU G 356 -46.71 3.47 27.30
C GLU G 356 -46.48 3.67 28.80
N PRO G 357 -46.05 4.86 29.20
CA PRO G 357 -45.71 5.09 30.62
C PRO G 357 -46.76 4.64 31.62
N GLU G 358 -48.05 4.94 31.39
CA GLU G 358 -49.09 4.59 32.35
C GLU G 358 -49.33 3.09 32.47
N ALA G 359 -48.74 2.25 31.61
CA ALA G 359 -48.78 0.81 31.87
C ALA G 359 -48.14 0.46 33.20
N ARG G 360 -47.21 1.30 33.68
CA ARG G 360 -46.52 1.02 34.94
C ARG G 360 -47.47 1.10 36.14
N LEU G 361 -48.67 1.63 35.95
CA LEU G 361 -49.69 1.63 36.99
C LEU G 361 -50.30 0.24 37.17
N LEU G 362 -50.25 -0.61 36.14
CA LEU G 362 -50.82 -1.94 36.17
C LEU G 362 -49.79 -3.06 36.12
N VAL G 363 -48.58 -2.78 35.64
CA VAL G 363 -47.62 -3.81 35.29
C VAL G 363 -46.28 -3.46 35.92
N ASP G 364 -45.61 -4.46 36.51
CA ASP G 364 -44.33 -4.23 37.16
C ASP G 364 -43.17 -4.32 36.17
N GLU G 365 -43.26 -5.20 35.18
CA GLU G 365 -42.19 -5.42 34.23
C GLU G 365 -42.76 -5.62 32.84
N VAL G 366 -42.16 -4.94 31.87
CA VAL G 366 -42.51 -5.09 30.46
C VAL G 366 -41.23 -5.49 29.73
N VAL G 367 -41.22 -6.68 29.15
CA VAL G 367 -40.00 -7.27 28.62
C VAL G 367 -40.26 -7.79 27.21
N GLU G 368 -39.24 -7.73 26.37
CA GLU G 368 -39.35 -8.22 24.99
C GLU G 368 -39.63 -9.71 24.98
N PRO G 369 -40.45 -10.19 24.03
CA PRO G 369 -40.74 -11.63 23.93
C PRO G 369 -39.57 -12.61 24.10
N ASP G 370 -38.37 -12.34 23.57
CA ASP G 370 -37.31 -13.33 23.79
C ASP G 370 -36.75 -13.35 25.21
N GLU G 371 -37.04 -12.35 26.05
CA GLU G 371 -36.55 -12.36 27.42
C GLU G 371 -37.63 -12.68 28.44
N LEU G 372 -38.87 -12.92 27.99
CA LEU G 372 -40.01 -12.96 28.90
C LEU G 372 -40.00 -14.22 29.77
N ASP G 373 -39.76 -15.38 29.18
CA ASP G 373 -39.72 -16.62 29.97
C ASP G 373 -38.73 -16.52 31.12
N ALA G 374 -37.53 -16.00 30.84
CA ALA G 374 -36.49 -15.93 31.87
C ALA G 374 -36.83 -14.90 32.94
N ALA G 375 -37.47 -13.79 32.55
CA ALA G 375 -37.85 -12.79 33.54
C ALA G 375 -38.97 -13.30 34.45
N ILE G 376 -39.88 -14.09 33.89
CA ILE G 376 -40.91 -14.75 34.70
C ILE G 376 -40.27 -15.65 35.74
N GLU G 377 -39.32 -16.51 35.32
CA GLU G 377 -38.66 -17.43 36.24
C GLU G 377 -37.95 -16.67 37.37
N ARG G 378 -37.22 -15.60 37.03
CA ARG G 378 -36.57 -14.79 38.05
C ARG G 378 -37.56 -14.24 39.07
N SER G 379 -38.71 -13.78 38.62
CA SER G 379 -39.67 -13.18 39.55
C SER G 379 -40.28 -14.22 40.47
N LEU G 380 -40.34 -15.47 40.04
CA LEU G 380 -40.88 -16.52 40.89
C LEU G 380 -39.97 -16.83 42.08
N THR G 381 -38.66 -16.59 41.94
CA THR G 381 -37.75 -16.82 43.05
C THR G 381 -37.77 -15.71 44.11
N ARG G 382 -38.35 -14.56 43.84
CA ARG G 382 -38.21 -13.40 44.71
C ARG G 382 -39.32 -13.27 45.76
N LEU G 383 -40.28 -14.20 45.86
CA LEU G 383 -41.42 -14.05 46.75
C LEU G 383 -41.58 -15.19 47.76
N ASP G 384 -40.48 -15.80 48.19
CA ASP G 384 -40.53 -17.11 48.85
C ASP G 384 -40.96 -17.09 50.32
N GLY G 385 -40.51 -16.15 51.14
CA GLY G 385 -40.52 -16.37 52.58
C GLY G 385 -41.84 -16.21 53.30
N ASP G 386 -41.77 -16.39 54.63
CA ASP G 386 -42.88 -16.01 55.53
C ASP G 386 -42.98 -14.51 55.69
N ALA G 387 -41.90 -13.78 55.44
CA ALA G 387 -41.94 -12.33 55.56
C ALA G 387 -42.77 -11.71 54.45
N VAL G 388 -42.62 -12.22 53.23
CA VAL G 388 -43.47 -11.82 52.12
C VAL G 388 -44.95 -12.07 52.44
N LEU G 389 -45.27 -13.24 53.03
CA LEU G 389 -46.65 -13.52 53.40
C LEU G 389 -47.22 -12.49 54.37
N ALA G 390 -46.48 -12.19 55.44
CA ALA G 390 -46.99 -11.25 56.42
C ALA G 390 -47.16 -9.86 55.81
N ASN G 391 -46.17 -9.43 55.02
CA ASN G 391 -46.26 -8.10 54.43
C ASN G 391 -47.36 -7.98 53.40
N ARG G 392 -47.58 -9.02 52.57
CA ARG G 392 -48.65 -8.90 51.59
C ARG G 392 -50.01 -8.99 52.27
N ARG G 393 -50.09 -9.65 53.42
CA ARG G 393 -51.34 -9.70 54.17
C ARG G 393 -51.67 -8.33 54.76
N MET G 394 -50.67 -7.64 55.31
CA MET G 394 -50.89 -6.31 55.84
C MET G 394 -51.20 -5.32 54.72
N LEU G 395 -50.53 -5.47 53.57
CA LEU G 395 -50.81 -4.62 52.42
C LEU G 395 -52.25 -4.76 51.94
N ASN G 396 -52.71 -6.01 51.80
CA ASN G 396 -54.07 -6.23 51.32
C ASN G 396 -55.12 -5.77 52.34
N LEU G 397 -54.77 -5.86 53.62
CA LEU G 397 -55.65 -5.40 54.69
C LEU G 397 -55.81 -3.90 54.55
N ALA G 398 -54.71 -3.19 54.29
CA ALA G 398 -54.74 -1.74 54.12
C ALA G 398 -55.40 -1.34 52.82
N ASP G 399 -55.07 -2.02 51.71
CA ASP G 399 -55.54 -1.57 50.39
C ASP G 399 -57.04 -1.74 50.24
N GLU G 400 -57.58 -2.82 50.77
CA GLU G 400 -58.98 -3.18 50.55
C GLU G 400 -59.52 -3.74 51.85
N SER G 401 -60.30 -2.94 52.58
CA SER G 401 -60.82 -3.41 53.85
C SER G 401 -61.91 -4.44 53.61
N PRO G 402 -62.13 -5.35 54.57
CA PRO G 402 -63.27 -6.26 54.45
C PRO G 402 -64.59 -5.55 54.25
N ASP G 403 -64.84 -4.47 55.01
CA ASP G 403 -66.05 -3.69 54.81
C ASP G 403 -66.11 -3.08 53.40
N GLY G 404 -64.99 -2.54 52.93
CA GLY G 404 -64.95 -1.96 51.60
C GLY G 404 -65.36 -2.93 50.52
N PHE G 405 -64.76 -4.12 50.54
CA PHE G 405 -65.08 -5.15 49.56
C PHE G 405 -66.50 -5.65 49.71
N ARG G 406 -66.94 -5.90 50.96
CA ARG G 406 -68.29 -6.39 51.21
C ARG G 406 -69.34 -5.40 50.71
N ALA G 407 -69.16 -4.10 51.02
CA ALA G 407 -70.13 -3.10 50.61
C ALA G 407 -70.21 -3.01 49.10
N TYR G 408 -69.07 -3.09 48.42
CA TYR G 408 -69.05 -3.02 46.96
C TYR G 408 -69.80 -4.20 46.36
N MET G 409 -69.46 -5.42 46.79
CA MET G 409 -70.08 -6.61 46.22
C MET G 409 -71.58 -6.65 46.49
N ALA G 410 -72.02 -6.08 47.61
CA ALA G 410 -73.46 -6.01 47.91
C ALA G 410 -74.22 -5.24 46.83
N GLU G 411 -73.82 -3.98 46.60
CA GLU G 411 -74.39 -3.21 45.50
C GLU G 411 -74.15 -3.88 44.15
N PHE G 412 -72.97 -4.45 43.94
CA PHE G 412 -72.63 -5.04 42.66
C PHE G 412 -73.62 -6.14 42.30
N ALA G 413 -73.96 -6.98 43.28
CA ALA G 413 -74.88 -8.09 43.10
C ALA G 413 -76.19 -7.68 42.41
N LEU G 414 -76.73 -6.52 42.77
CA LEU G 414 -77.98 -6.05 42.18
C LEU G 414 -77.74 -5.20 40.94
N MET G 415 -76.78 -4.27 40.99
CA MET G 415 -76.49 -3.45 39.82
C MET G 415 -76.13 -4.31 38.63
N GLN G 416 -75.34 -5.35 38.84
CA GLN G 416 -74.92 -6.21 37.73
C GLN G 416 -76.06 -7.09 37.27
N ALA G 417 -76.88 -7.58 38.21
CA ALA G 417 -78.10 -8.29 37.85
C ALA G 417 -78.97 -7.48 36.90
N LEU G 418 -79.17 -6.19 37.20
CA LEU G 418 -79.96 -5.34 36.31
C LEU G 418 -79.29 -5.12 34.97
N ARG G 419 -77.95 -5.00 34.96
CA ARG G 419 -77.28 -4.84 33.67
C ARG G 419 -77.41 -6.09 32.83
N LEU G 420 -77.46 -7.25 33.49
CA LEU G 420 -77.62 -8.52 32.79
C LEU G 420 -78.92 -8.58 31.99
N TYR G 421 -79.93 -7.82 32.39
CA TYR G 421 -81.22 -7.80 31.72
C TYR G 421 -81.58 -6.44 31.14
N GLY G 422 -80.62 -5.54 31.03
CA GLY G 422 -80.88 -4.26 30.39
C GLY G 422 -80.96 -4.43 28.88
N HIS G 423 -81.59 -3.45 28.22
CA HIS G 423 -81.88 -3.64 26.80
C HIS G 423 -80.63 -3.46 25.94
N ASP G 424 -79.68 -2.65 26.37
CA ASP G 424 -78.50 -2.51 25.53
C ASP G 424 -77.59 -3.72 25.64
N VAL G 425 -77.79 -4.57 26.65
CA VAL G 425 -77.08 -5.84 26.68
C VAL G 425 -77.80 -6.87 25.82
N ILE G 426 -79.12 -6.74 25.71
CA ILE G 426 -79.92 -7.72 24.97
C ILE G 426 -79.87 -7.43 23.47
N ASP G 427 -79.68 -6.17 23.09
CA ASP G 427 -79.77 -5.74 21.70
C ASP G 427 -78.43 -5.79 20.97
N THR H 11 -81.89 17.22 82.25
CA THR H 11 -82.11 15.80 82.50
C THR H 11 -80.81 15.18 82.97
N ASP H 12 -79.69 15.63 82.40
CA ASP H 12 -78.39 15.30 82.96
C ASP H 12 -77.61 16.56 83.34
N GLY H 13 -78.25 17.72 83.31
CA GLY H 13 -77.61 18.97 83.65
C GLY H 13 -77.09 19.77 82.48
N LEU H 14 -76.91 19.15 81.31
CA LEU H 14 -76.22 19.81 80.22
C LEU H 14 -77.04 20.93 79.60
N TRP H 15 -78.34 20.69 79.38
CA TRP H 15 -79.17 21.74 78.78
C TRP H 15 -79.28 22.94 79.70
N ALA H 16 -79.37 22.70 81.01
CA ALA H 16 -79.48 23.81 81.95
C ALA H 16 -78.17 24.60 82.01
N ALA H 17 -77.04 23.90 82.04
CA ALA H 17 -75.75 24.58 82.10
C ALA H 17 -75.51 25.39 80.84
N LEU H 18 -75.90 24.84 79.69
CA LEU H 18 -75.84 25.58 78.44
C LEU H 18 -76.72 26.81 78.47
N THR H 19 -77.97 26.66 78.92
CA THR H 19 -78.86 27.80 79.04
C THR H 19 -78.24 28.90 79.89
N GLU H 20 -77.55 28.51 80.96
CA GLU H 20 -76.89 29.47 81.83
C GLU H 20 -75.73 30.17 81.11
N ALA H 21 -74.88 29.38 80.45
CA ALA H 21 -73.72 29.94 79.75
C ALA H 21 -74.15 30.91 78.66
N ALA H 22 -75.24 30.59 77.95
CA ALA H 22 -75.76 31.50 76.94
C ALA H 22 -76.32 32.77 77.57
N ALA H 23 -76.95 32.65 78.76
CA ALA H 23 -77.45 33.83 79.46
C ALA H 23 -76.33 34.77 79.86
N SER H 24 -75.21 34.24 80.37
CA SER H 24 -74.08 35.10 80.72
C SER H 24 -73.52 35.79 79.48
N VAL H 25 -73.54 35.12 78.33
CA VAL H 25 -73.14 35.76 77.09
C VAL H 25 -74.05 36.94 76.75
N GLU H 26 -75.36 36.70 76.79
CA GLU H 26 -76.31 37.74 76.39
C GLU H 26 -76.22 38.94 77.31
N LYS H 27 -76.11 38.67 78.61
CA LYS H 27 -75.90 39.73 79.59
C LYS H 27 -74.68 40.56 79.28
N LEU H 28 -73.54 39.90 79.08
CA LEU H 28 -72.32 40.63 78.75
C LEU H 28 -72.47 41.42 77.46
N LEU H 29 -73.14 40.85 76.45
CA LEU H 29 -73.30 41.60 75.21
C LEU H 29 -74.25 42.78 75.40
N ALA H 30 -75.22 42.65 76.31
CA ALA H 30 -76.14 43.76 76.56
C ALA H 30 -75.47 44.89 77.34
N THR H 31 -74.57 44.58 78.27
CA THR H 31 -73.99 45.59 79.14
C THR H 31 -72.61 46.08 78.72
N LEU H 32 -71.93 45.38 77.83
CA LEU H 32 -70.58 45.82 77.49
C LEU H 32 -70.62 46.85 76.37
N PRO H 33 -69.53 47.59 76.15
CA PRO H 33 -69.48 48.46 74.97
C PRO H 33 -69.48 47.65 73.67
N GLU H 34 -69.74 48.33 72.57
CA GLU H 34 -69.63 47.68 71.27
C GLU H 34 -68.21 47.22 71.03
N HIS H 35 -68.07 46.36 70.03
CA HIS H 35 -66.86 45.55 69.86
C HIS H 35 -65.57 46.36 69.82
N GLY H 36 -65.55 47.40 68.97
CA GLY H 36 -64.34 48.19 68.84
C GLY H 36 -64.03 49.10 70.00
N ALA H 37 -64.93 49.23 70.98
CA ALA H 37 -64.68 50.07 72.15
C ALA H 37 -64.40 49.29 73.44
N ARG H 38 -64.31 47.97 73.38
CA ARG H 38 -64.09 47.19 74.59
C ARG H 38 -62.65 47.23 75.06
N SER H 39 -62.46 47.19 76.37
CA SER H 39 -61.14 47.18 76.97
C SER H 39 -60.56 45.76 76.94
N SER H 40 -59.27 45.66 77.30
CA SER H 40 -58.60 44.36 77.36
C SER H 40 -59.31 43.41 78.29
N ALA H 41 -59.61 43.85 79.52
CA ALA H 41 -60.31 42.99 80.46
C ALA H 41 -61.68 42.59 79.95
N GLU H 42 -62.39 43.53 79.32
CA GLU H 42 -63.71 43.22 78.77
C GLU H 42 -63.63 42.21 77.62
N ARG H 43 -62.62 42.31 76.77
CA ARG H 43 -62.53 41.38 75.65
C ARG H 43 -62.25 39.97 76.12
N ALA H 44 -61.41 39.82 77.15
CA ALA H 44 -61.13 38.49 77.70
C ALA H 44 -62.37 37.89 78.36
N GLU H 45 -63.22 38.72 78.96
CA GLU H 45 -64.39 38.19 79.67
C GLU H 45 -65.41 37.63 78.70
N ILE H 46 -65.73 38.37 77.64
CA ILE H 46 -66.69 37.87 76.67
C ILE H 46 -66.12 36.66 75.91
N ALA H 47 -64.85 36.72 75.53
CA ALA H 47 -64.20 35.57 74.92
C ALA H 47 -64.35 34.33 75.79
N ALA H 48 -64.16 34.48 77.10
CA ALA H 48 -64.32 33.35 78.00
C ALA H 48 -65.76 32.88 78.07
N ALA H 49 -66.71 33.82 78.02
CA ALA H 49 -68.12 33.45 78.09
C ALA H 49 -68.54 32.68 76.85
N HIS H 50 -68.17 33.20 75.67
CA HIS H 50 -68.38 32.47 74.41
C HIS H 50 -67.81 31.05 74.49
N ASP H 51 -66.56 30.93 74.95
CA ASP H 51 -65.91 29.63 75.00
C ASP H 51 -66.64 28.66 75.90
N ALA H 52 -67.13 29.14 77.05
CA ALA H 52 -67.83 28.25 77.96
C ALA H 52 -69.16 27.80 77.35
N ALA H 53 -69.86 28.70 76.67
CA ALA H 53 -71.13 28.32 76.04
C ALA H 53 -70.90 27.33 74.90
N ARG H 54 -69.90 27.59 74.07
CA ARG H 54 -69.65 26.71 72.92
C ARG H 54 -69.19 25.33 73.37
N ALA H 55 -68.33 25.27 74.39
CA ALA H 55 -67.95 23.98 74.97
C ALA H 55 -69.17 23.19 75.43
N LEU H 56 -70.16 23.87 76.01
CA LEU H 56 -71.37 23.18 76.43
C LEU H 56 -72.29 22.83 75.26
N ARG H 57 -72.31 23.65 74.21
CA ARG H 57 -73.01 23.23 72.99
C ARG H 57 -72.47 21.91 72.46
N VAL H 58 -71.15 21.74 72.48
CA VAL H 58 -70.54 20.48 72.04
C VAL H 58 -70.94 19.34 72.97
N ARG H 59 -70.83 19.55 74.28
CA ARG H 59 -71.09 18.46 75.22
C ARG H 59 -72.56 18.07 75.25
N PHE H 60 -73.47 19.06 75.22
CA PHE H 60 -74.88 18.76 75.11
C PHE H 60 -75.17 17.85 73.92
N LEU H 61 -74.65 18.21 72.75
CA LEU H 61 -74.96 17.48 71.52
C LEU H 61 -74.23 16.15 71.39
N ASP H 62 -73.09 15.97 72.07
CA ASP H 62 -72.43 14.66 72.05
C ASP H 62 -73.38 13.56 72.51
N THR H 63 -74.24 13.84 73.48
CA THR H 63 -75.19 12.84 73.95
C THR H 63 -76.62 13.06 73.47
N HIS H 64 -77.01 14.29 73.13
CA HIS H 64 -78.39 14.60 72.82
C HIS H 64 -78.69 14.91 71.36
N ALA H 65 -77.72 14.79 70.45
CA ALA H 65 -77.94 15.21 69.06
C ALA H 65 -79.12 14.49 68.42
N ASP H 66 -79.16 13.15 68.54
CA ASP H 66 -80.25 12.38 67.94
C ASP H 66 -81.60 12.80 68.48
N ALA H 67 -81.71 13.02 69.79
CA ALA H 67 -82.98 13.45 70.36
C ALA H 67 -83.38 14.82 69.82
N VAL H 68 -82.41 15.73 69.68
CA VAL H 68 -82.68 17.04 69.09
C VAL H 68 -83.13 16.89 67.65
N TYR H 69 -82.38 16.13 66.85
CA TYR H 69 -82.73 15.97 65.44
C TYR H 69 -84.12 15.34 65.30
N ASP H 70 -84.43 14.36 66.16
CA ASP H 70 -85.73 13.72 66.13
C ASP H 70 -86.87 14.69 66.40
N ARG H 71 -86.73 15.61 67.36
CA ARG H 71 -87.77 16.62 67.56
C ARG H 71 -87.95 17.47 66.32
N LEU H 72 -86.86 17.82 65.63
CA LEU H 72 -86.97 18.74 64.51
C LEU H 72 -87.50 18.04 63.26
N THR H 73 -87.27 16.74 63.12
CA THR H 73 -87.65 16.03 61.91
C THR H 73 -88.73 14.97 62.13
N ASP H 74 -89.40 14.99 63.27
CA ASP H 74 -90.44 14.02 63.58
C ASP H 74 -89.91 12.60 63.42
N HIS H 75 -88.82 12.35 64.15
CA HIS H 75 -88.10 11.08 64.11
C HIS H 75 -87.72 10.67 62.69
N ARG H 76 -87.03 11.57 61.99
CA ARG H 76 -86.45 11.29 60.67
C ARG H 76 -87.50 10.91 59.64
N ARG H 77 -88.69 11.49 59.75
CA ARG H 77 -89.74 11.29 58.76
C ARG H 77 -90.05 12.54 57.95
N VAL H 78 -89.47 13.68 58.31
CA VAL H 78 -89.54 14.91 57.52
C VAL H 78 -88.12 15.30 57.13
N HIS H 79 -87.89 15.41 55.82
CA HIS H 79 -86.60 15.89 55.28
C HIS H 79 -86.56 17.41 55.34
N LEU H 80 -85.67 17.97 56.17
CA LEU H 80 -85.42 19.41 56.19
C LEU H 80 -84.04 19.73 55.63
N ARG H 81 -83.99 20.70 54.72
CA ARG H 81 -82.73 21.25 54.24
C ARG H 81 -82.02 22.04 55.35
N LEU H 82 -80.78 22.42 55.06
CA LEU H 82 -79.91 23.04 56.06
C LEU H 82 -80.53 24.32 56.63
N ALA H 83 -80.95 25.23 55.75
CA ALA H 83 -81.52 26.50 56.19
C ALA H 83 -82.71 26.26 57.11
N GLU H 84 -83.64 25.40 56.68
CA GLU H 84 -84.82 25.13 57.49
C GLU H 84 -84.45 24.43 58.80
N LEU H 85 -83.45 23.53 58.75
CA LEU H 85 -83.04 22.80 59.95
C LEU H 85 -82.49 23.72 61.04
N VAL H 86 -81.57 24.61 60.69
CA VAL H 86 -80.94 25.46 61.71
C VAL H 86 -81.92 26.51 62.20
N GLU H 87 -82.85 26.94 61.35
CA GLU H 87 -83.90 27.85 61.79
C GLU H 87 -84.80 27.18 62.82
N ALA H 88 -85.31 25.99 62.50
CA ALA H 88 -86.16 25.25 63.44
C ALA H 88 -85.42 24.92 64.73
N ALA H 89 -84.12 24.62 64.64
CA ALA H 89 -83.35 24.33 65.84
C ALA H 89 -83.27 25.55 66.76
N ALA H 90 -83.14 26.75 66.18
CA ALA H 90 -83.05 27.95 67.01
C ALA H 90 -84.33 28.21 67.78
N THR H 91 -85.49 28.06 67.14
CA THR H 91 -86.74 28.31 67.82
C THR H 91 -87.07 27.22 68.83
N ALA H 92 -86.82 25.96 68.46
CA ALA H 92 -87.13 24.85 69.35
C ALA H 92 -86.15 24.72 70.51
N PHE H 93 -84.90 25.17 70.35
CA PHE H 93 -83.87 25.06 71.38
C PHE H 93 -83.12 26.38 71.52
N PRO H 94 -83.74 27.38 72.13
CA PRO H 94 -83.09 28.68 72.28
C PRO H 94 -81.71 28.57 72.91
N GLY H 95 -80.75 29.32 72.35
CA GLY H 95 -79.38 29.31 72.81
C GLY H 95 -78.50 28.25 72.19
N LEU H 96 -79.09 27.23 71.56
CA LEU H 96 -78.27 26.23 70.88
C LEU H 96 -77.65 26.81 69.61
N VAL H 97 -78.44 27.47 68.79
CA VAL H 97 -77.98 28.11 67.55
C VAL H 97 -78.66 29.44 67.42
N PRO H 98 -78.05 30.40 66.73
CA PRO H 98 -78.62 31.75 66.64
C PRO H 98 -79.95 31.80 65.90
N THR H 99 -80.79 32.75 66.33
CA THR H 99 -82.04 33.03 65.65
C THR H 99 -81.81 33.80 64.35
N GLN H 100 -82.87 33.87 63.55
CA GLN H 100 -82.81 34.66 62.32
C GLN H 100 -82.48 36.12 62.63
N GLN H 101 -82.99 36.63 63.76
CA GLN H 101 -82.69 37.99 64.17
C GLN H 101 -81.21 38.17 64.47
N GLN H 102 -80.68 37.32 65.36
CA GLN H 102 -79.27 37.44 65.75
C GLN H 102 -78.35 37.36 64.56
N LEU H 103 -78.67 36.50 63.58
CA LEU H 103 -77.86 36.43 62.37
C LEU H 103 -77.97 37.71 61.56
N ALA H 104 -79.18 38.30 61.48
CA ALA H 104 -79.36 39.59 60.84
C ALA H 104 -78.42 40.64 61.43
N VAL H 105 -78.30 40.67 62.75
CA VAL H 105 -77.39 41.63 63.38
C VAL H 105 -75.95 41.32 63.00
N GLU H 106 -75.56 40.05 63.07
CA GLU H 106 -74.22 39.66 62.66
C GLU H 106 -73.93 40.06 61.21
N ARG H 107 -74.88 39.83 60.31
CA ARG H 107 -74.65 40.12 58.90
C ARG H 107 -74.46 41.62 58.66
N SER H 108 -75.00 42.45 59.53
CA SER H 108 -74.87 43.90 59.36
C SER H 108 -73.49 44.43 59.77
N LEU H 109 -72.66 43.60 60.38
CA LEU H 109 -71.34 43.99 60.85
C LEU H 109 -70.25 43.53 59.90
N PRO H 110 -69.06 44.11 59.98
CA PRO H 110 -67.91 43.50 59.32
C PRO H 110 -67.45 42.30 60.12
N GLN H 111 -66.82 41.34 59.42
CA GLN H 111 -66.39 40.08 60.02
C GLN H 111 -65.67 40.29 61.34
N ALA H 112 -64.79 41.30 61.39
CA ALA H 112 -63.98 41.55 62.60
C ALA H 112 -64.81 41.88 63.83
N ALA H 113 -65.97 42.50 63.66
CA ALA H 113 -66.79 42.92 64.79
C ALA H 113 -67.83 41.88 65.20
N LYS H 114 -67.93 40.78 64.46
CA LYS H 114 -68.93 39.77 64.75
C LYS H 114 -68.58 38.99 66.02
N GLU H 115 -69.62 38.56 66.73
CA GLU H 115 -69.45 37.73 67.91
C GLU H 115 -69.16 36.27 67.55
N GLY H 116 -69.47 35.87 66.31
CA GLY H 116 -69.18 34.53 65.85
C GLY H 116 -70.29 33.52 66.05
N HIS H 117 -71.54 33.95 65.99
CA HIS H 117 -72.66 33.05 66.27
C HIS H 117 -72.76 31.90 65.26
N GLU H 118 -72.33 32.12 64.01
CA GLU H 118 -72.30 31.02 63.05
C GLU H 118 -71.52 29.81 63.55
N ILE H 119 -70.52 30.01 64.43
CA ILE H 119 -69.78 28.89 64.99
C ILE H 119 -70.73 27.92 65.69
N ASP H 120 -71.77 28.46 66.34
CA ASP H 120 -72.74 27.58 66.98
C ASP H 120 -73.46 26.70 65.97
N GLN H 121 -73.69 27.21 64.77
CA GLN H 121 -74.24 26.37 63.70
C GLN H 121 -73.23 25.32 63.25
N GLY H 122 -71.96 25.69 63.20
CA GLY H 122 -70.91 24.70 62.96
C GLY H 122 -70.91 23.58 63.97
N ILE H 123 -71.08 23.92 65.24
CA ILE H 123 -71.12 22.92 66.30
C ILE H 123 -72.33 22.00 66.10
N PHE H 124 -73.45 22.60 65.73
CA PHE H 124 -74.69 21.84 65.56
C PHE H 124 -74.59 20.89 64.38
N LEU H 125 -74.22 21.39 63.21
CA LEU H 125 -74.14 20.55 62.02
C LEU H 125 -73.08 19.47 62.17
N ARG H 126 -71.99 19.76 62.90
CA ARG H 126 -71.00 18.72 63.16
C ARG H 126 -71.63 17.56 63.91
N ALA H 127 -72.38 17.86 64.97
CA ALA H 127 -72.98 16.83 65.80
C ALA H 127 -74.04 16.05 65.03
N VAL H 128 -74.83 16.73 64.21
CA VAL H 128 -75.84 16.05 63.40
C VAL H 128 -75.18 15.09 62.41
N LEU H 129 -74.21 15.58 61.64
CA LEU H 129 -73.56 14.75 60.63
C LEU H 129 -72.77 13.59 61.25
N ARG H 130 -72.23 13.76 62.47
CA ARG H 130 -71.56 12.64 63.13
C ARG H 130 -72.50 11.49 63.45
N SER H 131 -73.79 11.77 63.66
CA SER H 131 -74.74 10.70 63.99
C SER H 131 -74.92 9.74 62.82
N PRO H 132 -74.80 8.42 63.04
CA PRO H 132 -75.10 7.47 61.96
C PRO H 132 -76.56 7.42 61.56
N LEU H 133 -77.46 8.02 62.34
CA LEU H 133 -78.88 8.09 62.02
C LEU H 133 -79.27 9.44 61.43
N ALA H 134 -78.91 10.52 62.10
CA ALA H 134 -79.29 11.86 61.65
C ALA H 134 -78.47 12.29 60.43
N GLY H 135 -77.18 11.95 60.40
CA GLY H 135 -76.29 12.36 59.34
C GLY H 135 -76.74 11.97 57.95
N PRO H 136 -76.91 10.66 57.70
CA PRO H 136 -77.36 10.24 56.37
C PRO H 136 -78.71 10.82 55.99
N HIS H 137 -79.56 11.09 56.98
CA HIS H 137 -80.89 11.60 56.70
C HIS H 137 -80.83 13.05 56.26
N LEU H 138 -80.02 13.87 56.93
CA LEU H 138 -79.78 15.23 56.48
C LEU H 138 -79.15 15.26 55.10
N LEU H 139 -78.20 14.35 54.83
CA LEU H 139 -77.57 14.33 53.52
C LEU H 139 -78.55 13.95 52.42
N ASP H 140 -79.49 13.05 52.72
CA ASP H 140 -80.55 12.75 51.76
C ASP H 140 -81.43 13.97 51.52
N ALA H 141 -81.81 14.66 52.61
CA ALA H 141 -82.64 15.86 52.47
C ALA H 141 -82.02 16.87 51.52
N MET H 142 -80.69 17.03 51.58
CA MET H 142 -80.03 17.98 50.70
C MET H 142 -79.89 17.46 49.28
N LEU H 143 -80.00 16.16 49.05
CA LEU H 143 -80.02 15.64 47.68
C LEU H 143 -81.39 15.74 47.01
N ARG H 144 -82.46 16.04 47.76
CA ARG H 144 -83.77 16.21 47.15
C ARG H 144 -83.81 17.49 46.30
N PRO H 145 -84.65 17.53 45.27
CA PRO H 145 -84.73 18.72 44.42
C PRO H 145 -85.13 19.96 45.21
N THR H 146 -84.57 21.10 44.83
CA THR H 146 -84.97 22.35 45.44
C THR H 146 -86.37 22.73 44.95
N PRO H 147 -87.16 23.40 45.79
CA PRO H 147 -88.46 23.89 45.33
C PRO H 147 -88.37 24.79 44.11
N ARG H 148 -87.37 25.67 44.05
CA ARG H 148 -87.18 26.51 42.88
C ARG H 148 -87.09 25.70 41.59
N ALA H 149 -86.36 24.59 41.62
CA ALA H 149 -86.19 23.78 40.41
C ALA H 149 -87.48 23.06 40.03
N LEU H 150 -88.23 22.55 41.01
CA LEU H 150 -89.52 21.95 40.72
C LEU H 150 -90.45 22.97 40.10
N GLU H 151 -90.32 24.21 40.53
CA GLU H 151 -91.15 25.32 40.07
C GLU H 151 -90.84 25.68 38.62
N LEU H 152 -89.55 25.70 38.26
CA LEU H 152 -89.09 26.03 36.92
C LEU H 152 -89.08 24.84 35.96
N LEU H 153 -89.27 23.62 36.44
CA LEU H 153 -89.09 22.45 35.57
C LEU H 153 -90.02 22.46 34.36
N PRO H 154 -91.33 22.70 34.49
CA PRO H 154 -92.19 22.68 33.30
C PRO H 154 -91.77 23.66 32.20
N GLU H 155 -91.43 24.89 32.59
CA GLU H 155 -90.99 25.89 31.63
C GLU H 155 -89.70 25.15 31.95
N PHE H 156 -88.85 24.97 30.95
CA PHE H 156 -87.57 24.29 31.13
C PHE H 156 -87.81 23.14 30.15
N VAL H 157 -88.73 22.25 30.49
CA VAL H 157 -89.03 21.12 29.64
C VAL H 157 -89.70 21.57 28.34
N ARG H 158 -90.41 22.69 28.41
CA ARG H 158 -91.11 23.23 27.25
C ARG H 158 -90.38 24.43 26.63
N THR H 159 -89.18 24.71 27.12
CA THR H 159 -88.39 25.84 26.62
C THR H 159 -86.96 25.40 26.37
N GLY H 160 -86.46 24.51 27.23
CA GLY H 160 -85.10 24.00 27.12
C GLY H 160 -84.12 25.15 27.27
N GLU H 161 -84.55 26.19 27.98
CA GLU H 161 -83.75 27.38 28.22
C GLU H 161 -84.21 28.10 29.47
N VAL H 162 -83.25 28.47 30.32
CA VAL H 162 -83.51 29.24 31.54
C VAL H 162 -82.34 30.19 31.76
N GLU H 163 -82.66 31.45 32.03
CA GLU H 163 -81.66 32.46 32.34
C GLU H 163 -81.75 32.79 33.82
N MET H 164 -80.63 32.67 34.52
CA MET H 164 -80.53 33.01 35.93
C MET H 164 -79.40 34.01 36.09
N GLU H 165 -79.27 34.58 37.29
CA GLU H 165 -78.30 35.66 37.47
C GLU H 165 -76.88 35.17 37.18
N ALA H 166 -76.51 34.00 37.71
CA ALA H 166 -75.14 33.52 37.57
C ALA H 166 -74.98 32.32 36.64
N VAL H 167 -76.07 31.70 36.17
CA VAL H 167 -75.98 30.52 35.33
C VAL H 167 -76.98 30.63 34.19
N HIS H 168 -76.53 30.33 32.97
CA HIS H 168 -77.42 30.16 31.82
C HIS H 168 -77.51 28.67 31.52
N LEU H 169 -78.73 28.15 31.48
CA LEU H 169 -78.98 26.73 31.23
C LEU H 169 -79.69 26.53 29.91
N GLU H 170 -79.18 25.60 29.10
CA GLU H 170 -79.77 25.28 27.79
C GLU H 170 -79.72 23.77 27.59
N ARG H 171 -80.85 23.19 27.20
CA ARG H 171 -80.87 21.82 26.69
C ARG H 171 -80.65 21.83 25.19
N ARG H 172 -79.73 21.00 24.72
CA ARG H 172 -79.42 20.94 23.29
C ARG H 172 -78.78 19.59 23.00
N ASP H 173 -79.39 18.83 22.09
CA ASP H 173 -78.92 17.49 21.71
C ASP H 173 -78.74 16.58 22.92
N GLY H 174 -79.71 16.61 23.83
CA GLY H 174 -79.64 15.81 25.04
C GLY H 174 -78.57 16.21 26.03
N VAL H 175 -78.01 17.41 25.88
CA VAL H 175 -76.99 17.92 26.80
C VAL H 175 -77.59 19.09 27.57
N ALA H 176 -77.40 19.08 28.89
CA ALA H 176 -77.69 20.24 29.71
C ALA H 176 -76.43 21.09 29.76
N ARG H 177 -76.47 22.25 29.10
CA ARG H 177 -75.32 23.14 28.99
C ARG H 177 -75.42 24.22 30.06
N LEU H 178 -74.65 24.06 31.13
CA LEU H 178 -74.57 25.08 32.16
C LEU H 178 -73.41 26.01 31.83
N THR H 179 -73.72 27.29 31.63
CA THR H 179 -72.73 28.32 31.36
C THR H 179 -72.73 29.27 32.55
N MET H 180 -71.59 29.35 33.24
CA MET H 180 -71.44 30.28 34.34
C MET H 180 -71.16 31.66 33.75
N CYS H 181 -72.03 32.62 34.04
CA CYS H 181 -72.10 33.82 33.21
C CYS H 181 -72.05 35.11 34.03
N ARG H 182 -71.18 35.17 35.03
CA ARG H 182 -70.94 36.42 35.76
C ARG H 182 -69.77 37.12 35.08
N ASP H 183 -70.10 37.76 33.96
CA ASP H 183 -69.09 38.36 33.09
C ASP H 183 -68.33 39.52 33.74
N ASP H 184 -68.88 40.14 34.78
CA ASP H 184 -68.19 41.26 35.41
C ASP H 184 -67.12 40.82 36.42
N ARG H 185 -67.19 39.60 36.95
CA ARG H 185 -66.34 39.24 38.07
C ARG H 185 -65.72 37.85 37.96
N LEU H 186 -65.54 37.35 36.74
CA LEU H 186 -64.86 36.08 36.50
C LEU H 186 -65.51 34.91 37.25
N ASN H 187 -66.85 34.88 37.25
CA ASN H 187 -67.63 33.81 37.89
C ASN H 187 -67.24 33.58 39.34
N ALA H 188 -66.86 34.65 40.05
CA ALA H 188 -66.65 34.56 41.49
C ALA H 188 -67.91 34.08 42.18
N GLU H 189 -67.76 33.24 43.20
CA GLU H 189 -68.89 32.56 43.83
C GLU H 189 -69.48 33.37 44.98
N ASP H 190 -70.80 33.34 45.09
CA ASP H 190 -71.52 33.94 46.20
C ASP H 190 -72.76 33.10 46.47
N GLY H 191 -73.59 33.56 47.42
CA GLY H 191 -74.78 32.81 47.76
C GLY H 191 -75.74 32.63 46.61
N GLN H 192 -75.80 33.62 45.71
CA GLN H 192 -76.70 33.53 44.56
C GLN H 192 -76.21 32.49 43.56
N GLN H 193 -74.89 32.43 43.33
CA GLN H 193 -74.36 31.46 42.38
C GLN H 193 -74.63 30.04 42.84
N VAL H 194 -74.56 29.79 44.16
CA VAL H 194 -74.87 28.46 44.68
C VAL H 194 -76.33 28.12 44.41
N ASP H 195 -77.24 29.07 44.64
CA ASP H 195 -78.65 28.82 44.38
C ASP H 195 -78.91 28.57 42.90
N ASP H 196 -78.27 29.35 42.03
CA ASP H 196 -78.46 29.13 40.59
C ASP H 196 -77.85 27.80 40.15
N MET H 197 -76.66 27.46 40.66
CA MET H 197 -76.02 26.22 40.28
C MET H 197 -76.85 25.01 40.73
N GLU H 198 -77.32 25.00 41.98
CA GLU H 198 -78.11 23.86 42.45
C GLU H 198 -79.41 23.76 41.66
N THR H 199 -80.03 24.90 41.35
CA THR H 199 -81.25 24.90 40.57
C THR H 199 -81.00 24.33 39.18
N ALA H 200 -79.91 24.75 38.54
CA ALA H 200 -79.60 24.25 37.21
C ALA H 200 -79.25 22.77 37.23
N VAL H 201 -78.50 22.34 38.25
CA VAL H 201 -78.15 20.92 38.36
C VAL H 201 -79.41 20.09 38.58
N ASP H 202 -80.33 20.59 39.40
CA ASP H 202 -81.59 19.89 39.62
C ASP H 202 -82.36 19.74 38.31
N LEU H 203 -82.45 20.81 37.52
CA LEU H 203 -83.20 20.75 36.28
C LEU H 203 -82.56 19.79 35.29
N ALA H 204 -81.22 19.77 35.25
CA ALA H 204 -80.52 18.88 34.34
C ALA H 204 -80.83 17.43 34.67
N LEU H 205 -80.88 17.10 35.96
CA LEU H 205 -81.09 15.71 36.37
C LEU H 205 -82.55 15.30 36.22
N LEU H 206 -83.49 16.21 36.47
CA LEU H 206 -84.91 15.86 36.38
C LEU H 206 -85.46 15.91 34.96
N ASP H 207 -84.81 16.62 34.05
CA ASP H 207 -85.29 16.73 32.68
C ASP H 207 -85.05 15.41 31.95
N PRO H 208 -86.09 14.69 31.53
CA PRO H 208 -85.86 13.40 30.87
C PRO H 208 -85.22 13.53 29.49
N GLY H 209 -85.22 14.72 28.90
CA GLY H 209 -84.53 14.93 27.65
C GLY H 209 -83.08 15.28 27.79
N VAL H 210 -82.54 15.22 29.01
CA VAL H 210 -81.14 15.48 29.28
C VAL H 210 -80.45 14.16 29.60
N ARG H 211 -79.38 13.87 28.88
CA ARG H 211 -78.61 12.65 29.06
C ARG H 211 -77.25 12.91 29.70
N VAL H 212 -76.63 14.05 29.39
CA VAL H 212 -75.31 14.43 29.88
C VAL H 212 -75.34 15.90 30.27
N GLY H 213 -74.57 16.26 31.28
CA GLY H 213 -74.41 17.65 31.67
C GLY H 213 -73.07 18.20 31.24
N LEU H 214 -73.03 19.52 31.05
CA LEU H 214 -71.82 20.23 30.65
C LEU H 214 -71.72 21.51 31.47
N LEU H 215 -70.57 21.73 32.10
CA LEU H 215 -70.32 22.95 32.83
C LEU H 215 -69.16 23.70 32.18
N ARG H 216 -69.38 24.97 31.86
CA ARG H 216 -68.38 25.79 31.20
C ARG H 216 -68.59 27.25 31.61
N GLY H 217 -67.50 28.02 31.58
CA GLY H 217 -67.60 29.44 31.83
C GLY H 217 -67.92 30.21 30.55
N GLY H 218 -68.71 31.27 30.70
CA GLY H 218 -69.09 32.09 29.57
C GLY H 218 -68.08 33.17 29.25
N VAL H 219 -68.35 33.86 28.14
CA VAL H 219 -67.52 35.00 27.74
C VAL H 219 -67.58 36.08 28.81
N MET H 220 -66.42 36.62 29.15
CA MET H 220 -66.30 37.69 30.13
C MET H 220 -66.40 39.06 29.48
N SER H 221 -66.84 40.04 30.27
CA SER H 221 -66.96 41.42 29.80
C SER H 221 -65.98 42.38 30.47
N HIS H 222 -65.53 42.08 31.68
CA HIS H 222 -64.51 42.87 32.34
C HIS H 222 -63.32 43.12 31.40
N PRO H 223 -62.77 44.33 31.39
CA PRO H 223 -61.77 44.69 30.37
C PRO H 223 -60.53 43.81 30.37
N ARG H 224 -60.19 43.24 31.52
CA ARG H 224 -59.04 42.36 31.64
C ARG H 224 -59.24 41.02 30.92
N TYR H 225 -60.48 40.71 30.57
CA TYR H 225 -60.79 39.45 29.89
C TYR H 225 -61.85 39.57 28.80
N ARG H 226 -62.02 40.75 28.20
CA ARG H 226 -63.15 40.94 27.28
C ARG H 226 -63.00 40.03 26.05
N GLY H 227 -64.07 39.27 25.78
CA GLY H 227 -64.09 38.31 24.70
C GLY H 227 -63.59 36.93 25.06
N LYS H 228 -63.06 36.74 26.25
CA LYS H 228 -62.43 35.50 26.68
C LYS H 228 -63.33 34.78 27.67
N ARG H 229 -63.43 33.46 27.54
CA ARG H 229 -64.11 32.65 28.54
C ARG H 229 -63.23 32.43 29.77
N VAL H 230 -63.86 32.41 30.94
CA VAL H 230 -63.18 32.10 32.19
C VAL H 230 -64.06 31.19 33.02
N PHE H 231 -63.48 30.09 33.52
CA PHE H 231 -64.25 29.09 34.26
C PHE H 231 -64.65 29.61 35.63
N SER H 232 -63.68 29.87 36.51
CA SER H 232 -64.01 30.36 37.84
C SER H 232 -62.80 30.93 38.58
N ALA H 233 -62.98 32.11 39.19
CA ALA H 233 -61.99 32.71 40.07
C ALA H 233 -62.25 32.42 41.56
N GLY H 234 -63.14 31.48 41.86
CA GLY H 234 -63.36 31.07 43.23
C GLY H 234 -64.20 32.04 44.04
N ILE H 235 -64.14 31.87 45.36
CA ILE H 235 -64.98 32.62 46.27
C ILE H 235 -64.77 34.12 46.11
N ASN H 236 -65.87 34.87 46.23
CA ASN H 236 -65.87 36.34 46.20
C ASN H 236 -65.16 36.86 47.45
N LEU H 237 -63.92 37.30 47.29
CA LEU H 237 -63.14 37.73 48.45
C LEU H 237 -63.64 39.03 49.06
N LYS H 238 -64.31 39.85 48.25
CA LYS H 238 -64.89 41.09 48.73
C LYS H 238 -66.03 40.78 49.71
N TYR H 239 -66.89 39.84 49.32
CA TYR H 239 -68.02 39.44 50.16
C TYR H 239 -67.55 38.73 51.42
N LEU H 240 -66.47 37.93 51.30
CA LEU H 240 -65.88 37.26 52.46
C LEU H 240 -65.45 38.27 53.52
N SER H 241 -64.70 39.28 53.10
CA SER H 241 -64.23 40.32 54.01
C SER H 241 -65.39 41.09 54.65
N GLN H 242 -66.42 41.42 53.86
CA GLN H 242 -67.58 42.16 54.33
C GLN H 242 -68.53 41.35 55.22
N GLY H 243 -68.34 40.04 55.32
CA GLY H 243 -69.26 39.21 56.08
C GLY H 243 -70.46 38.69 55.31
N GLY H 244 -70.40 38.71 53.98
CA GLY H 244 -71.43 38.18 53.11
C GLY H 244 -71.34 36.72 52.73
N ILE H 245 -70.37 35.97 53.24
CA ILE H 245 -70.24 34.54 52.95
C ILE H 245 -70.84 33.76 54.11
N SER H 246 -71.96 33.09 53.85
CA SER H 246 -72.70 32.38 54.88
C SER H 246 -72.15 30.97 55.05
N LEU H 247 -71.87 30.59 56.30
CA LEU H 247 -71.46 29.22 56.58
C LEU H 247 -72.50 28.22 56.07
N VAL H 248 -73.77 28.44 56.40
CA VAL H 248 -74.81 27.48 56.06
C VAL H 248 -75.28 27.65 54.63
N ASP H 249 -75.67 28.87 54.25
CA ASP H 249 -76.27 29.08 52.95
C ASP H 249 -75.28 29.12 51.80
N PHE H 250 -73.98 29.23 52.07
CA PHE H 250 -72.98 29.14 51.00
C PHE H 250 -72.05 27.95 51.19
N LEU H 251 -71.23 27.91 52.24
CA LEU H 251 -70.14 26.94 52.30
C LEU H 251 -70.67 25.52 52.47
N MET H 252 -71.69 25.33 53.29
CA MET H 252 -72.21 23.98 53.49
C MET H 252 -73.23 23.63 52.41
N ARG H 253 -74.05 24.59 52.00
CA ARG H 253 -75.07 24.34 50.99
C ARG H 253 -74.45 23.81 49.70
N ARG H 254 -73.36 24.42 49.22
CA ARG H 254 -72.77 23.98 47.97
C ARG H 254 -72.20 22.56 48.07
N GLU H 255 -71.62 22.20 49.23
CA GLU H 255 -71.02 20.88 49.35
C GLU H 255 -72.07 19.78 49.46
N LEU H 256 -73.14 20.02 50.22
CA LEU H 256 -74.17 19.02 50.42
C LEU H 256 -75.27 19.08 49.38
N GLY H 257 -75.40 20.21 48.67
CA GLY H 257 -76.38 20.35 47.61
C GLY H 257 -75.81 19.99 46.25
N TYR H 258 -75.49 20.99 45.43
CA TYR H 258 -75.25 20.70 44.02
C TYR H 258 -73.97 19.89 43.80
N ILE H 259 -72.92 20.10 44.60
CA ILE H 259 -71.70 19.36 44.38
C ILE H 259 -71.90 17.89 44.72
N HIS H 260 -72.67 17.60 45.78
CA HIS H 260 -72.97 16.22 46.11
C HIS H 260 -73.92 15.61 45.09
N LYS H 261 -74.81 16.42 44.52
CA LYS H 261 -75.72 15.93 43.50
C LYS H 261 -75.00 15.56 42.21
N LEU H 262 -73.91 16.27 41.88
CA LEU H 262 -73.10 15.86 40.75
C LEU H 262 -72.55 14.46 40.96
N VAL H 263 -72.22 14.12 42.20
CA VAL H 263 -71.69 12.79 42.49
C VAL H 263 -72.81 11.76 42.51
N ARG H 264 -73.85 11.99 43.29
CA ARG H 264 -74.80 10.92 43.57
C ARG H 264 -76.20 11.16 43.04
N GLY H 265 -76.46 12.29 42.38
CA GLY H 265 -77.77 12.52 41.78
C GLY H 265 -78.76 13.16 42.74
N VAL H 266 -79.98 13.36 42.25
CA VAL H 266 -81.07 13.87 43.09
C VAL H 266 -81.93 12.71 43.57
N LEU H 267 -82.24 12.75 44.86
CA LEU H 267 -83.14 11.78 45.48
C LEU H 267 -84.58 12.19 45.21
N THR H 268 -85.35 11.31 44.59
CA THR H 268 -86.74 11.59 44.26
C THR H 268 -87.67 10.86 45.21
N ASN H 269 -88.96 11.13 45.05
CA ASN H 269 -90.00 10.34 45.68
C ASN H 269 -90.15 9.00 44.97
N ASP H 270 -90.75 8.05 45.68
CA ASP H 270 -91.07 6.76 45.07
C ASP H 270 -92.19 6.94 44.05
N ASP H 271 -91.87 7.54 42.89
CA ASP H 271 -92.90 7.89 41.91
C ASP H 271 -92.59 7.42 40.49
N ARG H 272 -91.68 6.46 40.34
CA ARG H 272 -91.34 5.95 39.01
C ARG H 272 -90.81 4.53 39.11
N PRO H 273 -90.94 3.75 38.03
CA PRO H 273 -90.45 2.36 38.09
C PRO H 273 -88.95 2.33 38.31
N GLY H 274 -88.51 1.26 38.98
CA GLY H 274 -87.09 1.09 39.27
C GLY H 274 -86.61 1.82 40.51
N TRP H 275 -87.45 2.68 41.07
CA TRP H 275 -87.09 3.43 42.27
C TRP H 275 -86.46 2.53 43.33
N TRP H 276 -86.98 1.32 43.46
CA TRP H 276 -86.47 0.37 44.43
C TRP H 276 -84.98 0.06 44.24
N HIS H 277 -84.46 0.17 43.01
CA HIS H 277 -83.02 -0.01 42.82
C HIS H 277 -82.27 1.29 42.58
N SER H 278 -82.94 2.35 42.10
CA SER H 278 -82.28 3.62 41.80
C SER H 278 -83.14 4.75 42.35
N PRO H 279 -83.11 4.98 43.67
CA PRO H 279 -83.88 6.10 44.23
C PRO H 279 -83.41 7.47 43.79
N ARG H 280 -82.21 7.57 43.25
CA ARG H 280 -81.63 8.84 42.82
C ARG H 280 -81.41 8.80 41.31
N ILE H 281 -81.63 9.95 40.67
CA ILE H 281 -81.34 10.14 39.26
C ILE H 281 -79.99 10.82 39.15
N GLU H 282 -79.00 10.09 38.67
CA GLU H 282 -77.68 10.64 38.39
C GLU H 282 -77.39 10.60 36.90
N LYS H 283 -76.56 11.53 36.44
CA LYS H 283 -76.15 11.61 35.05
C LYS H 283 -74.67 11.97 34.98
N PRO H 284 -74.01 11.67 33.86
CA PRO H 284 -72.58 12.03 33.73
C PRO H 284 -72.38 13.51 33.47
N TRP H 285 -71.24 14.02 33.92
CA TRP H 285 -70.95 15.46 33.78
C TRP H 285 -69.60 15.68 33.13
N VAL H 286 -69.56 16.64 32.22
CA VAL H 286 -68.34 17.11 31.57
C VAL H 286 -68.08 18.54 32.01
N ALA H 287 -66.81 18.84 32.32
CA ALA H 287 -66.37 20.19 32.64
C ALA H 287 -65.34 20.63 31.62
N ALA H 288 -65.44 21.88 31.17
CA ALA H 288 -64.50 22.49 30.24
C ALA H 288 -63.96 23.76 30.88
N VAL H 289 -62.64 23.83 31.03
CA VAL H 289 -61.99 24.90 31.78
C VAL H 289 -61.33 25.85 30.79
N ASP H 290 -61.79 27.09 30.76
CA ASP H 290 -61.15 28.17 30.03
C ASP H 290 -60.47 29.12 31.01
N GLY H 291 -59.29 29.59 30.65
CA GLY H 291 -58.61 30.55 31.50
C GLY H 291 -57.99 29.93 32.74
N PHE H 292 -58.82 29.61 33.73
CA PHE H 292 -58.33 29.01 34.97
C PHE H 292 -59.52 28.53 35.80
N ALA H 293 -59.22 27.61 36.70
CA ALA H 293 -60.14 27.18 37.76
C ALA H 293 -59.43 27.43 39.07
N ILE H 294 -59.92 28.39 39.85
CA ILE H 294 -59.30 28.77 41.11
C ILE H 294 -60.27 28.51 42.24
N GLY H 295 -59.75 27.96 43.34
CA GLY H 295 -60.54 27.84 44.55
C GLY H 295 -61.74 26.93 44.34
N GLY H 296 -62.93 27.47 44.64
CA GLY H 296 -64.16 26.70 44.48
C GLY H 296 -64.33 26.14 43.08
N GLY H 297 -63.86 26.88 42.08
CA GLY H 297 -63.92 26.37 40.72
C GLY H 297 -63.09 25.11 40.55
N ALA H 298 -61.86 25.11 41.09
CA ALA H 298 -61.00 23.93 41.00
C ALA H 298 -61.57 22.77 41.81
N GLN H 299 -62.19 23.07 42.95
CA GLN H 299 -62.85 22.02 43.73
C GLN H 299 -63.88 21.26 42.90
N LEU H 300 -64.58 21.95 41.99
CA LEU H 300 -65.61 21.29 41.20
C LEU H 300 -65.04 20.21 40.29
N LEU H 301 -63.81 20.40 39.78
CA LEU H 301 -63.24 19.43 38.85
C LEU H 301 -63.10 18.05 39.45
N LEU H 302 -63.11 17.94 40.79
CA LEU H 302 -62.87 16.67 41.45
C LEU H 302 -64.08 15.74 41.47
N VAL H 303 -65.19 16.10 40.83
CA VAL H 303 -66.41 15.29 40.86
C VAL H 303 -66.97 15.06 39.47
N PHE H 304 -66.30 15.52 38.43
CA PHE H 304 -66.77 15.36 37.07
C PHE H 304 -66.27 14.06 36.48
N ASP H 305 -67.01 13.58 35.48
CA ASP H 305 -66.70 12.35 34.77
C ASP H 305 -65.70 12.56 33.64
N ARG H 306 -65.62 13.76 33.09
CA ARG H 306 -64.63 14.10 32.09
C ARG H 306 -64.27 15.57 32.28
N VAL H 307 -62.99 15.90 32.14
CA VAL H 307 -62.54 17.27 32.30
C VAL H 307 -61.67 17.64 31.11
N LEU H 308 -62.02 18.74 30.46
CA LEU H 308 -61.24 19.29 29.35
C LEU H 308 -60.74 20.66 29.76
N ALA H 309 -59.59 21.06 29.23
CA ALA H 309 -59.03 22.36 29.58
C ALA H 309 -58.28 22.95 28.39
N SER H 310 -58.27 24.28 28.33
CA SER H 310 -57.48 24.99 27.34
C SER H 310 -56.00 24.85 27.68
N SER H 311 -55.16 24.83 26.64
CA SER H 311 -53.71 24.76 26.84
C SER H 311 -53.17 25.84 27.78
N ASP H 312 -53.84 26.98 27.87
CA ASP H 312 -53.33 28.10 28.66
C ASP H 312 -53.92 28.19 30.06
N ALA H 313 -54.71 27.21 30.47
CA ALA H 313 -55.39 27.27 31.76
C ALA H 313 -54.47 26.80 32.88
N TYR H 314 -54.83 27.19 34.12
CA TYR H 314 -54.16 26.68 35.30
C TYR H 314 -55.20 26.40 36.39
N PHE H 315 -54.78 25.67 37.41
CA PHE H 315 -55.64 25.22 38.49
C PHE H 315 -54.93 25.51 39.80
N SER H 316 -55.64 26.12 40.74
CA SER H 316 -55.03 26.41 42.03
C SER H 316 -56.07 26.46 43.12
N LEU H 317 -55.60 26.22 44.35
CA LEU H 317 -56.41 26.33 45.56
C LEU H 317 -55.66 27.26 46.49
N PRO H 318 -55.75 28.57 46.27
CA PRO H 318 -55.17 29.54 47.19
C PRO H 318 -55.97 29.76 48.47
N CYS H 319 -56.95 28.89 48.71
CA CYS H 319 -57.85 29.02 49.84
C CYS H 319 -57.08 29.13 51.14
N ALA H 320 -56.13 28.22 51.36
CA ALA H 320 -55.18 28.34 52.46
C ALA H 320 -54.33 29.60 52.34
N LYS H 321 -54.00 30.16 53.49
CA LYS H 321 -53.31 31.44 53.65
C LYS H 321 -54.19 32.60 53.14
N GLU H 322 -55.19 32.30 52.30
CA GLU H 322 -56.34 33.19 52.20
C GLU H 322 -57.15 32.97 53.47
N GLY H 323 -56.78 31.94 54.25
CA GLY H 323 -57.36 31.67 55.54
C GLY H 323 -58.31 30.50 55.68
N ILE H 324 -58.92 29.98 54.60
CA ILE H 324 -59.99 29.00 54.77
C ILE H 324 -59.67 27.68 54.05
N ILE H 325 -60.50 26.67 54.34
CA ILE H 325 -60.39 25.32 53.79
C ILE H 325 -61.07 25.26 52.42
N PRO H 326 -60.44 24.62 51.40
CA PRO H 326 -61.07 24.53 50.06
C PRO H 326 -62.14 23.45 49.96
N GLY H 327 -63.25 23.67 50.67
CA GLY H 327 -64.36 22.74 50.62
C GLY H 327 -63.95 21.30 50.86
N ALA H 328 -64.37 20.41 49.97
CA ALA H 328 -64.03 18.99 50.05
C ALA H 328 -62.81 18.62 49.24
N ALA H 329 -62.01 19.61 48.80
CA ALA H 329 -60.74 19.30 48.15
C ALA H 329 -59.82 18.50 49.08
N ASN H 330 -59.85 18.79 50.39
CA ASN H 330 -59.03 18.04 51.32
C ASN H 330 -59.48 16.59 51.40
N LEU H 331 -60.74 16.32 51.10
CA LEU H 331 -61.26 14.97 51.05
C LEU H 331 -60.85 14.26 49.76
N ARG H 332 -60.96 14.95 48.63
CA ARG H 332 -60.93 14.31 47.32
C ARG H 332 -59.56 14.37 46.63
N LEU H 333 -58.77 15.43 46.87
CA LEU H 333 -57.58 15.67 46.06
C LEU H 333 -56.54 14.56 46.19
N GLY H 334 -56.31 14.07 47.42
CA GLY H 334 -55.33 13.01 47.62
C GLY H 334 -55.57 11.81 46.71
N ARG H 335 -56.84 11.52 46.43
CA ARG H 335 -57.22 10.39 45.60
C ARG H 335 -56.80 10.61 44.13
N PHE H 336 -56.73 11.87 43.70
CA PHE H 336 -56.31 12.25 42.36
C PHE H 336 -54.79 12.34 42.24
N ALA H 337 -54.13 12.95 43.22
CA ALA H 337 -52.74 13.39 43.08
C ALA H 337 -51.80 12.83 44.14
N GLY H 338 -52.32 12.10 45.13
CA GLY H 338 -51.51 11.60 46.21
C GLY H 338 -51.26 12.65 47.27
N PRO H 339 -50.70 12.25 48.41
CA PRO H 339 -50.60 13.18 49.54
C PRO H 339 -49.48 14.21 49.42
N ARG H 340 -48.44 13.96 48.63
CA ARG H 340 -47.42 14.98 48.46
C ARG H 340 -47.96 16.15 47.65
N VAL H 341 -48.46 15.87 46.45
CA VAL H 341 -48.96 16.93 45.57
C VAL H 341 -50.16 17.62 46.20
N SER H 342 -51.05 16.88 46.88
CA SER H 342 -52.23 17.52 47.45
C SER H 342 -51.86 18.51 48.54
N ARG H 343 -50.81 18.23 49.31
CA ARG H 343 -50.31 19.22 50.26
C ARG H 343 -49.58 20.36 49.56
N GLN H 344 -48.88 20.09 48.46
CA GLN H 344 -48.26 21.17 47.71
C GLN H 344 -49.31 22.17 47.23
N VAL H 345 -50.45 21.66 46.77
CA VAL H 345 -51.51 22.52 46.23
C VAL H 345 -52.24 23.22 47.36
N ILE H 346 -52.62 22.48 48.39
CA ILE H 346 -53.52 23.01 49.42
C ILE H 346 -52.74 23.77 50.50
N LEU H 347 -51.67 23.18 51.03
CA LEU H 347 -50.92 23.85 52.09
C LEU H 347 -49.99 24.95 51.58
N GLU H 348 -49.41 24.80 50.40
CA GLU H 348 -48.39 25.72 49.94
C GLU H 348 -48.77 26.43 48.65
N GLY H 349 -50.01 26.29 48.21
CA GLY H 349 -50.54 27.12 47.15
C GLY H 349 -49.96 26.82 45.78
N ARG H 350 -49.48 25.60 45.56
CA ARG H 350 -48.94 25.25 44.26
C ARG H 350 -50.01 25.36 43.19
N ARG H 351 -49.61 25.87 42.02
CA ARG H 351 -50.51 26.12 40.90
C ARG H 351 -50.08 25.20 39.76
N ILE H 352 -51.04 24.46 39.22
CA ILE H 352 -50.76 23.43 38.23
C ILE H 352 -51.23 23.94 36.86
N TRP H 353 -50.33 23.91 35.89
CA TRP H 353 -50.62 24.40 34.55
C TRP H 353 -51.11 23.26 33.68
N ALA H 354 -52.02 23.59 32.75
CA ALA H 354 -52.65 22.57 31.93
C ALA H 354 -51.66 21.74 31.12
N LYS H 355 -50.52 22.32 30.75
CA LYS H 355 -49.56 21.62 29.91
C LYS H 355 -48.46 20.91 30.69
N GLU H 356 -48.39 21.06 32.02
CA GLU H 356 -47.36 20.28 32.68
C GLU H 356 -47.85 18.86 32.93
N PRO H 357 -46.93 17.89 33.00
CA PRO H 357 -47.36 16.47 33.13
C PRO H 357 -48.39 16.19 34.22
N GLU H 358 -48.22 16.74 35.41
CA GLU H 358 -49.15 16.45 36.50
C GLU H 358 -50.54 17.04 36.31
N ALA H 359 -50.76 17.87 35.29
CA ALA H 359 -52.13 18.27 34.96
C ALA H 359 -53.01 17.06 34.62
N ARG H 360 -52.40 15.98 34.13
CA ARG H 360 -53.17 14.79 33.77
C ARG H 360 -53.78 14.11 34.99
N LEU H 361 -53.38 14.51 36.20
CA LEU H 361 -54.01 14.00 37.41
C LEU H 361 -55.38 14.62 37.61
N LEU H 362 -55.61 15.80 37.04
CA LEU H 362 -56.86 16.52 37.18
C LEU H 362 -57.66 16.62 35.88
N VAL H 363 -57.02 16.49 34.73
CA VAL H 363 -57.62 16.85 33.44
C VAL H 363 -57.42 15.70 32.47
N ASP H 364 -58.48 15.36 31.72
CA ASP H 364 -58.46 14.27 30.76
C ASP H 364 -57.95 14.70 29.40
N GLU H 365 -58.21 15.95 29.00
CA GLU H 365 -57.80 16.45 27.71
C GLU H 365 -57.36 17.90 27.83
N VAL H 366 -56.24 18.22 27.20
CA VAL H 366 -55.74 19.59 27.13
C VAL H 366 -55.61 19.94 25.66
N VAL H 367 -56.34 20.96 25.24
CA VAL H 367 -56.54 21.24 23.83
C VAL H 367 -56.18 22.69 23.54
N GLU H 368 -55.62 22.92 22.36
CA GLU H 368 -55.36 24.28 21.93
C GLU H 368 -56.68 25.01 21.73
N PRO H 369 -56.76 26.29 22.07
CA PRO H 369 -58.00 27.05 21.88
C PRO H 369 -58.77 26.86 20.57
N ASP H 370 -58.10 26.74 19.42
CA ASP H 370 -58.91 26.58 18.21
C ASP H 370 -59.54 25.20 18.05
N GLU H 371 -59.12 24.19 18.83
CA GLU H 371 -59.72 22.86 18.74
C GLU H 371 -60.64 22.55 19.93
N LEU H 372 -60.78 23.48 20.87
CA LEU H 372 -61.42 23.17 22.14
C LEU H 372 -62.93 22.93 22.00
N ASP H 373 -63.63 23.82 21.30
CA ASP H 373 -65.07 23.65 21.11
C ASP H 373 -65.41 22.28 20.53
N ALA H 374 -64.67 21.86 19.50
CA ALA H 374 -64.98 20.60 18.84
C ALA H 374 -64.66 19.41 19.73
N ALA H 375 -63.60 19.51 20.54
CA ALA H 375 -63.27 18.41 21.44
C ALA H 375 -64.28 18.28 22.56
N ILE H 376 -64.84 19.41 23.02
CA ILE H 376 -65.94 19.38 23.98
C ILE H 376 -67.14 18.64 23.40
N GLU H 377 -67.53 18.99 22.17
CA GLU H 377 -68.68 18.34 21.53
C GLU H 377 -68.47 16.84 21.39
N ARG H 378 -67.28 16.42 20.95
CA ARG H 378 -66.97 15.00 20.83
C ARG H 378 -67.12 14.27 22.16
N SER H 379 -66.68 14.89 23.25
CA SER H 379 -66.73 14.22 24.55
C SER H 379 -68.16 14.08 25.05
N LEU H 380 -69.06 14.97 24.63
CA LEU H 380 -70.45 14.87 25.06
C LEU H 380 -71.16 13.66 24.44
N THR H 381 -70.71 13.18 23.28
CA THR H 381 -71.32 12.00 22.67
C THR H 381 -70.87 10.68 23.28
N ARG H 382 -69.80 10.66 24.07
CA ARG H 382 -69.20 9.41 24.50
C ARG H 382 -69.70 8.86 25.84
N LEU H 383 -70.69 9.49 26.49
CA LEU H 383 -71.13 9.09 27.82
C LEU H 383 -72.63 8.75 27.91
N ASP H 384 -73.21 8.23 26.83
CA ASP H 384 -74.68 8.24 26.70
C ASP H 384 -75.42 7.16 27.51
N GLY H 385 -74.92 5.93 27.56
CA GLY H 385 -75.81 4.82 27.88
C GLY H 385 -76.16 4.61 29.35
N ASP H 386 -76.97 3.57 29.60
CA ASP H 386 -77.22 3.06 30.94
C ASP H 386 -76.03 2.35 31.53
N ALA H 387 -75.14 1.85 30.68
CA ALA H 387 -73.94 1.19 31.18
C ALA H 387 -72.99 2.20 31.82
N VAL H 388 -72.84 3.36 31.19
CA VAL H 388 -72.06 4.45 31.79
C VAL H 388 -72.63 4.81 33.16
N LEU H 389 -73.96 4.91 33.27
CA LEU H 389 -74.56 5.25 34.56
C LEU H 389 -74.21 4.23 35.64
N ALA H 390 -74.36 2.94 35.33
CA ALA H 390 -74.07 1.92 36.33
C ALA H 390 -72.61 1.93 36.72
N ASN H 391 -71.71 2.07 35.74
CA ASN H 391 -70.28 2.07 36.03
C ASN H 391 -69.85 3.30 36.82
N ARG H 392 -70.38 4.48 36.49
CA ARG H 392 -69.95 5.64 37.27
C ARG H 392 -70.53 5.60 38.68
N ARG H 393 -71.68 4.94 38.86
CA ARG H 393 -72.23 4.77 40.19
C ARG H 393 -71.36 3.85 41.04
N MET H 394 -70.89 2.73 40.46
CA MET H 394 -70.00 1.85 41.20
C MET H 394 -68.65 2.51 41.47
N LEU H 395 -68.13 3.27 40.51
CA LEU H 395 -66.88 4.00 40.71
C LEU H 395 -66.98 5.01 41.85
N ASN H 396 -68.07 5.78 41.88
CA ASN H 396 -68.21 6.80 42.92
C ASN H 396 -68.41 6.15 44.28
N LEU H 397 -69.11 5.02 44.32
CA LEU H 397 -69.26 4.27 45.56
C LEU H 397 -67.91 3.77 46.07
N ALA H 398 -67.05 3.31 45.16
CA ALA H 398 -65.72 2.87 45.57
C ALA H 398 -64.84 4.04 45.98
N ASP H 399 -64.88 5.13 45.19
CA ASP H 399 -63.94 6.24 45.39
C ASP H 399 -64.23 6.97 46.70
N GLU H 400 -65.50 7.17 47.02
CA GLU H 400 -65.90 8.01 48.16
C GLU H 400 -67.08 7.34 48.84
N SER H 401 -66.83 6.69 49.97
CA SER H 401 -67.92 6.00 50.66
C SER H 401 -68.85 7.03 51.31
N PRO H 402 -70.11 6.66 51.52
CA PRO H 402 -71.01 7.55 52.28
C PRO H 402 -70.47 7.93 53.66
N ASP H 403 -69.94 6.97 54.40
CA ASP H 403 -69.32 7.29 55.69
C ASP H 403 -68.13 8.23 55.54
N GLY H 404 -67.30 7.99 54.53
CA GLY H 404 -66.15 8.86 54.31
C GLY H 404 -66.57 10.30 54.12
N PHE H 405 -67.53 10.53 53.22
CA PHE H 405 -68.00 11.89 52.96
C PHE H 405 -68.68 12.49 54.18
N ARG H 406 -69.55 11.71 54.84
CA ARG H 406 -70.26 12.20 56.02
C ARG H 406 -69.31 12.60 57.13
N ALA H 407 -68.31 11.75 57.40
CA ALA H 407 -67.36 12.04 58.47
C ALA H 407 -66.56 13.30 58.17
N TYR H 408 -66.17 13.48 56.91
CA TYR H 408 -65.42 14.67 56.52
C TYR H 408 -66.25 15.93 56.73
N MET H 409 -67.46 15.94 56.17
CA MET H 409 -68.31 17.12 56.24
C MET H 409 -68.67 17.48 57.67
N ALA H 410 -68.75 16.48 58.56
CA ALA H 410 -69.01 16.74 59.97
C ALA H 410 -67.93 17.62 60.59
N GLU H 411 -66.67 17.17 60.53
CA GLU H 411 -65.55 17.99 60.98
C GLU H 411 -65.47 19.30 60.22
N PHE H 412 -65.72 19.26 58.91
CA PHE H 412 -65.58 20.47 58.10
C PHE H 412 -66.54 21.56 58.57
N ALA H 413 -67.76 21.19 58.93
CA ALA H 413 -68.75 22.16 59.40
C ALA H 413 -68.21 23.04 60.52
N LEU H 414 -67.44 22.47 61.45
CA LEU H 414 -66.91 23.24 62.56
C LEU H 414 -65.55 23.84 62.25
N MET H 415 -64.64 23.06 61.65
CA MET H 415 -63.33 23.58 61.29
C MET H 415 -63.44 24.80 60.38
N GLN H 416 -64.36 24.75 59.42
CA GLN H 416 -64.53 25.87 58.50
C GLN H 416 -65.22 27.04 59.17
N ALA H 417 -66.20 26.76 60.05
CA ALA H 417 -66.79 27.82 60.86
C ALA H 417 -65.73 28.59 61.64
N LEU H 418 -64.79 27.89 62.27
CA LEU H 418 -63.72 28.56 63.01
C LEU H 418 -62.81 29.36 62.09
N ARG H 419 -62.52 28.85 60.89
CA ARG H 419 -61.67 29.60 59.99
C ARG H 419 -62.36 30.87 59.53
N LEU H 420 -63.69 30.82 59.41
CA LEU H 420 -64.47 31.97 59.01
C LEU H 420 -64.30 33.14 59.97
N TYR H 421 -63.94 32.86 61.23
CA TYR H 421 -63.75 33.89 62.25
C TYR H 421 -62.32 33.95 62.79
N GLY H 422 -61.36 33.32 62.11
CA GLY H 422 -59.98 33.41 62.54
C GLY H 422 -59.38 34.77 62.21
N HIS H 423 -58.26 35.09 62.88
CA HIS H 423 -57.74 36.45 62.72
C HIS H 423 -57.08 36.65 61.37
N ASP H 424 -56.45 35.60 60.82
CA ASP H 424 -55.80 35.82 59.52
C ASP H 424 -56.81 35.92 58.39
N VAL H 425 -58.06 35.51 58.62
CA VAL H 425 -59.11 35.76 57.64
C VAL H 425 -59.66 37.17 57.78
N ILE H 426 -59.66 37.69 59.00
CA ILE H 426 -60.21 39.01 59.27
C ILE H 426 -59.22 40.11 58.92
N ASP H 427 -57.93 39.82 59.02
CA ASP H 427 -56.87 40.81 58.87
C ASP H 427 -56.39 40.93 57.43
N ASP I 12 -67.86 -19.52 81.39
CA ASP I 12 -67.43 -19.79 80.03
C ASP I 12 -66.47 -20.98 79.98
N GLY I 13 -65.57 -21.05 80.96
CA GLY I 13 -64.60 -22.12 81.03
C GLY I 13 -63.31 -21.82 80.30
N LEU I 14 -63.31 -20.76 79.51
CA LEU I 14 -62.13 -20.35 78.76
C LEU I 14 -61.00 -19.90 79.68
N TRP I 15 -61.32 -19.13 80.72
CA TRP I 15 -60.28 -18.68 81.64
C TRP I 15 -59.65 -19.87 82.36
N ALA I 16 -60.45 -20.86 82.76
CA ALA I 16 -59.90 -22.02 83.44
C ALA I 16 -59.04 -22.84 82.48
N ALA I 17 -59.52 -23.06 81.26
CA ALA I 17 -58.76 -23.84 80.29
C ALA I 17 -57.45 -23.16 79.93
N LEU I 18 -57.47 -21.84 79.81
CA LEU I 18 -56.24 -21.08 79.61
C LEU I 18 -55.30 -21.24 80.81
N THR I 19 -55.84 -21.11 82.02
CA THR I 19 -55.03 -21.32 83.22
C THR I 19 -54.37 -22.69 83.22
N GLU I 20 -55.09 -23.73 82.76
CA GLU I 20 -54.48 -25.06 82.67
C GLU I 20 -53.36 -25.08 81.65
N ALA I 21 -53.64 -24.57 80.44
CA ALA I 21 -52.67 -24.60 79.35
C ALA I 21 -51.40 -23.85 79.71
N ALA I 22 -51.53 -22.72 80.41
CA ALA I 22 -50.35 -21.99 80.86
C ALA I 22 -49.60 -22.77 81.93
N ALA I 23 -50.33 -23.49 82.80
CA ALA I 23 -49.67 -24.33 83.80
C ALA I 23 -48.85 -25.44 83.18
N SER I 24 -49.38 -26.11 82.14
CA SER I 24 -48.59 -27.13 81.47
C SER I 24 -47.34 -26.52 80.85
N VAL I 25 -47.43 -25.27 80.38
CA VAL I 25 -46.25 -24.60 79.85
C VAL I 25 -45.20 -24.38 80.94
N GLU I 26 -45.61 -23.83 82.10
CA GLU I 26 -44.62 -23.52 83.13
C GLU I 26 -43.92 -24.78 83.62
N LYS I 27 -44.66 -25.87 83.84
CA LYS I 27 -44.04 -27.11 84.26
C LYS I 27 -43.02 -27.63 83.23
N LEU I 28 -43.41 -27.73 81.96
CA LEU I 28 -42.46 -28.19 80.95
C LEU I 28 -41.23 -27.29 80.91
N LEU I 29 -41.42 -25.98 81.05
CA LEU I 29 -40.26 -25.11 81.09
C LEU I 29 -39.45 -25.32 82.37
N ALA I 30 -40.11 -25.68 83.47
CA ALA I 30 -39.39 -25.95 84.70
C ALA I 30 -38.62 -27.26 84.64
N THR I 31 -39.17 -28.29 84.00
CA THR I 31 -38.57 -29.63 84.02
C THR I 31 -37.74 -29.98 82.80
N LEU I 32 -37.84 -29.25 81.72
CA LEU I 32 -37.11 -29.60 80.52
C LEU I 32 -35.72 -28.99 80.54
N PRO I 33 -34.80 -29.49 79.71
CA PRO I 33 -33.50 -28.83 79.59
C PRO I 33 -33.65 -27.44 78.98
N GLU I 34 -32.57 -26.66 79.09
CA GLU I 34 -32.56 -25.34 78.47
C GLU I 34 -32.71 -25.48 76.96
N HIS I 35 -33.14 -24.38 76.35
CA HIS I 35 -33.28 -24.34 74.90
C HIS I 35 -31.94 -24.67 74.25
N GLY I 36 -31.99 -25.48 73.19
CA GLY I 36 -30.79 -25.91 72.49
C GLY I 36 -30.14 -27.14 73.10
N ALA I 37 -30.57 -27.58 74.26
CA ALA I 37 -30.17 -28.85 74.85
C ALA I 37 -31.33 -29.82 74.83
N ARG I 38 -32.46 -29.38 74.30
CA ARG I 38 -33.67 -30.16 74.21
C ARG I 38 -33.60 -31.12 73.03
N SER I 39 -34.21 -32.28 73.20
CA SER I 39 -34.28 -33.27 72.14
C SER I 39 -35.41 -32.93 71.18
N SER I 40 -35.46 -33.66 70.07
CA SER I 40 -36.51 -33.49 69.08
C SER I 40 -37.89 -33.69 69.71
N ALA I 41 -38.07 -34.78 70.46
CA ALA I 41 -39.35 -35.02 71.12
C ALA I 41 -39.69 -33.91 72.09
N GLU I 42 -38.70 -33.43 72.84
CA GLU I 42 -38.93 -32.36 73.80
C GLU I 42 -39.31 -31.05 73.11
N ARG I 43 -38.67 -30.72 71.98
CA ARG I 43 -38.99 -29.46 71.31
C ARG I 43 -40.41 -29.47 70.77
N ALA I 44 -40.88 -30.61 70.26
CA ALA I 44 -42.25 -30.70 69.76
C ALA I 44 -43.26 -30.58 70.89
N GLU I 45 -42.93 -31.09 72.08
CA GLU I 45 -43.87 -31.07 73.18
C GLU I 45 -44.11 -29.65 73.70
N ILE I 46 -43.03 -28.88 73.90
CA ILE I 46 -43.19 -27.50 74.35
C ILE I 46 -43.86 -26.65 73.27
N ALA I 47 -43.45 -26.83 72.01
CA ALA I 47 -44.11 -26.14 70.91
C ALA I 47 -45.61 -26.38 70.91
N ALA I 48 -46.02 -27.62 71.15
CA ALA I 48 -47.45 -27.93 71.22
C ALA I 48 -48.10 -27.26 72.42
N ALA I 49 -47.40 -27.20 73.55
CA ALA I 49 -47.98 -26.59 74.75
C ALA I 49 -48.17 -25.09 74.55
N HIS I 50 -47.14 -24.40 74.04
CA HIS I 50 -47.27 -23.00 73.66
C HIS I 50 -48.46 -22.77 72.74
N ASP I 51 -48.59 -23.61 71.71
CA ASP I 51 -49.67 -23.44 70.73
C ASP I 51 -51.05 -23.57 71.37
N ALA I 52 -51.21 -24.54 72.28
CA ALA I 52 -52.51 -24.70 72.91
C ALA I 52 -52.83 -23.52 73.82
N ALA I 53 -51.83 -23.00 74.54
CA ALA I 53 -52.06 -21.84 75.40
C ALA I 53 -52.39 -20.59 74.59
N ARG I 54 -51.64 -20.36 73.51
CA ARG I 54 -51.86 -19.16 72.69
C ARG I 54 -53.22 -19.21 71.99
N ALA I 55 -53.61 -20.38 71.48
CA ALA I 55 -54.95 -20.53 70.92
C ALA I 55 -56.03 -20.17 71.93
N LEU I 56 -55.83 -20.54 73.19
CA LEU I 56 -56.80 -20.20 74.22
C LEU I 56 -56.73 -18.72 74.61
N ARG I 57 -55.54 -18.12 74.57
CA ARG I 57 -55.45 -16.67 74.76
C ARG I 57 -56.30 -15.93 73.73
N VAL I 58 -56.26 -16.37 72.48
CA VAL I 58 -57.10 -15.76 71.45
C VAL I 58 -58.58 -15.96 71.73
N ARG I 59 -58.96 -17.20 72.06
CA ARG I 59 -60.38 -17.50 72.25
C ARG I 59 -60.95 -16.83 73.49
N PHE I 60 -60.19 -16.83 74.59
CA PHE I 60 -60.61 -16.08 75.77
C PHE I 60 -60.92 -14.64 75.43
N LEU I 61 -60.00 -13.97 74.74
CA LEU I 61 -60.12 -12.54 74.47
C LEU I 61 -61.13 -12.20 73.38
N ASP I 62 -61.44 -13.15 72.47
CA ASP I 62 -62.47 -12.88 71.49
C ASP I 62 -63.79 -12.51 72.15
N THR I 63 -64.11 -13.11 73.29
CA THR I 63 -65.33 -12.78 73.99
C THR I 63 -65.12 -11.92 75.24
N HIS I 64 -63.95 -11.93 75.86
CA HIS I 64 -63.74 -11.23 77.12
C HIS I 64 -62.82 -10.01 77.06
N ALA I 65 -62.39 -9.56 75.88
CA ALA I 65 -61.42 -8.47 75.83
C ALA I 65 -61.93 -7.21 76.53
N ASP I 66 -63.16 -6.78 76.20
CA ASP I 66 -63.71 -5.58 76.82
C ASP I 66 -63.79 -5.69 78.34
N ALA I 67 -64.20 -6.85 78.85
CA ALA I 67 -64.29 -7.01 80.30
C ALA I 67 -62.90 -6.94 80.93
N VAL I 68 -61.90 -7.53 80.27
CA VAL I 68 -60.53 -7.43 80.76
C VAL I 68 -60.05 -5.98 80.76
N TYR I 69 -60.23 -5.29 79.64
CA TYR I 69 -59.79 -3.90 79.54
C TYR I 69 -60.50 -3.04 80.57
N ASP I 70 -61.80 -3.28 80.78
CA ASP I 70 -62.55 -2.53 81.79
C ASP I 70 -62.00 -2.71 83.19
N ARG I 71 -61.62 -3.94 83.58
CA ARG I 71 -60.98 -4.10 84.89
C ARG I 71 -59.69 -3.31 84.99
N LEU I 72 -58.91 -3.26 83.92
CA LEU I 72 -57.61 -2.62 83.99
C LEU I 72 -57.72 -1.09 83.94
N THR I 73 -58.75 -0.57 83.30
CA THR I 73 -58.87 0.87 83.11
C THR I 73 -60.07 1.48 83.85
N ASP I 74 -60.67 0.73 84.77
CA ASP I 74 -61.82 1.22 85.53
C ASP I 74 -62.91 1.72 84.58
N HIS I 75 -63.32 0.81 83.70
CA HIS I 75 -64.29 1.08 82.64
C HIS I 75 -63.92 2.31 81.81
N ARG I 76 -62.70 2.30 81.27
CA ARG I 76 -62.26 3.32 80.31
C ARG I 76 -62.29 4.73 80.90
N ARG I 77 -62.01 4.84 82.20
CA ARG I 77 -61.88 6.13 82.83
C ARG I 77 -60.46 6.45 83.27
N VAL I 78 -59.54 5.49 83.15
CA VAL I 78 -58.11 5.72 83.36
C VAL I 78 -57.38 5.39 82.08
N HIS I 79 -56.64 6.37 81.55
CA HIS I 79 -55.79 6.17 80.37
C HIS I 79 -54.48 5.52 80.79
N LEU I 80 -54.25 4.28 80.35
CA LEU I 80 -52.96 3.61 80.54
C LEU I 80 -52.21 3.47 79.23
N ARG I 81 -50.94 3.85 79.23
CA ARG I 81 -50.03 3.58 78.12
C ARG I 81 -49.74 2.08 77.99
N LEU I 82 -49.09 1.73 76.88
CA LEU I 82 -48.85 0.32 76.53
C LEU I 82 -48.10 -0.41 77.63
N ALA I 83 -46.95 0.14 78.06
CA ALA I 83 -46.13 -0.51 79.07
C ALA I 83 -46.93 -0.76 80.35
N GLU I 84 -47.65 0.25 80.82
CA GLU I 84 -48.44 0.08 82.03
C GLU I 84 -49.59 -0.90 81.82
N LEU I 85 -50.22 -0.86 80.63
CA LEU I 85 -51.35 -1.74 80.36
C LEU I 85 -50.96 -3.22 80.42
N VAL I 86 -49.88 -3.61 79.73
CA VAL I 86 -49.52 -5.02 79.69
C VAL I 86 -48.97 -5.48 81.02
N GLU I 87 -48.33 -4.59 81.78
CA GLU I 87 -47.89 -4.94 83.13
C GLU I 87 -49.09 -5.23 84.02
N ALA I 88 -50.05 -4.30 84.05
CA ALA I 88 -51.26 -4.50 84.86
C ALA I 88 -52.04 -5.72 84.42
N ALA I 89 -52.07 -6.01 83.12
CA ALA I 89 -52.75 -7.20 82.63
C ALA I 89 -52.10 -8.48 83.16
N ALA I 90 -50.76 -8.50 83.24
CA ALA I 90 -50.07 -9.68 83.74
C ALA I 90 -50.39 -9.94 85.21
N THR I 91 -50.45 -8.88 86.02
CA THR I 91 -50.74 -9.04 87.44
C THR I 91 -52.21 -9.42 87.67
N ALA I 92 -53.13 -8.75 86.99
CA ALA I 92 -54.55 -8.99 87.19
C ALA I 92 -55.02 -10.30 86.56
N PHE I 93 -54.34 -10.77 85.52
CA PHE I 93 -54.72 -11.98 84.79
C PHE I 93 -53.49 -12.84 84.55
N PRO I 94 -52.98 -13.51 85.59
CA PRO I 94 -51.78 -14.34 85.42
C PRO I 94 -51.95 -15.35 84.29
N GLY I 95 -50.89 -15.49 83.48
CA GLY I 95 -50.89 -16.38 82.35
C GLY I 95 -51.44 -15.80 81.06
N LEU I 96 -52.16 -14.68 81.11
CA LEU I 96 -52.63 -14.03 79.90
C LEU I 96 -51.48 -13.39 79.14
N VAL I 97 -50.63 -12.65 79.85
CA VAL I 97 -49.44 -12.02 79.27
C VAL I 97 -48.31 -12.16 80.25
N PRO I 98 -47.06 -12.16 79.79
CA PRO I 98 -45.93 -12.39 80.69
C PRO I 98 -45.73 -11.29 81.73
N THR I 99 -45.21 -11.69 82.88
CA THR I 99 -44.84 -10.75 83.92
C THR I 99 -43.55 -10.02 83.57
N GLN I 100 -43.29 -8.93 84.28
CA GLN I 100 -42.01 -8.25 84.15
C GLN I 100 -40.85 -9.21 84.35
N GLN I 101 -41.01 -10.17 85.27
CA GLN I 101 -39.96 -11.14 85.54
C GLN I 101 -39.69 -12.02 84.33
N GLN I 102 -40.74 -12.66 83.80
CA GLN I 102 -40.58 -13.55 82.65
C GLN I 102 -39.97 -12.82 81.47
N LEU I 103 -40.35 -11.56 81.26
CA LEU I 103 -39.75 -10.76 80.21
C LEU I 103 -38.27 -10.49 80.47
N ALA I 104 -37.91 -10.19 81.72
CA ALA I 104 -36.51 -10.05 82.10
C ALA I 104 -35.70 -11.28 81.70
N VAL I 105 -36.25 -12.47 81.94
CA VAL I 105 -35.55 -13.69 81.55
C VAL I 105 -35.43 -13.78 80.03
N GLU I 106 -36.52 -13.50 79.32
CA GLU I 106 -36.49 -13.52 77.86
C GLU I 106 -35.44 -12.55 77.31
N ARG I 107 -35.36 -11.35 77.88
CA ARG I 107 -34.40 -10.36 77.38
C ARG I 107 -32.95 -10.85 77.49
N SER I 108 -32.68 -11.74 78.45
CA SER I 108 -31.35 -12.32 78.70
C SER I 108 -30.85 -13.17 77.57
N LEU I 109 -31.75 -13.65 76.76
CA LEU I 109 -31.48 -14.66 75.77
C LEU I 109 -31.31 -14.02 74.41
N PRO I 110 -30.70 -14.75 73.48
CA PRO I 110 -30.34 -14.15 72.19
C PRO I 110 -31.52 -13.84 71.25
N GLN I 111 -32.63 -14.58 71.32
CA GLN I 111 -33.84 -14.52 70.46
C GLN I 111 -34.13 -15.93 69.98
N ALA I 112 -33.09 -16.63 69.51
CA ALA I 112 -33.24 -18.01 69.07
C ALA I 112 -33.65 -18.90 70.22
N ALA I 113 -33.23 -18.54 71.43
CA ALA I 113 -33.47 -19.32 72.63
C ALA I 113 -34.72 -18.88 73.37
N LYS I 114 -35.38 -17.81 72.91
CA LYS I 114 -36.57 -17.31 73.59
C LYS I 114 -37.77 -18.23 73.40
N GLU I 115 -38.61 -18.28 74.43
CA GLU I 115 -39.85 -19.04 74.36
C GLU I 115 -40.94 -18.32 73.57
N GLY I 116 -40.79 -17.01 73.38
CA GLY I 116 -41.73 -16.24 72.58
C GLY I 116 -42.87 -15.64 73.35
N HIS I 117 -42.67 -15.28 74.63
CA HIS I 117 -43.75 -14.77 75.46
C HIS I 117 -44.32 -13.45 74.94
N GLU I 118 -43.50 -12.63 74.27
CA GLU I 118 -44.00 -11.41 73.64
C GLU I 118 -45.19 -11.67 72.72
N ILE I 119 -45.26 -12.86 72.10
CA ILE I 119 -46.40 -13.21 71.27
C ILE I 119 -47.70 -13.10 72.06
N ASP I 120 -47.67 -13.46 73.34
CA ASP I 120 -48.86 -13.32 74.15
C ASP I 120 -49.30 -11.87 74.27
N GLN I 121 -48.34 -10.94 74.31
CA GLN I 121 -48.68 -9.52 74.27
C GLN I 121 -49.25 -9.12 72.92
N GLY I 122 -48.72 -9.70 71.84
CA GLY I 122 -49.32 -9.50 70.53
C GLY I 122 -50.78 -9.93 70.49
N ILE I 123 -51.09 -11.07 71.10
CA ILE I 123 -52.46 -11.57 71.12
C ILE I 123 -53.34 -10.59 71.89
N PHE I 124 -52.83 -10.09 73.01
CA PHE I 124 -53.59 -9.20 73.88
C PHE I 124 -53.87 -7.86 73.18
N LEU I 125 -52.82 -7.21 72.67
CA LEU I 125 -53.00 -5.91 72.04
C LEU I 125 -53.85 -6.00 70.78
N ARG I 126 -53.78 -7.13 70.06
CA ARG I 126 -54.68 -7.31 68.92
C ARG I 126 -56.13 -7.29 69.36
N ALA I 127 -56.45 -8.04 70.42
CA ALA I 127 -57.83 -8.10 70.89
C ALA I 127 -58.30 -6.75 71.43
N VAL I 128 -57.42 -6.03 72.13
CA VAL I 128 -57.80 -4.73 72.66
C VAL I 128 -58.09 -3.76 71.51
N LEU I 129 -57.16 -3.65 70.56
CA LEU I 129 -57.33 -2.70 69.46
C LEU I 129 -58.51 -3.05 68.56
N ARG I 130 -58.83 -4.34 68.43
CA ARG I 130 -60.01 -4.71 67.64
C ARG I 130 -61.30 -4.20 68.26
N SER I 131 -61.35 -4.03 69.58
CA SER I 131 -62.57 -3.55 70.23
C SER I 131 -62.90 -2.12 69.83
N PRO I 132 -64.14 -1.83 69.40
CA PRO I 132 -64.53 -0.44 69.10
C PRO I 132 -64.60 0.44 70.33
N LEU I 133 -64.56 -0.13 71.53
CA LEU I 133 -64.56 0.63 72.77
C LEU I 133 -63.16 0.76 73.37
N ALA I 134 -62.47 -0.37 73.52
CA ALA I 134 -61.14 -0.35 74.12
C ALA I 134 -60.09 0.23 73.17
N GLY I 135 -60.18 -0.10 71.88
CA GLY I 135 -59.21 0.32 70.90
C GLY I 135 -58.98 1.81 70.83
N PRO I 136 -60.03 2.60 70.55
CA PRO I 136 -59.85 4.06 70.51
C PRO I 136 -59.37 4.64 71.82
N HIS I 137 -59.71 4.00 72.94
CA HIS I 137 -59.33 4.53 74.24
C HIS I 137 -57.85 4.32 74.50
N LEU I 138 -57.34 3.13 74.17
CA LEU I 138 -55.89 2.91 74.23
C LEU I 138 -55.13 3.84 73.31
N LEU I 139 -55.65 4.09 72.10
CA LEU I 139 -54.96 4.97 71.18
C LEU I 139 -54.92 6.40 71.69
N ASP I 140 -55.99 6.84 72.35
CA ASP I 140 -55.96 8.16 72.99
C ASP I 140 -54.93 8.21 74.10
N ALA I 141 -54.87 7.17 74.92
CA ALA I 141 -53.90 7.13 76.00
C ALA I 141 -52.48 7.31 75.49
N MET I 142 -52.17 6.71 74.34
CA MET I 142 -50.84 6.84 73.77
C MET I 142 -50.59 8.19 73.12
N LEU I 143 -51.64 8.94 72.79
CA LEU I 143 -51.46 10.31 72.31
C LEU I 143 -51.26 11.32 73.43
N ARG I 144 -51.51 10.95 74.68
CA ARG I 144 -51.27 11.86 75.79
C ARG I 144 -49.78 12.10 75.99
N PRO I 145 -49.40 13.26 76.52
CA PRO I 145 -47.98 13.54 76.73
C PRO I 145 -47.31 12.53 77.66
N THR I 146 -46.05 12.24 77.38
CA THR I 146 -45.30 11.39 78.28
C THR I 146 -44.96 12.15 79.56
N PRO I 147 -44.89 11.45 80.69
CA PRO I 147 -44.44 12.11 81.93
C PRO I 147 -43.09 12.79 81.81
N ARG I 148 -42.13 12.15 81.13
CA ARG I 148 -40.83 12.75 80.92
C ARG I 148 -40.93 14.14 80.27
N ALA I 149 -41.80 14.27 79.27
CA ALA I 149 -41.93 15.54 78.57
C ALA I 149 -42.56 16.61 79.43
N LEU I 150 -43.58 16.24 80.22
CA LEU I 150 -44.17 17.18 81.17
C LEU I 150 -43.14 17.66 82.16
N GLU I 151 -42.23 16.76 82.53
CA GLU I 151 -41.18 17.03 83.50
C GLU I 151 -40.15 18.01 82.95
N LEU I 152 -39.77 17.85 81.67
CA LEU I 152 -38.79 18.70 81.01
C LEU I 152 -39.37 19.97 80.41
N LEU I 153 -40.70 20.11 80.33
CA LEU I 153 -41.28 21.23 79.59
C LEU I 153 -40.89 22.60 80.13
N PRO I 154 -41.00 22.89 81.44
CA PRO I 154 -40.63 24.24 81.90
C PRO I 154 -39.21 24.66 81.57
N GLU I 155 -38.23 23.78 81.75
CA GLU I 155 -36.86 24.13 81.39
C GLU I 155 -36.71 24.31 79.89
N PHE I 156 -37.45 23.53 79.09
CA PHE I 156 -37.41 23.73 77.65
C PHE I 156 -37.99 25.08 77.25
N VAL I 157 -39.10 25.48 77.89
CA VAL I 157 -39.68 26.78 77.61
C VAL I 157 -38.71 27.90 77.98
N ARG I 158 -38.03 27.77 79.12
CA ARG I 158 -37.06 28.78 79.54
C ARG I 158 -35.84 28.79 78.64
N THR I 159 -35.29 27.61 78.35
CA THR I 159 -33.96 27.47 77.77
C THR I 159 -33.97 27.33 76.25
N GLY I 160 -35.06 26.82 75.68
CA GLY I 160 -35.10 26.54 74.25
C GLY I 160 -34.22 25.41 73.76
N GLU I 161 -33.78 24.51 74.64
CA GLU I 161 -32.72 23.56 74.28
C GLU I 161 -32.76 22.37 75.23
N VAL I 162 -32.69 21.17 74.67
CA VAL I 162 -32.63 19.93 75.45
C VAL I 162 -31.72 18.97 74.71
N GLU I 163 -30.79 18.36 75.45
CA GLU I 163 -29.89 17.35 74.91
C GLU I 163 -30.30 16.00 75.47
N MET I 164 -30.56 15.05 74.58
CA MET I 164 -30.91 13.69 74.94
C MET I 164 -29.94 12.76 74.24
N GLU I 165 -29.99 11.47 74.58
CA GLU I 165 -28.99 10.54 74.05
C GLU I 165 -29.06 10.47 72.53
N ALA I 166 -30.27 10.34 71.97
CA ALA I 166 -30.43 10.16 70.54
C ALA I 166 -31.03 11.35 69.80
N VAL I 167 -31.48 12.39 70.50
CA VAL I 167 -32.10 13.54 69.86
C VAL I 167 -31.62 14.82 70.53
N HIS I 168 -31.26 15.81 69.72
CA HIS I 168 -31.00 17.17 70.19
C HIS I 168 -32.17 18.04 69.77
N LEU I 169 -32.80 18.71 70.74
CA LEU I 169 -33.96 19.56 70.49
C LEU I 169 -33.62 21.02 70.75
N GLU I 170 -33.98 21.89 69.80
CA GLU I 170 -33.76 23.32 69.90
C GLU I 170 -34.97 24.07 69.35
N ARG I 171 -35.47 25.04 70.11
CA ARG I 171 -36.42 26.01 69.59
C ARG I 171 -35.68 27.20 69.01
N ARG I 172 -36.03 27.57 67.79
CA ARG I 172 -35.37 28.69 67.12
C ARG I 172 -36.29 29.24 66.04
N ASP I 173 -36.61 30.54 66.14
CA ASP I 173 -37.53 31.20 65.21
C ASP I 173 -38.87 30.48 65.09
N GLY I 174 -39.40 30.05 66.23
CA GLY I 174 -40.65 29.32 66.26
C GLY I 174 -40.61 27.95 65.63
N VAL I 175 -39.42 27.38 65.44
CA VAL I 175 -39.24 26.05 64.89
C VAL I 175 -38.69 25.16 65.99
N ALA I 176 -39.29 23.98 66.15
CA ALA I 176 -38.71 22.92 66.97
C ALA I 176 -37.81 22.10 66.07
N ARG I 177 -36.50 22.22 66.28
CA ARG I 177 -35.50 21.54 65.46
C ARG I 177 -35.05 20.26 66.15
N LEU I 178 -35.56 19.14 65.66
CA LEU I 178 -35.14 17.83 66.14
C LEU I 178 -34.01 17.33 65.27
N THR I 179 -32.85 17.11 65.87
CA THR I 179 -31.69 16.59 65.20
C THR I 179 -31.40 15.21 65.77
N MET I 180 -31.50 14.18 64.93
CA MET I 180 -31.18 12.83 65.35
C MET I 180 -29.66 12.69 65.34
N CYS I 181 -29.07 12.40 66.50
CA CYS I 181 -27.65 12.64 66.70
C CYS I 181 -26.91 11.44 67.26
N ARG I 182 -27.20 10.25 66.72
CA ARG I 182 -26.41 9.06 67.04
C ARG I 182 -25.31 8.93 66.00
N ASP I 183 -24.26 9.73 66.20
CA ASP I 183 -23.20 9.88 65.21
C ASP I 183 -22.38 8.61 65.00
N ASP I 184 -22.38 7.68 65.96
CA ASP I 184 -21.61 6.45 65.79
C ASP I 184 -22.30 5.39 64.95
N ARG I 185 -23.63 5.44 64.81
CA ARG I 185 -24.34 4.31 64.21
C ARG I 185 -25.41 4.74 63.21
N LEU I 186 -25.24 5.91 62.59
CA LEU I 186 -26.12 6.38 61.51
C LEU I 186 -27.59 6.43 61.96
N ASN I 187 -27.82 6.91 63.18
CA ASN I 187 -29.17 7.08 63.75
C ASN I 187 -30.00 5.79 63.69
N ALA I 188 -29.36 4.64 63.84
CA ALA I 188 -30.08 3.39 63.98
C ALA I 188 -31.01 3.45 65.18
N GLU I 189 -32.20 2.86 65.04
CA GLU I 189 -33.26 3.01 66.04
C GLU I 189 -33.17 1.94 67.11
N ASP I 190 -33.45 2.34 68.36
CA ASP I 190 -33.54 1.41 69.47
C ASP I 190 -34.59 1.96 70.44
N GLY I 191 -34.75 1.27 71.57
CA GLY I 191 -35.75 1.69 72.53
C GLY I 191 -35.50 3.09 73.08
N GLN I 192 -34.23 3.47 73.20
CA GLN I 192 -33.91 4.81 73.72
C GLN I 192 -34.27 5.89 72.72
N GLN I 193 -34.03 5.64 71.42
CA GLN I 193 -34.36 6.62 70.40
C GLN I 193 -35.86 6.89 70.36
N VAL I 194 -36.67 5.84 70.55
CA VAL I 194 -38.12 6.01 70.59
C VAL I 194 -38.52 6.89 71.77
N ASP I 195 -37.92 6.65 72.94
CA ASP I 195 -38.23 7.47 74.11
C ASP I 195 -37.80 8.92 73.89
N ASP I 196 -36.62 9.13 73.31
CA ASP I 196 -36.15 10.50 73.05
C ASP I 196 -37.01 11.18 71.98
N MET I 197 -37.37 10.45 70.93
CA MET I 197 -38.19 11.04 69.87
C MET I 197 -39.57 11.43 70.39
N GLU I 198 -40.23 10.53 71.15
CA GLU I 198 -41.55 10.87 71.67
C GLU I 198 -41.47 12.05 72.63
N THR I 199 -40.42 12.07 73.46
CA THR I 199 -40.25 13.18 74.39
C THR I 199 -40.08 14.49 73.63
N ALA I 200 -39.25 14.47 72.58
CA ALA I 200 -39.01 15.68 71.79
C ALA I 200 -40.27 16.11 71.03
N VAL I 201 -41.01 15.15 70.47
CA VAL I 201 -42.24 15.49 69.76
C VAL I 201 -43.25 16.09 70.73
N ASP I 202 -43.34 15.53 71.94
CA ASP I 202 -44.23 16.08 72.95
C ASP I 202 -43.89 17.52 73.29
N LEU I 203 -42.59 17.80 73.49
CA LEU I 203 -42.17 19.15 73.85
C LEU I 203 -42.42 20.12 72.71
N ALA I 204 -42.22 19.68 71.47
CA ALA I 204 -42.45 20.55 70.32
C ALA I 204 -43.92 20.95 70.26
N LEU I 205 -44.83 20.01 70.54
CA LEU I 205 -46.25 20.27 70.43
C LEU I 205 -46.78 21.08 71.61
N LEU I 206 -46.25 20.85 72.82
CA LEU I 206 -46.73 21.58 73.98
C LEU I 206 -46.12 22.96 74.15
N ASP I 207 -44.97 23.24 73.53
CA ASP I 207 -44.31 24.53 73.66
C ASP I 207 -45.06 25.57 72.84
N PRO I 208 -45.67 26.58 73.47
CA PRO I 208 -46.44 27.57 72.70
C PRO I 208 -45.58 28.46 71.82
N GLY I 209 -44.27 28.49 72.02
CA GLY I 209 -43.38 29.22 71.14
C GLY I 209 -42.92 28.43 69.94
N VAL I 210 -43.47 27.23 69.74
CA VAL I 210 -43.13 26.38 68.60
C VAL I 210 -44.33 26.39 67.65
N ARG I 211 -44.07 26.74 66.39
CA ARG I 211 -45.09 26.78 65.36
C ARG I 211 -44.95 25.66 64.34
N VAL I 212 -43.72 25.25 64.04
CA VAL I 212 -43.43 24.21 63.06
C VAL I 212 -42.34 23.32 63.63
N GLY I 213 -42.39 22.04 63.28
CA GLY I 213 -41.36 21.08 63.65
C GLY I 213 -40.47 20.74 62.48
N LEU I 214 -39.24 20.35 62.78
CA LEU I 214 -38.26 19.98 61.78
C LEU I 214 -37.52 18.73 62.27
N LEU I 215 -37.46 17.70 61.43
CA LEU I 215 -36.71 16.50 61.74
C LEU I 215 -35.59 16.35 60.74
N ARG I 216 -34.36 16.18 61.24
CA ARG I 216 -33.18 16.07 60.39
C ARG I 216 -32.13 15.24 61.11
N GLY I 217 -31.27 14.59 60.35
CA GLY I 217 -30.15 13.87 60.91
C GLY I 217 -28.95 14.79 61.10
N GLY I 218 -28.20 14.53 62.19
CA GLY I 218 -27.03 15.30 62.51
C GLY I 218 -25.78 14.81 61.80
N VAL I 219 -24.70 15.57 61.98
CA VAL I 219 -23.41 15.16 61.44
C VAL I 219 -22.96 13.85 62.09
N MET I 220 -22.47 12.93 61.26
CA MET I 220 -21.99 11.64 61.70
C MET I 220 -20.49 11.68 62.01
N SER I 221 -20.06 10.79 62.90
CA SER I 221 -18.66 10.67 63.28
C SER I 221 -17.99 9.38 62.81
N HIS I 222 -18.78 8.32 62.59
CA HIS I 222 -18.26 7.09 62.00
C HIS I 222 -17.43 7.41 60.75
N PRO I 223 -16.29 6.74 60.57
CA PRO I 223 -15.29 7.21 59.57
C PRO I 223 -15.77 7.24 58.12
N ARG I 224 -16.61 6.32 57.70
CA ARG I 224 -17.14 6.37 56.34
C ARG I 224 -18.04 7.57 56.07
N TYR I 225 -18.56 8.21 57.11
CA TYR I 225 -19.49 9.32 56.94
C TYR I 225 -19.08 10.55 57.75
N ARG I 226 -17.81 10.66 58.10
CA ARG I 226 -17.39 11.75 58.97
C ARG I 226 -17.59 13.09 58.29
N GLY I 227 -18.28 14.01 58.99
CA GLY I 227 -18.63 15.30 58.47
C GLY I 227 -19.93 15.36 57.70
N LYS I 228 -20.55 14.21 57.47
CA LYS I 228 -21.74 14.10 56.64
C LYS I 228 -22.96 13.83 57.51
N ARG I 229 -24.08 14.49 57.18
CA ARG I 229 -25.35 14.21 57.83
C ARG I 229 -25.97 12.93 57.27
N VAL I 230 -26.63 12.17 58.13
CA VAL I 230 -27.37 10.98 57.72
C VAL I 230 -28.69 10.94 58.49
N PHE I 231 -29.79 10.73 57.75
CA PHE I 231 -31.11 10.76 58.36
C PHE I 231 -31.35 9.52 59.24
N SER I 232 -31.39 8.33 58.63
CA SER I 232 -31.63 7.12 59.40
C SER I 232 -31.28 5.84 58.64
N ALA I 233 -30.58 4.93 59.31
CA ALA I 233 -30.32 3.59 58.80
C ALA I 233 -31.32 2.56 59.30
N GLY I 234 -32.42 2.99 59.91
CA GLY I 234 -33.47 2.07 60.32
C GLY I 234 -33.13 1.30 61.58
N ILE I 235 -33.89 0.23 61.82
CA ILE I 235 -33.78 -0.52 63.06
C ILE I 235 -32.37 -1.04 63.25
N ASN I 236 -31.92 -1.03 64.50
CA ASN I 236 -30.62 -1.56 64.90
C ASN I 236 -30.65 -3.08 64.72
N LEU I 237 -30.01 -3.57 63.66
CA LEU I 237 -30.06 -4.99 63.36
C LEU I 237 -29.27 -5.82 64.37
N LYS I 238 -28.20 -5.25 64.94
CA LYS I 238 -27.50 -5.93 66.01
C LYS I 238 -28.44 -6.20 67.20
N TYR I 239 -29.14 -5.16 67.66
CA TYR I 239 -30.03 -5.31 68.81
C TYR I 239 -31.17 -6.27 68.50
N LEU I 240 -31.67 -6.25 67.25
CA LEU I 240 -32.71 -7.18 66.83
C LEU I 240 -32.23 -8.61 67.00
N SER I 241 -31.04 -8.92 66.48
CA SER I 241 -30.48 -10.25 66.60
C SER I 241 -30.26 -10.66 68.05
N GLN I 242 -29.76 -9.74 68.88
CA GLN I 242 -29.50 -9.98 70.30
C GLN I 242 -30.75 -10.03 71.18
N GLY I 243 -31.92 -9.71 70.66
CA GLY I 243 -33.13 -9.70 71.46
C GLY I 243 -33.40 -8.40 72.20
N GLY I 244 -32.78 -7.30 71.80
CA GLY I 244 -33.01 -5.99 72.36
C GLY I 244 -34.12 -5.16 71.73
N ILE I 245 -34.85 -5.69 70.75
CA ILE I 245 -35.95 -4.97 70.13
C ILE I 245 -37.25 -5.46 70.77
N SER I 246 -37.89 -4.57 71.52
CA SER I 246 -39.10 -4.90 72.27
C SER I 246 -40.33 -4.72 71.40
N LEU I 247 -41.20 -5.73 71.36
CA LEU I 247 -42.48 -5.59 70.67
C LEU I 247 -43.27 -4.40 71.20
N VAL I 248 -43.42 -4.30 72.51
CA VAL I 248 -44.26 -3.27 73.10
C VAL I 248 -43.51 -1.94 73.22
N ASP I 249 -42.33 -1.95 73.83
CA ASP I 249 -41.64 -0.71 74.13
C ASP I 249 -40.94 -0.10 72.92
N PHE I 250 -40.77 -0.83 71.83
CA PHE I 250 -40.22 -0.27 70.60
C PHE I 250 -41.22 -0.30 69.46
N LEU I 251 -41.60 -1.49 68.97
CA LEU I 251 -42.33 -1.56 67.71
C LEU I 251 -43.73 -0.98 67.82
N MET I 252 -44.42 -1.23 68.93
CA MET I 252 -45.76 -0.67 69.07
C MET I 252 -45.71 0.75 69.61
N ARG I 253 -44.81 1.00 70.56
CA ARG I 253 -44.69 2.34 71.15
C ARG I 253 -44.48 3.42 70.10
N ARG I 254 -43.56 3.18 69.16
CA ARG I 254 -43.27 4.20 68.15
C ARG I 254 -44.47 4.45 67.24
N GLU I 255 -45.23 3.41 66.90
CA GLU I 255 -46.36 3.60 65.99
C GLU I 255 -47.52 4.31 66.67
N LEU I 256 -47.82 3.96 67.92
CA LEU I 256 -48.93 4.56 68.63
C LEU I 256 -48.54 5.83 69.37
N GLY I 257 -47.26 6.03 69.63
CA GLY I 257 -46.80 7.23 70.29
C GLY I 257 -46.41 8.33 69.33
N TYR I 258 -45.10 8.52 69.12
CA TYR I 258 -44.63 9.75 68.47
C TYR I 258 -45.04 9.81 67.00
N ILE I 259 -45.09 8.66 66.31
CA ILE I 259 -45.45 8.69 64.90
C ILE I 259 -46.92 9.06 64.75
N HIS I 260 -47.78 8.54 65.64
CA HIS I 260 -49.19 8.89 65.58
C HIS I 260 -49.40 10.33 66.02
N LYS I 261 -48.54 10.82 66.93
CA LYS I 261 -48.61 12.22 67.37
C LYS I 261 -48.23 13.19 66.26
N LEU I 262 -47.32 12.79 65.37
CA LEU I 262 -47.02 13.63 64.21
C LEU I 262 -48.26 13.81 63.35
N VAL I 263 -49.10 12.78 63.26
CA VAL I 263 -50.32 12.88 62.47
C VAL I 263 -51.38 13.68 63.20
N ARG I 264 -51.67 13.28 64.44
CA ARG I 264 -52.88 13.76 65.11
C ARG I 264 -52.62 14.66 66.31
N GLY I 265 -51.36 14.88 66.69
CA GLY I 265 -51.08 15.76 67.81
C GLY I 265 -51.11 15.04 69.15
N VAL I 266 -50.89 15.81 70.22
CA VAL I 266 -50.99 15.30 71.58
C VAL I 266 -52.36 15.64 72.16
N LEU I 267 -52.98 14.63 72.78
CA LEU I 267 -54.24 14.81 73.49
C LEU I 267 -53.97 15.37 74.86
N THR I 268 -54.56 16.53 75.18
CA THR I 268 -54.36 17.15 76.47
C THR I 268 -55.60 16.98 77.35
N ASN I 269 -55.49 17.42 78.59
CA ASN I 269 -56.66 17.56 79.44
C ASN I 269 -57.50 18.75 78.98
N ASP I 270 -58.76 18.75 79.40
CA ASP I 270 -59.64 19.89 79.16
C ASP I 270 -59.19 21.04 80.05
N ASP I 271 -58.09 21.68 79.66
CA ASP I 271 -57.47 22.69 80.52
C ASP I 271 -57.17 23.99 79.78
N ARG I 272 -57.80 24.23 78.64
CA ARG I 272 -57.53 25.46 77.90
C ARG I 272 -58.67 25.80 76.96
N PRO I 273 -58.83 27.08 76.62
CA PRO I 273 -59.93 27.44 75.73
C PRO I 273 -59.78 26.75 74.38
N GLY I 274 -60.92 26.48 73.76
CA GLY I 274 -60.91 25.84 72.46
C GLY I 274 -60.71 24.34 72.48
N TRP I 275 -60.56 23.74 73.66
CA TRP I 275 -60.42 22.29 73.75
C TRP I 275 -61.63 21.58 73.15
N TRP I 276 -62.81 22.18 73.29
CA TRP I 276 -64.02 21.60 72.73
C TRP I 276 -63.92 21.40 71.22
N HIS I 277 -63.14 22.20 70.51
CA HIS I 277 -62.95 21.93 69.09
C HIS I 277 -61.61 21.30 68.76
N SER I 278 -60.59 21.49 69.60
CA SER I 278 -59.25 20.96 69.34
C SER I 278 -58.72 20.32 70.60
N PRO I 279 -59.20 19.12 70.95
CA PRO I 279 -58.66 18.44 72.13
C PRO I 279 -57.20 18.05 71.99
N ARG I 280 -56.67 18.03 70.77
CA ARG I 280 -55.28 17.66 70.52
C ARG I 280 -54.56 18.85 69.93
N ILE I 281 -53.31 19.04 70.32
CA ILE I 281 -52.45 20.07 69.75
C ILE I 281 -51.60 19.42 68.67
N GLU I 282 -51.87 19.77 67.42
CA GLU I 282 -51.07 19.31 66.29
C GLU I 282 -50.37 20.50 65.64
N LYS I 283 -49.23 20.23 65.02
CA LYS I 283 -48.45 21.24 64.30
C LYS I 283 -47.90 20.62 63.03
N PRO I 284 -47.55 21.44 62.04
CA PRO I 284 -46.97 20.89 60.81
C PRO I 284 -45.52 20.47 61.00
N TRP I 285 -45.11 19.47 60.22
CA TRP I 285 -43.76 18.92 60.35
C TRP I 285 -43.04 18.89 59.00
N VAL I 286 -41.77 19.27 59.03
CA VAL I 286 -40.88 19.20 57.89
C VAL I 286 -39.80 18.16 58.19
N ALA I 287 -39.51 17.31 57.20
CA ALA I 287 -38.43 16.36 57.27
C ALA I 287 -37.41 16.67 56.19
N ALA I 288 -36.13 16.61 56.54
CA ALA I 288 -35.03 16.84 55.62
C ALA I 288 -34.14 15.60 55.65
N VAL I 289 -33.97 14.97 54.51
CA VAL I 289 -33.28 13.69 54.42
C VAL I 289 -31.90 13.90 53.83
N ASP I 290 -30.87 13.61 54.62
CA ASP I 290 -29.49 13.56 54.15
C ASP I 290 -29.03 12.11 54.08
N GLY I 291 -28.27 11.80 53.04
CA GLY I 291 -27.73 10.46 52.91
C GLY I 291 -28.75 9.43 52.47
N PHE I 292 -29.62 9.02 53.39
CA PHE I 292 -30.65 8.03 53.08
C PHE I 292 -31.63 7.94 54.23
N ALA I 293 -32.83 7.44 53.92
CA ALA I 293 -33.82 7.04 54.91
C ALA I 293 -34.13 5.57 54.67
N ILE I 294 -33.72 4.71 55.60
CA ILE I 294 -33.88 3.26 55.46
C ILE I 294 -34.78 2.75 56.56
N GLY I 295 -35.69 1.84 56.22
CA GLY I 295 -36.48 1.15 57.21
C GLY I 295 -37.37 2.09 57.99
N GLY I 296 -37.23 2.09 59.32
CA GLY I 296 -38.02 2.96 60.16
C GLY I 296 -37.90 4.42 59.80
N GLY I 297 -36.72 4.84 59.35
CA GLY I 297 -36.53 6.21 58.91
C GLY I 297 -37.41 6.55 57.72
N ALA I 298 -37.45 5.65 56.73
CA ALA I 298 -38.30 5.88 55.55
C ALA I 298 -39.77 5.85 55.93
N GLN I 299 -40.14 4.99 56.87
CA GLN I 299 -41.51 4.97 57.39
C GLN I 299 -41.96 6.34 57.89
N LEU I 300 -41.04 7.10 58.50
CA LEU I 300 -41.40 8.40 59.04
C LEU I 300 -41.83 9.39 57.97
N LEU I 301 -41.25 9.30 56.77
CA LEU I 301 -41.55 10.27 55.70
C LEU I 301 -43.00 10.25 55.27
N LEU I 302 -43.72 9.16 55.52
CA LEU I 302 -45.10 9.01 55.07
C LEU I 302 -46.06 9.79 55.95
N VAL I 303 -45.54 10.58 56.88
CA VAL I 303 -46.35 11.22 57.89
C VAL I 303 -46.08 12.71 58.01
N PHE I 304 -45.14 13.25 57.24
CA PHE I 304 -44.77 14.66 57.30
C PHE I 304 -45.56 15.52 56.32
N ASP I 305 -45.63 16.82 56.62
CA ASP I 305 -46.31 17.79 55.78
C ASP I 305 -45.46 18.28 54.62
N ARG I 306 -44.14 18.23 54.77
CA ARG I 306 -43.22 18.58 53.71
C ARG I 306 -41.98 17.70 53.88
N VAL I 307 -41.44 17.23 52.77
CA VAL I 307 -40.24 16.38 52.80
C VAL I 307 -39.24 16.94 51.81
N LEU I 308 -38.03 17.16 52.28
CA LEU I 308 -36.91 17.59 51.45
C LEU I 308 -35.82 16.54 51.51
N ALA I 309 -35.05 16.43 50.43
CA ALA I 309 -33.98 15.45 50.40
C ALA I 309 -32.83 15.98 49.57
N SER I 310 -31.63 15.56 49.93
CA SER I 310 -30.45 15.84 49.13
C SER I 310 -30.48 15.01 47.85
N SER I 311 -29.90 15.57 46.79
CA SER I 311 -29.83 14.88 45.50
C SER I 311 -29.28 13.46 45.59
N ASP I 312 -28.43 13.16 46.57
CA ASP I 312 -27.76 11.87 46.63
C ASP I 312 -28.45 10.86 47.53
N ALA I 313 -29.62 11.20 48.07
CA ALA I 313 -30.28 10.34 49.04
C ALA I 313 -31.07 9.24 48.34
N TYR I 314 -31.38 8.19 49.10
CA TYR I 314 -32.29 7.14 48.64
C TYR I 314 -33.18 6.71 49.79
N PHE I 315 -34.26 6.00 49.43
CA PHE I 315 -35.27 5.56 50.38
C PHE I 315 -35.54 4.09 50.14
N SER I 316 -35.55 3.30 51.20
CA SER I 316 -35.81 1.88 51.05
C SER I 316 -36.44 1.31 52.31
N LEU I 317 -37.12 0.19 52.13
CA LEU I 317 -37.71 -0.59 53.21
C LEU I 317 -37.21 -2.01 53.01
N PRO I 318 -35.98 -2.31 53.41
CA PRO I 318 -35.46 -3.68 53.38
C PRO I 318 -35.96 -4.57 54.51
N CYS I 319 -36.96 -4.11 55.25
CA CYS I 319 -37.51 -4.81 56.41
C CYS I 319 -37.92 -6.24 56.09
N ALA I 320 -38.66 -6.41 54.99
CA ALA I 320 -39.04 -7.72 54.46
C ALA I 320 -37.86 -8.66 54.31
N LYS I 321 -36.84 -8.25 53.56
CA LYS I 321 -35.65 -9.06 53.31
C LYS I 321 -35.08 -9.49 54.65
N GLU I 322 -35.23 -8.61 55.65
CA GLU I 322 -34.77 -8.78 57.01
C GLU I 322 -35.78 -9.49 57.92
N GLY I 323 -37.02 -9.70 57.45
CA GLY I 323 -38.01 -10.50 58.15
C GLY I 323 -39.17 -9.78 58.84
N ILE I 324 -39.12 -8.47 59.08
CA ILE I 324 -40.12 -7.84 59.96
C ILE I 324 -40.88 -6.63 59.38
N ILE I 325 -42.12 -6.84 58.91
CA ILE I 325 -43.06 -5.82 58.40
C ILE I 325 -42.62 -4.39 58.70
N PRO I 326 -42.57 -3.51 57.74
CA PRO I 326 -42.09 -2.14 58.06
C PRO I 326 -43.13 -1.23 58.72
N GLY I 327 -43.45 -1.51 59.98
CA GLY I 327 -44.36 -0.66 60.71
C GLY I 327 -45.67 -0.43 59.98
N ALA I 328 -46.08 0.83 59.90
CA ALA I 328 -47.31 1.22 59.20
C ALA I 328 -47.07 1.62 57.74
N ALA I 329 -45.88 1.31 57.19
CA ALA I 329 -45.66 1.52 55.77
C ALA I 329 -46.65 0.73 54.92
N ASN I 330 -47.02 -0.48 55.37
CA ASN I 330 -47.99 -1.25 54.62
C ASN I 330 -49.35 -0.59 54.63
N LEU I 331 -49.63 0.21 55.66
CA LEU I 331 -50.87 0.98 55.72
C LEU I 331 -50.83 2.19 54.81
N ARG I 332 -49.72 2.93 54.83
CA ARG I 332 -49.66 4.27 54.28
C ARG I 332 -49.10 4.35 52.86
N LEU I 333 -48.16 3.46 52.51
CA LEU I 333 -47.40 3.62 51.27
C LEU I 333 -48.29 3.56 50.02
N GLY I 334 -49.26 2.64 49.99
CA GLY I 334 -50.15 2.53 48.85
C GLY I 334 -50.78 3.85 48.47
N ARG I 335 -51.08 4.68 49.48
CA ARG I 335 -51.70 5.99 49.28
C ARG I 335 -50.76 6.97 48.58
N PHE I 336 -49.45 6.79 48.78
CA PHE I 336 -48.42 7.62 48.15
C PHE I 336 -48.07 7.12 46.75
N ALA I 337 -47.91 5.80 46.59
CA ALA I 337 -47.27 5.23 45.42
C ALA I 337 -48.11 4.22 44.66
N GLY I 338 -49.30 3.89 45.16
CA GLY I 338 -50.12 2.88 44.52
C GLY I 338 -49.66 1.49 44.86
N PRO I 339 -50.45 0.49 44.50
CA PRO I 339 -50.17 -0.87 44.98
C PRO I 339 -49.05 -1.58 44.24
N ARG I 340 -48.72 -1.18 43.01
CA ARG I 340 -47.58 -1.80 42.32
C ARG I 340 -46.27 -1.39 42.97
N VAL I 341 -46.02 -0.08 43.04
CA VAL I 341 -44.77 0.42 43.60
C VAL I 341 -44.63 0.04 45.06
N SER I 342 -45.74 0.08 45.82
CA SER I 342 -45.64 -0.23 47.25
C SER I 342 -45.24 -1.68 47.49
N ARG I 343 -45.70 -2.60 46.61
CA ARG I 343 -45.20 -3.97 46.69
C ARG I 343 -43.77 -4.09 46.17
N GLN I 344 -43.39 -3.30 45.17
CA GLN I 344 -41.99 -3.32 44.73
C GLN I 344 -41.07 -2.93 45.88
N VAL I 345 -41.46 -1.93 46.65
CA VAL I 345 -40.62 -1.44 47.75
C VAL I 345 -40.64 -2.40 48.92
N ILE I 346 -41.84 -2.85 49.32
CA ILE I 346 -41.99 -3.60 50.56
C ILE I 346 -41.72 -5.08 50.33
N LEU I 347 -42.34 -5.69 49.31
CA LEU I 347 -42.15 -7.12 49.09
C LEU I 347 -40.83 -7.47 48.41
N GLU I 348 -40.32 -6.62 47.52
CA GLU I 348 -39.15 -6.98 46.73
C GLU I 348 -37.99 -6.02 46.95
N GLY I 349 -38.07 -5.15 47.95
CA GLY I 349 -36.92 -4.40 48.39
C GLY I 349 -36.45 -3.34 47.43
N ARG I 350 -37.34 -2.85 46.57
CA ARG I 350 -36.94 -1.80 45.65
C ARG I 350 -36.51 -0.57 46.42
N ARG I 351 -35.48 0.08 45.91
CA ARG I 351 -34.86 1.25 46.53
C ARG I 351 -35.06 2.43 45.58
N ILE I 352 -35.59 3.53 46.12
CA ILE I 352 -35.97 4.68 45.31
C ILE I 352 -34.96 5.79 45.56
N TRP I 353 -34.40 6.31 44.48
CA TRP I 353 -33.37 7.34 44.54
C TRP I 353 -34.01 8.72 44.42
N ALA I 354 -33.42 9.69 45.12
CA ALA I 354 -34.01 11.03 45.21
C ALA I 354 -34.19 11.68 43.85
N LYS I 355 -33.33 11.36 42.88
CA LYS I 355 -33.42 12.01 41.58
C LYS I 355 -34.24 11.24 40.55
N GLU I 356 -34.71 10.03 40.85
CA GLU I 356 -35.55 9.40 39.83
C GLU I 356 -36.98 9.92 39.93
N PRO I 357 -37.73 9.93 38.82
CA PRO I 357 -39.07 10.54 38.82
C PRO I 357 -39.99 10.10 39.97
N GLU I 358 -40.05 8.81 40.27
CA GLU I 358 -40.96 8.35 41.31
C GLU I 358 -40.58 8.79 42.71
N ALA I 359 -39.40 9.38 42.90
CA ALA I 359 -39.12 10.02 44.19
C ALA I 359 -40.14 11.10 44.51
N ARG I 360 -40.72 11.74 43.49
CA ARG I 360 -41.71 12.78 43.73
C ARG I 360 -42.95 12.25 44.43
N LEU I 361 -43.10 10.92 44.53
CA LEU I 361 -44.21 10.35 45.27
C LEU I 361 -43.98 10.43 46.77
N LEU I 362 -42.71 10.50 47.18
CA LEU I 362 -42.32 10.53 48.58
C LEU I 362 -41.73 11.86 49.03
N VAL I 363 -41.21 12.66 48.11
CA VAL I 363 -40.39 13.82 48.45
C VAL I 363 -40.89 15.03 47.67
N ASP I 364 -41.00 16.17 48.35
CA ASP I 364 -41.48 17.39 47.71
C ASP I 364 -40.39 18.16 47.01
N GLU I 365 -39.17 18.14 47.54
CA GLU I 365 -38.06 18.89 46.98
C GLU I 365 -36.79 18.06 47.06
N VAL I 366 -36.05 18.03 45.96
CA VAL I 366 -34.74 17.38 45.89
C VAL I 366 -33.76 18.45 45.42
N VAL I 367 -32.79 18.77 46.28
CA VAL I 367 -31.93 19.91 46.07
C VAL I 367 -30.47 19.49 46.27
N GLU I 368 -29.58 20.11 45.52
CA GLU I 368 -28.16 19.82 45.65
C GLU I 368 -27.66 20.19 47.05
N PRO I 369 -26.73 19.41 47.61
CA PRO I 369 -26.18 19.73 48.94
C PRO I 369 -25.83 21.19 49.24
N ASP I 370 -25.25 21.97 48.32
CA ASP I 370 -24.94 23.34 48.70
C ASP I 370 -26.16 24.26 48.79
N GLU I 371 -27.33 23.88 48.26
CA GLU I 371 -28.53 24.70 48.40
C GLU I 371 -29.54 24.14 49.41
N LEU I 372 -29.19 23.05 50.10
CA LEU I 372 -30.17 22.34 50.92
C LEU I 372 -30.53 23.10 52.20
N ASP I 373 -29.53 23.60 52.94
CA ASP I 373 -29.84 24.33 54.18
C ASP I 373 -30.81 25.47 53.94
N ALA I 374 -30.58 26.25 52.87
CA ALA I 374 -31.43 27.40 52.61
C ALA I 374 -32.83 26.98 52.18
N ALA I 375 -32.94 25.88 51.45
CA ALA I 375 -34.25 25.41 51.02
C ALA I 375 -35.05 24.88 52.21
N ILE I 376 -34.38 24.26 53.18
CA ILE I 376 -35.03 23.87 54.43
C ILE I 376 -35.59 25.09 55.14
N GLU I 377 -34.77 26.13 55.32
CA GLU I 377 -35.21 27.34 56.00
C GLU I 377 -36.41 27.97 55.31
N ARG I 378 -36.37 28.07 53.98
CA ARG I 378 -37.51 28.61 53.24
C ARG I 378 -38.78 27.81 53.50
N SER I 379 -38.68 26.48 53.57
CA SER I 379 -39.86 25.66 53.74
C SER I 379 -40.44 25.80 55.14
N LEU I 380 -39.61 26.14 56.13
CA LEU I 380 -40.11 26.34 57.49
C LEU I 380 -40.98 27.59 57.62
N THR I 381 -40.76 28.61 56.78
CA THR I 381 -41.58 29.81 56.82
C THR I 381 -42.95 29.65 56.16
N ARG I 382 -43.17 28.60 55.37
CA ARG I 382 -44.38 28.51 54.56
C ARG I 382 -45.54 27.77 55.21
N LEU I 383 -45.42 27.32 56.46
CA LEU I 383 -46.46 26.50 57.11
C LEU I 383 -46.99 27.12 58.40
N ASP I 384 -47.00 28.45 58.50
CA ASP I 384 -47.16 29.12 59.80
C ASP I 384 -48.58 29.14 60.35
N GLY I 385 -49.60 29.41 59.52
CA GLY I 385 -50.85 29.89 60.07
C GLY I 385 -51.76 28.86 60.72
N ASP I 386 -52.90 29.37 61.22
CA ASP I 386 -54.02 28.53 61.63
C ASP I 386 -54.73 27.89 60.46
N ALA I 387 -54.59 28.47 59.27
CA ALA I 387 -55.22 27.89 58.09
C ALA I 387 -54.52 26.61 57.68
N VAL I 388 -53.18 26.60 57.76
CA VAL I 388 -52.42 25.37 57.55
C VAL I 388 -52.84 24.28 58.53
N LEU I 389 -53.02 24.62 59.81
CA LEU I 389 -53.45 23.63 60.79
C LEU I 389 -54.79 23.02 60.43
N ALA I 390 -55.78 23.85 60.09
CA ALA I 390 -57.09 23.30 59.76
C ALA I 390 -57.01 22.42 58.52
N ASN I 391 -56.30 22.88 57.49
CA ASN I 391 -56.22 22.11 56.25
C ASN I 391 -55.46 20.81 56.43
N ARG I 392 -54.38 20.80 57.20
CA ARG I 392 -53.68 19.52 57.35
C ARG I 392 -54.48 18.57 58.23
N ARG I 393 -55.30 19.11 59.13
CA ARG I 393 -56.16 18.26 59.95
C ARG I 393 -57.24 17.59 59.09
N MET I 394 -57.86 18.34 58.18
CA MET I 394 -58.86 17.76 57.30
C MET I 394 -58.22 16.76 56.33
N LEU I 395 -57.01 17.06 55.85
CA LEU I 395 -56.30 16.15 54.97
C LEU I 395 -55.99 14.83 55.65
N ASN I 396 -55.45 14.88 56.87
CA ASN I 396 -55.10 13.65 57.57
C ASN I 396 -56.34 12.84 57.93
N LEU I 397 -57.44 13.52 58.25
CA LEU I 397 -58.69 12.82 58.50
C LEU I 397 -59.16 12.09 57.25
N ALA I 398 -59.03 12.73 56.09
CA ALA I 398 -59.41 12.07 54.84
C ALA I 398 -58.45 10.94 54.49
N ASP I 399 -57.15 11.16 54.65
CA ASP I 399 -56.15 10.20 54.18
C ASP I 399 -56.16 8.92 55.01
N GLU I 400 -56.35 9.04 56.31
CA GLU I 400 -56.22 7.90 57.23
C GLU I 400 -57.30 8.01 58.29
N SER I 401 -58.35 7.20 58.18
CA SER I 401 -59.42 7.27 59.16
C SER I 401 -58.97 6.64 60.48
N PRO I 402 -59.56 7.05 61.61
CA PRO I 402 -59.27 6.37 62.88
C PRO I 402 -59.52 4.87 62.85
N ASP I 403 -60.65 4.43 62.27
CA ASP I 403 -60.89 2.99 62.12
C ASP I 403 -59.84 2.32 61.26
N GLY I 404 -59.46 2.95 60.14
CA GLY I 404 -58.45 2.36 59.27
C GLY I 404 -57.16 2.08 60.02
N PHE I 405 -56.67 3.08 60.74
CA PHE I 405 -55.44 2.94 61.50
C PHE I 405 -55.58 1.92 62.62
N ARG I 406 -56.70 1.98 63.36
CA ARG I 406 -56.92 1.06 64.46
C ARG I 406 -56.96 -0.39 63.99
N ALA I 407 -57.69 -0.67 62.90
CA ALA I 407 -57.79 -2.03 62.40
C ALA I 407 -56.44 -2.57 61.95
N TYR I 408 -55.64 -1.71 61.31
CA TYR I 408 -54.31 -2.12 60.86
C TYR I 408 -53.42 -2.47 62.05
N MET I 409 -53.34 -1.56 63.02
CA MET I 409 -52.45 -1.78 64.16
C MET I 409 -52.85 -3.01 64.96
N ALA I 410 -54.15 -3.32 64.98
CA ALA I 410 -54.62 -4.52 65.67
C ALA I 410 -54.00 -5.78 65.09
N GLU I 411 -54.20 -6.01 63.79
CA GLU I 411 -53.56 -7.16 63.13
C GLU I 411 -52.03 -7.07 63.22
N PHE I 412 -51.48 -5.85 63.09
CA PHE I 412 -50.02 -5.67 63.11
C PHE I 412 -49.43 -6.17 64.42
N ALA I 413 -50.11 -5.87 65.53
CA ALA I 413 -49.63 -6.26 66.86
C ALA I 413 -49.28 -7.73 66.93
N LEU I 414 -50.09 -8.59 66.30
CA LEU I 414 -49.82 -10.03 66.33
C LEU I 414 -48.95 -10.49 65.17
N MET I 415 -49.24 -10.00 63.96
CA MET I 415 -48.42 -10.38 62.80
C MET I 415 -46.96 -10.04 63.04
N GLN I 416 -46.69 -8.86 63.61
CA GLN I 416 -45.31 -8.46 63.84
C GLN I 416 -44.71 -9.23 65.01
N ALA I 417 -45.49 -9.50 66.05
CA ALA I 417 -45.02 -10.37 67.12
C ALA I 417 -44.53 -11.71 66.58
N LEU I 418 -45.30 -12.32 65.67
CA LEU I 418 -44.89 -13.60 65.08
C LEU I 418 -43.64 -13.44 64.23
N ARG I 419 -43.51 -12.33 63.50
CA ARG I 419 -42.31 -12.14 62.69
C ARG I 419 -41.09 -11.98 63.57
N LEU I 420 -41.27 -11.40 64.76
CA LEU I 420 -40.18 -11.22 65.71
C LEU I 420 -39.58 -12.55 66.14
N TYR I 421 -40.34 -13.65 66.06
CA TYR I 421 -39.86 -14.97 66.47
C TYR I 421 -39.84 -15.98 65.32
N GLY I 422 -39.95 -15.52 64.07
CA GLY I 422 -39.85 -16.42 62.94
C GLY I 422 -38.42 -16.86 62.69
N HIS I 423 -38.25 -17.94 61.92
CA HIS I 423 -36.92 -18.52 61.81
C HIS I 423 -36.03 -17.71 60.87
N ASP I 424 -36.61 -17.07 59.86
CA ASP I 424 -35.75 -16.31 58.95
C ASP I 424 -35.26 -15.01 59.58
N VAL I 425 -35.89 -14.56 60.67
CA VAL I 425 -35.35 -13.46 61.45
C VAL I 425 -34.18 -13.90 62.33
N ILE I 426 -33.96 -15.19 62.45
CA ILE I 426 -33.01 -15.70 63.42
C ILE I 426 -31.85 -16.41 62.75
N ASP J 12 85.62 33.53 -42.59
CA ASP J 12 85.07 33.66 -41.24
C ASP J 12 85.89 32.87 -40.24
N GLY J 13 86.99 32.29 -40.72
CA GLY J 13 87.95 31.63 -39.88
C GLY J 13 87.77 30.13 -39.78
N LEU J 14 86.61 29.60 -40.18
CA LEU J 14 86.30 28.20 -39.88
C LEU J 14 87.16 27.23 -40.67
N TRP J 15 87.39 27.50 -41.95
CA TRP J 15 88.24 26.61 -42.74
C TRP J 15 89.67 26.57 -42.22
N ALA J 16 90.19 27.73 -41.81
CA ALA J 16 91.55 27.76 -41.30
C ALA J 16 91.66 27.01 -39.98
N ALA J 17 90.69 27.23 -39.08
CA ALA J 17 90.72 26.56 -37.78
C ALA J 17 90.59 25.06 -37.93
N LEU J 18 89.75 24.62 -38.87
CA LEU J 18 89.64 23.19 -39.19
C LEU J 18 90.96 22.66 -39.73
N THR J 19 91.56 23.37 -40.68
CA THR J 19 92.86 22.96 -41.22
C THR J 19 93.88 22.79 -40.10
N GLU J 20 93.85 23.67 -39.11
CA GLU J 20 94.76 23.58 -37.98
C GLU J 20 94.45 22.36 -37.12
N ALA J 21 93.17 22.17 -36.78
CA ALA J 21 92.77 21.05 -35.93
C ALA J 21 93.10 19.71 -36.59
N ALA J 22 92.94 19.64 -37.91
CA ALA J 22 93.32 18.42 -38.63
C ALA J 22 94.84 18.24 -38.64
N ALA J 23 95.60 19.33 -38.73
CA ALA J 23 97.05 19.24 -38.67
C ALA J 23 97.53 18.70 -37.33
N SER J 24 96.94 19.15 -36.23
CA SER J 24 97.30 18.60 -34.93
C SER J 24 96.99 17.11 -34.86
N VAL J 25 95.92 16.67 -35.53
CA VAL J 25 95.62 15.25 -35.60
C VAL J 25 96.70 14.49 -36.36
N GLU J 26 97.07 14.96 -37.56
CA GLU J 26 98.07 14.24 -38.35
C GLU J 26 99.40 14.23 -37.62
N LYS J 27 99.73 15.37 -36.99
CA LYS J 27 100.91 15.53 -36.14
C LYS J 27 100.98 14.45 -35.06
N LEU J 28 99.92 14.34 -34.26
CA LEU J 28 99.85 13.32 -33.22
C LEU J 28 99.89 11.90 -33.78
N LEU J 29 99.16 11.64 -34.87
CA LEU J 29 99.15 10.29 -35.41
C LEU J 29 100.49 9.89 -36.00
N ALA J 30 101.23 10.85 -36.55
CA ALA J 30 102.54 10.53 -37.10
C ALA J 30 103.55 10.21 -36.01
N THR J 31 103.44 10.89 -34.86
CA THR J 31 104.44 10.82 -33.81
C THR J 31 104.10 9.92 -32.63
N LEU J 32 102.85 9.51 -32.45
CA LEU J 32 102.48 8.68 -31.31
C LEU J 32 102.70 7.21 -31.65
N PRO J 33 102.72 6.33 -30.64
CA PRO J 33 102.77 4.90 -30.93
C PRO J 33 101.48 4.42 -31.60
N GLU J 34 101.55 3.20 -32.12
CA GLU J 34 100.38 2.59 -32.73
C GLU J 34 99.28 2.43 -31.67
N HIS J 35 98.04 2.33 -32.14
CA HIS J 35 96.91 2.14 -31.25
C HIS J 35 97.15 0.88 -30.42
N GLY J 36 96.79 0.95 -29.14
CA GLY J 36 96.99 -0.15 -28.23
C GLY J 36 98.38 -0.21 -27.61
N ALA J 37 99.32 0.61 -28.08
CA ALA J 37 100.60 0.78 -27.44
C ALA J 37 100.70 2.17 -26.82
N ARG J 38 99.63 2.94 -26.92
CA ARG J 38 99.55 4.29 -26.39
C ARG J 38 99.26 4.26 -24.90
N SER J 39 99.85 5.22 -24.20
CA SER J 39 99.62 5.37 -22.78
C SER J 39 98.34 6.14 -22.53
N SER J 40 97.89 6.11 -21.27
CA SER J 40 96.64 6.78 -20.89
C SER J 40 96.65 8.24 -21.29
N ALA J 41 97.73 8.96 -20.97
CA ALA J 41 97.82 10.36 -21.36
C ALA J 41 97.77 10.51 -22.87
N GLU J 42 98.43 9.61 -23.59
CA GLU J 42 98.42 9.68 -25.05
C GLU J 42 97.03 9.42 -25.63
N ARG J 43 96.29 8.42 -25.10
CA ARG J 43 94.97 8.13 -25.69
C ARG J 43 94.02 9.28 -25.47
N ALA J 44 94.18 10.02 -24.38
CA ALA J 44 93.31 11.15 -24.11
C ALA J 44 93.65 12.33 -25.01
N GLU J 45 94.93 12.50 -25.36
CA GLU J 45 95.33 13.65 -26.17
C GLU J 45 94.80 13.53 -27.59
N ILE J 46 94.94 12.34 -28.21
CA ILE J 46 94.43 12.14 -29.55
C ILE J 46 92.91 12.22 -29.58
N ALA J 47 92.25 11.61 -28.59
CA ALA J 47 90.80 11.73 -28.48
C ALA J 47 90.36 13.18 -28.45
N ALA J 48 91.07 14.03 -27.71
CA ALA J 48 90.74 15.45 -27.67
C ALA J 48 90.98 16.12 -29.02
N ALA J 49 92.04 15.73 -29.72
CA ALA J 49 92.34 16.32 -31.02
C ALA J 49 91.29 15.95 -32.05
N HIS J 50 90.94 14.66 -32.12
CA HIS J 50 89.83 14.22 -32.97
C HIS J 50 88.56 15.02 -32.69
N ASP J 51 88.22 15.16 -31.40
CA ASP J 51 86.99 15.85 -31.03
C ASP J 51 87.00 17.31 -31.48
N ALA J 52 88.14 17.99 -31.34
CA ALA J 52 88.19 19.38 -31.75
C ALA J 52 88.07 19.51 -33.27
N ALA J 53 88.69 18.60 -34.01
CA ALA J 53 88.59 18.64 -35.47
C ALA J 53 87.17 18.36 -35.94
N ARG J 54 86.54 17.33 -35.36
CA ARG J 54 85.19 16.95 -35.80
C ARG J 54 84.18 18.04 -35.45
N ALA J 55 84.32 18.66 -34.28
CA ALA J 55 83.47 19.80 -33.94
C ALA J 55 83.59 20.92 -34.98
N LEU J 56 84.80 21.15 -35.48
CA LEU J 56 84.98 22.18 -36.50
C LEU J 56 84.47 21.73 -37.87
N ARG J 57 84.58 20.42 -38.17
CA ARG J 57 83.94 19.91 -39.38
C ARG J 57 82.45 20.20 -39.39
N VAL J 58 81.79 20.02 -38.25
CA VAL J 58 80.37 20.33 -38.14
C VAL J 58 80.12 21.82 -38.33
N ARG J 59 80.91 22.66 -37.63
CA ARG J 59 80.66 24.09 -37.67
C ARG J 59 80.97 24.69 -39.03
N PHE J 60 82.08 24.26 -39.65
CA PHE J 60 82.37 24.69 -41.02
C PHE J 60 81.20 24.41 -41.94
N LEU J 61 80.66 23.19 -41.91
CA LEU J 61 79.61 22.77 -42.83
C LEU J 61 78.24 23.33 -42.49
N ASP J 62 78.00 23.71 -41.23
CA ASP J 62 76.72 24.34 -40.91
C ASP J 62 76.49 25.58 -41.76
N THR J 63 77.56 26.33 -42.06
CA THR J 63 77.41 27.51 -42.90
C THR J 63 77.91 27.33 -44.32
N HIS J 64 78.84 26.41 -44.57
CA HIS J 64 79.47 26.29 -45.88
C HIS J 64 79.10 25.07 -46.70
N ALA J 65 78.15 24.24 -46.26
CA ALA J 65 77.87 22.99 -46.96
C ALA J 65 77.47 23.21 -48.41
N ASP J 66 76.52 24.12 -48.66
CA ASP J 66 76.08 24.40 -50.03
C ASP J 66 77.23 24.86 -50.92
N ALA J 67 78.10 25.72 -50.40
CA ALA J 67 79.24 26.18 -51.21
C ALA J 67 80.18 25.03 -51.53
N VAL J 68 80.42 24.14 -50.55
CA VAL J 68 81.25 22.97 -50.79
C VAL J 68 80.61 22.07 -51.84
N TYR J 69 79.33 21.75 -51.66
CA TYR J 69 78.64 20.87 -52.61
C TYR J 69 78.64 21.49 -54.00
N ASP J 70 78.43 22.80 -54.10
CA ASP J 70 78.44 23.47 -55.40
C ASP J 70 79.79 23.35 -56.10
N ARG J 71 80.91 23.50 -55.37
CA ARG J 71 82.21 23.28 -56.03
C ARG J 71 82.32 21.85 -56.56
N LEU J 72 81.81 20.87 -55.82
CA LEU J 72 82.00 19.48 -56.21
C LEU J 72 81.06 19.09 -57.35
N THR J 73 79.89 19.72 -57.44
CA THR J 73 78.89 19.34 -58.43
C THR J 73 78.63 20.41 -59.49
N ASP J 74 79.49 21.41 -59.59
CA ASP J 74 79.33 22.48 -60.56
C ASP J 74 77.94 23.12 -60.43
N HIS J 75 77.66 23.59 -59.22
CA HIS J 75 76.36 24.16 -58.85
C HIS J 75 75.20 23.23 -59.20
N ARG J 76 75.27 21.99 -58.73
CA ARG J 76 74.17 21.03 -58.84
C ARG J 76 73.80 20.73 -60.29
N ARG J 77 74.78 20.74 -61.19
CA ARG J 77 74.55 20.35 -62.56
C ARG J 77 75.25 19.04 -62.93
N VAL J 78 76.05 18.47 -62.04
CA VAL J 78 76.62 17.14 -62.20
C VAL J 78 76.14 16.27 -61.04
N HIS J 79 75.48 15.16 -61.36
CA HIS J 79 75.05 14.17 -60.37
C HIS J 79 76.23 13.27 -60.01
N LEU J 80 76.71 13.35 -58.76
CA LEU J 80 77.71 12.43 -58.25
C LEU J 80 77.12 11.49 -57.20
N ARG J 81 77.38 10.19 -57.36
CA ARG J 81 77.05 9.19 -56.35
C ARG J 81 77.92 9.36 -55.09
N LEU J 82 77.55 8.62 -54.04
CA LEU J 82 78.18 8.79 -52.73
C LEU J 82 79.68 8.58 -52.79
N ALA J 83 80.12 7.45 -53.36
CA ALA J 83 81.55 7.16 -53.42
C ALA J 83 82.32 8.27 -54.13
N GLU J 84 81.82 8.70 -55.30
CA GLU J 84 82.49 9.75 -56.05
C GLU J 84 82.46 11.06 -55.29
N LEU J 85 81.34 11.37 -54.61
CA LEU J 85 81.21 12.63 -53.88
C LEU J 85 82.23 12.75 -52.75
N VAL J 86 82.35 11.72 -51.92
CA VAL J 86 83.24 11.82 -50.76
C VAL J 86 84.69 11.77 -51.21
N GLU J 87 84.97 11.09 -52.32
CA GLU J 87 86.31 11.11 -52.90
C GLU J 87 86.69 12.50 -53.38
N ALA J 88 85.82 13.12 -54.19
CA ALA J 88 86.07 14.47 -54.69
C ALA J 88 86.16 15.47 -53.55
N ALA J 89 85.35 15.29 -52.49
CA ALA J 89 85.42 16.18 -51.34
C ALA J 89 86.78 16.11 -50.66
N ALA J 90 87.36 14.92 -50.56
CA ALA J 90 88.65 14.76 -49.90
C ALA J 90 89.77 15.48 -50.65
N THR J 91 89.80 15.35 -51.98
CA THR J 91 90.86 16.01 -52.74
C THR J 91 90.65 17.52 -52.79
N ALA J 92 89.40 17.96 -52.98
CA ALA J 92 89.13 19.39 -53.09
C ALA J 92 89.21 20.11 -51.75
N PHE J 93 88.96 19.43 -50.63
CA PHE J 93 88.96 20.04 -49.30
C PHE J 93 89.75 19.16 -48.33
N PRO J 94 91.07 19.14 -48.43
CA PRO J 94 91.87 18.28 -47.55
C PRO J 94 91.54 18.50 -46.08
N GLY J 95 91.43 17.39 -45.35
CA GLY J 95 91.10 17.42 -43.94
C GLY J 95 89.62 17.45 -43.62
N LEU J 96 88.75 17.74 -44.60
CA LEU J 96 87.31 17.67 -44.37
C LEU J 96 86.84 16.22 -44.26
N VAL J 97 87.27 15.37 -45.19
CA VAL J 97 86.96 13.94 -45.17
C VAL J 97 88.18 13.17 -45.59
N PRO J 98 88.30 11.92 -45.14
CA PRO J 98 89.53 11.16 -45.41
C PRO J 98 89.75 10.86 -46.89
N THR J 99 91.03 10.79 -47.27
CA THR J 99 91.41 10.39 -48.61
C THR J 99 91.24 8.89 -48.80
N GLN J 100 91.28 8.48 -50.07
CA GLN J 100 91.24 7.07 -50.41
C GLN J 100 92.32 6.29 -49.65
N GLN J 101 93.51 6.88 -49.51
CA GLN J 101 94.60 6.21 -48.81
C GLN J 101 94.28 6.04 -47.33
N GLN J 102 93.93 7.14 -46.65
CA GLN J 102 93.67 7.06 -45.21
C GLN J 102 92.60 6.00 -44.92
N LEU J 103 91.61 5.89 -45.81
CA LEU J 103 90.62 4.82 -45.66
C LEU J 103 91.25 3.45 -45.88
N ALA J 104 92.13 3.33 -46.87
CA ALA J 104 92.89 2.09 -47.07
C ALA J 104 93.60 1.65 -45.79
N VAL J 105 94.24 2.60 -45.11
CA VAL J 105 94.90 2.27 -43.84
C VAL J 105 93.89 1.84 -42.79
N GLU J 106 92.79 2.58 -42.67
CA GLU J 106 91.73 2.22 -41.74
C GLU J 106 91.21 0.81 -42.02
N ARG J 107 90.98 0.49 -43.29
CA ARG J 107 90.38 -0.80 -43.62
C ARG J 107 91.31 -1.95 -43.28
N SER J 108 92.62 -1.71 -43.26
CA SER J 108 93.58 -2.75 -42.94
C SER J 108 93.62 -3.10 -41.45
N LEU J 109 92.97 -2.31 -40.60
CA LEU J 109 92.97 -2.50 -39.17
C LEU J 109 91.70 -3.16 -38.69
N PRO J 110 91.69 -3.75 -37.49
CA PRO J 110 90.42 -4.13 -36.88
C PRO J 110 89.73 -2.89 -36.35
N GLN J 111 88.40 -2.97 -36.27
CA GLN J 111 87.55 -1.84 -35.88
C GLN J 111 88.08 -1.14 -34.63
N ALA J 112 88.53 -1.93 -33.64
CA ALA J 112 88.99 -1.36 -32.37
C ALA J 112 90.20 -0.45 -32.51
N ALA J 113 91.06 -0.69 -33.50
CA ALA J 113 92.28 0.09 -33.65
C ALA J 113 92.12 1.27 -34.59
N LYS J 114 90.94 1.43 -35.20
CA LYS J 114 90.71 2.50 -36.15
C LYS J 114 90.62 3.86 -35.46
N GLU J 115 91.08 4.89 -36.16
CA GLU J 115 90.98 6.26 -35.67
C GLU J 115 89.58 6.82 -35.84
N GLY J 116 88.76 6.23 -36.71
CA GLY J 116 87.39 6.67 -36.88
C GLY J 116 87.17 7.70 -37.95
N HIS J 117 87.99 7.69 -39.01
CA HIS J 117 87.88 8.71 -40.05
C HIS J 117 86.54 8.67 -40.79
N GLU J 118 85.92 7.49 -40.90
CA GLU J 118 84.57 7.41 -41.49
C GLU J 118 83.59 8.36 -40.82
N ILE J 119 83.78 8.68 -39.54
CA ILE J 119 82.92 9.64 -38.85
C ILE J 119 82.93 10.98 -39.57
N ASP J 120 84.09 11.37 -40.12
CA ASP J 120 84.16 12.63 -40.87
C ASP J 120 83.26 12.56 -42.10
N GLN J 121 83.14 11.39 -42.73
CA GLN J 121 82.19 11.23 -43.83
C GLN J 121 80.75 11.31 -43.32
N GLY J 122 80.49 10.76 -42.14
CA GLY J 122 79.18 10.95 -41.51
C GLY J 122 78.84 12.40 -41.31
N ILE J 123 79.81 13.20 -40.85
CA ILE J 123 79.58 14.63 -40.63
C ILE J 123 79.26 15.30 -41.96
N PHE J 124 80.00 14.93 -43.00
CA PHE J 124 79.84 15.53 -44.32
C PHE J 124 78.48 15.21 -44.92
N LEU J 125 78.12 13.93 -44.99
CA LEU J 125 76.86 13.52 -45.58
C LEU J 125 75.67 14.04 -44.79
N ARG J 126 75.81 14.17 -43.45
CA ARG J 126 74.74 14.78 -42.67
C ARG J 126 74.49 16.20 -43.13
N ALA J 127 75.56 16.99 -43.27
CA ALA J 127 75.42 18.40 -43.66
C ALA J 127 74.87 18.53 -45.07
N VAL J 128 75.33 17.67 -45.99
CA VAL J 128 74.83 17.71 -47.37
C VAL J 128 73.34 17.40 -47.40
N LEU J 129 72.92 16.29 -46.78
CA LEU J 129 71.52 15.91 -46.79
C LEU J 129 70.62 16.90 -46.05
N ARG J 130 71.14 17.59 -45.03
CA ARG J 130 70.35 18.62 -44.37
C ARG J 130 70.01 19.79 -45.28
N SER J 131 70.85 20.08 -46.27
CA SER J 131 70.59 21.20 -47.18
C SER J 131 69.34 20.94 -48.04
N PRO J 132 68.39 21.89 -48.09
CA PRO J 132 67.24 21.73 -49.00
C PRO J 132 67.61 21.79 -50.47
N LEU J 133 68.82 22.23 -50.81
CA LEU J 133 69.29 22.25 -52.18
C LEU J 133 70.20 21.07 -52.52
N ALA J 134 71.21 20.83 -51.69
CA ALA J 134 72.16 19.74 -51.96
C ALA J 134 71.54 18.38 -51.68
N GLY J 135 70.74 18.27 -50.62
CA GLY J 135 70.16 17.02 -50.21
C GLY J 135 69.36 16.31 -51.27
N PRO J 136 68.31 16.96 -51.79
CA PRO J 136 67.49 16.32 -52.84
C PRO J 136 68.30 15.97 -54.07
N HIS J 137 69.36 16.75 -54.35
CA HIS J 137 70.16 16.53 -55.56
C HIS J 137 71.01 15.29 -55.41
N LEU J 138 71.64 15.12 -54.24
CA LEU J 138 72.37 13.89 -53.96
C LEU J 138 71.45 12.68 -53.99
N LEU J 139 70.24 12.81 -53.46
CA LEU J 139 69.31 11.68 -53.46
C LEU J 139 68.89 11.32 -54.88
N ASP J 140 68.74 12.32 -55.75
CA ASP J 140 68.47 12.04 -57.16
C ASP J 140 69.65 11.33 -57.80
N ALA J 141 70.87 11.78 -57.53
CA ALA J 141 72.05 11.14 -58.09
C ALA J 141 72.09 9.65 -57.77
N MET J 142 71.70 9.28 -56.54
CA MET J 142 71.70 7.89 -56.13
C MET J 142 70.54 7.09 -56.72
N LEU J 143 69.49 7.77 -57.18
CA LEU J 143 68.41 7.07 -57.89
C LEU J 143 68.73 6.81 -59.36
N ARG J 144 69.76 7.44 -59.91
CA ARG J 144 70.13 7.17 -61.29
C ARG J 144 70.69 5.75 -61.46
N PRO J 145 70.53 5.16 -62.64
CA PRO J 145 71.05 3.81 -62.87
C PRO J 145 72.55 3.73 -62.62
N THR J 146 73.00 2.60 -62.08
CA THR J 146 74.42 2.38 -61.91
C THR J 146 75.05 2.10 -63.27
N PRO J 147 76.32 2.48 -63.45
CA PRO J 147 77.01 2.14 -64.71
C PRO J 147 77.01 0.65 -65.01
N ARG J 148 77.24 -0.18 -63.99
CA ARG J 148 77.22 -1.63 -64.18
C ARG J 148 75.91 -2.10 -64.80
N ALA J 149 74.78 -1.55 -64.35
CA ALA J 149 73.49 -1.98 -64.88
C ALA J 149 73.28 -1.55 -66.32
N LEU J 150 73.70 -0.32 -66.65
CA LEU J 150 73.65 0.13 -68.04
C LEU J 150 74.48 -0.76 -68.94
N GLU J 151 75.60 -1.23 -68.39
CA GLU J 151 76.55 -2.07 -69.10
C GLU J 151 75.96 -3.46 -69.38
N LEU J 152 75.27 -4.04 -68.40
CA LEU J 152 74.66 -5.36 -68.52
C LEU J 152 73.27 -5.35 -69.16
N LEU J 153 72.66 -4.18 -69.35
CA LEU J 153 71.26 -4.15 -69.78
C LEU J 153 71.01 -4.84 -71.12
N PRO J 154 71.77 -4.57 -72.19
CA PRO J 154 71.47 -5.24 -73.47
C PRO J 154 71.49 -6.76 -73.40
N GLU J 155 72.51 -7.36 -72.79
CA GLU J 155 72.53 -8.81 -72.69
C GLU J 155 71.38 -9.33 -71.83
N PHE J 156 70.98 -8.57 -70.80
CA PHE J 156 69.83 -8.99 -70.01
C PHE J 156 68.55 -8.98 -70.83
N VAL J 157 68.38 -7.94 -71.66
CA VAL J 157 67.22 -7.88 -72.54
C VAL J 157 67.21 -9.06 -73.50
N ARG J 158 68.37 -9.41 -74.07
CA ARG J 158 68.45 -10.52 -75.01
C ARG J 158 68.24 -11.85 -74.30
N THR J 159 68.90 -12.05 -73.17
CA THR J 159 69.03 -13.35 -72.53
C THR J 159 67.99 -13.62 -71.46
N GLY J 160 67.46 -12.59 -70.83
CA GLY J 160 66.55 -12.76 -69.71
C GLY J 160 67.17 -13.32 -68.44
N GLU J 161 68.49 -13.23 -68.28
CA GLU J 161 69.16 -13.97 -67.22
C GLU J 161 70.52 -13.37 -66.94
N VAL J 162 70.83 -13.17 -65.66
CA VAL J 162 72.13 -12.66 -65.22
C VAL J 162 72.49 -13.34 -63.92
N GLU J 163 73.72 -13.86 -63.85
CA GLU J 163 74.23 -14.48 -62.64
C GLU J 163 75.27 -13.55 -62.02
N MET J 164 75.06 -13.21 -60.76
CA MET J 164 75.98 -12.37 -60.00
C MET J 164 76.35 -13.13 -58.75
N GLU J 165 77.33 -12.62 -58.00
CA GLU J 165 77.84 -13.36 -56.85
C GLU J 165 76.74 -13.58 -55.81
N ALA J 166 75.96 -12.55 -55.50
CA ALA J 166 74.96 -12.65 -54.45
C ALA J 166 73.52 -12.63 -54.96
N VAL J 167 73.28 -12.37 -56.24
CA VAL J 167 71.92 -12.30 -56.76
C VAL J 167 71.85 -13.00 -58.12
N HIS J 168 70.82 -13.84 -58.29
CA HIS J 168 70.46 -14.41 -59.58
C HIS J 168 69.22 -13.69 -60.09
N LEU J 169 69.30 -13.12 -61.30
CA LEU J 169 68.19 -12.37 -61.88
C LEU J 169 67.67 -13.08 -63.13
N GLU J 170 66.36 -13.23 -63.21
CA GLU J 170 65.68 -13.87 -64.33
C GLU J 170 64.42 -13.11 -64.68
N ARG J 171 64.18 -12.89 -65.97
CA ARG J 171 62.95 -12.27 -66.44
C ARG J 171 62.08 -13.43 -66.93
N ARG J 172 60.87 -13.54 -66.41
CA ARG J 172 59.98 -14.65 -66.77
C ARG J 172 58.54 -14.21 -66.59
N ASP J 173 57.75 -14.29 -67.66
CA ASP J 173 56.34 -13.85 -67.65
C ASP J 173 56.19 -12.41 -67.16
N GLY J 174 57.07 -11.54 -67.65
CA GLY J 174 57.04 -10.14 -67.23
C GLY J 174 57.40 -9.89 -65.79
N VAL J 175 58.02 -10.86 -65.12
CA VAL J 175 58.45 -10.73 -63.73
C VAL J 175 59.97 -10.72 -63.70
N ALA J 176 60.54 -9.76 -62.98
CA ALA J 176 61.96 -9.79 -62.66
C ALA J 176 62.10 -10.59 -61.37
N ARG J 177 62.67 -11.78 -61.47
CA ARG J 177 62.81 -12.67 -60.32
C ARG J 177 64.21 -12.54 -59.75
N LEU J 178 64.33 -11.82 -58.64
CA LEU J 178 65.58 -11.69 -57.93
C LEU J 178 65.65 -12.77 -56.86
N THR J 179 66.66 -13.64 -56.97
CA THR J 179 66.88 -14.70 -56.00
C THR J 179 68.20 -14.40 -55.30
N MET J 180 68.14 -14.19 -53.99
CA MET J 180 69.34 -13.97 -53.21
C MET J 180 69.98 -15.33 -52.95
N CYS J 181 71.21 -15.52 -53.42
CA CYS J 181 71.76 -16.86 -53.59
C CYS J 181 73.13 -17.03 -52.96
N ARG J 182 73.32 -16.51 -51.75
CA ARG J 182 74.53 -16.79 -50.98
C ARG J 182 74.25 -18.01 -50.11
N ASP J 183 74.32 -19.18 -50.76
CA ASP J 183 73.91 -20.43 -50.12
C ASP J 183 74.81 -20.83 -48.95
N ASP J 184 76.03 -20.31 -48.88
CA ASP J 184 76.92 -20.69 -47.78
C ASP J 184 76.65 -19.92 -46.48
N ARG J 185 76.02 -18.74 -46.54
CA ARG J 185 75.97 -17.88 -45.36
C ARG J 185 74.59 -17.26 -45.12
N LEU J 186 73.54 -17.91 -45.60
CA LEU J 186 72.15 -17.47 -45.35
C LEU J 186 71.90 -16.04 -45.82
N ASN J 187 72.43 -15.70 -47.00
CA ASN J 187 72.26 -14.39 -47.62
C ASN J 187 72.65 -13.22 -46.71
N ALA J 188 73.65 -13.43 -45.85
CA ALA J 188 74.21 -12.34 -45.07
C ALA J 188 74.72 -11.23 -45.98
N GLU J 189 74.51 -9.98 -45.56
CA GLU J 189 74.78 -8.82 -46.41
C GLU J 189 76.21 -8.32 -46.29
N ASP J 190 76.79 -7.93 -47.42
CA ASP J 190 78.09 -7.28 -47.46
C ASP J 190 78.10 -6.28 -48.61
N GLY J 191 79.26 -5.67 -48.85
CA GLY J 191 79.35 -4.67 -49.89
C GLY J 191 79.04 -5.21 -51.27
N GLN J 192 79.38 -6.48 -51.51
CA GLN J 192 79.12 -7.08 -52.81
C GLN J 192 77.63 -7.32 -53.02
N GLN J 193 76.92 -7.74 -51.97
CA GLN J 193 75.49 -7.98 -52.09
C GLN J 193 74.74 -6.70 -52.43
N VAL J 194 75.16 -5.58 -51.85
CA VAL J 194 74.54 -4.29 -52.15
C VAL J 194 74.74 -3.95 -53.63
N ASP J 195 75.95 -4.16 -54.14
CA ASP J 195 76.22 -3.88 -55.54
C ASP J 195 75.39 -4.76 -56.46
N ASP J 196 75.27 -6.05 -56.13
CA ASP J 196 74.47 -6.96 -56.94
C ASP J 196 72.98 -6.61 -56.86
N MET J 197 72.50 -6.29 -55.66
CA MET J 197 71.09 -5.93 -55.50
C MET J 197 70.74 -4.67 -56.28
N GLU J 198 71.56 -3.62 -56.16
CA GLU J 198 71.27 -2.39 -56.89
C GLU J 198 71.33 -2.62 -58.39
N THR J 199 72.31 -3.41 -58.84
CA THR J 199 72.42 -3.71 -60.26
C THR J 199 71.17 -4.45 -60.74
N ALA J 200 70.73 -5.43 -59.97
CA ALA J 200 69.54 -6.19 -60.37
C ALA J 200 68.28 -5.33 -60.33
N VAL J 201 68.14 -4.48 -59.31
CA VAL J 201 66.99 -3.60 -59.24
C VAL J 201 66.98 -2.63 -60.42
N ASP J 202 68.16 -2.10 -60.78
CA ASP J 202 68.26 -1.22 -61.94
C ASP J 202 67.80 -1.93 -63.21
N LEU J 203 68.26 -3.16 -63.40
CA LEU J 203 67.89 -3.91 -64.60
C LEU J 203 66.40 -4.22 -64.64
N ALA J 204 65.82 -4.54 -63.49
CA ALA J 204 64.39 -4.83 -63.43
C ALA J 204 63.58 -3.63 -63.85
N LEU J 205 63.99 -2.44 -63.41
CA LEU J 205 63.24 -1.22 -63.70
C LEU J 205 63.44 -0.75 -65.13
N LEU J 206 64.65 -0.92 -65.68
CA LEU J 206 64.92 -0.46 -67.03
C LEU J 206 64.48 -1.44 -68.11
N ASP J 207 64.28 -2.71 -67.78
CA ASP J 207 63.90 -3.71 -68.77
C ASP J 207 62.43 -3.53 -69.14
N PRO J 208 62.11 -3.19 -70.38
CA PRO J 208 60.69 -2.96 -70.74
C PRO J 208 59.86 -4.22 -70.72
N GLY J 209 60.47 -5.39 -70.71
CA GLY J 209 59.75 -6.63 -70.58
C GLY J 209 59.49 -7.04 -69.15
N VAL J 210 59.82 -6.18 -68.19
CA VAL J 210 59.56 -6.44 -66.77
C VAL J 210 58.43 -5.53 -66.32
N ARG J 211 57.40 -6.13 -65.74
CA ARG J 211 56.24 -5.41 -65.23
C ARG J 211 56.20 -5.39 -63.72
N VAL J 212 56.66 -6.47 -63.07
CA VAL J 212 56.64 -6.64 -61.61
C VAL J 212 57.97 -7.25 -61.19
N GLY J 213 58.42 -6.88 -60.00
CA GLY J 213 59.61 -7.46 -59.42
C GLY J 213 59.27 -8.44 -58.30
N LEU J 214 60.16 -9.40 -58.08
CA LEU J 214 60.01 -10.42 -57.06
C LEU J 214 61.35 -10.62 -56.37
N LEU J 215 61.36 -10.55 -55.04
CA LEU J 215 62.56 -10.82 -54.26
C LEU J 215 62.31 -12.04 -53.38
N ARG J 216 63.22 -13.01 -53.46
CA ARG J 216 63.10 -14.24 -52.71
C ARG J 216 64.51 -14.78 -52.44
N GLY J 217 64.64 -15.53 -51.35
CA GLY J 217 65.89 -16.22 -51.05
C GLY J 217 65.96 -17.58 -51.73
N GLY J 218 67.16 -17.95 -52.16
CA GLY J 218 67.36 -19.21 -52.84
C GLY J 218 67.62 -20.37 -51.88
N VAL J 219 67.71 -21.56 -52.47
CA VAL J 219 68.04 -22.76 -51.69
C VAL J 219 69.43 -22.61 -51.09
N MET J 220 69.54 -22.96 -49.81
CA MET J 220 70.80 -22.90 -49.07
C MET J 220 71.57 -24.21 -49.17
N SER J 221 72.88 -24.12 -49.03
CA SER J 221 73.75 -25.30 -49.07
C SER J 221 74.40 -25.62 -47.73
N HIS J 222 74.60 -24.62 -46.87
CA HIS J 222 75.09 -24.86 -45.52
C HIS J 222 74.31 -26.00 -44.85
N PRO J 223 74.99 -26.91 -44.15
CA PRO J 223 74.35 -28.15 -43.69
C PRO J 223 73.15 -27.94 -42.78
N ARG J 224 73.12 -26.84 -42.06
CA ARG J 224 72.02 -26.52 -41.15
C ARG J 224 70.74 -26.16 -41.90
N TYR J 225 70.85 -25.86 -43.18
CA TYR J 225 69.69 -25.48 -43.99
C TYR J 225 69.69 -26.12 -45.37
N ARG J 226 70.34 -27.27 -45.54
CA ARG J 226 70.51 -27.82 -46.88
C ARG J 226 69.15 -28.17 -47.48
N GLY J 227 68.89 -27.66 -48.68
CA GLY J 227 67.65 -27.88 -49.37
C GLY J 227 66.55 -26.88 -49.06
N LYS J 228 66.79 -25.99 -48.10
CA LYS J 228 65.80 -25.04 -47.60
C LYS J 228 66.12 -23.64 -48.10
N ARG J 229 65.09 -22.90 -48.51
CA ARG J 229 65.26 -21.49 -48.83
C ARG J 229 65.32 -20.65 -47.56
N VAL J 230 66.14 -19.60 -47.60
CA VAL J 230 66.26 -18.64 -46.51
C VAL J 230 66.33 -17.24 -47.11
N PHE J 231 65.51 -16.32 -46.58
CA PHE J 231 65.44 -14.97 -47.13
C PHE J 231 66.70 -14.17 -46.80
N SER J 232 66.93 -13.90 -45.51
CA SER J 232 68.11 -13.11 -45.13
C SER J 232 68.43 -13.19 -43.64
N ALA J 233 69.70 -13.41 -43.31
CA ALA J 233 70.20 -13.35 -41.94
C ALA J 233 70.81 -11.99 -41.59
N GLY J 234 70.61 -10.98 -42.41
CA GLY J 234 71.05 -9.63 -42.10
C GLY J 234 72.54 -9.42 -42.30
N ILE J 235 73.04 -8.33 -41.71
CA ILE J 235 74.42 -7.92 -41.92
C ILE J 235 75.40 -9.01 -41.51
N ASN J 236 76.48 -9.13 -42.28
CA ASN J 236 77.57 -10.06 -42.01
C ASN J 236 78.31 -9.59 -40.76
N LEU J 237 78.06 -10.26 -39.63
CA LEU J 237 78.64 -9.84 -38.36
C LEU J 237 80.15 -10.07 -38.30
N LYS J 238 80.65 -11.10 -38.99
CA LYS J 238 82.10 -11.27 -39.10
C LYS J 238 82.74 -10.06 -39.75
N TYR J 239 82.24 -9.64 -40.91
CA TYR J 239 82.81 -8.50 -41.62
C TYR J 239 82.70 -7.22 -40.80
N LEU J 240 81.61 -7.07 -40.06
CA LEU J 240 81.43 -5.91 -39.17
C LEU J 240 82.55 -5.83 -38.15
N SER J 241 82.82 -6.96 -37.47
CA SER J 241 83.88 -7.01 -36.47
C SER J 241 85.26 -6.74 -37.08
N GLN J 242 85.53 -7.31 -38.26
CA GLN J 242 86.82 -7.14 -38.93
C GLN J 242 87.02 -5.76 -39.56
N GLY J 243 86.00 -4.91 -39.60
CA GLY J 243 86.12 -3.62 -40.24
C GLY J 243 85.84 -3.60 -41.72
N GLY J 244 85.15 -4.63 -42.25
CA GLY J 244 84.74 -4.69 -43.63
C GLY J 244 83.39 -4.09 -43.99
N ILE J 245 82.68 -3.49 -43.04
CA ILE J 245 81.40 -2.84 -43.33
C ILE J 245 81.65 -1.34 -43.50
N SER J 246 81.47 -0.86 -44.72
CA SER J 246 81.74 0.53 -45.08
C SER J 246 80.52 1.39 -44.79
N LEU J 247 80.74 2.51 -44.08
CA LEU J 247 79.68 3.48 -43.87
C LEU J 247 79.08 3.96 -45.18
N VAL J 248 79.94 4.34 -46.13
CA VAL J 248 79.45 4.92 -47.37
C VAL J 248 79.04 3.84 -48.38
N ASP J 249 79.94 2.90 -48.64
CA ASP J 249 79.69 1.92 -49.71
C ASP J 249 78.72 0.81 -49.31
N PHE J 250 78.42 0.63 -48.03
CA PHE J 250 77.43 -0.34 -47.63
C PHE J 250 76.22 0.31 -46.96
N LEU J 251 76.38 0.92 -45.78
CA LEU J 251 75.24 1.33 -44.98
C LEU J 251 74.46 2.47 -45.64
N MET J 252 75.15 3.42 -46.24
CA MET J 252 74.45 4.53 -46.88
C MET J 252 74.04 4.16 -48.30
N ARG J 253 74.93 3.45 -49.02
CA ARG J 253 74.63 3.06 -50.39
C ARG J 253 73.33 2.28 -50.51
N ARG J 254 73.11 1.29 -49.64
CA ARG J 254 71.90 0.46 -49.73
C ARG J 254 70.64 1.29 -49.46
N GLU J 255 70.70 2.25 -48.54
CA GLU J 255 69.51 3.03 -48.21
C GLU J 255 69.16 4.02 -49.29
N LEU J 256 70.16 4.68 -49.87
CA LEU J 256 69.92 5.69 -50.89
C LEU J 256 69.89 5.10 -52.29
N GLY J 257 70.45 3.91 -52.47
CA GLY J 257 70.43 3.25 -53.77
C GLY J 257 69.25 2.32 -53.94
N TYR J 258 69.48 1.01 -53.82
CA TYR J 258 68.45 0.06 -54.26
C TYR J 258 67.21 0.10 -53.39
N ILE J 259 67.34 0.35 -52.08
CA ILE J 259 66.14 0.35 -51.24
C ILE J 259 65.27 1.56 -51.57
N HIS J 260 65.90 2.71 -51.84
CA HIS J 260 65.15 3.89 -52.22
C HIS J 260 64.57 3.74 -53.62
N LYS J 261 65.28 3.01 -54.49
CA LYS J 261 64.78 2.74 -55.84
C LYS J 261 63.55 1.84 -55.82
N LEU J 262 63.47 0.92 -54.86
CA LEU J 262 62.24 0.14 -54.71
C LEU J 262 61.05 1.06 -54.43
N VAL J 263 61.28 2.12 -53.66
CA VAL J 263 60.19 3.04 -53.35
C VAL J 263 59.88 3.94 -54.54
N ARG J 264 60.91 4.60 -55.08
CA ARG J 264 60.67 5.72 -55.97
C ARG J 264 61.11 5.45 -57.41
N GLY J 265 61.75 4.34 -57.71
CA GLY J 265 62.16 4.03 -59.06
C GLY J 265 63.52 4.57 -59.38
N VAL J 266 63.95 4.37 -60.63
CA VAL J 266 65.22 4.91 -61.12
C VAL J 266 64.94 6.20 -61.90
N LEU J 267 65.73 7.23 -61.62
CA LEU J 267 65.68 8.50 -62.32
C LEU J 267 66.46 8.38 -63.63
N THR J 268 65.79 8.64 -64.75
CA THR J 268 66.43 8.56 -66.05
C THR J 268 66.72 9.95 -66.59
N ASN J 269 67.42 9.99 -67.72
CA ASN J 269 67.55 11.21 -68.49
C ASN J 269 66.24 11.49 -69.22
N ASP J 270 66.10 12.73 -69.68
CA ASP J 270 64.97 13.14 -70.52
C ASP J 270 65.11 12.43 -71.87
N ASP J 271 64.74 11.16 -71.88
CA ASP J 271 64.80 10.35 -73.10
C ASP J 271 63.42 10.11 -73.70
N ARG J 272 62.75 9.08 -73.22
CA ARG J 272 61.41 8.74 -73.72
C ARG J 272 60.40 9.83 -73.37
N PRO J 273 59.18 9.75 -74.05
CA PRO J 273 58.23 10.83 -73.70
C PRO J 273 57.78 10.72 -72.24
N GLY J 274 56.64 11.33 -71.92
CA GLY J 274 56.11 11.30 -70.57
C GLY J 274 57.12 11.57 -69.48
N TRP J 275 58.39 11.83 -69.81
CA TRP J 275 59.37 12.13 -68.78
C TRP J 275 58.97 13.35 -67.97
N TRP J 276 58.31 14.32 -68.61
CA TRP J 276 57.84 15.51 -67.91
C TRP J 276 56.91 15.21 -66.74
N HIS J 277 56.16 14.10 -66.80
CA HIS J 277 55.35 13.71 -65.66
C HIS J 277 55.90 12.54 -64.86
N SER J 278 56.75 11.70 -65.45
CA SER J 278 57.29 10.52 -64.77
C SER J 278 58.78 10.44 -65.06
N PRO J 279 59.59 11.28 -64.41
CA PRO J 279 61.04 11.21 -64.63
C PRO J 279 61.66 9.93 -64.13
N ARG J 280 60.98 9.19 -63.28
CA ARG J 280 61.49 7.95 -62.71
C ARG J 280 60.64 6.79 -63.16
N ILE J 281 61.28 5.66 -63.42
CA ILE J 281 60.59 4.41 -63.75
C ILE J 281 60.50 3.61 -62.47
N GLU J 282 59.29 3.47 -61.93
CA GLU J 282 59.03 2.63 -60.78
C GLU J 282 58.12 1.47 -61.19
N LYS J 283 58.24 0.36 -60.47
CA LYS J 283 57.43 -0.82 -60.70
C LYS J 283 57.07 -1.43 -59.35
N PRO J 284 56.02 -2.24 -59.29
CA PRO J 284 55.66 -2.87 -58.02
C PRO J 284 56.58 -4.03 -57.66
N TRP J 285 56.73 -4.28 -56.37
CA TRP J 285 57.62 -5.33 -55.88
C TRP J 285 56.91 -6.26 -54.92
N VAL J 286 57.18 -7.55 -55.09
CA VAL J 286 56.69 -8.61 -54.21
C VAL J 286 57.89 -9.23 -53.51
N ALA J 287 57.75 -9.49 -52.22
CA ALA J 287 58.75 -10.21 -51.43
C ALA J 287 58.13 -11.49 -50.87
N ALA J 288 58.90 -12.58 -50.92
CA ALA J 288 58.49 -13.87 -50.37
C ALA J 288 59.55 -14.31 -49.38
N VAL J 289 59.16 -14.53 -48.13
CA VAL J 289 60.09 -14.78 -47.04
C VAL J 289 60.04 -16.26 -46.69
N ASP J 290 61.16 -16.95 -46.88
CA ASP J 290 61.34 -18.32 -46.41
C ASP J 290 62.29 -18.32 -45.22
N GLY J 291 62.00 -19.15 -44.23
CA GLY J 291 62.88 -19.26 -43.09
C GLY J 291 62.78 -18.09 -42.13
N PHE J 292 63.36 -16.95 -42.49
CA PHE J 292 63.31 -15.77 -41.64
C PHE J 292 63.83 -14.57 -42.41
N ALA J 293 63.47 -13.38 -41.94
CA ALA J 293 64.05 -12.12 -42.37
C ALA J 293 64.61 -11.43 -41.14
N ILE J 294 65.93 -11.35 -41.06
CA ILE J 294 66.61 -10.80 -39.89
C ILE J 294 67.38 -9.55 -40.30
N GLY J 295 67.31 -8.51 -39.48
CA GLY J 295 68.13 -7.33 -39.68
C GLY J 295 67.83 -6.62 -40.99
N GLY J 296 68.87 -6.45 -41.80
CA GLY J 296 68.69 -5.79 -43.09
C GLY J 296 67.63 -6.44 -43.95
N GLY J 297 67.51 -7.77 -43.86
CA GLY J 297 66.47 -8.46 -44.60
C GLY J 297 65.07 -8.01 -44.18
N ALA J 298 64.84 -7.92 -42.86
CA ALA J 298 63.54 -7.47 -42.37
C ALA J 298 63.29 -6.00 -42.74
N GLN J 299 64.35 -5.18 -42.73
CA GLN J 299 64.22 -3.80 -43.17
C GLN J 299 63.64 -3.69 -44.57
N LEU J 300 63.99 -4.64 -45.45
CA LEU J 300 63.52 -4.59 -46.83
C LEU J 300 62.01 -4.74 -46.93
N LEU J 301 61.39 -5.53 -46.04
CA LEU J 301 59.96 -5.80 -46.11
C LEU J 301 59.12 -4.54 -45.96
N LEU J 302 59.66 -3.49 -45.36
CA LEU J 302 58.93 -2.26 -45.10
C LEU J 302 58.77 -1.41 -46.34
N VAL J 303 59.19 -1.94 -47.50
CA VAL J 303 59.27 -1.16 -48.72
C VAL J 303 58.59 -1.85 -49.91
N PHE J 304 58.07 -3.05 -49.71
CA PHE J 304 57.44 -3.81 -50.77
C PHE J 304 55.94 -3.56 -50.87
N ASP J 305 55.38 -3.82 -52.05
CA ASP J 305 53.96 -3.67 -52.31
C ASP J 305 53.13 -4.87 -51.87
N ARG J 306 53.75 -6.06 -51.81
CA ARG J 306 53.10 -7.25 -51.31
C ARG J 306 54.16 -8.09 -50.64
N VAL J 307 53.81 -8.70 -49.51
CA VAL J 307 54.76 -9.53 -48.76
C VAL J 307 54.09 -10.85 -48.43
N LEU J 308 54.74 -11.95 -48.79
CA LEU J 308 54.29 -13.29 -48.46
C LEU J 308 55.35 -13.96 -47.60
N ALA J 309 54.91 -14.88 -46.75
CA ALA J 309 55.84 -15.59 -45.89
C ALA J 309 55.35 -17.00 -45.63
N SER J 310 56.29 -17.90 -45.43
CA SER J 310 55.98 -19.25 -45.02
C SER J 310 55.51 -19.27 -43.57
N SER J 311 54.62 -20.21 -43.25
CA SER J 311 54.09 -20.36 -41.89
C SER J 311 55.18 -20.42 -40.82
N ASP J 312 56.37 -20.90 -41.14
CA ASP J 312 57.41 -21.12 -40.13
C ASP J 312 58.41 -19.98 -40.02
N ALA J 313 58.20 -18.87 -40.73
CA ALA J 313 59.17 -17.79 -40.76
C ALA J 313 59.01 -16.87 -39.54
N TYR J 314 60.05 -16.08 -39.27
CA TYR J 314 60.00 -15.03 -38.27
C TYR J 314 60.74 -13.81 -38.77
N PHE J 315 60.51 -12.68 -38.12
CA PHE J 315 61.08 -11.40 -38.49
C PHE J 315 61.65 -10.76 -37.24
N SER J 316 62.88 -10.26 -37.34
CA SER J 316 63.49 -9.62 -36.18
C SER J 316 64.50 -8.58 -36.61
N LEU J 317 64.74 -7.63 -35.72
CA LEU J 317 65.75 -6.60 -35.90
C LEU J 317 66.63 -6.64 -34.66
N PRO J 318 67.56 -7.60 -34.60
CA PRO J 318 68.54 -7.64 -33.50
C PRO J 318 69.69 -6.63 -33.64
N CYS J 319 69.54 -5.68 -34.56
CA CYS J 319 70.58 -4.69 -34.83
C CYS J 319 70.99 -3.95 -33.56
N ALA J 320 70.00 -3.40 -32.85
CA ALA J 320 70.25 -2.91 -31.51
C ALA J 320 70.75 -4.05 -30.63
N LYS J 321 71.65 -3.70 -29.71
CA LYS J 321 72.36 -4.64 -28.85
C LYS J 321 73.38 -5.40 -29.67
N GLU J 322 73.21 -5.47 -30.99
CA GLU J 322 74.39 -5.70 -31.80
C GLU J 322 75.20 -4.41 -31.94
N GLY J 323 74.65 -3.28 -31.48
CA GLY J 323 75.31 -2.01 -31.45
C GLY J 323 74.85 -0.96 -32.45
N ILE J 324 74.15 -1.33 -33.53
CA ILE J 324 73.90 -0.37 -34.61
C ILE J 324 72.40 -0.19 -34.85
N ILE J 325 72.09 0.82 -35.66
CA ILE J 325 70.74 1.20 -36.07
C ILE J 325 70.31 0.35 -37.25
N PRO J 326 69.06 -0.17 -37.27
CA PRO J 326 68.60 -0.99 -38.41
C PRO J 326 68.16 -0.14 -39.60
N GLY J 327 69.13 0.51 -40.24
CA GLY J 327 68.84 1.30 -41.43
C GLY J 327 67.71 2.28 -41.23
N ALA J 328 66.75 2.27 -42.14
CA ALA J 328 65.57 3.12 -42.08
C ALA J 328 64.37 2.44 -41.42
N ALA J 329 64.57 1.32 -40.72
CA ALA J 329 63.48 0.74 -39.93
C ALA J 329 62.96 1.72 -38.88
N ASN J 330 63.85 2.52 -38.30
CA ASN J 330 63.40 3.49 -37.30
C ASN J 330 62.52 4.56 -37.94
N LEU J 331 62.71 4.78 -39.25
CA LEU J 331 61.86 5.71 -39.98
C LEU J 331 60.50 5.09 -40.30
N ARG J 332 60.50 3.84 -40.76
CA ARG J 332 59.34 3.23 -41.40
C ARG J 332 58.49 2.36 -40.49
N LEU J 333 59.10 1.70 -39.50
CA LEU J 333 58.38 0.66 -38.75
C LEU J 333 57.17 1.21 -37.99
N GLY J 334 57.31 2.38 -37.36
CA GLY J 334 56.20 2.96 -36.62
C GLY J 334 54.94 3.07 -37.46
N ARG J 335 55.10 3.34 -38.75
CA ARG J 335 53.99 3.48 -39.67
C ARG J 335 53.27 2.15 -39.88
N PHE J 336 54.00 1.03 -39.78
CA PHE J 336 53.45 -0.31 -39.90
C PHE J 336 52.86 -0.82 -38.59
N ALA J 337 53.55 -0.60 -37.47
CA ALA J 337 53.24 -1.29 -36.23
C ALA J 337 52.96 -0.38 -35.04
N GLY J 338 53.08 0.92 -35.20
CA GLY J 338 52.90 1.85 -34.11
C GLY J 338 54.13 1.91 -33.23
N PRO J 339 54.17 2.88 -32.31
CA PRO J 339 55.39 3.13 -31.56
C PRO J 339 55.66 2.14 -30.44
N ARG J 340 54.64 1.44 -29.92
CA ARG J 340 54.90 0.43 -28.91
C ARG J 340 55.63 -0.76 -29.52
N VAL J 341 55.02 -1.37 -30.54
CA VAL J 341 55.60 -2.56 -31.17
C VAL J 341 56.94 -2.24 -31.81
N SER J 342 57.07 -1.05 -32.41
CA SER J 342 58.33 -0.73 -33.09
C SER J 342 59.48 -0.61 -32.09
N ARG J 343 59.21 -0.10 -30.89
CA ARG J 343 60.22 -0.13 -29.84
C ARG J 343 60.45 -1.54 -29.29
N GLN J 344 59.40 -2.36 -29.21
CA GLN J 344 59.59 -3.74 -28.78
C GLN J 344 60.56 -4.45 -29.72
N VAL J 345 60.40 -4.21 -31.03
CA VAL J 345 61.22 -4.90 -32.02
C VAL J 345 62.63 -4.31 -32.05
N ILE J 346 62.73 -2.98 -32.09
CA ILE J 346 64.02 -2.34 -32.33
C ILE J 346 64.82 -2.16 -31.04
N LEU J 347 64.20 -1.66 -29.97
CA LEU J 347 64.94 -1.45 -28.73
C LEU J 347 65.16 -2.74 -27.93
N GLU J 348 64.19 -3.66 -27.95
CA GLU J 348 64.26 -4.82 -27.08
C GLU J 348 64.29 -6.14 -27.83
N GLY J 349 64.46 -6.10 -29.15
CA GLY J 349 64.77 -7.30 -29.88
C GLY J 349 63.62 -8.27 -30.01
N ARG J 350 62.39 -7.80 -29.92
CA ARG J 350 61.26 -8.71 -30.08
C ARG J 350 61.26 -9.33 -31.47
N ARG J 351 60.88 -10.60 -31.52
CA ARG J 351 60.87 -11.39 -32.73
C ARG J 351 59.43 -11.77 -33.02
N ILE J 352 58.98 -11.51 -34.24
CA ILE J 352 57.60 -11.69 -34.63
C ILE J 352 57.49 -12.91 -35.54
N TRP J 353 56.63 -13.84 -35.19
CA TRP J 353 56.44 -15.09 -35.92
C TRP J 353 55.33 -14.92 -36.95
N ALA J 354 55.49 -15.60 -38.09
CA ALA J 354 54.58 -15.43 -39.21
C ALA J 354 53.13 -15.75 -38.86
N LYS J 355 52.91 -16.67 -37.91
CA LYS J 355 51.56 -17.07 -37.57
C LYS J 355 50.94 -16.31 -36.41
N GLU J 356 51.69 -15.44 -35.73
CA GLU J 356 51.01 -14.68 -34.69
C GLU J 356 50.26 -13.49 -35.30
N PRO J 357 49.17 -13.06 -34.67
CA PRO J 357 48.35 -11.97 -35.25
C PRO J 357 49.12 -10.74 -35.71
N GLU J 358 50.06 -10.25 -34.92
CA GLU J 358 50.77 -9.02 -35.29
C GLU J 358 51.69 -9.19 -36.49
N ALA J 359 51.92 -10.43 -36.97
CA ALA J 359 52.62 -10.58 -38.24
C ALA J 359 51.86 -9.90 -39.38
N ARG J 360 50.54 -9.73 -39.25
CA ARG J 360 49.77 -9.10 -40.30
C ARG J 360 50.11 -7.62 -40.47
N LEU J 361 50.87 -7.04 -39.53
CA LEU J 361 51.35 -5.67 -39.68
C LEU J 361 52.49 -5.59 -40.69
N LEU J 362 53.20 -6.70 -40.90
CA LEU J 362 54.34 -6.76 -41.80
C LEU J 362 54.12 -7.61 -43.03
N VAL J 363 53.15 -8.54 -43.00
CA VAL J 363 53.02 -9.57 -44.02
C VAL J 363 51.58 -9.63 -44.48
N ASP J 364 51.38 -9.75 -45.80
CA ASP J 364 50.04 -9.80 -46.37
C ASP J 364 49.48 -11.21 -46.37
N GLU J 365 50.31 -12.22 -46.59
CA GLU J 365 49.87 -13.60 -46.70
C GLU J 365 50.85 -14.53 -46.01
N VAL J 366 50.33 -15.46 -45.23
CA VAL J 366 51.14 -16.47 -44.57
C VAL J 366 50.61 -17.82 -45.04
N VAL J 367 51.49 -18.60 -45.69
CA VAL J 367 51.07 -19.78 -46.42
C VAL J 367 51.89 -20.97 -45.97
N GLU J 368 51.24 -22.14 -45.93
CA GLU J 368 51.97 -23.36 -45.63
C GLU J 368 52.97 -23.64 -46.75
N PRO J 369 54.15 -24.15 -46.42
CA PRO J 369 55.14 -24.47 -47.44
C PRO J 369 54.67 -25.16 -48.72
N ASP J 370 53.72 -26.11 -48.68
CA ASP J 370 53.34 -26.73 -49.95
C ASP J 370 52.45 -25.84 -50.83
N GLU J 371 51.85 -24.77 -50.29
CA GLU J 371 51.03 -23.88 -51.13
C GLU J 371 51.74 -22.56 -51.42
N LEU J 372 52.98 -22.38 -50.97
CA LEU J 372 53.65 -21.08 -51.05
C LEU J 372 54.02 -20.68 -52.47
N ASP J 373 54.64 -21.59 -53.23
CA ASP J 373 55.02 -21.26 -54.61
C ASP J 373 53.83 -20.77 -55.43
N ALA J 374 52.69 -21.46 -55.31
CA ALA J 374 51.53 -21.11 -56.11
C ALA J 374 50.93 -19.78 -55.66
N ALA J 375 50.98 -19.49 -54.37
CA ALA J 375 50.45 -18.22 -53.89
C ALA J 375 51.33 -17.05 -54.32
N ILE J 376 52.64 -17.28 -54.39
CA ILE J 376 53.55 -16.28 -54.95
C ILE J 376 53.18 -15.97 -56.40
N GLU J 377 53.00 -17.02 -57.21
CA GLU J 377 52.67 -16.82 -58.62
C GLU J 377 51.37 -16.04 -58.78
N ARG J 378 50.33 -16.39 -58.02
CA ARG J 378 49.06 -15.67 -58.13
C ARG J 378 49.25 -14.18 -57.81
N SER J 379 50.07 -13.88 -56.80
CA SER J 379 50.24 -12.49 -56.39
C SER J 379 50.98 -11.68 -57.44
N LEU J 380 51.82 -12.34 -58.23
CA LEU J 380 52.52 -11.62 -59.31
C LEU J 380 51.58 -11.18 -60.42
N THR J 381 50.45 -11.87 -60.62
CA THR J 381 49.50 -11.46 -61.64
C THR J 381 48.61 -10.28 -61.23
N ARG J 382 48.56 -9.91 -59.96
CA ARG J 382 47.58 -8.95 -59.49
C ARG J 382 48.05 -7.49 -59.48
N LEU J 383 49.27 -7.19 -59.93
CA LEU J 383 49.83 -5.84 -59.83
C LEU J 383 50.22 -5.23 -61.18
N ASP J 384 49.54 -5.59 -62.27
CA ASP J 384 50.07 -5.36 -63.63
C ASP J 384 49.95 -3.92 -64.16
N GLY J 385 48.83 -3.24 -63.97
CA GLY J 385 48.54 -2.10 -64.83
C GLY J 385 49.26 -0.80 -64.51
N ASP J 386 48.92 0.23 -65.30
CA ASP J 386 49.31 1.61 -65.02
C ASP J 386 48.56 2.20 -63.83
N ALA J 387 47.38 1.66 -63.50
CA ALA J 387 46.64 2.18 -62.37
C ALA J 387 47.33 1.83 -61.07
N VAL J 388 47.86 0.60 -60.97
CA VAL J 388 48.68 0.22 -59.83
C VAL J 388 49.87 1.15 -59.68
N LEU J 389 50.55 1.47 -60.79
CA LEU J 389 51.69 2.39 -60.71
C LEU J 389 51.30 3.75 -60.13
N ALA J 390 50.23 4.35 -60.65
CA ALA J 390 49.84 5.66 -60.16
C ALA J 390 49.44 5.61 -58.70
N ASN J 391 48.68 4.58 -58.31
CA ASN J 391 48.23 4.46 -56.93
C ASN J 391 49.38 4.18 -55.97
N ARG J 392 50.33 3.33 -56.37
CA ARG J 392 51.43 3.08 -55.43
C ARG J 392 52.34 4.30 -55.33
N ARG J 393 52.41 5.11 -56.40
CA ARG J 393 53.18 6.34 -56.34
C ARG J 393 52.54 7.34 -55.39
N MET J 394 51.22 7.50 -55.44
CA MET J 394 50.55 8.40 -54.52
C MET J 394 50.63 7.89 -53.08
N LEU J 395 50.53 6.56 -52.89
CA LEU J 395 50.66 5.97 -51.57
C LEU J 395 52.03 6.24 -50.96
N ASN J 396 53.10 6.02 -51.74
CA ASN J 396 54.44 6.21 -51.21
C ASN J 396 54.72 7.69 -50.93
N LEU J 397 54.18 8.57 -51.76
CA LEU J 397 54.29 10.01 -51.49
C LEU J 397 53.60 10.38 -50.19
N ALA J 398 52.44 9.80 -49.92
CA ALA J 398 51.75 10.07 -48.66
C ALA J 398 52.47 9.44 -47.48
N ASP J 399 52.92 8.19 -47.64
CA ASP J 399 53.50 7.46 -46.51
C ASP J 399 54.82 8.03 -46.06
N GLU J 400 55.65 8.45 -47.00
CA GLU J 400 57.03 8.88 -46.72
C GLU J 400 57.34 10.08 -47.62
N SER J 401 57.32 11.28 -47.03
CA SER J 401 57.60 12.47 -47.82
C SER J 401 59.08 12.54 -48.16
N PRO J 402 59.44 13.21 -49.26
CA PRO J 402 60.86 13.44 -49.54
C PRO J 402 61.60 14.11 -48.41
N ASP J 403 61.01 15.15 -47.80
CA ASP J 403 61.63 15.77 -46.63
C ASP J 403 61.79 14.80 -45.48
N GLY J 404 60.76 13.99 -45.21
CA GLY J 404 60.85 13.03 -44.12
C GLY J 404 62.02 12.09 -44.27
N PHE J 405 62.15 11.49 -45.46
CA PHE J 405 63.24 10.57 -45.72
C PHE J 405 64.59 11.27 -45.70
N ARG J 406 64.68 12.45 -46.33
CA ARG J 406 65.92 13.21 -46.35
C ARG J 406 66.38 13.60 -44.95
N ALA J 407 65.47 14.10 -44.12
CA ALA J 407 65.85 14.51 -42.77
C ALA J 407 66.35 13.33 -41.95
N TYR J 408 65.69 12.17 -42.10
CA TYR J 408 66.10 10.98 -41.36
C TYR J 408 67.49 10.52 -41.80
N MET J 409 67.71 10.40 -43.11
CA MET J 409 69.00 9.92 -43.60
C MET J 409 70.13 10.87 -43.23
N ALA J 410 69.84 12.17 -43.11
CA ALA J 410 70.85 13.14 -42.68
C ALA J 410 71.37 12.82 -41.28
N GLU J 411 70.48 12.77 -40.29
CA GLU J 411 70.86 12.34 -38.94
C GLU J 411 71.44 10.93 -38.93
N PHE J 412 70.87 10.02 -39.73
CA PHE J 412 71.33 8.64 -39.73
C PHE J 412 72.80 8.55 -40.13
N ALA J 413 73.19 9.32 -41.14
CA ALA J 413 74.56 9.31 -41.63
C ALA J 413 75.58 9.48 -40.52
N LEU J 414 75.30 10.36 -39.55
CA LEU J 414 76.24 10.59 -38.45
C LEU J 414 75.97 9.67 -37.27
N MET J 415 74.71 9.50 -36.87
CA MET J 415 74.39 8.62 -35.76
C MET J 415 74.92 7.22 -36.00
N GLN J 416 74.78 6.72 -37.24
CA GLN J 416 75.24 5.37 -37.56
C GLN J 416 76.76 5.32 -37.65
N ALA J 417 77.38 6.37 -38.19
CA ALA J 417 78.83 6.49 -38.17
C ALA J 417 79.38 6.34 -36.75
N LEU J 418 78.75 7.03 -35.79
CA LEU J 418 79.20 6.92 -34.40
C LEU J 418 78.98 5.53 -33.84
N ARG J 419 77.87 4.87 -34.21
CA ARG J 419 77.65 3.52 -33.70
C ARG J 419 78.66 2.55 -34.27
N LEU J 420 79.12 2.81 -35.51
CA LEU J 420 80.11 1.96 -36.14
C LEU J 420 81.42 1.93 -35.35
N TYR J 421 81.69 2.96 -34.55
CA TYR J 421 82.90 3.05 -33.74
C TYR J 421 82.66 3.09 -32.24
N GLY J 422 81.44 2.76 -31.78
CA GLY J 422 81.18 2.70 -30.36
C GLY J 422 81.78 1.47 -29.72
N HIS J 423 81.89 1.48 -28.39
CA HIS J 423 82.64 0.41 -27.75
C HIS J 423 81.84 -0.89 -27.68
N ASP J 424 80.52 -0.80 -27.60
CA ASP J 424 79.75 -2.04 -27.50
C ASP J 424 79.66 -2.75 -28.83
N VAL J 425 79.92 -2.05 -29.94
CA VAL J 425 80.08 -2.71 -31.23
C VAL J 425 81.40 -3.45 -31.34
N ILE J 426 82.32 -3.21 -30.42
CA ILE J 426 83.68 -3.69 -30.56
C ILE J 426 84.04 -4.72 -29.50
N THR K 11 54.19 52.00 -37.04
CA THR K 11 55.04 51.95 -38.22
C THR K 11 54.21 51.53 -39.42
N ASP K 12 53.27 50.63 -39.17
CA ASP K 12 52.23 50.36 -40.15
C ASP K 12 50.84 50.58 -39.57
N GLY K 13 50.75 51.16 -38.37
CA GLY K 13 49.50 51.44 -37.73
C GLY K 13 49.06 50.41 -36.71
N LEU K 14 49.62 49.19 -36.75
CA LEU K 14 49.07 48.11 -35.94
C LEU K 14 49.37 48.29 -34.46
N TRP K 15 50.59 48.69 -34.10
CA TRP K 15 50.89 48.90 -32.69
C TRP K 15 50.06 50.02 -32.10
N ALA K 16 49.84 51.09 -32.87
CA ALA K 16 49.04 52.19 -32.38
C ALA K 16 47.58 51.78 -32.21
N ALA K 17 47.03 51.05 -33.18
CA ALA K 17 45.64 50.62 -33.09
C ALA K 17 45.43 49.66 -31.93
N LEU K 18 46.41 48.78 -31.70
CA LEU K 18 46.37 47.90 -30.54
C LEU K 18 46.43 48.71 -29.24
N THR K 19 47.35 49.66 -29.16
CA THR K 19 47.44 50.52 -27.98
C THR K 19 46.10 51.19 -27.69
N GLU K 20 45.41 51.60 -28.75
CA GLU K 20 44.10 52.22 -28.59
C GLU K 20 43.07 51.20 -28.09
N ALA K 21 43.02 50.03 -28.72
CA ALA K 21 42.06 49.01 -28.31
C ALA K 21 42.28 48.57 -26.89
N ALA K 22 43.54 48.50 -26.46
CA ALA K 22 43.82 48.18 -25.07
C ALA K 22 43.39 49.30 -24.13
N ALA K 23 43.54 50.55 -24.58
CA ALA K 23 43.09 51.69 -23.78
C ALA K 23 41.58 51.68 -23.56
N SER K 24 40.80 51.39 -24.60
CA SER K 24 39.35 51.31 -24.44
C SER K 24 38.97 50.19 -23.48
N VAL K 25 39.71 49.09 -23.48
CA VAL K 25 39.48 48.02 -22.50
C VAL K 25 39.71 48.56 -21.10
N GLU K 26 40.84 49.24 -20.89
CA GLU K 26 41.19 49.67 -19.54
C GLU K 26 40.19 50.69 -19.00
N LYS K 27 39.81 51.65 -19.84
CA LYS K 27 38.75 52.60 -19.49
C LYS K 27 37.46 51.88 -19.08
N LEU K 28 36.99 50.95 -19.89
CA LEU K 28 35.79 50.21 -19.54
C LEU K 28 35.96 49.44 -18.23
N LEU K 29 37.12 48.81 -18.03
CA LEU K 29 37.31 48.09 -16.78
C LEU K 29 37.41 49.04 -15.60
N ALA K 30 37.93 50.24 -15.81
CA ALA K 30 38.00 51.21 -14.71
C ALA K 30 36.63 51.78 -14.35
N THR K 31 35.76 51.99 -15.34
CA THR K 31 34.48 52.66 -15.10
C THR K 31 33.29 51.72 -14.94
N LEU K 32 33.40 50.46 -15.32
CA LEU K 32 32.23 49.59 -15.23
C LEU K 32 32.15 48.94 -13.85
N PRO K 33 30.99 48.40 -13.48
CA PRO K 33 30.91 47.64 -12.23
C PRO K 33 31.73 46.37 -12.28
N GLU K 34 31.91 45.76 -11.10
CA GLU K 34 32.60 44.49 -11.02
C GLU K 34 31.82 43.45 -11.81
N HIS K 35 32.50 42.33 -12.12
CA HIS K 35 32.01 41.38 -13.11
C HIS K 35 30.60 40.90 -12.84
N GLY K 36 30.34 40.45 -11.63
CA GLY K 36 29.02 39.93 -11.32
C GLY K 36 27.93 40.99 -11.20
N ALA K 37 28.24 42.28 -11.26
CA ALA K 37 27.23 43.33 -11.19
C ALA K 37 26.98 44.03 -12.52
N ARG K 38 27.59 43.58 -13.62
CA ARG K 38 27.41 44.24 -14.90
C ARG K 38 26.08 43.86 -15.56
N SER K 39 25.49 44.82 -16.27
CA SER K 39 24.26 44.59 -16.99
C SER K 39 24.53 43.90 -18.32
N SER K 40 23.45 43.49 -19.00
CA SER K 40 23.57 42.86 -20.31
C SER K 40 24.30 43.75 -21.30
N ALA K 41 23.87 45.02 -21.39
CA ALA K 41 24.53 45.97 -22.29
C ALA K 41 25.99 46.17 -21.93
N GLU K 42 26.29 46.25 -20.64
CA GLU K 42 27.67 46.41 -20.22
C GLU K 42 28.53 45.18 -20.55
N ARG K 43 27.98 43.98 -20.38
CA ARG K 43 28.77 42.78 -20.66
C ARG K 43 29.10 42.69 -22.15
N ALA K 44 28.15 43.05 -23.01
CA ALA K 44 28.42 43.01 -24.46
C ALA K 44 29.48 44.02 -24.86
N GLU K 45 29.51 45.17 -24.19
CA GLU K 45 30.46 46.22 -24.57
C GLU K 45 31.89 45.82 -24.24
N ILE K 46 32.14 45.31 -23.03
CA ILE K 46 33.49 44.88 -22.67
C ILE K 46 33.91 43.68 -23.50
N ALA K 47 33.00 42.72 -23.70
CA ALA K 47 33.29 41.58 -24.57
C ALA K 47 33.74 42.05 -25.96
N ALA K 48 33.05 43.06 -26.49
CA ALA K 48 33.44 43.61 -27.79
C ALA K 48 34.81 44.28 -27.73
N ALA K 49 35.09 44.99 -26.63
CA ALA K 49 36.37 45.67 -26.51
C ALA K 49 37.51 44.67 -26.42
N HIS K 50 37.35 43.66 -25.57
CA HIS K 50 38.32 42.56 -25.52
C HIS K 50 38.56 41.95 -26.90
N ASP K 51 37.48 41.66 -27.63
CA ASP K 51 37.61 41.01 -28.94
C ASP K 51 38.39 41.89 -29.92
N ALA K 52 38.13 43.21 -29.90
CA ALA K 52 38.85 44.09 -30.81
C ALA K 52 40.33 44.16 -30.44
N ALA K 53 40.65 44.20 -29.15
CA ALA K 53 42.05 44.23 -28.74
C ALA K 53 42.77 42.93 -29.09
N ARG K 54 42.13 41.79 -28.84
CA ARG K 54 42.75 40.51 -29.13
C ARG K 54 42.94 40.30 -30.63
N ALA K 55 41.95 40.69 -31.43
CA ALA K 55 42.10 40.66 -32.88
C ALA K 55 43.31 41.45 -33.33
N LEU K 56 43.56 42.60 -32.70
CA LEU K 56 44.74 43.38 -33.07
C LEU K 56 46.03 42.79 -32.52
N ARG K 57 45.98 42.14 -31.35
CA ARG K 57 47.15 41.39 -30.88
C ARG K 57 47.58 40.34 -31.90
N VAL K 58 46.61 39.65 -32.50
CA VAL K 58 46.93 38.66 -33.53
C VAL K 58 47.53 39.33 -34.75
N ARG K 59 46.91 40.41 -35.24
CA ARG K 59 47.38 41.03 -36.47
C ARG K 59 48.73 41.69 -36.29
N PHE K 60 48.93 42.38 -35.16
CA PHE K 60 50.23 42.95 -34.87
C PHE K 60 51.33 41.88 -34.97
N LEU K 61 51.11 40.74 -34.32
CA LEU K 61 52.13 39.70 -34.25
C LEU K 61 52.27 38.89 -35.53
N ASP K 62 51.24 38.84 -36.38
CA ASP K 62 51.41 38.14 -37.66
C ASP K 62 52.57 38.72 -38.46
N THR K 63 52.79 40.04 -38.39
CA THR K 63 53.91 40.63 -39.09
C THR K 63 55.08 41.03 -38.21
N HIS K 64 54.87 41.27 -36.93
CA HIS K 64 55.91 41.78 -36.06
C HIS K 64 56.47 40.82 -35.02
N ALA K 65 56.06 39.55 -35.03
CA ALA K 65 56.47 38.62 -33.97
C ALA K 65 57.98 38.50 -33.87
N ASP K 66 58.66 38.27 -35.00
CA ASP K 66 60.12 38.12 -34.98
C ASP K 66 60.80 39.36 -34.43
N ALA K 67 60.34 40.56 -34.81
CA ALA K 67 60.95 41.78 -34.29
C ALA K 67 60.74 41.88 -32.79
N VAL K 68 59.55 41.50 -32.32
CA VAL K 68 59.28 41.50 -30.87
C VAL K 68 60.20 40.51 -30.16
N TYR K 69 60.25 39.28 -30.65
CA TYR K 69 61.08 38.26 -30.01
C TYR K 69 62.55 38.67 -30.02
N ASP K 70 63.00 39.27 -31.12
CA ASP K 70 64.39 39.73 -31.20
C ASP K 70 64.70 40.78 -30.14
N ARG K 71 63.80 41.73 -29.90
CA ARG K 71 64.06 42.69 -28.83
C ARG K 71 64.19 42.01 -27.48
N LEU K 72 63.36 40.98 -27.22
CA LEU K 72 63.34 40.34 -25.92
C LEU K 72 64.51 39.40 -25.73
N THR K 73 65.03 38.82 -26.81
CA THR K 73 66.09 37.84 -26.71
C THR K 73 67.42 38.29 -27.32
N ASP K 74 67.56 39.58 -27.62
CA ASP K 74 68.78 40.12 -28.19
C ASP K 74 69.15 39.34 -29.46
N HIS K 75 68.20 39.32 -30.40
CA HIS K 75 68.29 38.59 -31.65
C HIS K 75 68.67 37.12 -31.45
N ARG K 76 67.89 36.45 -30.59
CA ARG K 76 67.96 35.00 -30.35
C ARG K 76 69.34 34.57 -29.86
N ARG K 77 69.96 35.40 -29.02
CA ARG K 77 71.22 35.07 -28.38
C ARG K 77 71.07 34.86 -26.88
N VAL K 78 69.90 35.14 -26.32
CA VAL K 78 69.60 34.86 -24.92
C VAL K 78 68.41 33.90 -24.89
N HIS K 79 68.61 32.73 -24.27
CA HIS K 79 67.53 31.76 -24.07
C HIS K 79 66.69 32.18 -22.88
N LEU K 80 65.43 32.57 -23.11
CA LEU K 80 64.48 32.83 -22.04
C LEU K 80 63.40 31.76 -22.00
N ARG K 81 63.15 31.22 -20.80
CA ARG K 81 62.03 30.34 -20.54
C ARG K 81 60.70 31.11 -20.64
N LEU K 82 59.61 30.34 -20.61
CA LEU K 82 58.28 30.88 -20.85
C LEU K 82 57.92 31.99 -19.86
N ALA K 83 58.08 31.73 -18.56
CA ALA K 83 57.73 32.72 -17.54
C ALA K 83 58.49 34.02 -17.76
N GLU K 84 59.80 33.92 -17.96
CA GLU K 84 60.61 35.11 -18.16
C GLU K 84 60.24 35.81 -19.46
N LEU K 85 59.94 35.04 -20.52
CA LEU K 85 59.61 35.63 -21.81
C LEU K 85 58.35 36.49 -21.75
N VAL K 86 57.27 35.96 -21.17
CA VAL K 86 56.01 36.71 -21.16
C VAL K 86 56.08 37.89 -20.20
N GLU K 87 56.87 37.77 -19.13
CA GLU K 87 57.09 38.90 -18.25
C GLU K 87 57.81 40.02 -18.98
N ALA K 88 58.93 39.69 -19.62
CA ALA K 88 59.68 40.69 -20.38
C ALA K 88 58.86 41.30 -21.50
N ALA K 89 58.00 40.50 -22.14
CA ALA K 89 57.13 41.03 -23.19
C ALA K 89 56.15 42.07 -22.64
N ALA K 90 55.64 41.83 -21.44
CA ALA K 90 54.68 42.77 -20.86
C ALA K 90 55.31 44.13 -20.58
N THR K 91 56.51 44.13 -20.01
CA THR K 91 57.15 45.41 -19.69
C THR K 91 57.64 46.11 -20.96
N ALA K 92 58.21 45.36 -21.89
CA ALA K 92 58.73 45.97 -23.11
C ALA K 92 57.64 46.40 -24.08
N PHE K 93 56.47 45.74 -24.05
CA PHE K 93 55.36 46.03 -24.98
C PHE K 93 54.06 46.12 -24.20
N PRO K 94 53.83 47.21 -23.45
CA PRO K 94 52.60 47.33 -22.68
C PRO K 94 51.36 47.10 -23.53
N GLY K 95 50.40 46.36 -22.98
CA GLY K 95 49.16 46.04 -23.65
C GLY K 95 49.20 44.82 -24.55
N LEU K 96 50.39 44.34 -24.90
CA LEU K 96 50.49 43.11 -25.68
C LEU K 96 50.13 41.89 -24.84
N VAL K 97 50.70 41.80 -23.64
CA VAL K 97 50.40 40.71 -22.71
C VAL K 97 50.32 41.28 -21.31
N PRO K 98 49.57 40.62 -20.42
CA PRO K 98 49.36 41.20 -19.08
C PRO K 98 50.63 41.26 -18.25
N THR K 99 50.69 42.28 -17.39
CA THR K 99 51.77 42.43 -16.42
C THR K 99 51.58 41.44 -15.28
N GLN K 100 52.66 41.22 -14.50
CA GLN K 100 52.52 40.34 -13.34
C GLN K 100 51.44 40.86 -12.42
N GLN K 101 51.25 42.18 -12.41
CA GLN K 101 50.23 42.79 -11.57
C GLN K 101 48.84 42.36 -12.02
N GLN K 102 48.53 42.58 -13.30
CA GLN K 102 47.21 42.23 -13.82
C GLN K 102 46.92 40.76 -13.63
N LEU K 103 47.94 39.91 -13.78
CA LEU K 103 47.77 38.48 -13.53
C LEU K 103 47.49 38.20 -12.05
N ALA K 104 48.19 38.91 -11.15
CA ALA K 104 47.90 38.81 -9.73
C ALA K 104 46.42 39.06 -9.45
N VAL K 105 45.86 40.10 -10.06
CA VAL K 105 44.44 40.39 -9.87
C VAL K 105 43.58 39.27 -10.44
N GLU K 106 43.91 38.80 -11.65
CA GLU K 106 43.18 37.68 -12.24
C GLU K 106 43.23 36.45 -11.34
N ARG K 107 44.40 36.14 -10.79
CA ARG K 107 44.52 34.91 -10.01
C ARG K 107 43.69 34.98 -8.72
N SER K 108 43.42 36.19 -8.23
CA SER K 108 42.63 36.34 -7.01
C SER K 108 41.14 36.12 -7.22
N LEU K 109 40.69 36.00 -8.46
CA LEU K 109 39.29 35.83 -8.80
C LEU K 109 38.97 34.38 -9.13
N PRO K 110 37.69 33.99 -9.07
CA PRO K 110 37.31 32.71 -9.66
C PRO K 110 37.28 32.84 -11.19
N GLN K 111 37.49 31.70 -11.87
CA GLN K 111 37.61 31.67 -13.33
C GLN K 111 36.50 32.47 -14.00
N ALA K 112 35.26 32.31 -13.52
CA ALA K 112 34.10 32.96 -14.14
C ALA K 112 34.19 34.48 -14.13
N ALA K 113 34.85 35.08 -13.15
CA ALA K 113 34.92 36.53 -13.04
C ALA K 113 36.13 37.12 -13.73
N LYS K 114 37.01 36.29 -14.27
CA LYS K 114 38.23 36.77 -14.90
C LYS K 114 37.94 37.44 -16.23
N GLU K 115 38.77 38.45 -16.55
CA GLU K 115 38.67 39.12 -17.83
C GLU K 115 39.30 38.31 -18.96
N GLY K 116 40.14 37.34 -18.63
CA GLY K 116 40.74 36.46 -19.60
C GLY K 116 42.08 36.91 -20.17
N HIS K 117 42.87 37.64 -19.38
CA HIS K 117 44.12 38.21 -19.88
C HIS K 117 45.11 37.14 -20.32
N GLU K 118 45.06 35.96 -19.71
CA GLU K 118 45.91 34.85 -20.17
C GLU K 118 45.74 34.56 -21.65
N ILE K 119 44.56 34.83 -22.22
CA ILE K 119 44.36 34.63 -23.65
C ILE K 119 45.38 35.44 -24.45
N ASP K 120 45.73 36.63 -23.96
CA ASP K 120 46.72 37.44 -24.64
C ASP K 120 48.07 36.74 -24.66
N GLN K 121 48.39 35.99 -23.61
CA GLN K 121 49.61 35.18 -23.61
C GLN K 121 49.48 34.03 -24.60
N GLY K 122 48.29 33.43 -24.71
CA GLY K 122 48.05 32.44 -25.76
C GLY K 122 48.32 32.99 -27.15
N ILE K 123 47.85 34.22 -27.41
CA ILE K 123 48.06 34.84 -28.71
C ILE K 123 49.54 35.04 -28.95
N PHE K 124 50.25 35.47 -27.92
CA PHE K 124 51.68 35.76 -28.03
C PHE K 124 52.49 34.50 -28.32
N LEU K 125 52.31 33.47 -27.49
CA LEU K 125 53.06 32.23 -27.65
C LEU K 125 52.72 31.52 -28.96
N ARG K 126 51.48 31.64 -29.43
CA ARG K 126 51.14 31.09 -30.74
C ARG K 126 51.98 31.74 -31.82
N ALA K 127 52.05 33.08 -31.80
CA ALA K 127 52.79 33.82 -32.82
C ALA K 127 54.28 33.52 -32.75
N VAL K 128 54.83 33.42 -31.52
CA VAL K 128 56.24 33.09 -31.37
C VAL K 128 56.55 31.71 -31.94
N LEU K 129 55.78 30.70 -31.50
CA LEU K 129 56.03 29.32 -31.94
C LEU K 129 55.78 29.13 -33.44
N ARG K 130 54.86 29.91 -34.04
CA ARG K 130 54.67 29.82 -35.49
C ARG K 130 55.91 30.27 -36.27
N SER K 131 56.72 31.16 -35.70
CA SER K 131 57.91 31.64 -36.41
C SER K 131 58.93 30.52 -36.59
N PRO K 132 59.45 30.31 -37.81
CA PRO K 132 60.54 29.32 -37.99
C PRO K 132 61.85 29.73 -37.35
N LEU K 133 62.00 30.98 -36.92
CA LEU K 133 63.19 31.44 -36.22
C LEU K 133 62.99 31.52 -34.71
N ALA K 134 61.92 32.16 -34.26
CA ALA K 134 61.68 32.30 -32.82
C ALA K 134 61.23 30.99 -32.19
N GLY K 135 60.39 30.23 -32.89
CA GLY K 135 59.82 29.01 -32.38
C GLY K 135 60.83 27.98 -31.90
N PRO K 136 61.72 27.54 -32.79
CA PRO K 136 62.73 26.55 -32.37
C PRO K 136 63.63 27.08 -31.26
N HIS K 137 63.85 28.40 -31.21
CA HIS K 137 64.73 28.97 -30.20
C HIS K 137 64.07 28.94 -28.83
N LEU K 138 62.78 29.30 -28.76
CA LEU K 138 62.05 29.16 -27.51
C LEU K 138 61.99 27.71 -27.05
N LEU K 139 61.79 26.77 -27.98
CA LEU K 139 61.71 25.36 -27.60
C LEU K 139 63.05 24.87 -27.06
N ASP K 140 64.16 25.35 -27.63
CA ASP K 140 65.47 25.03 -27.07
C ASP K 140 65.63 25.60 -25.67
N ALA K 141 65.20 26.86 -25.48
CA ALA K 141 65.30 27.49 -24.16
C ALA K 141 64.62 26.64 -23.09
N MET K 142 63.46 26.06 -23.42
CA MET K 142 62.73 25.23 -22.47
C MET K 142 63.34 23.85 -22.27
N LEU K 143 64.18 23.38 -23.22
CA LEU K 143 64.90 22.14 -23.00
C LEU K 143 66.15 22.30 -22.14
N ARG K 144 66.60 23.53 -21.88
CA ARG K 144 67.75 23.73 -21.01
C ARG K 144 67.39 23.38 -19.57
N PRO K 145 68.38 22.96 -18.77
CA PRO K 145 68.12 22.60 -17.37
C PRO K 145 67.54 23.79 -16.59
N THR K 146 66.63 23.48 -15.67
CA THR K 146 66.11 24.50 -14.79
C THR K 146 67.18 24.91 -13.78
N PRO K 147 67.17 26.19 -13.35
CA PRO K 147 68.09 26.61 -12.29
C PRO K 147 67.97 25.78 -11.01
N ARG K 148 66.74 25.43 -10.61
CA ARG K 148 66.55 24.59 -9.44
C ARG K 148 67.32 23.28 -9.54
N ALA K 149 67.29 22.65 -10.72
CA ALA K 149 67.97 21.37 -10.89
C ALA K 149 69.49 21.52 -10.87
N LEU K 150 70.02 22.58 -11.49
CA LEU K 150 71.44 22.84 -11.41
C LEU K 150 71.87 23.05 -9.96
N GLU K 151 70.98 23.66 -9.19
CA GLU K 151 71.23 23.99 -7.79
C GLU K 151 71.27 22.73 -6.92
N LEU K 152 70.36 21.78 -7.17
CA LEU K 152 70.28 20.52 -6.44
C LEU K 152 71.19 19.42 -6.97
N LEU K 153 71.80 19.59 -8.14
CA LEU K 153 72.54 18.49 -8.75
C LEU K 153 73.69 17.96 -7.90
N PRO K 154 74.58 18.80 -7.34
CA PRO K 154 75.69 18.23 -6.55
C PRO K 154 75.24 17.38 -5.38
N GLU K 155 74.27 17.84 -4.59
CA GLU K 155 73.79 17.02 -3.47
C GLU K 155 73.11 15.75 -3.97
N PHE K 156 72.45 15.80 -5.13
CA PHE K 156 71.86 14.58 -5.67
C PHE K 156 72.92 13.59 -6.10
N VAL K 157 73.97 14.07 -6.74
CA VAL K 157 75.08 13.18 -7.09
C VAL K 157 75.66 12.56 -5.82
N ARG K 158 75.73 13.36 -4.74
CA ARG K 158 76.32 12.87 -3.50
C ARG K 158 75.45 11.84 -2.80
N THR K 159 74.17 12.16 -2.59
CA THR K 159 73.34 11.34 -1.72
C THR K 159 72.51 10.33 -2.48
N GLY K 160 72.29 10.57 -3.76
CA GLY K 160 71.39 9.75 -4.54
C GLY K 160 69.93 9.88 -4.20
N GLU K 161 69.50 10.99 -3.60
CA GLU K 161 68.14 11.07 -3.07
C GLU K 161 67.73 12.52 -2.94
N VAL K 162 66.49 12.81 -3.37
CA VAL K 162 65.90 14.14 -3.23
C VAL K 162 64.43 13.97 -2.93
N GLU K 163 63.94 14.68 -1.93
CA GLU K 163 62.54 14.67 -1.58
C GLU K 163 61.95 16.02 -1.96
N MET K 164 60.90 15.99 -2.77
CA MET K 164 60.18 17.18 -3.18
C MET K 164 58.72 17.00 -2.82
N GLU K 165 57.93 18.08 -2.95
CA GLU K 165 56.55 18.01 -2.49
C GLU K 165 55.76 16.94 -3.24
N ALA K 166 55.90 16.89 -4.56
CA ALA K 166 55.11 15.96 -5.36
C ALA K 166 55.91 14.81 -5.97
N VAL K 167 57.24 14.82 -5.87
CA VAL K 167 58.06 13.76 -6.48
C VAL K 167 59.16 13.37 -5.50
N HIS K 168 59.34 12.06 -5.33
CA HIS K 168 60.51 11.50 -4.64
C HIS K 168 61.46 10.94 -5.67
N LEU K 169 62.71 11.39 -5.65
CA LEU K 169 63.71 10.95 -6.62
C LEU K 169 64.81 10.16 -5.93
N GLU K 170 65.15 9.00 -6.50
CA GLU K 170 66.19 8.12 -5.98
C GLU K 170 66.99 7.53 -7.12
N ARG K 171 68.31 7.62 -7.03
CA ARG K 171 69.20 6.87 -7.91
C ARG K 171 69.52 5.52 -7.28
N ARG K 172 69.35 4.45 -8.05
CA ARG K 172 69.60 3.10 -7.54
C ARG K 172 69.87 2.18 -8.71
N ASP K 173 71.04 1.53 -8.71
CA ASP K 173 71.48 0.64 -9.79
C ASP K 173 71.41 1.32 -11.15
N GLY K 174 71.87 2.57 -11.20
CA GLY K 174 71.84 3.34 -12.43
C GLY K 174 70.46 3.70 -12.92
N VAL K 175 69.44 3.62 -12.07
CA VAL K 175 68.08 4.00 -12.42
C VAL K 175 67.71 5.24 -11.64
N ALA K 176 67.15 6.23 -12.33
CA ALA K 176 66.51 7.36 -11.67
C ALA K 176 65.06 6.96 -11.42
N ARG K 177 64.71 6.73 -10.16
CA ARG K 177 63.38 6.29 -9.78
C ARG K 177 62.55 7.48 -9.35
N LEU K 178 61.68 7.94 -10.23
CA LEU K 178 60.75 9.02 -9.91
C LEU K 178 59.46 8.42 -9.39
N THR K 179 59.12 8.74 -8.15
CA THR K 179 57.89 8.28 -7.53
C THR K 179 57.00 9.49 -7.31
N MET K 180 55.85 9.51 -7.96
CA MET K 180 54.89 10.59 -7.76
C MET K 180 54.16 10.31 -6.45
N CYS K 181 54.25 11.22 -5.50
CA CYS K 181 53.96 10.90 -4.11
C CYS K 181 53.00 11.90 -3.48
N ARG K 182 51.96 12.27 -4.21
CA ARG K 182 50.89 13.10 -3.65
C ARG K 182 49.81 12.15 -3.12
N ASP K 183 50.10 11.58 -1.94
CA ASP K 183 49.27 10.50 -1.41
C ASP K 183 47.87 10.94 -1.03
N ASP K 184 47.64 12.23 -0.79
CA ASP K 184 46.31 12.68 -0.41
C ASP K 184 45.36 12.87 -1.59
N ARG K 185 45.86 13.03 -2.82
CA ARG K 185 45.00 13.43 -3.92
C ARG K 185 45.27 12.66 -5.21
N LEU K 186 45.78 11.43 -5.10
CA LEU K 186 45.97 10.53 -6.24
C LEU K 186 46.83 11.18 -7.34
N ASN K 187 47.91 11.85 -6.91
CA ASN K 187 48.87 12.49 -7.82
C ASN K 187 48.22 13.45 -8.82
N ALA K 188 47.14 14.10 -8.43
CA ALA K 188 46.56 15.16 -9.26
C ALA K 188 47.59 16.25 -9.52
N GLU K 189 47.58 16.78 -10.74
CA GLU K 189 48.62 17.70 -11.20
C GLU K 189 48.31 19.15 -10.86
N ASP K 190 49.33 19.89 -10.48
CA ASP K 190 49.23 21.33 -10.25
C ASP K 190 50.56 21.96 -10.65
N GLY K 191 50.67 23.28 -10.43
CA GLY K 191 51.89 23.97 -10.80
C GLY K 191 53.12 23.45 -10.08
N GLN K 192 52.95 23.01 -8.84
CA GLN K 192 54.07 22.49 -8.07
C GLN K 192 54.55 21.15 -8.62
N GLN K 193 53.60 20.29 -9.01
CA GLN K 193 53.98 18.99 -9.55
C GLN K 193 54.78 19.13 -10.83
N VAL K 194 54.43 20.12 -11.67
CA VAL K 194 55.19 20.37 -12.88
C VAL K 194 56.61 20.78 -12.54
N ASP K 195 56.77 21.69 -11.57
CA ASP K 195 58.10 22.13 -11.17
C ASP K 195 58.92 20.97 -10.60
N ASP K 196 58.30 20.13 -9.79
CA ASP K 196 59.02 18.99 -9.23
C ASP K 196 59.39 17.98 -10.32
N MET K 197 58.45 17.71 -11.22
CA MET K 197 58.71 16.74 -12.29
C MET K 197 59.84 17.21 -13.20
N GLU K 198 59.80 18.48 -13.63
CA GLU K 198 60.87 18.98 -14.50
C GLU K 198 62.21 18.95 -13.78
N THR K 199 62.20 19.32 -12.50
CA THR K 199 63.43 19.27 -11.70
C THR K 199 63.98 17.86 -11.62
N ALA K 200 63.10 16.89 -11.35
CA ALA K 200 63.54 15.51 -11.24
C ALA K 200 64.01 14.96 -12.59
N VAL K 201 63.31 15.30 -13.67
CA VAL K 201 63.72 14.85 -14.99
C VAL K 201 65.07 15.45 -15.36
N ASP K 202 65.28 16.73 -15.02
CA ASP K 202 66.57 17.36 -15.25
C ASP K 202 67.69 16.64 -14.51
N LEU K 203 67.46 16.31 -13.23
CA LEU K 203 68.51 15.66 -12.46
C LEU K 203 68.80 14.27 -13.01
N ALA K 204 67.75 13.55 -13.43
CA ALA K 204 67.95 12.22 -13.99
C ALA K 204 68.84 12.27 -15.23
N LEU K 205 68.62 13.29 -16.07
CA LEU K 205 69.37 13.38 -17.32
C LEU K 205 70.79 13.88 -17.10
N LEU K 206 71.00 14.79 -16.14
CA LEU K 206 72.34 15.33 -15.90
C LEU K 206 73.20 14.45 -15.01
N ASP K 207 72.61 13.56 -14.24
CA ASP K 207 73.39 12.69 -13.34
C ASP K 207 74.10 11.62 -14.15
N PRO K 208 75.44 11.61 -14.21
CA PRO K 208 76.14 10.60 -15.03
C PRO K 208 75.99 9.19 -14.50
N GLY K 209 75.57 9.01 -13.25
CA GLY K 209 75.33 7.68 -12.73
C GLY K 209 73.94 7.15 -13.00
N VAL K 210 73.16 7.88 -13.80
CA VAL K 210 71.81 7.47 -14.19
C VAL K 210 71.84 7.03 -15.65
N ARG K 211 71.39 5.82 -15.91
CA ARG K 211 71.34 5.26 -17.26
C ARG K 211 69.92 5.16 -17.80
N VAL K 212 68.95 4.90 -16.93
CA VAL K 212 67.54 4.72 -17.29
C VAL K 212 66.69 5.45 -16.27
N GLY K 213 65.55 5.98 -16.73
CA GLY K 213 64.60 6.58 -15.82
C GLY K 213 63.38 5.71 -15.61
N LEU K 214 62.73 5.87 -14.46
CA LEU K 214 61.52 5.13 -14.11
C LEU K 214 60.53 6.09 -13.49
N LEU K 215 59.29 6.08 -14.01
CA LEU K 215 58.22 6.88 -13.43
C LEU K 215 57.14 5.95 -12.91
N ARG K 216 56.76 6.14 -11.65
CA ARG K 216 55.75 5.31 -11.01
C ARG K 216 55.04 6.12 -9.94
N GLY K 217 53.79 5.77 -9.67
CA GLY K 217 53.05 6.39 -8.58
C GLY K 217 53.31 5.69 -7.26
N GLY K 218 53.35 6.48 -6.19
CA GLY K 218 53.62 5.97 -4.86
C GLY K 218 52.37 5.46 -4.17
N VAL K 219 52.59 4.87 -2.99
CA VAL K 219 51.48 4.42 -2.16
C VAL K 219 50.63 5.61 -1.75
N MET K 220 49.31 5.45 -1.86
CA MET K 220 48.34 6.48 -1.50
C MET K 220 47.92 6.34 -0.04
N SER K 221 47.51 7.47 0.55
CA SER K 221 47.04 7.51 1.92
C SER K 221 45.54 7.81 2.05
N HIS K 222 44.95 8.49 1.08
CA HIS K 222 43.51 8.70 1.05
C HIS K 222 42.76 7.39 1.29
N PRO K 223 41.70 7.41 2.10
CA PRO K 223 41.10 6.15 2.59
C PRO K 223 40.57 5.23 1.49
N ARG K 224 40.08 5.78 0.38
CA ARG K 224 39.63 4.92 -0.71
C ARG K 224 40.76 4.12 -1.35
N TYR K 225 42.02 4.54 -1.18
CA TYR K 225 43.14 3.87 -1.80
C TYR K 225 44.30 3.59 -0.84
N ARG K 226 44.02 3.48 0.46
CA ARG K 226 45.11 3.34 1.43
C ARG K 226 45.87 2.05 1.20
N GLY K 227 47.19 2.17 1.08
CA GLY K 227 48.06 1.04 0.81
C GLY K 227 48.25 0.72 -0.65
N LYS K 228 47.53 1.39 -1.54
CA LYS K 228 47.53 1.09 -2.97
C LYS K 228 48.29 2.17 -3.72
N ARG K 229 49.09 1.76 -4.71
CA ARG K 229 49.74 2.71 -5.60
C ARG K 229 48.75 3.22 -6.64
N VAL K 230 48.88 4.50 -7.01
CA VAL K 230 48.09 5.09 -8.08
C VAL K 230 49.00 5.99 -8.92
N PHE K 231 48.91 5.82 -10.25
CA PHE K 231 49.79 6.56 -11.16
C PHE K 231 49.40 8.03 -11.25
N SER K 232 48.21 8.35 -11.76
CA SER K 232 47.81 9.74 -11.87
C SER K 232 46.32 9.86 -12.15
N ALA K 233 45.65 10.75 -11.42
CA ALA K 233 44.27 11.14 -11.66
C ALA K 233 44.14 12.41 -12.50
N GLY K 234 45.22 12.86 -13.12
CA GLY K 234 45.15 14.00 -14.02
C GLY K 234 45.07 15.34 -13.31
N ILE K 235 44.69 16.36 -14.10
CA ILE K 235 44.68 17.74 -13.61
C ILE K 235 43.79 17.88 -12.38
N ASN K 236 44.25 18.73 -11.46
CA ASN K 236 43.51 19.09 -10.25
C ASN K 236 42.28 19.90 -10.65
N LEU K 237 41.12 19.24 -10.64
CA LEU K 237 39.89 19.91 -11.09
C LEU K 237 39.43 21.00 -10.12
N LYS K 238 39.71 20.84 -8.83
CA LYS K 238 39.44 21.91 -7.88
C LYS K 238 40.20 23.17 -8.26
N TYR K 239 41.52 23.04 -8.47
CA TYR K 239 42.35 24.20 -8.80
C TYR K 239 41.93 24.82 -10.13
N LEU K 240 41.52 23.99 -11.08
CA LEU K 240 41.03 24.49 -12.37
C LEU K 240 39.83 25.41 -12.17
N SER K 241 38.84 24.95 -11.40
CA SER K 241 37.65 25.73 -11.13
C SER K 241 37.97 27.03 -10.39
N GLN K 242 38.88 26.96 -9.40
CA GLN K 242 39.27 28.13 -8.61
C GLN K 242 40.16 29.12 -9.36
N GLY K 243 40.65 28.78 -10.55
CA GLY K 243 41.56 29.67 -11.27
C GLY K 243 43.01 29.50 -10.91
N GLY K 244 43.39 28.37 -10.31
CA GLY K 244 44.76 28.04 -10.00
C GLY K 244 45.57 27.31 -11.06
N ILE K 245 45.00 27.05 -12.24
CA ILE K 245 45.72 26.40 -13.32
C ILE K 245 46.23 27.47 -14.28
N SER K 246 47.55 27.63 -14.34
CA SER K 246 48.17 28.67 -15.13
C SER K 246 48.39 28.18 -16.56
N LEU K 247 47.96 28.98 -17.53
CA LEU K 247 48.23 28.65 -18.94
C LEU K 247 49.73 28.49 -19.19
N VAL K 248 50.53 29.45 -18.73
CA VAL K 248 51.97 29.45 -19.01
C VAL K 248 52.72 28.55 -18.04
N ASP K 249 52.53 28.73 -16.74
CA ASP K 249 53.35 28.02 -15.76
C ASP K 249 52.91 26.58 -15.55
N PHE K 250 51.72 26.18 -16.01
CA PHE K 250 51.32 24.78 -15.93
C PHE K 250 51.13 24.15 -17.31
N LEU K 251 50.16 24.60 -18.09
CA LEU K 251 49.76 23.86 -19.28
C LEU K 251 50.85 23.88 -20.35
N MET K 252 51.50 25.02 -20.55
CA MET K 252 52.54 25.10 -21.56
C MET K 252 53.88 24.63 -21.00
N ARG K 253 54.16 24.98 -19.76
CA ARG K 253 55.43 24.59 -19.13
C ARG K 253 55.64 23.07 -19.17
N ARG K 254 54.62 22.30 -18.82
CA ARG K 254 54.77 20.84 -18.79
C ARG K 254 55.03 20.27 -20.18
N GLU K 255 54.39 20.83 -21.22
CA GLU K 255 54.54 20.29 -22.56
C GLU K 255 55.91 20.63 -23.14
N LEU K 256 56.37 21.86 -22.94
CA LEU K 256 57.65 22.29 -23.50
C LEU K 256 58.82 21.99 -22.58
N GLY K 257 58.56 21.76 -21.30
CA GLY K 257 59.61 21.42 -20.36
C GLY K 257 59.82 19.92 -20.20
N TYR K 258 59.31 19.34 -19.12
CA TYR K 258 59.72 17.99 -18.78
C TYR K 258 59.20 16.95 -19.78
N ILE K 259 58.00 17.15 -20.33
CA ILE K 259 57.48 16.16 -21.26
C ILE K 259 58.28 16.16 -22.55
N HIS K 260 58.68 17.34 -23.01
CA HIS K 260 59.51 17.40 -24.21
C HIS K 260 60.91 16.90 -23.92
N LYS K 261 61.37 17.08 -22.67
CA LYS K 261 62.69 16.57 -22.28
C LYS K 261 62.71 15.04 -22.24
N LEU K 262 61.58 14.41 -21.90
CA LEU K 262 61.52 12.96 -21.97
C LEU K 262 61.75 12.49 -23.40
N VAL K 263 61.26 13.25 -24.37
CA VAL K 263 61.43 12.87 -25.77
C VAL K 263 62.84 13.21 -26.25
N ARG K 264 63.28 14.44 -26.03
CA ARG K 264 64.48 14.93 -26.71
C ARG K 264 65.66 15.18 -25.80
N GLY K 265 65.51 15.06 -24.48
CA GLY K 265 66.63 15.29 -23.57
C GLY K 265 66.76 16.73 -23.15
N VAL K 266 67.80 17.01 -22.35
CA VAL K 266 68.13 18.37 -21.95
C VAL K 266 69.25 18.92 -22.82
N LEU K 267 69.06 20.15 -23.29
CA LEU K 267 70.07 20.86 -24.06
C LEU K 267 71.08 21.47 -23.11
N THR K 268 72.35 21.12 -23.27
CA THR K 268 73.41 21.66 -22.44
C THR K 268 74.19 22.70 -23.21
N ASN K 269 75.11 23.35 -22.50
CA ASN K 269 76.10 24.19 -23.13
C ASN K 269 77.13 23.29 -23.81
N ASP K 270 77.95 23.89 -24.65
CA ASP K 270 79.09 23.17 -25.24
C ASP K 270 80.14 22.88 -24.14
N ASP K 271 79.87 21.86 -23.29
CA ASP K 271 80.68 21.57 -22.10
C ASP K 271 81.55 20.33 -22.22
N ARG K 272 81.32 19.51 -23.22
CA ARG K 272 81.72 18.12 -23.06
C ARG K 272 82.08 17.55 -24.43
N PRO K 273 82.82 16.45 -24.46
CA PRO K 273 83.10 15.82 -25.76
C PRO K 273 81.83 15.28 -26.38
N GLY K 274 81.79 15.32 -27.71
CA GLY K 274 80.63 14.84 -28.43
C GLY K 274 79.45 15.78 -28.49
N TRP K 275 79.55 16.98 -27.90
CA TRP K 275 78.45 17.93 -27.99
C TRP K 275 78.14 18.29 -29.43
N TRP K 276 79.16 18.31 -30.30
CA TRP K 276 78.95 18.59 -31.71
C TRP K 276 77.99 17.61 -32.37
N HIS K 277 77.90 16.36 -31.87
CA HIS K 277 76.90 15.44 -32.41
C HIS K 277 75.70 15.22 -31.49
N SER K 278 75.84 15.47 -30.19
CA SER K 278 74.76 15.24 -29.23
C SER K 278 74.68 16.43 -28.29
N PRO K 279 74.11 17.56 -28.75
CA PRO K 279 73.96 18.72 -27.86
C PRO K 279 73.01 18.49 -26.70
N ARG K 280 72.17 17.46 -26.77
CA ARG K 280 71.19 17.16 -25.73
C ARG K 280 71.52 15.80 -25.12
N ILE K 281 71.32 15.68 -23.81
CA ILE K 281 71.47 14.41 -23.11
C ILE K 281 70.08 13.80 -22.95
N GLU K 282 69.82 12.71 -23.67
CA GLU K 282 68.59 11.96 -23.54
C GLU K 282 68.88 10.57 -22.99
N LYS K 283 67.89 10.01 -22.29
CA LYS K 283 67.98 8.68 -21.72
C LYS K 283 66.64 7.97 -21.90
N PRO K 284 66.63 6.64 -21.85
CA PRO K 284 65.36 5.90 -21.97
C PRO K 284 64.54 5.97 -20.70
N TRP K 285 63.21 5.90 -20.87
CA TRP K 285 62.29 6.01 -19.74
C TRP K 285 61.30 4.86 -19.72
N VAL K 286 61.07 4.33 -18.51
CA VAL K 286 60.08 3.30 -18.25
C VAL K 286 58.98 3.90 -17.38
N ALA K 287 57.73 3.59 -17.71
CA ALA K 287 56.58 3.97 -16.90
C ALA K 287 55.86 2.73 -16.42
N ALA K 288 55.45 2.73 -15.15
CA ALA K 288 54.70 1.64 -14.55
C ALA K 288 53.41 2.22 -13.98
N VAL K 289 52.27 1.71 -14.46
CA VAL K 289 50.96 2.28 -14.13
C VAL K 289 50.27 1.36 -13.14
N ASP K 290 50.01 1.89 -11.95
CA ASP K 290 49.18 1.24 -10.95
C ASP K 290 47.83 1.97 -10.87
N GLY K 291 46.77 1.21 -10.72
CA GLY K 291 45.46 1.82 -10.57
C GLY K 291 44.87 2.38 -11.85
N PHE K 292 45.37 3.53 -12.30
CA PHE K 292 44.89 4.15 -13.54
C PHE K 292 45.81 5.29 -13.92
N ALA K 293 45.76 5.64 -15.20
CA ALA K 293 46.37 6.86 -15.73
C ALA K 293 45.26 7.67 -16.38
N ILE K 294 44.91 8.80 -15.78
CA ILE K 294 43.81 9.64 -16.25
C ILE K 294 44.35 10.99 -16.66
N GLY K 295 43.87 11.51 -17.80
CA GLY K 295 44.18 12.86 -18.21
C GLY K 295 45.66 13.08 -18.46
N GLY K 296 46.23 14.07 -17.76
CA GLY K 296 47.65 14.36 -17.92
C GLY K 296 48.52 13.14 -17.67
N GLY K 297 48.11 12.27 -16.75
CA GLY K 297 48.85 11.05 -16.51
C GLY K 297 48.89 10.13 -17.72
N ALA K 298 47.74 9.95 -18.37
CA ALA K 298 47.69 9.14 -19.57
C ALA K 298 48.47 9.78 -20.72
N GLN K 299 48.45 11.10 -20.79
CA GLN K 299 49.25 11.82 -21.78
C GLN K 299 50.73 11.45 -21.69
N LEU K 300 51.23 11.24 -20.47
CA LEU K 300 52.64 10.93 -20.28
C LEU K 300 53.04 9.60 -20.92
N LEU K 301 52.13 8.63 -20.94
CA LEU K 301 52.47 7.31 -21.47
C LEU K 301 52.87 7.38 -22.93
N LEU K 302 52.52 8.45 -23.63
CA LEU K 302 52.77 8.56 -25.07
C LEU K 302 54.21 8.94 -25.42
N VAL K 303 55.11 9.07 -24.45
CA VAL K 303 56.47 9.52 -24.74
C VAL K 303 57.49 8.60 -24.10
N PHE K 304 57.02 7.53 -23.48
CA PHE K 304 57.90 6.60 -22.81
C PHE K 304 58.40 5.52 -23.75
N ASP K 305 59.56 4.96 -23.40
CA ASP K 305 60.17 3.89 -24.19
C ASP K 305 59.63 2.51 -23.84
N ARG K 306 59.13 2.34 -22.62
CA ARG K 306 58.49 1.09 -22.23
C ARG K 306 57.39 1.45 -21.24
N VAL K 307 56.26 0.76 -21.34
CA VAL K 307 55.14 1.02 -20.44
C VAL K 307 54.65 -0.30 -19.88
N LEU K 308 54.56 -0.39 -18.56
CA LEU K 308 54.01 -1.55 -17.88
C LEU K 308 52.78 -1.11 -17.12
N ALA K 309 51.83 -2.02 -16.94
CA ALA K 309 50.59 -1.66 -16.25
C ALA K 309 50.06 -2.86 -15.46
N SER K 310 49.42 -2.56 -14.34
CA SER K 310 48.75 -3.59 -13.56
C SER K 310 47.53 -4.10 -14.32
N SER K 311 47.22 -5.39 -14.13
CA SER K 311 46.04 -5.99 -14.74
C SER K 311 44.76 -5.20 -14.49
N ASP K 312 44.67 -4.49 -13.37
CA ASP K 312 43.43 -3.82 -12.99
C ASP K 312 43.40 -2.34 -13.38
N ALA K 313 44.41 -1.85 -14.11
CA ALA K 313 44.49 -0.44 -14.43
C ALA K 313 43.64 -0.09 -15.65
N TYR K 314 43.36 1.21 -15.82
CA TYR K 314 42.71 1.72 -17.02
C TYR K 314 43.33 3.05 -17.41
N PHE K 315 43.06 3.48 -18.63
CA PHE K 315 43.61 4.70 -19.21
C PHE K 315 42.47 5.49 -19.84
N SER K 316 42.41 6.78 -19.54
CA SER K 316 41.36 7.60 -20.12
C SER K 316 41.81 9.04 -20.24
N LEU K 317 41.16 9.76 -21.15
CA LEU K 317 41.35 11.20 -21.35
C LEU K 317 39.96 11.83 -21.28
N PRO K 318 39.43 12.01 -20.08
CA PRO K 318 38.15 12.73 -19.91
C PRO K 318 38.26 14.25 -20.03
N CYS K 319 39.42 14.72 -20.49
CA CYS K 319 39.70 16.14 -20.62
C CYS K 319 38.64 16.86 -21.44
N ALA K 320 38.30 16.29 -22.59
CA ALA K 320 37.34 16.88 -23.53
C ALA K 320 36.04 17.33 -22.88
N LYS K 321 35.18 16.40 -22.47
CA LYS K 321 34.01 16.78 -21.70
C LYS K 321 34.42 16.82 -20.25
N GLU K 322 35.01 17.96 -19.93
CA GLU K 322 35.42 18.52 -18.68
C GLU K 322 35.94 19.86 -19.19
N GLY K 323 35.97 20.00 -20.54
CA GLY K 323 36.12 21.27 -21.22
C GLY K 323 37.43 21.57 -21.95
N ILE K 324 38.54 20.86 -21.67
CA ILE K 324 39.84 21.27 -22.19
C ILE K 324 40.49 20.18 -23.05
N ILE K 325 41.57 20.56 -23.72
CA ILE K 325 42.36 19.70 -24.60
C ILE K 325 43.36 18.90 -23.78
N PRO K 326 43.52 17.58 -24.05
CA PRO K 326 44.49 16.78 -23.28
C PRO K 326 45.92 16.97 -23.76
N GLY K 327 46.46 18.16 -23.54
CA GLY K 327 47.84 18.43 -23.89
C GLY K 327 48.17 18.06 -25.32
N ALA K 328 49.25 17.30 -25.50
CA ALA K 328 49.70 16.82 -26.78
C ALA K 328 49.17 15.43 -27.13
N ALA K 329 48.17 14.94 -26.39
CA ALA K 329 47.52 13.69 -26.78
C ALA K 329 46.91 13.80 -28.17
N ASN K 330 46.37 14.96 -28.53
CA ASN K 330 45.80 15.12 -29.86
C ASN K 330 46.88 15.05 -30.92
N LEU K 331 48.12 15.38 -30.56
CA LEU K 331 49.25 15.25 -31.46
C LEU K 331 49.71 13.81 -31.60
N ARG K 332 49.82 13.09 -30.47
CA ARG K 332 50.54 11.83 -30.41
C ARG K 332 49.66 10.60 -30.51
N LEU K 333 48.41 10.65 -30.02
CA LEU K 333 47.62 9.44 -29.85
C LEU K 333 47.34 8.73 -31.19
N GLY K 334 47.01 9.48 -32.24
CA GLY K 334 46.72 8.88 -33.53
C GLY K 334 47.81 7.94 -34.00
N ARG K 335 49.06 8.28 -33.68
CA ARG K 335 50.22 7.47 -34.06
C ARG K 335 50.23 6.13 -33.33
N PHE K 336 49.66 6.09 -32.12
CA PHE K 336 49.55 4.86 -31.34
C PHE K 336 48.33 4.03 -31.72
N ALA K 337 47.18 4.68 -31.92
CA ALA K 337 45.89 4.00 -31.98
C ALA K 337 45.09 4.25 -33.24
N GLY K 338 45.57 5.11 -34.14
CA GLY K 338 44.83 5.46 -35.32
C GLY K 338 43.74 6.47 -35.04
N PRO K 339 43.14 7.03 -36.09
CA PRO K 339 42.23 8.17 -35.89
C PRO K 339 40.85 7.77 -35.38
N ARG K 340 40.42 6.52 -35.57
CA ARG K 340 39.15 6.09 -35.02
C ARG K 340 39.22 5.99 -33.50
N VAL K 341 40.15 5.19 -32.98
CA VAL K 341 40.29 5.00 -31.54
C VAL K 341 40.67 6.30 -30.84
N SER K 342 41.53 7.12 -31.47
CA SER K 342 41.97 8.35 -30.81
C SER K 342 40.81 9.33 -30.64
N ARG K 343 39.87 9.35 -31.59
CA ARG K 343 38.66 10.14 -31.40
C ARG K 343 37.72 9.51 -30.39
N GLN K 344 37.66 8.18 -30.33
CA GLN K 344 36.84 7.52 -29.32
C GLN K 344 37.30 7.93 -27.92
N VAL K 345 38.63 7.99 -27.73
CA VAL K 345 39.18 8.30 -26.42
C VAL K 345 39.03 9.78 -26.11
N ILE K 346 39.39 10.63 -27.07
CA ILE K 346 39.49 12.06 -26.81
C ILE K 346 38.13 12.74 -26.98
N LEU K 347 37.42 12.49 -28.08
CA LEU K 347 36.14 13.17 -28.27
C LEU K 347 35.00 12.58 -27.46
N GLU K 348 35.00 11.28 -27.23
CA GLU K 348 33.86 10.61 -26.61
C GLU K 348 34.21 9.92 -25.30
N GLY K 349 35.42 10.15 -24.78
CA GLY K 349 35.71 9.73 -23.43
C GLY K 349 35.84 8.25 -23.24
N ARG K 350 36.18 7.51 -24.29
CA ARG K 350 36.35 6.06 -24.14
C ARG K 350 37.49 5.77 -23.17
N ARG K 351 37.29 4.73 -22.37
CA ARG K 351 38.23 4.32 -21.34
C ARG K 351 38.76 2.95 -21.70
N ILE K 352 40.07 2.80 -21.73
CA ILE K 352 40.71 1.57 -22.18
C ILE K 352 41.27 0.82 -20.97
N TRP K 353 40.88 -0.44 -20.84
CA TRP K 353 41.29 -1.27 -19.72
C TRP K 353 42.55 -2.05 -20.07
N ALA K 354 43.39 -2.26 -19.06
CA ALA K 354 44.69 -2.88 -19.29
C ALA K 354 44.59 -4.27 -19.92
N LYS K 355 43.51 -5.00 -19.66
CA LYS K 355 43.38 -6.36 -20.16
C LYS K 355 42.62 -6.48 -21.47
N GLU K 356 42.05 -5.39 -22.00
CA GLU K 356 41.42 -5.56 -23.30
C GLU K 356 42.48 -5.48 -24.40
N PRO K 357 42.23 -6.13 -25.54
CA PRO K 357 43.26 -6.17 -26.61
C PRO K 357 43.88 -4.84 -27.00
N GLU K 358 43.07 -3.79 -27.17
CA GLU K 358 43.60 -2.51 -27.61
C GLU K 358 44.45 -1.80 -26.57
N ALA K 359 44.51 -2.30 -25.33
CA ALA K 359 45.50 -1.77 -24.38
C ALA K 359 46.92 -1.92 -24.91
N ARG K 360 47.15 -2.91 -25.79
CA ARG K 360 48.48 -3.14 -26.32
C ARG K 360 48.94 -2.03 -27.24
N LEU K 361 48.03 -1.12 -27.62
CA LEU K 361 48.41 0.06 -28.38
C LEU K 361 49.13 1.07 -27.50
N LEU K 362 48.87 1.03 -26.18
CA LEU K 362 49.44 1.97 -25.24
C LEU K 362 50.43 1.35 -24.26
N VAL K 363 50.38 0.04 -24.06
CA VAL K 363 51.08 -0.63 -22.96
C VAL K 363 51.84 -1.82 -23.51
N ASP K 364 53.09 -1.99 -23.09
CA ASP K 364 53.91 -3.10 -23.56
C ASP K 364 53.66 -4.37 -22.77
N GLU K 365 53.42 -4.25 -21.47
CA GLU K 365 53.27 -5.40 -20.59
C GLU K 365 52.15 -5.14 -19.60
N VAL K 366 51.29 -6.13 -19.41
CA VAL K 366 50.21 -6.07 -18.43
C VAL K 366 50.42 -7.26 -17.51
N VAL K 367 50.62 -6.98 -16.23
CA VAL K 367 51.11 -7.97 -15.28
C VAL K 367 50.19 -8.03 -14.09
N GLU K 368 50.00 -9.22 -13.53
CA GLU K 368 49.24 -9.34 -12.31
C GLU K 368 49.97 -8.61 -11.19
N PRO K 369 49.25 -7.95 -10.29
CA PRO K 369 49.90 -7.26 -9.17
C PRO K 369 51.02 -8.00 -8.45
N ASP K 370 50.92 -9.32 -8.27
CA ASP K 370 51.98 -10.07 -7.57
C ASP K 370 53.27 -10.23 -8.38
N GLU K 371 53.23 -10.08 -9.70
CA GLU K 371 54.44 -10.18 -10.51
C GLU K 371 54.90 -8.83 -11.06
N LEU K 372 54.24 -7.74 -10.70
CA LEU K 372 54.50 -6.44 -11.31
C LEU K 372 55.85 -5.86 -10.92
N ASP K 373 56.17 -5.84 -9.62
CA ASP K 373 57.46 -5.30 -9.18
C ASP K 373 58.63 -5.94 -9.90
N ALA K 374 58.61 -7.27 -10.02
CA ALA K 374 59.73 -7.96 -10.64
C ALA K 374 59.82 -7.68 -12.13
N ALA K 375 58.66 -7.53 -12.79
CA ALA K 375 58.66 -7.23 -14.22
C ALA K 375 59.17 -5.83 -14.50
N ILE K 376 58.88 -4.88 -13.60
CA ILE K 376 59.47 -3.55 -13.69
C ILE K 376 60.98 -3.63 -13.63
N GLU K 377 61.51 -4.35 -12.63
CA GLU K 377 62.96 -4.47 -12.48
C GLU K 377 63.61 -5.09 -13.71
N ARG K 378 63.04 -6.17 -14.25
CA ARG K 378 63.63 -6.77 -15.44
C ARG K 378 63.68 -5.78 -16.60
N SER K 379 62.63 -4.97 -16.76
CA SER K 379 62.56 -4.05 -17.89
C SER K 379 63.58 -2.94 -17.77
N LEU K 380 63.98 -2.59 -16.54
CA LEU K 380 65.01 -1.56 -16.35
C LEU K 380 66.38 -2.03 -16.81
N THR K 381 66.65 -3.34 -16.81
CA THR K 381 67.93 -3.85 -17.29
C THR K 381 68.05 -3.91 -18.80
N ARG K 382 66.95 -3.80 -19.55
CA ARG K 382 66.97 -4.07 -20.99
C ARG K 382 67.22 -2.85 -21.87
N LEU K 383 67.47 -1.66 -21.32
CA LEU K 383 67.60 -0.44 -22.12
C LEU K 383 68.93 0.29 -21.93
N ASP K 384 70.02 -0.44 -21.64
CA ASP K 384 71.21 0.19 -21.08
C ASP K 384 72.10 0.93 -22.09
N GLY K 385 72.32 0.41 -23.30
CA GLY K 385 73.48 0.83 -24.05
C GLY K 385 73.39 2.17 -24.77
N ASP K 386 74.50 2.49 -25.47
CA ASP K 386 74.53 3.59 -26.43
C ASP K 386 73.75 3.27 -27.69
N ALA K 387 73.55 1.99 -27.98
CA ALA K 387 72.79 1.61 -29.16
C ALA K 387 71.31 1.92 -28.96
N VAL K 388 70.78 1.65 -27.77
CA VAL K 388 69.42 2.06 -27.42
C VAL K 388 69.25 3.57 -27.58
N LEU K 389 70.21 4.35 -27.10
CA LEU K 389 70.12 5.81 -27.23
C LEU K 389 70.01 6.24 -28.68
N ALA K 390 70.89 5.73 -29.55
CA ALA K 390 70.85 6.15 -30.94
C ALA K 390 69.54 5.73 -31.60
N ASN K 391 69.08 4.50 -31.33
CA ASN K 391 67.85 4.02 -31.94
C ASN K 391 66.63 4.78 -31.46
N ARG K 392 66.55 5.09 -30.17
CA ARG K 392 65.37 5.84 -29.73
C ARG K 392 65.41 7.28 -30.23
N ARG K 393 66.60 7.82 -30.47
CA ARG K 393 66.71 9.15 -31.04
C ARG K 393 66.22 9.17 -32.49
N MET K 394 66.62 8.17 -33.27
CA MET K 394 66.13 8.09 -34.65
C MET K 394 64.64 7.82 -34.71
N LEU K 395 64.14 6.96 -33.79
CA LEU K 395 62.70 6.69 -33.73
C LEU K 395 61.90 7.94 -33.40
N ASN K 396 62.33 8.71 -32.40
CA ASN K 396 61.59 9.90 -32.02
C ASN K 396 61.64 10.96 -33.11
N LEU K 397 62.77 11.04 -33.80
CA LEU K 397 62.88 11.95 -34.94
C LEU K 397 61.90 11.58 -36.04
N ALA K 398 61.75 10.27 -36.32
CA ALA K 398 60.79 9.84 -37.32
C ALA K 398 59.36 10.02 -36.85
N ASP K 399 59.07 9.68 -35.57
CA ASP K 399 57.70 9.66 -35.09
C ASP K 399 57.12 11.07 -35.00
N GLU K 400 57.92 12.03 -34.56
CA GLU K 400 57.45 13.38 -34.26
C GLU K 400 58.52 14.37 -34.71
N SER K 401 58.30 15.04 -35.85
CA SER K 401 59.29 15.98 -36.35
C SER K 401 59.30 17.24 -35.49
N PRO K 402 60.42 17.97 -35.46
CA PRO K 402 60.42 19.28 -34.78
C PRO K 402 59.35 20.24 -35.31
N ASP K 403 59.19 20.35 -36.63
CA ASP K 403 58.12 21.17 -37.17
C ASP K 403 56.75 20.68 -36.74
N GLY K 404 56.53 19.36 -36.76
CA GLY K 404 55.25 18.82 -36.34
C GLY K 404 54.87 19.22 -34.93
N PHE K 405 55.81 19.04 -34.00
CA PHE K 405 55.55 19.40 -32.61
C PHE K 405 55.41 20.90 -32.45
N ARG K 406 56.29 21.68 -33.10
CA ARG K 406 56.23 23.14 -33.00
C ARG K 406 54.91 23.69 -33.51
N ALA K 407 54.45 23.20 -34.67
CA ALA K 407 53.21 23.69 -35.24
C ALA K 407 52.03 23.37 -34.33
N TYR K 408 52.02 22.17 -33.75
CA TYR K 408 50.93 21.78 -32.86
C TYR K 408 50.89 22.68 -31.63
N MET K 409 52.03 22.83 -30.96
CA MET K 409 52.06 23.62 -29.73
C MET K 409 51.69 25.08 -29.98
N ALA K 410 51.98 25.59 -31.19
CA ALA K 410 51.60 26.96 -31.55
C ALA K 410 50.08 27.14 -31.48
N GLU K 411 49.35 26.35 -32.25
CA GLU K 411 47.88 26.36 -32.18
C GLU K 411 47.38 26.02 -30.79
N PHE K 412 48.02 25.06 -30.12
CA PHE K 412 47.57 24.63 -28.80
C PHE K 412 47.60 25.79 -27.81
N ALA K 413 48.66 26.61 -27.87
CA ALA K 413 48.81 27.75 -26.96
C ALA K 413 47.56 28.62 -26.93
N LEU K 414 46.94 28.87 -28.09
CA LEU K 414 45.76 29.70 -28.15
C LEU K 414 44.48 28.91 -27.98
N MET K 415 44.36 27.76 -28.66
CA MET K 415 43.17 26.93 -28.52
C MET K 415 42.93 26.55 -27.06
N GLN K 416 44.00 26.21 -26.34
CA GLN K 416 43.85 25.81 -24.95
C GLN K 416 43.58 27.01 -24.06
N ALA K 417 44.21 28.14 -24.36
CA ALA K 417 43.89 29.40 -23.68
C ALA K 417 42.40 29.71 -23.75
N LEU K 418 41.80 29.57 -24.94
CA LEU K 418 40.37 29.83 -25.09
C LEU K 418 39.53 28.82 -24.31
N ARG K 419 39.95 27.55 -24.28
CA ARG K 419 39.17 26.58 -23.53
C ARG K 419 39.23 26.87 -22.05
N LEU K 420 40.35 27.43 -21.58
CA LEU K 420 40.51 27.78 -20.18
C LEU K 420 39.46 28.78 -19.72
N TYR K 421 38.90 29.57 -20.65
CA TYR K 421 37.89 30.59 -20.34
C TYR K 421 36.55 30.34 -21.03
N GLY K 422 36.34 29.13 -21.55
CA GLY K 422 35.05 28.81 -22.13
C GLY K 422 34.01 28.57 -21.06
N HIS K 423 32.73 28.70 -21.45
CA HIS K 423 31.67 28.67 -20.46
C HIS K 423 31.41 27.26 -19.95
N ASP K 424 31.67 26.23 -20.76
CA ASP K 424 31.42 24.89 -20.26
C ASP K 424 32.51 24.45 -19.30
N VAL K 425 33.65 25.15 -19.30
CA VAL K 425 34.64 24.94 -18.25
C VAL K 425 34.23 25.65 -16.97
N ILE K 426 33.33 26.62 -17.05
CA ILE K 426 32.86 27.34 -15.86
C ILE K 426 31.34 27.52 -15.93
N ASP L 12 64.02 31.98 -69.27
CA ASP L 12 63.53 32.93 -70.25
C ASP L 12 63.19 32.25 -71.56
N GLY L 13 62.49 32.96 -72.44
CA GLY L 13 62.10 32.41 -73.72
C GLY L 13 61.27 31.15 -73.58
N LEU L 14 60.84 30.87 -72.36
CA LEU L 14 60.03 29.70 -72.06
C LEU L 14 58.61 29.86 -72.59
N TRP L 15 58.05 31.05 -72.45
CA TRP L 15 56.69 31.31 -72.91
C TRP L 15 56.64 31.30 -74.44
N ALA L 16 57.75 31.66 -75.06
CA ALA L 16 57.83 31.68 -76.51
C ALA L 16 57.81 30.26 -77.07
N ALA L 17 58.66 29.41 -76.51
CA ALA L 17 58.74 28.02 -76.94
C ALA L 17 57.39 27.34 -76.81
N LEU L 18 56.69 27.63 -75.72
CA LEU L 18 55.38 27.04 -75.47
C LEU L 18 54.35 27.51 -76.49
N THR L 19 54.31 28.82 -76.74
CA THR L 19 53.41 29.35 -77.76
C THR L 19 53.61 28.66 -79.10
N GLU L 20 54.87 28.38 -79.45
CA GLU L 20 55.17 27.68 -80.69
C GLU L 20 54.67 26.24 -80.66
N ALA L 21 54.99 25.51 -79.58
CA ALA L 21 54.60 24.11 -79.47
C ALA L 21 53.08 23.96 -79.50
N ALA L 22 52.36 24.90 -78.88
CA ALA L 22 50.90 24.86 -78.96
C ALA L 22 50.42 25.17 -80.37
N ALA L 23 51.11 26.06 -81.08
CA ALA L 23 50.75 26.35 -82.47
C ALA L 23 50.90 25.12 -83.36
N SER L 24 51.99 24.36 -83.20
CA SER L 24 52.14 23.14 -83.99
C SER L 24 51.05 22.13 -83.68
N VAL L 25 50.60 22.07 -82.43
CA VAL L 25 49.46 21.23 -82.08
C VAL L 25 48.22 21.68 -82.85
N GLU L 26 47.95 22.99 -82.83
CA GLU L 26 46.74 23.49 -83.45
C GLU L 26 46.79 23.29 -84.97
N LYS L 27 47.96 23.54 -85.56
CA LYS L 27 48.20 23.23 -86.97
C LYS L 27 47.84 21.79 -87.29
N LEU L 28 48.43 20.84 -86.54
CA LEU L 28 48.15 19.44 -86.78
C LEU L 28 46.68 19.09 -86.58
N LEU L 29 46.05 19.62 -85.53
CA LEU L 29 44.66 19.28 -85.31
C LEU L 29 43.76 19.87 -86.39
N ALA L 30 44.13 21.02 -86.95
CA ALA L 30 43.32 21.59 -88.02
C ALA L 30 43.44 20.81 -89.32
N THR L 31 44.63 20.28 -89.62
CA THR L 31 44.87 19.64 -90.92
C THR L 31 44.77 18.12 -90.92
N LEU L 32 44.79 17.46 -89.77
CA LEU L 32 44.75 16.00 -89.77
C LEU L 32 43.31 15.52 -89.81
N PRO L 33 43.10 14.24 -90.13
CA PRO L 33 41.76 13.66 -90.02
C PRO L 33 41.29 13.57 -88.59
N GLU L 34 39.99 13.28 -88.44
CA GLU L 34 39.44 13.06 -87.12
C GLU L 34 40.10 11.85 -86.48
N HIS L 35 39.97 11.75 -85.16
CA HIS L 35 40.76 10.84 -84.35
C HIS L 35 40.74 9.40 -84.84
N GLY L 36 39.55 8.86 -85.07
CA GLY L 36 39.44 7.48 -85.50
C GLY L 36 39.86 7.21 -86.93
N ALA L 37 40.17 8.25 -87.71
CA ALA L 37 40.60 8.07 -89.09
C ALA L 37 42.08 8.35 -89.32
N ARG L 38 42.86 8.63 -88.28
CA ARG L 38 44.27 8.94 -88.46
C ARG L 38 45.12 7.69 -88.70
N SER L 39 46.17 7.86 -89.51
CA SER L 39 47.10 6.78 -89.80
C SER L 39 48.12 6.64 -88.66
N SER L 40 48.91 5.56 -88.73
CA SER L 40 49.95 5.32 -87.73
C SER L 40 50.93 6.49 -87.67
N ALA L 41 51.44 6.93 -88.83
CA ALA L 41 52.37 8.05 -88.85
C ALA L 41 51.73 9.31 -88.30
N GLU L 42 50.46 9.55 -88.63
CA GLU L 42 49.77 10.73 -88.15
C GLU L 42 49.57 10.70 -86.64
N ARG L 43 49.25 9.54 -86.07
CA ARG L 43 49.02 9.45 -84.62
C ARG L 43 50.31 9.73 -83.85
N ALA L 44 51.44 9.20 -84.33
CA ALA L 44 52.70 9.45 -83.67
C ALA L 44 53.08 10.92 -83.72
N GLU L 45 52.73 11.60 -84.81
CA GLU L 45 53.11 13.00 -84.96
C GLU L 45 52.35 13.90 -83.98
N ILE L 46 51.04 13.71 -83.87
CA ILE L 46 50.26 14.52 -82.92
C ILE L 46 50.64 14.17 -81.49
N ALA L 47 50.81 12.87 -81.18
CA ALA L 47 51.28 12.46 -79.87
C ALA L 47 52.59 13.16 -79.50
N ALA L 48 53.52 13.24 -80.45
CA ALA L 48 54.78 13.93 -80.20
C ALA L 48 54.57 15.43 -79.98
N ALA L 49 53.65 16.03 -80.74
CA ALA L 49 53.40 17.46 -80.60
C ALA L 49 52.78 17.78 -79.25
N HIS L 50 51.77 17.02 -78.85
CA HIS L 50 51.21 17.14 -77.50
C HIS L 50 52.30 17.03 -76.43
N ASP L 51 53.16 16.01 -76.56
CA ASP L 51 54.20 15.78 -75.57
C ASP L 51 55.17 16.96 -75.46
N ALA L 52 55.54 17.55 -76.60
CA ALA L 52 56.47 18.67 -76.55
C ALA L 52 55.80 19.89 -75.91
N ALA L 53 54.52 20.11 -76.23
CA ALA L 53 53.81 21.24 -75.63
C ALA L 53 53.63 21.06 -74.13
N ARG L 54 53.23 19.86 -73.70
CA ARG L 54 53.01 19.62 -72.27
C ARG L 54 54.30 19.70 -71.48
N ALA L 55 55.41 19.19 -72.05
CA ALA L 55 56.71 19.36 -71.41
C ALA L 55 57.05 20.81 -71.20
N LEU L 56 56.72 21.68 -72.16
CA LEU L 56 56.99 23.11 -72.00
C LEU L 56 56.01 23.78 -71.05
N ARG L 57 54.76 23.32 -70.99
CA ARG L 57 53.84 23.79 -69.95
C ARG L 57 54.40 23.55 -68.55
N VAL L 58 54.99 22.38 -68.33
CA VAL L 58 55.61 22.09 -67.04
C VAL L 58 56.78 23.02 -66.75
N ARG L 59 57.69 23.17 -67.72
CA ARG L 59 58.89 23.96 -67.44
C ARG L 59 58.58 25.44 -67.29
N PHE L 60 57.71 25.96 -68.15
CA PHE L 60 57.28 27.35 -67.98
C PHE L 60 56.80 27.61 -66.56
N LEU L 61 55.94 26.73 -66.04
CA LEU L 61 55.35 26.93 -64.73
C LEU L 61 56.30 26.60 -63.60
N ASP L 62 57.32 25.76 -63.83
CA ASP L 62 58.32 25.53 -62.78
C ASP L 62 58.95 26.82 -62.30
N THR L 63 59.19 27.77 -63.21
CA THR L 63 59.75 29.06 -62.80
C THR L 63 58.75 30.20 -62.76
N HIS L 64 57.66 30.14 -63.52
CA HIS L 64 56.74 31.27 -63.63
C HIS L 64 55.38 31.09 -62.96
N ALA L 65 55.14 29.99 -62.22
CA ALA L 65 53.80 29.76 -61.68
C ALA L 65 53.31 30.92 -60.81
N ASP L 66 54.16 31.36 -59.88
CA ASP L 66 53.78 32.47 -59.00
C ASP L 66 53.44 33.74 -59.78
N ALA L 67 54.24 34.06 -60.81
CA ALA L 67 53.93 35.25 -61.59
C ALA L 67 52.61 35.10 -62.32
N VAL L 68 52.34 33.90 -62.86
CA VAL L 68 51.05 33.65 -63.51
C VAL L 68 49.91 33.79 -62.51
N TYR L 69 50.04 33.12 -61.37
CA TYR L 69 48.97 33.17 -60.36
C TYR L 69 48.74 34.60 -59.90
N ASP L 70 49.81 35.36 -59.72
CA ASP L 70 49.68 36.76 -59.30
C ASP L 70 48.91 37.61 -60.31
N ARG L 71 49.15 37.42 -61.62
CA ARG L 71 48.32 38.14 -62.60
C ARG L 71 46.85 37.78 -62.47
N LEU L 72 46.55 36.50 -62.22
CA LEU L 72 45.16 36.08 -62.20
C LEU L 72 44.45 36.48 -60.92
N THR L 73 45.18 36.60 -59.82
CA THR L 73 44.57 36.89 -58.52
C THR L 73 44.97 38.23 -57.94
N ASP L 74 45.55 39.13 -58.74
CA ASP L 74 45.95 40.44 -58.28
C ASP L 74 46.85 40.32 -57.04
N HIS L 75 47.95 39.56 -57.23
CA HIS L 75 48.90 39.23 -56.17
C HIS L 75 48.22 38.68 -54.92
N ARG L 76 47.43 37.62 -55.12
CA ARG L 76 46.84 36.86 -54.01
C ARG L 76 45.92 37.71 -53.14
N ARG L 77 45.24 38.69 -53.75
CA ARG L 77 44.25 39.48 -53.05
C ARG L 77 42.83 39.22 -53.52
N VAL L 78 42.65 38.44 -54.58
CA VAL L 78 41.33 37.96 -55.02
C VAL L 78 41.33 36.44 -54.94
N HIS L 79 40.40 35.89 -54.17
CA HIS L 79 40.20 34.44 -54.08
C HIS L 79 39.39 33.95 -55.28
N LEU L 80 39.99 33.17 -56.16
CA LEU L 80 39.27 32.52 -57.25
C LEU L 80 39.18 31.01 -57.02
N ARG L 81 37.97 30.47 -57.16
CA ARG L 81 37.75 29.02 -57.19
C ARG L 81 38.36 28.39 -58.43
N LEU L 82 38.37 27.05 -58.44
CA LEU L 82 39.04 26.28 -59.49
C LEU L 82 38.50 26.61 -60.87
N ALA L 83 37.17 26.55 -61.04
CA ALA L 83 36.56 26.82 -62.34
C ALA L 83 36.94 28.20 -62.85
N GLU L 84 36.79 29.22 -62.01
CA GLU L 84 37.12 30.58 -62.41
C GLU L 84 38.62 30.72 -62.68
N LEU L 85 39.46 30.05 -61.89
CA LEU L 85 40.91 30.15 -62.06
C LEU L 85 41.37 29.65 -63.42
N VAL L 86 40.94 28.45 -63.80
CA VAL L 86 41.43 27.86 -65.05
C VAL L 86 40.82 28.58 -66.25
N GLU L 87 39.61 29.12 -66.11
CA GLU L 87 39.03 29.93 -67.18
C GLU L 87 39.83 31.20 -67.40
N ALA L 88 40.10 31.95 -66.33
CA ALA L 88 40.90 33.18 -66.43
C ALA L 88 42.30 32.88 -66.95
N ALA L 89 42.88 31.75 -66.54
CA ALA L 89 44.21 31.38 -67.04
C ALA L 89 44.20 31.18 -68.54
N ALA L 90 43.13 30.58 -69.07
CA ALA L 90 43.06 30.33 -70.51
C ALA L 90 43.01 31.63 -71.31
N THR L 91 42.20 32.59 -70.86
CA THR L 91 42.11 33.84 -71.61
C THR L 91 43.37 34.69 -71.43
N ALA L 92 43.91 34.74 -70.22
CA ALA L 92 45.09 35.55 -69.97
C ALA L 92 46.37 34.95 -70.54
N PHE L 93 46.43 33.62 -70.69
CA PHE L 93 47.62 32.93 -71.18
C PHE L 93 47.23 31.89 -72.22
N PRO L 94 46.87 32.32 -73.43
CA PRO L 94 46.45 31.37 -74.46
C PRO L 94 47.48 30.26 -74.66
N GLY L 95 46.99 29.03 -74.78
CA GLY L 95 47.82 27.86 -74.96
C GLY L 95 48.33 27.21 -73.69
N LEU L 96 48.25 27.90 -72.55
CA LEU L 96 48.64 27.30 -71.27
C LEU L 96 47.61 26.26 -70.83
N VAL L 97 46.34 26.62 -70.88
CA VAL L 97 45.23 25.71 -70.55
C VAL L 97 44.11 25.95 -71.53
N PRO L 98 43.28 24.91 -71.76
CA PRO L 98 42.24 25.04 -72.79
C PRO L 98 41.19 26.09 -72.47
N THR L 99 40.63 26.67 -73.52
CA THR L 99 39.52 27.60 -73.37
C THR L 99 38.23 26.84 -73.10
N GLN L 100 37.22 27.59 -72.64
CA GLN L 100 35.89 27.02 -72.51
C GLN L 100 35.44 26.37 -73.82
N GLN L 101 35.80 26.96 -74.95
CA GLN L 101 35.41 26.42 -76.24
C GLN L 101 36.05 25.05 -76.47
N GLN L 102 37.37 24.96 -76.36
CA GLN L 102 38.08 23.71 -76.61
C GLN L 102 37.57 22.60 -75.69
N LEU L 103 37.24 22.94 -74.45
CA LEU L 103 36.66 21.95 -73.54
C LEU L 103 35.28 21.51 -74.01
N ALA L 104 34.45 22.46 -74.49
CA ALA L 104 33.16 22.12 -75.08
C ALA L 104 33.31 21.07 -76.16
N VAL L 105 34.31 21.23 -77.03
CA VAL L 105 34.54 20.24 -78.08
C VAL L 105 34.95 18.91 -77.49
N GLU L 106 35.89 18.93 -76.54
CA GLU L 106 36.31 17.69 -75.86
C GLU L 106 35.13 16.99 -75.21
N ARG L 107 34.25 17.73 -74.53
CA ARG L 107 33.15 17.10 -73.82
C ARG L 107 32.17 16.42 -74.78
N SER L 108 32.11 16.90 -76.02
CA SER L 108 31.19 16.32 -77.00
C SER L 108 31.68 14.98 -77.54
N LEU L 109 32.91 14.59 -77.26
CA LEU L 109 33.50 13.36 -77.75
C LEU L 109 33.48 12.27 -76.71
N PRO L 110 33.62 11.00 -77.11
CA PRO L 110 33.91 9.96 -76.12
C PRO L 110 35.36 10.07 -75.69
N GLN L 111 35.64 9.61 -74.46
CA GLN L 111 36.96 9.71 -73.84
C GLN L 111 38.07 9.29 -74.81
N ALA L 112 37.84 8.18 -75.54
CA ALA L 112 38.86 7.63 -76.43
C ALA L 112 39.27 8.59 -77.54
N ALA L 113 38.38 9.46 -78.00
CA ALA L 113 38.67 10.34 -79.12
C ALA L 113 39.20 11.70 -78.68
N LYS L 114 39.26 11.95 -77.37
CA LYS L 114 39.70 13.23 -76.85
C LYS L 114 41.20 13.43 -77.05
N GLU L 115 41.58 14.69 -77.26
CA GLU L 115 42.99 15.05 -77.39
C GLU L 115 43.68 15.13 -76.03
N GLY L 116 42.91 15.24 -74.94
CA GLY L 116 43.48 15.26 -73.61
C GLY L 116 43.82 16.62 -73.07
N HIS L 117 43.07 17.66 -73.46
CA HIS L 117 43.40 19.02 -73.04
C HIS L 117 43.29 19.20 -71.53
N GLU L 118 42.40 18.46 -70.86
CA GLU L 118 42.34 18.51 -69.40
C GLU L 118 43.70 18.26 -68.73
N ILE L 119 44.57 17.47 -69.38
CA ILE L 119 45.91 17.25 -68.85
C ILE L 119 46.65 18.57 -68.65
N ASP L 120 46.41 19.54 -69.53
CA ASP L 120 47.05 20.85 -69.38
C ASP L 120 46.57 21.54 -68.11
N GLN L 121 45.30 21.33 -67.74
CA GLN L 121 44.80 21.84 -66.47
C GLN L 121 45.44 21.09 -65.29
N GLY L 122 45.66 19.79 -65.44
CA GLY L 122 46.43 19.05 -64.45
C GLY L 122 47.82 19.63 -64.24
N ILE L 123 48.50 19.97 -65.33
CA ILE L 123 49.84 20.54 -65.24
C ILE L 123 49.77 21.88 -64.51
N PHE L 124 48.76 22.67 -64.83
CA PHE L 124 48.61 24.00 -64.25
C PHE L 124 48.35 23.93 -62.75
N LEU L 125 47.33 23.15 -62.35
CA LEU L 125 46.98 23.04 -60.94
C LEU L 125 48.09 22.41 -60.13
N ARG L 126 48.85 21.48 -60.72
CA ARG L 126 49.99 20.92 -60.02
C ARG L 126 51.00 22.03 -59.68
N ALA L 127 51.32 22.87 -60.65
CA ALA L 127 52.31 23.92 -60.43
C ALA L 127 51.80 24.95 -59.42
N VAL L 128 50.52 25.29 -59.50
CA VAL L 128 49.95 26.25 -58.55
C VAL L 128 50.02 25.69 -57.13
N LEU L 129 49.50 24.48 -56.92
CA LEU L 129 49.48 23.89 -55.58
C LEU L 129 50.88 23.63 -55.03
N ARG L 130 51.86 23.36 -55.89
CA ARG L 130 53.24 23.21 -55.42
C ARG L 130 53.79 24.49 -54.82
N SER L 131 53.33 25.66 -55.29
CA SER L 131 53.84 26.93 -54.76
C SER L 131 53.48 27.12 -53.29
N PRO L 132 54.44 27.44 -52.42
CA PRO L 132 54.10 27.75 -51.02
C PRO L 132 53.30 29.03 -50.84
N LEU L 133 53.21 29.87 -51.88
CA LEU L 133 52.42 31.09 -51.84
C LEU L 133 51.07 30.92 -52.53
N ALA L 134 51.09 30.42 -53.76
CA ALA L 134 49.85 30.26 -54.51
C ALA L 134 49.01 29.10 -53.97
N GLY L 135 49.65 28.00 -53.60
CA GLY L 135 48.98 26.81 -53.16
C GLY L 135 48.01 27.01 -52.01
N PRO L 136 48.52 27.51 -50.87
CA PRO L 136 47.63 27.75 -49.72
C PRO L 136 46.52 28.73 -50.04
N HIS L 137 46.77 29.67 -50.96
CA HIS L 137 45.78 30.69 -51.27
C HIS L 137 44.64 30.10 -52.09
N LEU L 138 44.97 29.27 -53.09
CA LEU L 138 43.92 28.55 -53.82
C LEU L 138 43.12 27.64 -52.90
N LEU L 139 43.79 26.97 -51.96
CA LEU L 139 43.06 26.08 -51.06
C LEU L 139 42.13 26.87 -50.15
N ASP L 140 42.54 28.06 -49.72
CA ASP L 140 41.64 28.92 -48.96
C ASP L 140 40.44 29.34 -49.81
N ALA L 141 40.69 29.73 -51.06
CA ALA L 141 39.60 30.13 -51.95
C ALA L 141 38.54 29.03 -52.06
N MET L 142 38.97 27.77 -52.12
CA MET L 142 38.02 26.67 -52.22
C MET L 142 37.33 26.35 -50.91
N LEU L 143 37.88 26.78 -49.77
CA LEU L 143 37.17 26.65 -48.50
C LEU L 143 36.13 27.73 -48.28
N ARG L 144 36.12 28.80 -49.07
CA ARG L 144 35.10 29.84 -48.92
C ARG L 144 33.74 29.31 -49.37
N PRO L 145 32.66 29.85 -48.80
CA PRO L 145 31.32 29.38 -49.17
C PRO L 145 31.04 29.58 -50.66
N THR L 146 30.29 28.64 -51.22
CA THR L 146 29.87 28.77 -52.61
C THR L 146 28.79 29.86 -52.71
N PRO L 147 28.73 30.58 -53.83
CA PRO L 147 27.64 31.55 -54.02
C PRO L 147 26.26 30.94 -53.90
N ARG L 148 26.06 29.73 -54.43
CA ARG L 148 24.77 29.06 -54.31
C ARG L 148 24.34 28.92 -52.85
N ALA L 149 25.27 28.56 -51.96
CA ALA L 149 24.93 28.37 -50.56
C ALA L 149 24.59 29.68 -49.87
N LEU L 150 25.34 30.74 -50.17
CA LEU L 150 25.01 32.06 -49.64
C LEU L 150 23.63 32.49 -50.09
N GLU L 151 23.27 32.11 -51.30
CA GLU L 151 22.01 32.46 -51.92
C GLU L 151 20.84 31.73 -51.25
N LEU L 152 21.03 30.45 -50.91
CA LEU L 152 20.01 29.63 -50.26
C LEU L 152 20.00 29.75 -48.73
N LEU L 153 21.00 30.38 -48.13
CA LEU L 153 21.11 30.35 -46.67
C LEU L 153 19.92 30.96 -45.95
N PRO L 154 19.45 32.17 -46.29
CA PRO L 154 18.31 32.73 -45.53
C PRO L 154 17.08 31.85 -45.53
N GLU L 155 16.67 31.30 -46.68
CA GLU L 155 15.52 30.41 -46.69
C GLU L 155 15.79 29.15 -45.89
N PHE L 156 17.03 28.64 -45.92
CA PHE L 156 17.34 27.48 -45.09
C PHE L 156 17.22 27.80 -43.61
N VAL L 157 17.69 28.96 -43.20
CA VAL L 157 17.55 29.37 -41.80
C VAL L 157 16.09 29.47 -41.42
N ARG L 158 15.25 30.04 -42.29
CA ARG L 158 13.83 30.17 -42.00
C ARG L 158 13.14 28.81 -42.00
N THR L 159 13.41 27.99 -43.00
CA THR L 159 12.61 26.80 -43.32
C THR L 159 13.17 25.52 -42.71
N GLY L 160 14.48 25.45 -42.47
CA GLY L 160 15.12 24.22 -42.03
C GLY L 160 15.17 23.09 -43.02
N GLU L 161 15.02 23.36 -44.32
CA GLU L 161 14.80 22.29 -45.28
C GLU L 161 15.14 22.78 -46.68
N VAL L 162 15.89 21.96 -47.41
CA VAL L 162 16.25 22.25 -48.80
C VAL L 162 16.27 20.94 -49.56
N GLU L 163 15.62 20.94 -50.73
CA GLU L 163 15.61 19.78 -51.60
C GLU L 163 16.46 20.11 -52.82
N MET L 164 17.45 19.26 -53.09
CA MET L 164 18.32 19.38 -54.24
C MET L 164 18.25 18.07 -55.02
N GLU L 165 18.85 18.05 -56.21
CA GLU L 165 18.72 16.88 -57.06
C GLU L 165 19.29 15.63 -56.40
N ALA L 166 20.48 15.75 -55.81
CA ALA L 166 21.16 14.60 -55.24
C ALA L 166 21.22 14.60 -53.71
N VAL L 167 20.85 15.69 -53.04
CA VAL L 167 20.95 15.76 -51.58
C VAL L 167 19.69 16.41 -51.02
N HIS L 168 19.13 15.80 -49.96
CA HIS L 168 18.08 16.40 -49.16
C HIS L 168 18.68 16.88 -47.85
N LEU L 169 18.51 18.16 -47.54
CA LEU L 169 19.05 18.73 -46.31
C LEU L 169 17.93 19.20 -45.40
N GLU L 170 18.08 18.96 -44.11
CA GLU L 170 17.06 19.37 -43.14
C GLU L 170 17.65 19.50 -41.75
N ARG L 171 17.33 20.62 -41.08
CA ARG L 171 17.81 20.87 -39.73
C ARG L 171 16.81 20.30 -38.73
N ARG L 172 17.31 19.45 -37.83
CA ARG L 172 16.45 18.83 -36.82
C ARG L 172 17.23 18.61 -35.53
N ASP L 173 16.82 19.29 -34.46
CA ASP L 173 17.50 19.16 -33.17
C ASP L 173 18.97 19.55 -33.24
N GLY L 174 19.25 20.66 -33.92
CA GLY L 174 20.61 21.11 -34.08
C GLY L 174 21.49 20.23 -34.92
N VAL L 175 20.90 19.32 -35.70
CA VAL L 175 21.64 18.45 -36.61
C VAL L 175 21.33 18.84 -38.03
N ALA L 176 22.36 18.98 -38.85
CA ALA L 176 22.19 19.10 -40.30
C ALA L 176 22.20 17.69 -40.87
N ARG L 177 21.03 17.24 -41.32
CA ARG L 177 20.86 15.88 -41.82
C ARG L 177 20.95 15.90 -43.34
N LEU L 178 22.09 15.46 -43.86
CA LEU L 178 22.28 15.33 -45.29
C LEU L 178 21.92 13.90 -45.70
N THR L 179 20.92 13.77 -46.55
CA THR L 179 20.48 12.49 -47.07
C THR L 179 20.80 12.46 -48.56
N MET L 180 21.67 11.55 -48.96
CA MET L 180 21.99 11.38 -50.37
C MET L 180 20.86 10.59 -51.01
N CYS L 181 20.19 11.18 -52.01
CA CYS L 181 18.88 10.71 -52.40
C CYS L 181 18.77 10.48 -53.91
N ARG L 182 19.77 9.86 -54.51
CA ARG L 182 19.68 9.45 -55.91
C ARG L 182 19.20 8.00 -55.92
N ASP L 183 17.88 7.86 -55.74
CA ASP L 183 17.29 6.54 -55.53
C ASP L 183 17.36 5.64 -56.76
N ASP L 184 17.56 6.19 -57.95
CA ASP L 184 17.64 5.35 -59.14
C ASP L 184 19.01 4.72 -59.37
N ARG L 185 20.09 5.28 -58.80
CA ARG L 185 21.42 4.83 -59.19
C ARG L 185 22.36 4.64 -58.00
N LEU L 186 21.81 4.35 -56.82
CA LEU L 186 22.60 4.03 -55.62
C LEU L 186 23.59 5.14 -55.27
N ASN L 187 23.13 6.39 -55.37
CA ASN L 187 23.92 7.58 -55.02
C ASN L 187 25.28 7.64 -55.74
N ALA L 188 25.32 7.12 -56.97
CA ALA L 188 26.51 7.27 -57.79
C ALA L 188 26.83 8.76 -58.00
N GLU L 189 28.12 9.09 -58.00
CA GLU L 189 28.57 10.48 -57.98
C GLU L 189 28.72 11.05 -59.38
N ASP L 190 28.34 12.31 -59.53
CA ASP L 190 28.54 13.05 -60.77
C ASP L 190 28.78 14.51 -60.41
N GLY L 191 28.91 15.36 -61.44
CA GLY L 191 29.17 16.77 -61.20
C GLY L 191 28.06 17.45 -60.41
N GLN L 192 26.82 17.00 -60.58
CA GLN L 192 25.71 17.61 -59.86
C GLN L 192 25.75 17.24 -58.38
N GLN L 193 26.10 15.99 -58.07
CA GLN L 193 26.17 15.56 -56.68
C GLN L 193 27.23 16.34 -55.92
N VAL L 194 28.36 16.64 -56.56
CA VAL L 194 29.40 17.44 -55.92
C VAL L 194 28.89 18.84 -55.61
N ASP L 195 28.18 19.45 -56.56
CA ASP L 195 27.62 20.78 -56.32
C ASP L 195 26.61 20.76 -55.20
N ASP L 196 25.73 19.74 -55.17
CA ASP L 196 24.74 19.65 -54.10
C ASP L 196 25.40 19.38 -52.76
N MET L 197 26.40 18.49 -52.73
CA MET L 197 27.09 18.19 -51.48
C MET L 197 27.80 19.42 -50.92
N GLU L 198 28.55 20.12 -51.77
CA GLU L 198 29.26 21.31 -51.28
C GLU L 198 28.27 22.37 -50.81
N THR L 199 27.18 22.55 -51.53
CA THR L 199 26.16 23.50 -51.13
C THR L 199 25.58 23.13 -49.77
N ALA L 200 25.27 21.85 -49.58
CA ALA L 200 24.68 21.40 -48.31
C ALA L 200 25.69 21.52 -47.17
N VAL L 201 26.95 21.16 -47.41
CA VAL L 201 27.97 21.27 -46.38
C VAL L 201 28.16 22.74 -45.99
N ASP L 202 28.15 23.64 -46.98
CA ASP L 202 28.27 25.07 -46.69
C ASP L 202 27.12 25.54 -45.80
N LEU L 203 25.89 25.14 -46.12
CA LEU L 203 24.74 25.58 -45.34
C LEU L 203 24.80 25.02 -43.93
N ALA L 204 25.24 23.77 -43.78
CA ALA L 204 25.34 23.17 -42.46
C ALA L 204 26.30 23.95 -41.58
N LEU L 205 27.43 24.38 -42.16
CA LEU L 205 28.45 25.07 -41.39
C LEU L 205 28.07 26.53 -41.09
N LEU L 206 27.38 27.20 -42.02
CA LEU L 206 27.01 28.59 -41.80
C LEU L 206 25.75 28.76 -40.98
N ASP L 207 24.90 27.74 -40.89
CA ASP L 207 23.65 27.86 -40.15
C ASP L 207 23.95 27.82 -38.66
N PRO L 208 23.69 28.90 -37.92
CA PRO L 208 24.04 28.90 -36.48
C PRO L 208 23.20 27.96 -35.66
N GLY L 209 22.07 27.48 -36.18
CA GLY L 209 21.27 26.49 -35.48
C GLY L 209 21.70 25.06 -35.72
N VAL L 210 22.83 24.86 -36.41
CA VAL L 210 23.37 23.54 -36.67
C VAL L 210 24.61 23.35 -35.81
N ARG L 211 24.62 22.29 -35.03
CA ARG L 211 25.74 21.98 -34.16
C ARG L 211 26.55 20.78 -34.65
N VAL L 212 25.89 19.80 -35.27
CA VAL L 212 26.52 18.57 -35.76
C VAL L 212 25.94 18.27 -37.13
N GLY L 213 26.75 17.67 -38.00
CA GLY L 213 26.31 17.21 -39.31
C GLY L 213 26.15 15.70 -39.34
N LEU L 214 25.28 15.23 -40.22
CA LEU L 214 25.00 13.82 -40.41
C LEU L 214 24.91 13.54 -41.90
N LEU L 215 25.67 12.55 -42.37
CA LEU L 215 25.59 12.12 -43.76
C LEU L 215 25.10 10.68 -43.81
N ARG L 216 24.05 10.45 -44.60
CA ARG L 216 23.45 9.13 -44.71
C ARG L 216 22.83 9.00 -46.09
N GLY L 217 22.74 7.76 -46.58
CA GLY L 217 22.05 7.49 -47.82
C GLY L 217 20.57 7.26 -47.59
N GLY L 218 19.76 7.70 -48.55
CA GLY L 218 18.34 7.58 -48.47
C GLY L 218 17.83 6.24 -49.01
N VAL L 219 16.52 6.05 -48.85
CA VAL L 219 15.86 4.86 -49.38
C VAL L 219 16.00 4.84 -50.90
N MET L 220 16.36 3.67 -51.44
CA MET L 220 16.52 3.47 -52.87
C MET L 220 15.21 3.01 -53.50
N SER L 221 15.06 3.29 -54.80
CA SER L 221 13.89 2.88 -55.55
C SER L 221 14.17 1.84 -56.62
N HIS L 222 15.41 1.78 -57.13
CA HIS L 222 15.81 0.73 -58.06
C HIS L 222 15.41 -0.65 -57.52
N PRO L 223 14.90 -1.53 -58.38
CA PRO L 223 14.28 -2.78 -57.90
C PRO L 223 15.22 -3.68 -57.12
N ARG L 224 16.51 -3.62 -57.41
CA ARG L 224 17.49 -4.43 -56.70
C ARG L 224 17.67 -4.00 -55.25
N TYR L 225 17.19 -2.81 -54.91
CA TYR L 225 17.29 -2.29 -53.55
C TYR L 225 16.05 -1.57 -53.04
N ARG L 226 14.86 -1.90 -53.55
CA ARG L 226 13.68 -1.11 -53.20
C ARG L 226 13.37 -1.20 -51.72
N GLY L 227 13.21 -0.03 -51.08
CA GLY L 227 12.95 0.06 -49.66
C GLY L 227 14.18 0.08 -48.79
N LYS L 228 15.36 -0.11 -49.37
CA LYS L 228 16.62 -0.24 -48.65
C LYS L 228 17.45 1.03 -48.82
N ARG L 229 18.09 1.49 -47.75
CA ARG L 229 19.03 2.59 -47.85
C ARG L 229 20.37 2.10 -48.39
N VAL L 230 21.03 2.95 -49.18
CA VAL L 230 22.36 2.68 -49.69
C VAL L 230 23.19 3.96 -49.59
N PHE L 231 24.41 3.84 -49.03
CA PHE L 231 25.25 5.01 -48.81
C PHE L 231 25.80 5.55 -50.12
N SER L 232 26.65 4.77 -50.80
CA SER L 232 27.22 5.23 -52.07
C SER L 232 27.87 4.11 -52.87
N ALA L 233 27.57 4.06 -54.16
CA ALA L 233 28.22 3.16 -55.11
C ALA L 233 29.38 3.83 -55.86
N GLY L 234 29.81 5.01 -55.42
CA GLY L 234 30.98 5.64 -55.99
C GLY L 234 30.72 6.32 -57.33
N ILE L 235 31.82 6.61 -58.03
CA ILE L 235 31.75 7.39 -59.27
C ILE L 235 30.85 6.72 -60.29
N ASN L 236 30.11 7.55 -61.04
CA ASN L 236 29.25 7.11 -62.13
C ASN L 236 30.12 6.60 -63.27
N LEU L 237 30.20 5.26 -63.40
CA LEU L 237 31.08 4.68 -64.40
C LEU L 237 30.58 4.91 -65.83
N LYS L 238 29.27 5.00 -66.02
CA LYS L 238 28.74 5.38 -67.33
C LYS L 238 29.25 6.75 -67.75
N TYR L 239 29.11 7.74 -66.87
CA TYR L 239 29.54 9.10 -67.20
C TYR L 239 31.04 9.16 -67.43
N LEU L 240 31.80 8.37 -66.66
CA LEU L 240 33.24 8.30 -66.86
C LEU L 240 33.59 7.86 -68.27
N SER L 241 32.98 6.77 -68.72
CA SER L 241 33.21 6.25 -70.06
C SER L 241 32.80 7.25 -71.14
N GLN L 242 31.66 7.92 -70.96
CA GLN L 242 31.17 8.90 -71.93
C GLN L 242 31.93 10.22 -71.93
N GLY L 243 32.85 10.44 -71.00
CA GLY L 243 33.56 11.70 -70.92
C GLY L 243 32.86 12.79 -70.13
N GLY L 244 31.90 12.43 -69.28
CA GLY L 244 31.21 13.36 -68.41
C GLY L 244 31.81 13.59 -67.03
N ILE L 245 32.97 13.02 -66.72
CA ILE L 245 33.64 13.25 -65.44
C ILE L 245 34.72 14.29 -65.65
N SER L 246 34.51 15.47 -65.07
CA SER L 246 35.41 16.60 -65.24
C SER L 246 36.56 16.55 -64.23
N LEU L 247 37.79 16.68 -64.73
CA LEU L 247 38.94 16.75 -63.84
C LEU L 247 38.78 17.89 -62.82
N VAL L 248 38.43 19.08 -63.30
CA VAL L 248 38.37 20.25 -62.44
C VAL L 248 37.04 20.30 -61.68
N ASP L 249 35.92 20.21 -62.40
CA ASP L 249 34.63 20.43 -61.77
C ASP L 249 34.12 19.23 -60.98
N PHE L 250 34.72 18.06 -61.13
CA PHE L 250 34.36 16.91 -60.30
C PHE L 250 35.51 16.44 -59.42
N LEU L 251 36.59 15.92 -60.02
CA LEU L 251 37.59 15.21 -59.24
C LEU L 251 38.36 16.15 -58.31
N MET L 252 38.69 17.35 -58.79
CA MET L 252 39.42 18.28 -57.93
C MET L 252 38.47 19.06 -57.05
N ARG L 253 37.32 19.46 -57.60
CA ARG L 253 36.35 20.24 -56.85
C ARG L 253 35.94 19.55 -55.55
N ARG L 254 35.64 18.25 -55.63
CA ARG L 254 35.19 17.54 -54.42
C ARG L 254 36.30 17.46 -53.38
N GLU L 255 37.54 17.28 -53.79
CA GLU L 255 38.62 17.13 -52.81
C GLU L 255 38.96 18.45 -52.13
N LEU L 256 38.99 19.55 -52.89
CA LEU L 256 39.32 20.85 -52.34
C LEU L 256 38.12 21.60 -51.81
N GLY L 257 36.91 21.22 -52.21
CA GLY L 257 35.70 21.85 -51.72
C GLY L 257 35.11 21.13 -50.53
N TYR L 258 34.04 20.35 -50.75
CA TYR L 258 33.25 19.89 -49.60
C TYR L 258 34.01 18.90 -48.73
N ILE L 259 34.86 18.06 -49.33
CA ILE L 259 35.58 17.08 -48.51
C ILE L 259 36.60 17.79 -47.62
N HIS L 260 37.27 18.81 -48.16
CA HIS L 260 38.22 19.57 -47.35
C HIS L 260 37.48 20.41 -46.31
N LYS L 261 36.26 20.85 -46.63
CA LYS L 261 35.46 21.61 -45.68
C LYS L 261 35.01 20.75 -44.50
N LEU L 262 34.77 19.46 -44.73
CA LEU L 262 34.47 18.56 -43.63
C LEU L 262 35.64 18.51 -42.66
N VAL L 263 36.87 18.60 -43.17
CA VAL L 263 38.04 18.58 -42.29
C VAL L 263 38.21 19.93 -41.61
N ARG L 264 38.27 20.99 -42.41
CA ARG L 264 38.78 22.27 -41.90
C ARG L 264 37.71 23.36 -41.81
N GLY L 265 36.48 23.11 -42.24
CA GLY L 265 35.44 24.11 -42.16
C GLY L 265 35.42 25.04 -43.35
N VAL L 266 34.51 26.01 -43.30
CA VAL L 266 34.44 27.07 -44.31
C VAL L 266 35.16 28.31 -43.80
N LEU L 267 35.98 28.89 -44.68
CA LEU L 267 36.67 30.15 -44.42
C LEU L 267 35.71 31.30 -44.70
N THR L 268 35.48 32.15 -43.71
CA THR L 268 34.58 33.28 -43.86
C THR L 268 35.37 34.60 -43.96
N ASN L 269 34.64 35.69 -44.19
CA ASN L 269 35.21 37.01 -44.05
C ASN L 269 35.36 37.36 -42.57
N ASP L 270 36.20 38.34 -42.30
CA ASP L 270 36.37 38.89 -40.95
C ASP L 270 35.10 39.66 -40.58
N ASP L 271 34.02 38.92 -40.28
CA ASP L 271 32.73 39.56 -40.06
C ASP L 271 32.04 39.09 -38.78
N ARG L 272 32.76 38.52 -37.83
CA ARG L 272 32.14 38.02 -36.60
C ARG L 272 33.18 38.04 -35.49
N PRO L 273 32.75 38.02 -34.24
CA PRO L 273 33.72 37.92 -33.14
C PRO L 273 34.43 36.58 -33.14
N GLY L 274 35.68 36.60 -32.69
CA GLY L 274 36.46 35.39 -32.62
C GLY L 274 37.08 34.94 -33.93
N TRP L 275 36.86 35.69 -35.01
CA TRP L 275 37.48 35.36 -36.29
C TRP L 275 39.00 35.34 -36.17
N TRP L 276 39.55 36.20 -35.32
CA TRP L 276 41.00 36.23 -35.11
C TRP L 276 41.55 34.88 -34.63
N HIS L 277 40.76 34.08 -33.93
CA HIS L 277 41.22 32.75 -33.56
C HIS L 277 40.59 31.63 -34.39
N SER L 278 39.41 31.84 -34.97
CA SER L 278 38.73 30.82 -35.75
C SER L 278 38.21 31.44 -37.04
N PRO L 279 39.09 31.67 -38.01
CA PRO L 279 38.63 32.22 -39.30
C PRO L 279 37.72 31.28 -40.06
N ARG L 280 37.73 30.00 -39.72
CA ARG L 280 36.91 28.99 -40.37
C ARG L 280 35.90 28.44 -39.37
N ILE L 281 34.69 28.17 -39.86
CA ILE L 281 33.66 27.53 -39.06
C ILE L 281 33.68 26.04 -39.40
N GLU L 282 34.12 25.22 -38.45
CA GLU L 282 34.09 23.78 -38.58
C GLU L 282 33.12 23.19 -37.55
N LYS L 283 32.55 22.04 -37.88
CA LYS L 283 31.64 21.32 -37.01
C LYS L 283 31.93 19.83 -37.12
N PRO L 284 31.52 19.05 -36.12
CA PRO L 284 31.72 17.60 -36.19
C PRO L 284 30.75 16.94 -37.16
N TRP L 285 31.19 15.82 -37.75
CA TRP L 285 30.38 15.10 -38.71
C TRP L 285 30.25 13.64 -38.36
N VAL L 286 29.04 13.12 -38.52
CA VAL L 286 28.74 11.71 -38.36
C VAL L 286 28.33 11.14 -39.71
N ALA L 287 28.84 9.95 -40.03
CA ALA L 287 28.46 9.22 -41.21
C ALA L 287 27.82 7.90 -40.80
N ALA L 288 26.72 7.53 -41.47
CA ALA L 288 26.04 6.28 -41.24
C ALA L 288 25.95 5.54 -42.56
N VAL L 289 26.53 4.34 -42.60
CA VAL L 289 26.67 3.59 -43.85
C VAL L 289 25.63 2.48 -43.86
N ASP L 290 24.71 2.55 -44.83
CA ASP L 290 23.79 1.46 -45.12
C ASP L 290 24.20 0.79 -46.42
N GLY L 291 24.09 -0.53 -46.47
CA GLY L 291 24.40 -1.25 -47.68
C GLY L 291 25.90 -1.37 -47.95
N PHE L 292 26.51 -0.27 -48.40
CA PHE L 292 27.94 -0.26 -48.70
C PHE L 292 28.40 1.16 -48.96
N ALA L 293 29.71 1.36 -48.82
CA ALA L 293 30.39 2.58 -49.26
C ALA L 293 31.47 2.15 -50.25
N ILE L 294 31.29 2.50 -51.52
CA ILE L 294 32.20 2.08 -52.58
C ILE L 294 32.85 3.31 -53.19
N GLY L 295 34.16 3.22 -53.44
CA GLY L 295 34.84 4.27 -54.19
C GLY L 295 34.82 5.60 -53.46
N GLY L 296 34.31 6.63 -54.15
CA GLY L 296 34.21 7.95 -53.55
C GLY L 296 33.44 7.96 -52.24
N GLY L 297 32.43 7.11 -52.13
CA GLY L 297 31.71 7.00 -50.88
C GLY L 297 32.60 6.54 -49.73
N ALA L 298 33.42 5.51 -49.98
CA ALA L 298 34.34 5.04 -48.96
C ALA L 298 35.40 6.09 -48.62
N GLN L 299 35.84 6.84 -49.64
CA GLN L 299 36.78 7.93 -49.41
C GLN L 299 36.25 8.92 -48.37
N LEU L 300 34.94 9.16 -48.36
CA LEU L 300 34.37 10.14 -47.44
C LEU L 300 34.54 9.72 -45.98
N LEU L 301 34.50 8.41 -45.69
CA LEU L 301 34.56 7.93 -44.32
C LEU L 301 35.87 8.27 -43.61
N LEU L 302 36.93 8.56 -44.37
CA LEU L 302 38.24 8.83 -43.81
C LEU L 302 38.34 10.24 -43.26
N VAL L 303 37.21 10.96 -43.23
CA VAL L 303 37.21 12.38 -42.90
C VAL L 303 36.19 12.72 -41.81
N PHE L 304 35.40 11.75 -41.36
CA PHE L 304 34.35 11.97 -40.37
C PHE L 304 34.85 11.77 -38.94
N ASP L 305 34.12 12.38 -38.00
CA ASP L 305 34.44 12.28 -36.58
C ASP L 305 33.87 11.02 -35.95
N ARG L 306 32.79 10.48 -36.50
CA ARG L 306 32.23 9.22 -36.05
C ARG L 306 31.65 8.53 -37.28
N VAL L 307 31.80 7.21 -37.34
CA VAL L 307 31.29 6.42 -38.45
C VAL L 307 30.50 5.24 -37.90
N LEU L 308 29.27 5.09 -38.36
CA LEU L 308 28.44 3.94 -38.01
C LEU L 308 28.10 3.17 -39.28
N ALA L 309 27.88 1.88 -39.13
CA ALA L 309 27.55 1.05 -40.28
C ALA L 309 26.62 -0.08 -39.85
N SER L 310 25.75 -0.48 -40.78
CA SER L 310 24.92 -1.64 -40.57
C SER L 310 25.78 -2.91 -40.64
N SER L 311 25.35 -3.93 -39.88
CA SER L 311 26.05 -5.20 -39.86
C SER L 311 26.33 -5.79 -41.25
N ASP L 312 25.50 -5.47 -42.25
CA ASP L 312 25.62 -6.10 -43.56
C ASP L 312 26.41 -5.27 -44.58
N ALA L 313 27.01 -4.16 -44.16
CA ALA L 313 27.68 -3.26 -45.08
C ALA L 313 29.10 -3.72 -45.38
N TYR L 314 29.67 -3.20 -46.48
CA TYR L 314 31.07 -3.38 -46.81
C TYR L 314 31.64 -2.09 -47.37
N PHE L 315 32.97 -2.04 -47.42
CA PHE L 315 33.71 -0.87 -47.85
C PHE L 315 34.77 -1.32 -48.84
N SER L 316 34.85 -0.63 -49.98
CA SER L 316 35.84 -1.01 -50.98
C SER L 316 36.25 0.20 -51.81
N LEU L 317 37.44 0.11 -52.38
CA LEU L 317 37.96 1.11 -53.30
C LEU L 317 38.37 0.34 -54.55
N PRO L 318 37.42 -0.01 -55.41
CA PRO L 318 37.75 -0.64 -56.69
C PRO L 318 38.28 0.30 -57.75
N CYS L 319 38.59 1.54 -57.35
CA CYS L 319 39.01 2.60 -58.27
C CYS L 319 40.19 2.18 -59.15
N ALA L 320 41.24 1.64 -58.52
CA ALA L 320 42.36 1.04 -59.25
C ALA L 320 41.88 0.07 -60.32
N LYS L 321 41.02 -0.87 -59.94
CA LYS L 321 40.54 -1.83 -60.92
C LYS L 321 39.75 -1.13 -62.01
N GLU L 322 39.24 0.08 -61.76
CA GLU L 322 38.66 0.84 -62.86
C GLU L 322 39.65 1.78 -63.56
N GLY L 323 40.89 1.89 -63.08
CA GLY L 323 41.93 2.64 -63.74
C GLY L 323 42.33 3.98 -63.13
N ILE L 324 41.62 4.47 -62.11
CA ILE L 324 41.88 5.80 -61.56
C ILE L 324 42.23 5.70 -60.08
N ILE L 325 42.72 6.84 -59.55
CA ILE L 325 43.13 6.98 -58.16
C ILE L 325 41.91 7.31 -57.31
N PRO L 326 41.74 6.65 -56.10
CA PRO L 326 40.58 6.96 -55.24
C PRO L 326 40.75 8.24 -54.43
N GLY L 327 40.74 9.37 -55.13
CA GLY L 327 40.84 10.67 -54.49
C GLY L 327 42.01 10.77 -53.54
N ALA L 328 41.74 11.22 -52.32
CA ALA L 328 42.73 11.35 -51.27
C ALA L 328 42.80 10.13 -50.36
N ALA L 329 42.18 9.01 -50.76
CA ALA L 329 42.36 7.78 -49.99
C ALA L 329 43.82 7.37 -49.90
N ASN L 330 44.60 7.62 -50.97
CA ASN L 330 46.00 7.27 -50.93
C ASN L 330 46.74 8.12 -49.91
N LEU L 331 46.22 9.31 -49.63
CA LEU L 331 46.79 10.17 -48.60
C LEU L 331 46.40 9.69 -47.21
N ARG L 332 45.14 9.35 -47.01
CA ARG L 332 44.56 9.20 -45.69
C ARG L 332 44.51 7.77 -45.17
N LEU L 333 44.37 6.78 -46.06
CA LEU L 333 44.07 5.41 -45.62
C LEU L 333 45.19 4.81 -44.75
N GLY L 334 46.45 5.03 -45.14
CA GLY L 334 47.56 4.50 -44.36
C GLY L 334 47.48 4.85 -42.89
N ARG L 335 46.97 6.05 -42.60
CA ARG L 335 46.86 6.54 -41.23
C ARG L 335 45.81 5.75 -40.45
N PHE L 336 44.81 5.22 -41.14
CA PHE L 336 43.75 4.40 -40.54
C PHE L 336 44.15 2.94 -40.42
N ALA L 337 44.79 2.38 -41.46
CA ALA L 337 44.95 0.93 -41.59
C ALA L 337 46.38 0.49 -41.75
N GLY L 338 47.34 1.40 -41.83
CA GLY L 338 48.70 1.02 -42.07
C GLY L 338 48.95 0.70 -43.52
N PRO L 339 50.22 0.54 -43.89
CA PRO L 339 50.55 0.43 -45.32
C PRO L 339 50.27 -0.94 -45.93
N ARG L 340 50.18 -2.01 -45.14
CA ARG L 340 49.83 -3.30 -45.72
C ARG L 340 48.36 -3.30 -46.14
N VAL L 341 47.46 -3.02 -45.21
CA VAL L 341 46.04 -3.06 -45.50
C VAL L 341 45.66 -2.02 -46.55
N SER L 342 46.28 -0.83 -46.50
CA SER L 342 45.92 0.22 -47.45
C SER L 342 46.30 -0.17 -48.87
N ARG L 343 47.41 -0.91 -49.04
CA ARG L 343 47.71 -1.46 -50.36
C ARG L 343 46.80 -2.63 -50.72
N GLN L 344 46.39 -3.44 -49.75
CA GLN L 344 45.42 -4.50 -50.04
C GLN L 344 44.13 -3.91 -50.58
N VAL L 345 43.67 -2.80 -50.02
CA VAL L 345 42.42 -2.20 -50.42
C VAL L 345 42.57 -1.47 -51.75
N ILE L 346 43.61 -0.66 -51.89
CA ILE L 346 43.74 0.24 -53.02
C ILE L 346 44.40 -0.45 -54.22
N LEU L 347 45.51 -1.17 -54.01
CA LEU L 347 46.18 -1.82 -55.14
C LEU L 347 45.51 -3.11 -55.57
N GLU L 348 44.94 -3.89 -54.64
CA GLU L 348 44.45 -5.21 -54.96
C GLU L 348 42.96 -5.37 -54.70
N GLY L 349 42.26 -4.27 -54.42
CA GLY L 349 40.81 -4.30 -54.42
C GLY L 349 40.19 -5.05 -53.27
N ARG L 350 40.91 -5.18 -52.15
CA ARG L 350 40.34 -5.87 -51.01
C ARG L 350 39.09 -5.15 -50.51
N ARG L 351 38.10 -5.92 -50.10
CA ARG L 351 36.81 -5.42 -49.66
C ARG L 351 36.66 -5.80 -48.19
N ILE L 352 36.34 -4.81 -47.37
CA ILE L 352 36.29 -4.98 -45.91
C ILE L 352 34.82 -4.99 -45.48
N TRP L 353 34.44 -6.03 -44.75
CA TRP L 353 33.07 -6.21 -44.30
C TRP L 353 32.90 -5.62 -42.91
N ALA L 354 31.70 -5.08 -42.66
CA ALA L 354 31.44 -4.35 -41.43
C ALA L 354 31.69 -5.19 -40.18
N LYS L 355 31.48 -6.50 -40.27
CA LYS L 355 31.61 -7.37 -39.11
C LYS L 355 32.99 -8.01 -38.96
N GLU L 356 33.90 -7.85 -39.93
CA GLU L 356 35.20 -8.43 -39.68
C GLU L 356 36.02 -7.49 -38.79
N PRO L 357 36.96 -8.05 -38.01
CA PRO L 357 37.71 -7.21 -37.05
C PRO L 357 38.32 -5.93 -37.62
N GLU L 358 38.95 -6.01 -38.79
CA GLU L 358 39.61 -4.82 -39.34
C GLU L 358 38.63 -3.74 -39.80
N ALA L 359 37.32 -3.99 -39.82
CA ALA L 359 36.38 -2.91 -40.04
C ALA L 359 36.50 -1.83 -38.97
N ARG L 360 36.99 -2.18 -37.77
CA ARG L 360 37.14 -1.20 -36.70
C ARG L 360 38.19 -0.14 -37.03
N LEU L 361 39.01 -0.36 -38.05
CA LEU L 361 39.95 0.66 -38.50
C LEU L 361 39.24 1.79 -39.22
N LEU L 362 38.05 1.52 -39.78
CA LEU L 362 37.29 2.49 -40.54
C LEU L 362 35.98 2.91 -39.87
N VAL L 363 35.45 2.10 -38.95
CA VAL L 363 34.09 2.26 -38.45
C VAL L 363 34.11 2.19 -36.94
N ASP L 364 33.38 3.10 -36.29
CA ASP L 364 33.35 3.13 -34.83
C ASP L 364 32.30 2.17 -34.26
N GLU L 365 31.18 2.01 -34.95
CA GLU L 365 30.08 1.20 -34.45
C GLU L 365 29.46 0.40 -35.60
N VAL L 366 29.21 -0.87 -35.35
CA VAL L 366 28.54 -1.74 -36.31
C VAL L 366 27.30 -2.28 -35.61
N VAL L 367 26.14 -2.00 -36.17
CA VAL L 367 24.87 -2.20 -35.49
C VAL L 367 23.95 -3.01 -36.37
N GLU L 368 23.15 -3.87 -35.74
CA GLU L 368 22.14 -4.58 -36.49
C GLU L 368 21.11 -3.57 -37.04
N PRO L 369 20.63 -3.78 -38.26
CA PRO L 369 19.63 -2.87 -38.85
C PRO L 369 18.51 -2.39 -37.93
N ASP L 370 18.00 -3.25 -37.04
CA ASP L 370 16.91 -2.83 -36.15
C ASP L 370 17.34 -1.86 -35.06
N GLU L 371 18.63 -1.74 -34.77
CA GLU L 371 19.08 -0.82 -33.73
C GLU L 371 19.80 0.39 -34.31
N LEU L 372 19.90 0.47 -35.64
CA LEU L 372 20.79 1.45 -36.27
C LEU L 372 20.29 2.89 -36.13
N ASP L 373 19.00 3.12 -36.42
CA ASP L 373 18.45 4.47 -36.28
C ASP L 373 18.70 5.04 -34.89
N ALA L 374 18.46 4.25 -33.84
CA ALA L 374 18.60 4.75 -32.48
C ALA L 374 20.06 5.00 -32.12
N ALA L 375 20.96 4.16 -32.64
CA ALA L 375 22.38 4.35 -32.37
C ALA L 375 22.91 5.59 -33.07
N ILE L 376 22.40 5.87 -34.27
CA ILE L 376 22.74 7.13 -34.95
C ILE L 376 22.32 8.32 -34.10
N GLU L 377 21.08 8.31 -33.61
CA GLU L 377 20.58 9.41 -32.81
C GLU L 377 21.42 9.62 -31.55
N ARG L 378 21.75 8.55 -30.83
CA ARG L 378 22.57 8.70 -29.63
C ARG L 378 23.92 9.34 -29.96
N SER L 379 24.53 8.96 -31.09
CA SER L 379 25.85 9.48 -31.43
C SER L 379 25.80 10.96 -31.78
N LEU L 380 24.65 11.43 -32.27
CA LEU L 380 24.53 12.85 -32.58
C LEU L 380 24.51 13.72 -31.32
N THR L 381 24.07 13.17 -30.19
CA THR L 381 24.08 13.94 -28.95
C THR L 381 25.47 14.04 -28.30
N ARG L 382 26.44 13.23 -28.70
CA ARG L 382 27.69 13.13 -27.98
C ARG L 382 28.80 14.07 -28.46
N LEU L 383 28.54 14.91 -29.46
CA LEU L 383 29.58 15.75 -30.06
C LEU L 383 29.28 17.25 -29.98
N ASP L 384 28.57 17.70 -28.94
CA ASP L 384 27.94 19.02 -28.97
C ASP L 384 28.88 20.20 -28.70
N GLY L 385 29.80 20.10 -27.75
CA GLY L 385 30.36 21.31 -27.18
C GLY L 385 31.41 22.03 -28.00
N ASP L 386 31.90 23.14 -27.43
CA ASP L 386 33.09 23.83 -27.92
C ASP L 386 34.35 23.04 -27.64
N ALA L 387 34.32 22.14 -26.66
CA ALA L 387 35.48 21.33 -26.35
C ALA L 387 35.72 20.30 -27.45
N VAL L 388 34.63 19.71 -27.96
CA VAL L 388 34.74 18.83 -29.13
C VAL L 388 35.34 19.57 -30.32
N LEU L 389 34.89 20.80 -30.58
CA LEU L 389 35.45 21.56 -31.70
C LEU L 389 36.95 21.76 -31.57
N ALA L 390 37.42 22.21 -30.39
CA ALA L 390 38.84 22.45 -30.22
C ALA L 390 39.63 21.16 -30.38
N ASN L 391 39.14 20.06 -29.78
CA ASN L 391 39.87 18.80 -29.85
C ASN L 391 39.89 18.24 -31.27
N ARG L 392 38.79 18.33 -32.00
CA ARG L 392 38.82 17.78 -33.36
C ARG L 392 39.67 18.65 -34.28
N ARG L 393 39.80 19.95 -33.98
CA ARG L 393 40.67 20.82 -34.75
C ARG L 393 42.14 20.46 -34.52
N MET L 394 42.52 20.20 -33.26
CA MET L 394 43.89 19.80 -32.97
C MET L 394 44.19 18.42 -33.55
N LEU L 395 43.21 17.51 -33.48
CA LEU L 395 43.39 16.18 -34.06
C LEU L 395 43.63 16.27 -35.56
N ASN L 396 42.81 17.04 -36.27
CA ASN L 396 42.94 17.12 -37.71
C ASN L 396 44.24 17.81 -38.12
N LEU L 397 44.68 18.79 -37.34
CA LEU L 397 45.97 19.42 -37.56
C LEU L 397 47.10 18.42 -37.39
N ALA L 398 47.01 17.57 -36.37
CA ALA L 398 48.03 16.55 -36.16
C ALA L 398 47.98 15.47 -37.23
N ASP L 399 46.78 15.03 -37.61
CA ASP L 399 46.64 13.90 -38.52
C ASP L 399 47.07 14.26 -39.94
N GLU L 400 46.75 15.47 -40.38
CA GLU L 400 46.96 15.87 -41.77
C GLU L 400 47.40 17.32 -41.80
N SER L 401 48.70 17.56 -42.04
CA SER L 401 49.20 18.92 -42.07
C SER L 401 48.75 19.64 -43.35
N PRO L 402 48.64 20.96 -43.32
CA PRO L 402 48.38 21.70 -44.57
C PRO L 402 49.37 21.42 -45.69
N ASP L 403 50.67 21.38 -45.38
CA ASP L 403 51.66 21.01 -46.39
C ASP L 403 51.44 19.59 -46.92
N GLY L 404 51.15 18.64 -46.02
CA GLY L 404 50.93 17.27 -46.45
C GLY L 404 49.80 17.17 -47.46
N PHE L 405 48.67 17.78 -47.16
CA PHE L 405 47.52 17.75 -48.06
C PHE L 405 47.82 18.49 -49.35
N ARG L 406 48.44 19.68 -49.24
CA ARG L 406 48.76 20.48 -50.43
C ARG L 406 49.69 19.73 -51.37
N ALA L 407 50.74 19.11 -50.82
CA ALA L 407 51.70 18.39 -51.66
C ALA L 407 51.04 17.21 -52.34
N TYR L 408 50.16 16.51 -51.64
CA TYR L 408 49.47 15.36 -52.23
C TYR L 408 48.57 15.81 -53.38
N MET L 409 47.72 16.81 -53.12
CA MET L 409 46.78 17.26 -54.14
C MET L 409 47.50 17.83 -55.36
N ALA L 410 48.69 18.41 -55.16
CA ALA L 410 49.48 18.91 -56.27
C ALA L 410 49.83 17.80 -57.25
N GLU L 411 50.52 16.76 -56.77
CA GLU L 411 50.82 15.60 -57.60
C GLU L 411 49.55 14.93 -58.11
N PHE L 412 48.50 14.86 -57.27
CA PHE L 412 47.27 14.19 -57.66
C PHE L 412 46.65 14.84 -58.88
N ALA L 413 46.67 16.18 -58.93
CA ALA L 413 46.10 16.94 -60.03
C ALA L 413 46.58 16.44 -61.38
N LEU L 414 47.87 16.11 -61.49
CA LEU L 414 48.42 15.65 -62.75
C LEU L 414 48.34 14.14 -62.90
N MET L 415 48.68 13.39 -61.84
CA MET L 415 48.60 11.93 -61.90
C MET L 415 47.19 11.47 -62.25
N GLN L 416 46.18 12.12 -61.67
CA GLN L 416 44.80 11.74 -61.95
C GLN L 416 44.37 12.19 -63.32
N ALA L 417 44.81 13.38 -63.75
CA ALA L 417 44.59 13.83 -65.12
C ALA L 417 45.08 12.80 -66.14
N LEU L 418 46.29 12.27 -65.92
CA LEU L 418 46.82 11.25 -66.84
C LEU L 418 46.01 9.96 -66.78
N ARG L 419 45.54 9.57 -65.58
CA ARG L 419 44.76 8.35 -65.51
C ARG L 419 43.44 8.53 -66.24
N LEU L 420 42.91 9.75 -66.24
CA LEU L 420 41.65 10.04 -66.92
C LEU L 420 41.74 9.74 -68.42
N TYR L 421 42.95 9.78 -68.99
CA TYR L 421 43.16 9.53 -70.41
C TYR L 421 44.04 8.33 -70.69
N GLY L 422 44.27 7.46 -69.71
CA GLY L 422 45.02 6.25 -69.93
C GLY L 422 44.21 5.22 -70.69
N HIS L 423 44.88 4.24 -71.27
CA HIS L 423 44.17 3.34 -72.18
C HIS L 423 43.33 2.32 -71.42
N ASP L 424 43.73 1.95 -70.20
CA ASP L 424 42.91 0.99 -69.48
C ASP L 424 41.67 1.63 -68.89
N VAL L 425 41.63 2.96 -68.84
CA VAL L 425 40.40 3.64 -68.42
C VAL L 425 39.42 3.78 -69.58
N ILE L 426 39.93 3.82 -70.81
CA ILE L 426 39.12 4.12 -72.00
C ILE L 426 38.41 2.82 -72.39
N ASP L 427 38.50 1.84 -71.50
CA ASP L 427 37.91 0.52 -71.64
C ASP L 427 36.52 0.55 -72.27
#